data_2L0R
#
_entry.id   2L0R
#
_cell.length_a   1.000
_cell.length_b   1.000
_cell.length_c   1.000
_cell.angle_alpha   90.00
_cell.angle_beta   90.00
_cell.angle_gamma   90.00
#
_symmetry.space_group_name_H-M   'P 1'
#
_entity_poly.entity_id   1
_entity_poly.type   'polypeptide(L)'
_entity_poly.pdbx_seq_one_letter_code
;GSKGVELRNDSEGFIHEFGHAVDDYAGYLLDKNQSDLVTNSKKFIDIFKEEGSNLTSYGRTNEAEFFAEAFRLMHSTDHA
ERLKVQKNAPKTFQFINDQIKFIINS
;
_entity_poly.pdbx_strand_id   A
#
# COMPACT_ATOMS: atom_id res chain seq x y z
N GLY A 1 0.62 -12.53 7.82
CA GLY A 1 1.83 -12.69 8.66
C GLY A 1 1.43 -13.08 10.06
N SER A 2 0.46 -12.38 10.64
CA SER A 2 -0.56 -13.02 11.45
C SER A 2 -0.10 -13.59 12.78
N LYS A 3 0.29 -12.71 13.71
CA LYS A 3 0.31 -13.03 15.13
C LYS A 3 -0.21 -11.81 15.88
N GLY A 4 -0.75 -11.98 17.09
CA GLY A 4 -0.93 -13.24 17.78
C GLY A 4 -2.38 -13.61 17.64
N VAL A 5 -3.15 -13.35 18.70
CA VAL A 5 -4.55 -13.07 18.51
C VAL A 5 -4.66 -11.66 17.92
N GLU A 6 -5.86 -11.08 17.91
CA GLU A 6 -6.01 -9.72 17.46
C GLU A 6 -5.79 -8.70 18.58
N LEU A 7 -4.53 -8.61 18.96
CA LEU A 7 -3.87 -7.34 19.22
C LEU A 7 -3.56 -6.58 17.91
N ARG A 8 -4.30 -6.89 16.85
CA ARG A 8 -4.50 -6.14 15.63
C ARG A 8 -3.38 -6.30 14.62
N ASN A 9 -2.12 -6.40 15.07
CA ASN A 9 -0.98 -6.76 14.22
C ASN A 9 -1.28 -7.91 13.28
N ASP A 10 -1.98 -8.94 13.74
CA ASP A 10 -2.23 -10.09 12.90
C ASP A 10 -2.94 -9.66 11.63
N SER A 11 -4.05 -8.95 11.82
CA SER A 11 -5.01 -8.69 10.79
C SER A 11 -4.46 -7.60 9.88
N GLU A 12 -3.99 -6.53 10.52
CA GLU A 12 -3.53 -5.33 9.84
C GLU A 12 -2.16 -5.59 9.19
N GLY A 13 -1.40 -6.52 9.78
CA GLY A 13 -0.20 -7.07 9.21
C GLY A 13 -0.57 -7.87 7.97
N PHE A 14 -1.44 -8.87 8.09
CA PHE A 14 -1.76 -9.76 7.00
C PHE A 14 -2.19 -8.99 5.77
N ILE A 15 -3.06 -8.01 5.91
CA ILE A 15 -3.46 -7.17 4.80
C ILE A 15 -2.37 -6.21 4.33
N HIS A 16 -1.47 -5.74 5.21
CA HIS A 16 -0.34 -4.91 4.79
C HIS A 16 0.46 -5.74 3.80
N GLU A 17 0.92 -6.91 4.26
CA GLU A 17 1.61 -7.93 3.50
C GLU A 17 0.86 -8.22 2.19
N PHE A 18 -0.45 -8.36 2.23
CA PHE A 18 -1.27 -8.63 1.06
C PHE A 18 -1.10 -7.53 0.03
N GLY A 19 -1.19 -6.26 0.45
CA GLY A 19 -0.88 -5.13 -0.41
C GLY A 19 0.49 -5.31 -1.04
N HIS A 20 1.48 -5.72 -0.25
CA HIS A 20 2.83 -5.95 -0.73
C HIS A 20 2.90 -7.09 -1.74
N ALA A 21 2.07 -8.12 -1.59
CA ALA A 21 1.98 -9.19 -2.57
C ALA A 21 1.29 -8.69 -3.83
N VAL A 22 0.38 -7.72 -3.72
CA VAL A 22 -0.19 -7.15 -4.92
C VAL A 22 0.87 -6.39 -5.69
N ASP A 23 1.73 -5.67 -4.97
CA ASP A 23 2.86 -4.97 -5.54
C ASP A 23 3.85 -5.92 -6.20
N ASP A 24 3.87 -7.17 -5.73
CA ASP A 24 4.79 -8.18 -6.19
C ASP A 24 4.36 -8.64 -7.57
N TYR A 25 3.10 -9.07 -7.67
CA TYR A 25 2.57 -9.55 -8.94
C TYR A 25 2.57 -8.40 -9.94
N ALA A 26 2.14 -7.21 -9.49
CA ALA A 26 2.17 -6.03 -10.31
C ALA A 26 3.57 -5.76 -10.84
N GLY A 27 4.63 -5.98 -10.06
CA GLY A 27 6.00 -5.74 -10.49
C GLY A 27 6.50 -6.82 -11.45
N TYR A 28 6.03 -8.05 -11.29
CA TYR A 28 6.44 -9.14 -12.14
C TYR A 28 5.87 -8.92 -13.56
N LEU A 29 4.61 -8.52 -13.64
CA LEU A 29 3.87 -8.29 -14.87
C LEU A 29 4.11 -6.92 -15.48
N LEU A 30 4.33 -5.89 -14.65
CA LEU A 30 4.33 -4.52 -15.08
C LEU A 30 5.57 -3.85 -14.53
N ASP A 31 6.08 -2.85 -15.26
CA ASP A 31 7.47 -2.46 -15.21
C ASP A 31 8.26 -3.48 -16.04
N LYS A 32 9.58 -3.55 -15.84
CA LYS A 32 10.50 -3.62 -16.96
C LYS A 32 11.86 -4.13 -16.52
N ASN A 33 12.31 -3.74 -15.33
CA ASN A 33 13.66 -3.97 -14.86
C ASN A 33 13.61 -4.65 -13.49
N GLN A 34 14.67 -5.39 -13.15
CA GLN A 34 15.22 -5.69 -11.81
C GLN A 34 14.45 -5.12 -10.61
N SER A 35 14.09 -3.84 -10.65
CA SER A 35 13.29 -3.17 -9.64
C SER A 35 12.00 -3.96 -9.39
N ASP A 36 11.90 -4.59 -8.22
CA ASP A 36 11.23 -5.88 -8.07
C ASP A 36 9.69 -5.78 -8.00
N LEU A 37 9.15 -4.61 -7.67
CA LEU A 37 7.75 -4.36 -7.35
C LEU A 37 7.27 -3.18 -8.21
N VAL A 38 5.96 -2.97 -8.41
CA VAL A 38 5.48 -1.85 -9.24
C VAL A 38 5.65 -0.50 -8.53
N THR A 39 5.93 -0.51 -7.22
CA THR A 39 6.37 0.67 -6.48
C THR A 39 7.44 1.45 -7.25
N ASN A 40 7.43 2.77 -7.10
CA ASN A 40 8.37 3.69 -7.73
C ASN A 40 8.50 3.46 -9.22
N SER A 41 7.37 3.28 -9.88
CA SER A 41 7.24 3.45 -11.31
C SER A 41 6.19 4.54 -11.53
N LYS A 42 5.75 4.74 -12.78
CA LYS A 42 4.72 5.71 -13.16
C LYS A 42 5.23 7.15 -13.07
N LYS A 43 5.49 7.66 -11.86
CA LYS A 43 5.81 9.07 -11.63
C LYS A 43 6.89 9.15 -10.55
N PHE A 44 8.04 8.52 -10.81
CA PHE A 44 9.25 8.46 -9.99
C PHE A 44 9.07 9.03 -8.58
N ILE A 45 8.72 8.16 -7.63
CA ILE A 45 8.87 8.37 -6.19
C ILE A 45 8.23 9.67 -5.63
N ASP A 46 7.39 10.38 -6.42
CA ASP A 46 6.64 11.58 -6.03
C ASP A 46 5.75 11.30 -4.83
N ILE A 47 4.82 10.36 -5.04
CA ILE A 47 3.74 10.02 -4.12
C ILE A 47 4.35 9.68 -2.76
N PHE A 48 5.38 8.85 -2.77
CA PHE A 48 6.11 8.48 -1.57
C PHE A 48 6.85 9.65 -0.96
N LYS A 49 7.43 10.56 -1.75
CA LYS A 49 8.27 11.58 -1.13
C LYS A 49 7.45 12.47 -0.22
N GLU A 50 6.30 12.91 -0.71
CA GLU A 50 5.45 13.81 0.05
C GLU A 50 4.59 12.97 0.99
N GLU A 51 3.69 12.16 0.43
CA GLU A 51 2.66 11.49 1.23
C GLU A 51 3.28 10.42 2.12
N GLY A 52 4.36 9.78 1.65
CA GLY A 52 5.20 8.85 2.40
C GLY A 52 6.02 9.48 3.52
N SER A 53 5.45 10.47 4.21
CA SER A 53 5.91 10.87 5.53
C SER A 53 4.75 11.19 6.46
N ASN A 54 3.53 10.74 6.11
CA ASN A 54 2.32 11.29 6.70
C ASN A 54 1.38 10.19 7.18
N LEU A 55 1.25 9.09 6.43
CA LEU A 55 0.30 8.05 6.80
C LEU A 55 0.66 7.43 8.15
N THR A 56 1.97 7.30 8.42
CA THR A 56 2.59 6.73 9.62
C THR A 56 4.08 6.53 9.33
N SER A 57 4.85 6.11 10.33
CA SER A 57 6.26 5.80 10.20
C SER A 57 6.50 4.70 9.16
N TYR A 58 5.62 3.69 9.10
CA TYR A 58 5.66 2.67 8.06
C TYR A 58 5.42 3.26 6.68
N GLY A 59 4.68 4.36 6.60
CA GLY A 59 4.52 5.09 5.35
C GLY A 59 5.81 5.76 4.92
N ARG A 60 6.88 5.67 5.71
CA ARG A 60 8.14 6.34 5.47
C ARG A 60 9.33 5.39 5.57
N THR A 61 9.08 4.09 5.74
CA THR A 61 10.12 3.07 5.63
C THR A 61 10.44 2.88 4.14
N ASN A 62 10.51 1.65 3.62
CA ASN A 62 10.73 1.48 2.20
C ASN A 62 9.45 1.88 1.45
N GLU A 63 9.55 2.27 0.18
CA GLU A 63 8.34 2.62 -0.57
C GLU A 63 7.42 1.40 -0.67
N ALA A 64 7.98 0.20 -0.76
CA ALA A 64 7.22 -1.03 -0.81
C ALA A 64 6.36 -1.26 0.43
N GLU A 65 6.70 -0.63 1.54
CA GLU A 65 5.87 -0.62 2.71
C GLU A 65 4.83 0.47 2.63
N PHE A 66 5.22 1.70 2.33
CA PHE A 66 4.31 2.81 2.05
C PHE A 66 3.11 2.35 1.20
N PHE A 67 3.37 1.64 0.10
CA PHE A 67 2.33 1.07 -0.75
C PHE A 67 1.51 0.03 0.00
N ALA A 68 2.17 -0.88 0.71
CA ALA A 68 1.53 -1.99 1.40
C ALA A 68 0.54 -1.52 2.48
N GLU A 69 0.97 -0.65 3.39
CA GLU A 69 0.05 -0.05 4.34
C GLU A 69 -0.96 0.87 3.67
N ALA A 70 -0.62 1.52 2.56
CA ALA A 70 -1.63 2.29 1.85
C ALA A 70 -2.77 1.36 1.43
N PHE A 71 -2.46 0.15 0.96
CA PHE A 71 -3.43 -0.87 0.62
C PHE A 71 -4.30 -1.22 1.82
N ARG A 72 -3.68 -1.53 2.97
CA ARG A 72 -4.39 -1.79 4.23
C ARG A 72 -5.44 -0.70 4.44
N LEU A 73 -4.96 0.52 4.66
CA LEU A 73 -5.72 1.69 5.03
C LEU A 73 -6.82 1.93 4.01
N MET A 74 -6.54 1.66 2.73
CA MET A 74 -7.49 1.92 1.65
C MET A 74 -8.80 1.15 1.84
N HIS A 75 -8.74 -0.08 2.33
CA HIS A 75 -9.92 -0.92 2.50
C HIS A 75 -10.47 -0.96 3.93
N SER A 76 -9.90 -0.24 4.89
CA SER A 76 -10.20 -0.41 6.30
C SER A 76 -11.68 -0.43 6.58
N THR A 77 -12.08 -1.47 7.30
CA THR A 77 -13.40 -1.68 7.86
C THR A 77 -13.82 -0.44 8.62
N ASP A 78 -12.90 0.09 9.44
CA ASP A 78 -13.07 1.45 9.91
C ASP A 78 -12.86 2.37 8.72
N HIS A 79 -13.98 2.82 8.13
CA HIS A 79 -13.94 3.67 6.97
C HIS A 79 -13.28 5.00 7.25
N ALA A 80 -13.37 5.50 8.48
CA ALA A 80 -12.66 6.70 8.86
C ALA A 80 -11.16 6.51 8.66
N GLU A 81 -10.61 5.33 8.99
CA GLU A 81 -9.20 5.05 8.77
C GLU A 81 -8.81 5.34 7.31
N ARG A 82 -9.73 5.06 6.39
CA ARG A 82 -9.49 5.30 4.97
C ARG A 82 -9.41 6.80 4.74
N LEU A 83 -10.37 7.55 5.26
CA LEU A 83 -10.37 9.00 5.14
C LEU A 83 -9.17 9.63 5.80
N LYS A 84 -8.53 9.01 6.80
CA LYS A 84 -7.26 9.56 7.26
C LYS A 84 -6.27 9.52 6.10
N VAL A 85 -6.20 8.42 5.36
CA VAL A 85 -5.34 8.37 4.19
C VAL A 85 -5.76 9.41 3.16
N GLN A 86 -6.99 9.43 2.64
CA GLN A 86 -7.29 10.41 1.60
C GLN A 86 -7.00 11.84 2.04
N LYS A 87 -7.47 12.22 3.23
CA LYS A 87 -7.27 13.54 3.79
C LYS A 87 -5.79 13.89 3.83
N ASN A 88 -4.96 12.99 4.36
CA ASN A 88 -3.54 13.23 4.55
C ASN A 88 -2.74 12.95 3.28
N ALA A 89 -3.36 12.37 2.25
CA ALA A 89 -2.72 11.87 1.06
C ALA A 89 -3.75 11.70 -0.06
N PRO A 90 -4.19 12.82 -0.66
CA PRO A 90 -5.27 12.81 -1.64
C PRO A 90 -4.82 12.32 -3.03
N LYS A 91 -3.72 11.56 -3.09
CA LYS A 91 -3.10 11.07 -4.30
C LYS A 91 -2.60 9.65 -4.08
N THR A 92 -1.98 9.32 -2.94
CA THR A 92 -1.65 7.93 -2.63
C THR A 92 -2.89 7.06 -2.62
N PHE A 93 -3.97 7.50 -1.99
CA PHE A 93 -5.20 6.73 -2.01
C PHE A 93 -5.61 6.49 -3.43
N GLN A 94 -5.63 7.57 -4.20
CA GLN A 94 -5.98 7.47 -5.60
C GLN A 94 -5.05 6.52 -6.33
N PHE A 95 -3.79 6.36 -5.90
CA PHE A 95 -2.83 5.49 -6.55
C PHE A 95 -3.26 4.04 -6.40
N ILE A 96 -3.52 3.58 -5.17
CA ILE A 96 -3.99 2.21 -4.99
C ILE A 96 -5.36 2.08 -5.66
N ASN A 97 -6.15 3.16 -5.72
CA ASN A 97 -7.45 3.14 -6.35
C ASN A 97 -7.32 3.08 -7.88
N ASP A 98 -6.23 3.57 -8.47
CA ASP A 98 -5.90 3.46 -9.89
C ASP A 98 -5.59 2.01 -10.14
N GLN A 99 -4.73 1.47 -9.28
CA GLN A 99 -4.41 0.08 -9.24
C GLN A 99 -5.49 -0.71 -8.47
N ILE A 100 -6.75 -0.27 -8.51
CA ILE A 100 -7.84 -1.13 -8.07
C ILE A 100 -7.80 -2.33 -8.99
N LYS A 101 -7.41 -3.49 -8.48
CA LYS A 101 -7.42 -4.64 -9.36
C LYS A 101 -7.86 -5.90 -8.63
N PHE A 102 -7.38 -7.05 -9.10
CA PHE A 102 -8.16 -8.26 -9.13
C PHE A 102 -7.17 -9.43 -9.13
N ILE A 103 -6.06 -9.25 -8.42
CA ILE A 103 -5.08 -10.31 -8.31
C ILE A 103 -5.69 -11.38 -7.42
N ILE A 104 -5.94 -12.55 -8.00
CA ILE A 104 -6.28 -13.76 -7.27
C ILE A 104 -7.70 -13.62 -6.65
N ASN A 105 -8.37 -14.61 -6.04
CA ASN A 105 -8.27 -16.07 -5.90
C ASN A 105 -7.68 -16.48 -4.56
N SER A 106 -8.48 -17.00 -3.62
CA SER A 106 -9.84 -17.52 -3.67
C SER A 106 -10.06 -18.43 -4.88
N GLY A 1 -18.90 -9.29 9.25
CA GLY A 1 -19.94 -8.30 9.58
C GLY A 1 -20.59 -8.66 10.90
N SER A 2 -20.39 -7.84 11.94
CA SER A 2 -21.04 -7.98 13.24
C SER A 2 -20.64 -6.80 14.10
N LYS A 3 -19.49 -6.89 14.78
CA LYS A 3 -19.00 -5.87 15.69
C LYS A 3 -17.52 -6.14 15.95
N GLY A 4 -16.84 -5.21 16.61
CA GLY A 4 -15.40 -5.27 16.81
C GLY A 4 -14.74 -4.32 15.83
N VAL A 5 -13.71 -3.62 16.29
CA VAL A 5 -12.92 -2.74 15.46
C VAL A 5 -11.59 -3.42 15.17
N GLU A 6 -10.57 -2.68 14.73
CA GLU A 6 -9.25 -3.26 14.62
C GLU A 6 -8.61 -3.27 16.01
N LEU A 7 -8.10 -4.44 16.40
CA LEU A 7 -7.33 -4.63 17.61
C LEU A 7 -6.53 -5.93 17.50
N ARG A 8 -6.04 -6.24 16.29
CA ARG A 8 -5.35 -7.47 16.00
C ARG A 8 -4.22 -7.20 15.02
N ASN A 9 -2.99 -7.06 15.52
CA ASN A 9 -1.80 -6.93 14.68
C ASN A 9 -1.70 -8.05 13.65
N ASP A 10 -2.15 -9.24 14.01
CA ASP A 10 -2.19 -10.37 13.11
C ASP A 10 -3.03 -10.06 11.87
N SER A 11 -4.27 -9.64 12.06
CA SER A 11 -5.20 -9.40 10.97
C SER A 11 -4.77 -8.17 10.16
N GLU A 12 -4.48 -7.09 10.88
CA GLU A 12 -4.12 -5.79 10.37
C GLU A 12 -2.76 -5.86 9.65
N GLY A 13 -1.91 -6.77 10.12
CA GLY A 13 -0.66 -7.13 9.47
C GLY A 13 -0.95 -7.94 8.20
N PHE A 14 -1.89 -8.88 8.25
CA PHE A 14 -2.18 -9.79 7.15
C PHE A 14 -2.50 -9.00 5.89
N ILE A 15 -3.45 -8.07 5.99
CA ILE A 15 -3.83 -7.21 4.87
C ILE A 15 -2.67 -6.29 4.42
N HIS A 16 -1.84 -5.78 5.35
CA HIS A 16 -0.70 -4.94 5.00
C HIS A 16 0.17 -5.74 4.04
N GLU A 17 0.61 -6.92 4.49
CA GLU A 17 1.48 -7.80 3.72
C GLU A 17 0.82 -8.19 2.42
N PHE A 18 -0.49 -8.47 2.40
CA PHE A 18 -1.24 -8.77 1.18
C PHE A 18 -1.03 -7.68 0.15
N GLY A 19 -1.18 -6.42 0.56
CA GLY A 19 -0.89 -5.29 -0.33
C GLY A 19 0.47 -5.45 -1.00
N HIS A 20 1.48 -5.80 -0.20
CA HIS A 20 2.83 -6.00 -0.71
C HIS A 20 2.90 -7.19 -1.67
N ALA A 21 2.28 -8.32 -1.33
CA ALA A 21 2.32 -9.50 -2.18
C ALA A 21 1.67 -9.19 -3.54
N VAL A 22 0.66 -8.32 -3.55
CA VAL A 22 0.05 -7.92 -4.81
C VAL A 22 1.01 -7.02 -5.56
N ASP A 23 1.76 -6.18 -4.84
CA ASP A 23 2.81 -5.34 -5.40
C ASP A 23 3.86 -6.19 -6.11
N ASP A 24 4.02 -7.44 -5.67
CA ASP A 24 5.02 -8.35 -6.22
C ASP A 24 4.57 -8.77 -7.62
N TYR A 25 3.36 -9.33 -7.71
CA TYR A 25 2.83 -9.84 -8.97
C TYR A 25 2.66 -8.70 -9.95
N ALA A 26 1.93 -7.67 -9.55
CA ALA A 26 1.75 -6.49 -10.36
C ALA A 26 3.09 -5.88 -10.76
N GLY A 27 4.13 -5.95 -9.92
CA GLY A 27 5.44 -5.42 -10.26
C GLY A 27 6.09 -6.24 -11.37
N TYR A 28 5.92 -7.56 -11.34
CA TYR A 28 6.52 -8.46 -12.31
C TYR A 28 5.87 -8.28 -13.68
N LEU A 29 4.54 -8.22 -13.70
CA LEU A 29 3.74 -8.13 -14.91
C LEU A 29 3.67 -6.74 -15.48
N LEU A 30 3.71 -5.71 -14.64
CA LEU A 30 3.43 -4.35 -15.03
C LEU A 30 4.60 -3.49 -14.58
N ASP A 31 5.48 -3.10 -15.50
CA ASP A 31 6.68 -2.35 -15.16
C ASP A 31 6.73 -1.08 -16.00
N LYS A 32 7.39 -0.04 -15.49
CA LYS A 32 7.62 1.16 -16.27
C LYS A 32 8.69 1.99 -15.57
N ASN A 33 9.93 1.85 -16.06
CA ASN A 33 11.18 2.37 -15.51
C ASN A 33 11.47 1.77 -14.14
N GLN A 34 12.73 1.35 -13.93
CA GLN A 34 13.20 0.75 -12.70
C GLN A 34 12.23 -0.33 -12.23
N SER A 35 12.05 -1.35 -13.08
CA SER A 35 11.05 -2.40 -12.99
C SER A 35 11.14 -3.17 -11.68
N ASP A 36 10.51 -2.67 -10.62
CA ASP A 36 10.50 -3.27 -9.31
C ASP A 36 9.26 -2.76 -8.60
N LEU A 37 8.25 -3.64 -8.45
CA LEU A 37 6.99 -3.36 -7.76
C LEU A 37 6.13 -2.32 -8.50
N VAL A 38 4.80 -2.39 -8.39
CA VAL A 38 3.93 -1.44 -9.08
C VAL A 38 3.71 -0.17 -8.22
N THR A 39 4.74 0.27 -7.49
CA THR A 39 4.69 1.50 -6.72
C THR A 39 5.64 2.53 -7.32
N ASN A 40 6.83 2.11 -7.76
CA ASN A 40 7.84 3.00 -8.31
C ASN A 40 7.46 3.45 -9.72
N SER A 41 6.42 4.27 -9.86
CA SER A 41 5.96 4.71 -11.16
C SER A 41 5.06 5.93 -10.98
N LYS A 42 5.64 7.07 -10.60
CA LYS A 42 4.88 8.32 -10.49
C LYS A 42 5.84 9.48 -10.74
N LYS A 43 6.30 9.58 -11.99
CA LYS A 43 7.31 10.54 -12.43
C LYS A 43 8.67 10.22 -11.80
N PHE A 44 8.87 10.52 -10.52
CA PHE A 44 10.07 10.10 -9.80
C PHE A 44 9.75 10.06 -8.30
N ILE A 45 9.24 8.94 -7.80
CA ILE A 45 8.93 8.73 -6.37
C ILE A 45 8.36 9.99 -5.72
N ASP A 46 7.25 10.49 -6.26
CA ASP A 46 6.64 11.75 -5.89
C ASP A 46 5.69 11.55 -4.70
N ILE A 47 4.73 10.64 -4.89
CA ILE A 47 3.71 10.25 -3.91
C ILE A 47 4.37 9.95 -2.56
N PHE A 48 5.29 9.00 -2.59
CA PHE A 48 6.03 8.55 -1.41
C PHE A 48 6.83 9.70 -0.79
N LYS A 49 7.30 10.68 -1.56
CA LYS A 49 8.14 11.70 -0.95
C LYS A 49 7.34 12.57 0.01
N GLU A 50 6.15 13.00 -0.40
CA GLU A 50 5.32 13.87 0.44
C GLU A 50 4.47 13.02 1.38
N GLU A 51 3.62 12.18 0.79
CA GLU A 51 2.62 11.44 1.55
C GLU A 51 3.28 10.34 2.37
N GLY A 52 4.42 9.81 1.88
CA GLY A 52 5.29 8.91 2.61
C GLY A 52 6.06 9.59 3.75
N SER A 53 5.42 10.49 4.50
CA SER A 53 5.82 10.92 5.84
C SER A 53 4.56 11.36 6.59
N ASN A 54 3.44 10.67 6.38
CA ASN A 54 2.16 11.09 6.93
C ASN A 54 1.32 9.92 7.39
N LEU A 55 1.20 8.89 6.56
CA LEU A 55 0.28 7.80 6.85
C LEU A 55 0.68 7.07 8.12
N THR A 56 1.99 6.96 8.36
CA THR A 56 2.59 6.19 9.44
C THR A 56 4.12 6.31 9.31
N SER A 57 4.87 5.85 10.31
CA SER A 57 6.31 5.70 10.21
C SER A 57 6.67 4.69 9.12
N TYR A 58 5.87 3.61 8.96
CA TYR A 58 6.05 2.68 7.85
C TYR A 58 5.72 3.32 6.50
N GLY A 59 5.19 4.54 6.50
CA GLY A 59 4.97 5.29 5.29
C GLY A 59 6.24 6.00 4.85
N ARG A 60 7.30 6.01 5.66
CA ARG A 60 8.54 6.72 5.33
C ARG A 60 9.74 5.77 5.17
N THR A 61 9.55 4.50 5.52
CA THR A 61 10.58 3.47 5.38
C THR A 61 10.74 3.13 3.89
N ASN A 62 10.85 1.85 3.51
CA ASN A 62 10.97 1.54 2.10
C ASN A 62 9.67 1.93 1.42
N GLU A 63 9.74 2.38 0.16
CA GLU A 63 8.56 2.76 -0.62
C GLU A 63 7.58 1.59 -0.68
N ALA A 64 8.10 0.37 -0.72
CA ALA A 64 7.30 -0.85 -0.72
C ALA A 64 6.42 -0.96 0.54
N GLU A 65 6.93 -0.52 1.68
CA GLU A 65 6.17 -0.53 2.92
C GLU A 65 5.09 0.55 2.88
N PHE A 66 5.45 1.74 2.40
CA PHE A 66 4.52 2.83 2.17
C PHE A 66 3.32 2.37 1.35
N PHE A 67 3.56 1.70 0.22
CA PHE A 67 2.51 1.18 -0.63
C PHE A 67 1.67 0.14 0.11
N ALA A 68 2.32 -0.79 0.81
CA ALA A 68 1.64 -1.87 1.51
C ALA A 68 0.66 -1.33 2.56
N GLU A 69 1.11 -0.39 3.40
CA GLU A 69 0.26 0.31 4.34
C GLU A 69 -0.86 1.04 3.60
N ALA A 70 -0.56 1.73 2.51
CA ALA A 70 -1.60 2.43 1.77
C ALA A 70 -2.71 1.47 1.37
N PHE A 71 -2.36 0.25 0.96
CA PHE A 71 -3.30 -0.82 0.66
C PHE A 71 -4.13 -1.17 1.90
N ARG A 72 -3.49 -1.38 3.05
CA ARG A 72 -4.14 -1.68 4.33
C ARG A 72 -5.23 -0.65 4.64
N LEU A 73 -4.85 0.61 4.62
CA LEU A 73 -5.70 1.77 4.87
C LEU A 73 -6.78 1.87 3.83
N MET A 74 -6.51 1.48 2.59
CA MET A 74 -7.44 1.61 1.47
C MET A 74 -8.80 0.98 1.78
N HIS A 75 -8.77 -0.23 2.35
CA HIS A 75 -9.98 -0.97 2.69
C HIS A 75 -10.39 -0.83 4.16
N SER A 76 -9.49 -0.42 5.07
CA SER A 76 -9.69 -0.30 6.51
C SER A 76 -11.15 -0.25 6.92
N THR A 77 -11.52 -1.26 7.69
CA THR A 77 -12.85 -1.50 8.22
C THR A 77 -13.42 -0.20 8.77
N ASP A 78 -12.61 0.54 9.53
CA ASP A 78 -13.05 1.89 9.88
C ASP A 78 -12.89 2.80 8.67
N HIS A 79 -14.02 3.17 8.06
CA HIS A 79 -14.09 4.17 7.02
C HIS A 79 -13.22 5.39 7.31
N ALA A 80 -13.11 5.80 8.57
CA ALA A 80 -12.34 6.96 8.96
C ALA A 80 -10.88 6.80 8.55
N GLU A 81 -10.28 5.64 8.79
CA GLU A 81 -8.89 5.40 8.44
C GLU A 81 -8.66 5.56 6.95
N ARG A 82 -9.65 5.18 6.15
CA ARG A 82 -9.54 5.33 4.70
C ARG A 82 -9.47 6.81 4.38
N LEU A 83 -10.40 7.58 4.92
CA LEU A 83 -10.38 9.02 4.78
C LEU A 83 -9.13 9.63 5.42
N LYS A 84 -8.49 9.02 6.40
CA LYS A 84 -7.27 9.57 6.95
C LYS A 84 -6.17 9.48 5.90
N VAL A 85 -6.11 8.38 5.15
CA VAL A 85 -5.24 8.35 3.98
C VAL A 85 -5.69 9.40 2.98
N GLN A 86 -6.87 9.33 2.38
CA GLN A 86 -7.24 10.27 1.31
C GLN A 86 -6.96 11.73 1.71
N LYS A 87 -7.34 12.11 2.93
CA LYS A 87 -7.14 13.42 3.50
C LYS A 87 -5.63 13.72 3.59
N ASN A 88 -4.88 12.90 4.32
CA ASN A 88 -3.46 13.14 4.56
C ASN A 88 -2.61 12.61 3.42
N ALA A 89 -3.22 12.28 2.27
CA ALA A 89 -2.59 11.73 1.09
C ALA A 89 -3.59 11.75 -0.07
N PRO A 90 -3.90 12.93 -0.62
CA PRO A 90 -4.90 13.11 -1.66
C PRO A 90 -4.32 12.78 -3.03
N LYS A 91 -3.71 11.60 -3.17
CA LYS A 91 -3.17 11.03 -4.38
C LYS A 91 -2.78 9.56 -4.13
N THR A 92 -2.10 9.26 -3.02
CA THR A 92 -1.72 7.90 -2.66
C THR A 92 -2.90 6.93 -2.69
N PHE A 93 -4.03 7.31 -2.08
CA PHE A 93 -5.22 6.46 -2.13
C PHE A 93 -5.62 6.20 -3.56
N GLN A 94 -5.68 7.28 -4.34
CA GLN A 94 -6.07 7.21 -5.73
C GLN A 94 -5.18 6.24 -6.51
N PHE A 95 -3.92 6.07 -6.08
CA PHE A 95 -2.94 5.22 -6.74
C PHE A 95 -3.43 3.77 -6.73
N ILE A 96 -3.63 3.20 -5.53
CA ILE A 96 -4.13 1.85 -5.39
C ILE A 96 -5.49 1.76 -6.08
N ASN A 97 -6.34 2.77 -5.91
CA ASN A 97 -7.66 2.76 -6.54
C ASN A 97 -7.56 2.60 -8.06
N ASP A 98 -6.58 3.26 -8.68
CA ASP A 98 -6.35 3.26 -10.12
C ASP A 98 -5.98 1.85 -10.56
N GLN A 99 -5.03 1.23 -9.85
CA GLN A 99 -4.68 -0.17 -10.07
C GLN A 99 -5.76 -1.06 -9.45
N ILE A 100 -6.87 -1.22 -10.17
CA ILE A 100 -7.96 -2.08 -9.75
C ILE A 100 -7.40 -3.45 -9.34
N LYS A 101 -7.53 -3.77 -8.06
CA LYS A 101 -6.94 -4.97 -7.45
C LYS A 101 -7.12 -6.20 -8.34
N PHE A 102 -8.35 -6.40 -8.84
CA PHE A 102 -8.74 -7.41 -9.81
C PHE A 102 -7.97 -8.72 -9.64
N ILE A 103 -7.92 -9.19 -8.40
CA ILE A 103 -7.25 -10.42 -8.01
C ILE A 103 -8.27 -11.11 -7.10
N ILE A 104 -8.54 -12.38 -7.36
CA ILE A 104 -9.50 -13.14 -6.58
C ILE A 104 -8.90 -14.54 -6.44
N ASN A 105 -9.12 -15.18 -5.30
CA ASN A 105 -8.47 -16.43 -4.95
C ASN A 105 -9.42 -17.26 -4.11
N SER A 106 -9.04 -18.51 -3.85
CA SER A 106 -9.66 -19.32 -2.83
C SER A 106 -9.01 -18.91 -1.51
N GLY A 1 2.41 -13.78 7.10
CA GLY A 1 3.70 -13.09 7.23
C GLY A 1 3.97 -12.79 8.69
N SER A 2 3.12 -11.95 9.29
CA SER A 2 3.14 -11.63 10.72
C SER A 2 2.95 -12.89 11.56
N LYS A 3 2.99 -12.73 12.88
CA LYS A 3 2.87 -13.81 13.85
C LYS A 3 2.29 -13.22 15.13
N GLY A 4 1.38 -13.96 15.77
CA GLY A 4 0.73 -13.55 16.99
C GLY A 4 -0.60 -14.28 17.09
N VAL A 5 -1.47 -13.80 17.98
CA VAL A 5 -2.88 -14.08 17.93
C VAL A 5 -3.56 -12.82 17.40
N GLU A 6 -4.87 -12.68 17.59
CA GLU A 6 -5.52 -11.43 17.22
C GLU A 6 -5.29 -10.35 18.28
N LEU A 7 -4.66 -9.27 17.85
CA LEU A 7 -4.38 -8.11 18.68
C LEU A 7 -4.18 -6.87 17.81
N ARG A 8 -5.05 -6.69 16.79
CA ARG A 8 -5.01 -5.57 15.85
C ARG A 8 -3.85 -5.73 14.89
N ASN A 9 -2.61 -5.60 15.36
CA ASN A 9 -1.38 -5.73 14.60
C ASN A 9 -1.36 -6.96 13.69
N ASP A 10 -1.92 -8.07 14.15
CA ASP A 10 -1.99 -9.26 13.34
C ASP A 10 -2.87 -9.04 12.12
N SER A 11 -4.09 -8.53 12.30
CA SER A 11 -5.04 -8.36 11.22
C SER A 11 -4.52 -7.33 10.23
N GLU A 12 -4.13 -6.17 10.74
CA GLU A 12 -3.71 -5.04 9.93
C GLU A 12 -2.32 -5.33 9.32
N GLY A 13 -1.53 -6.16 9.99
CA GLY A 13 -0.29 -6.70 9.44
C GLY A 13 -0.58 -7.62 8.25
N PHE A 14 -1.53 -8.54 8.39
CA PHE A 14 -1.83 -9.53 7.38
C PHE A 14 -2.26 -8.86 6.08
N ILE A 15 -3.20 -7.91 6.18
CA ILE A 15 -3.60 -7.14 5.00
C ILE A 15 -2.49 -6.22 4.49
N HIS A 16 -1.62 -5.68 5.37
CA HIS A 16 -0.49 -4.86 4.90
C HIS A 16 0.31 -5.73 3.95
N GLU A 17 0.71 -6.91 4.42
CA GLU A 17 1.50 -7.89 3.68
C GLU A 17 0.84 -8.17 2.34
N PHE A 18 -0.47 -8.43 2.33
CA PHE A 18 -1.24 -8.61 1.10
C PHE A 18 -1.05 -7.44 0.14
N GLY A 19 -1.21 -6.21 0.60
CA GLY A 19 -0.96 -5.03 -0.23
C GLY A 19 0.38 -5.13 -0.93
N HIS A 20 1.41 -5.52 -0.18
CA HIS A 20 2.75 -5.69 -0.74
C HIS A 20 2.76 -6.79 -1.79
N ALA A 21 2.15 -7.94 -1.51
CA ALA A 21 2.11 -9.08 -2.41
C ALA A 21 1.41 -8.71 -3.72
N VAL A 22 0.46 -7.77 -3.68
CA VAL A 22 -0.17 -7.35 -4.93
C VAL A 22 0.85 -6.66 -5.82
N ASP A 23 1.69 -5.83 -5.24
CA ASP A 23 2.73 -5.14 -5.99
C ASP A 23 3.76 -6.11 -6.54
N ASP A 24 3.84 -7.31 -5.95
CA ASP A 24 4.83 -8.32 -6.29
C ASP A 24 4.45 -8.93 -7.64
N TYR A 25 3.19 -9.38 -7.74
CA TYR A 25 2.65 -9.89 -8.99
C TYR A 25 2.77 -8.81 -10.07
N ALA A 26 2.40 -7.57 -9.75
CA ALA A 26 2.55 -6.48 -10.70
C ALA A 26 4.00 -6.28 -11.13
N GLY A 27 4.98 -6.59 -10.28
CA GLY A 27 6.40 -6.44 -10.59
C GLY A 27 6.91 -7.51 -11.54
N TYR A 28 6.21 -8.64 -11.62
CA TYR A 28 6.59 -9.72 -12.53
C TYR A 28 5.93 -9.52 -13.89
N LEU A 29 4.63 -9.21 -13.89
CA LEU A 29 3.83 -9.05 -15.09
C LEU A 29 4.09 -7.74 -15.79
N LEU A 30 4.35 -6.69 -15.03
CA LEU A 30 4.56 -5.36 -15.57
C LEU A 30 6.02 -5.01 -15.28
N ASP A 31 6.39 -3.73 -15.36
CA ASP A 31 7.68 -3.20 -14.90
C ASP A 31 8.89 -4.02 -15.39
N LYS A 32 9.23 -3.86 -16.68
CA LYS A 32 10.19 -4.77 -17.33
C LYS A 32 11.63 -4.55 -16.87
N ASN A 33 12.04 -3.31 -16.67
CA ASN A 33 13.39 -3.03 -16.22
C ASN A 33 13.38 -3.11 -14.69
N GLN A 34 14.35 -3.78 -14.08
CA GLN A 34 14.34 -4.09 -12.66
C GLN A 34 12.99 -4.72 -12.26
N SER A 35 12.55 -5.76 -12.98
CA SER A 35 11.34 -6.50 -12.62
C SER A 35 11.45 -7.00 -11.18
N ASP A 36 10.76 -6.32 -10.27
CA ASP A 36 10.88 -6.55 -8.84
C ASP A 36 9.49 -6.30 -8.24
N LEU A 37 9.11 -5.03 -8.06
CA LEU A 37 7.76 -4.64 -7.66
C LEU A 37 7.43 -3.35 -8.42
N VAL A 38 6.19 -3.20 -8.90
CA VAL A 38 5.83 -2.10 -9.80
C VAL A 38 5.99 -0.71 -9.15
N THR A 39 6.19 -0.65 -7.83
CA THR A 39 6.37 0.57 -7.05
C THR A 39 7.38 1.53 -7.66
N ASN A 40 8.46 1.07 -8.28
CA ASN A 40 9.55 1.96 -8.67
C ASN A 40 9.32 2.54 -10.07
N SER A 41 8.13 3.09 -10.31
CA SER A 41 7.73 3.50 -11.64
C SER A 41 6.49 4.41 -11.55
N LYS A 42 5.53 4.24 -12.48
CA LYS A 42 4.20 4.85 -12.55
C LYS A 42 4.04 6.09 -11.68
N LYS A 43 4.27 7.27 -12.28
CA LYS A 43 4.14 8.61 -11.72
C LYS A 43 5.53 9.08 -11.34
N PHE A 44 6.29 8.22 -10.65
CA PHE A 44 7.71 8.33 -10.35
C PHE A 44 7.88 9.05 -9.02
N ILE A 45 8.09 8.28 -7.94
CA ILE A 45 8.16 8.76 -6.57
C ILE A 45 7.05 9.78 -6.27
N ASP A 46 7.38 10.98 -5.76
CA ASP A 46 6.47 12.12 -5.51
C ASP A 46 5.50 11.83 -4.36
N ILE A 47 4.53 10.98 -4.63
CA ILE A 47 3.54 10.48 -3.68
C ILE A 47 4.23 9.99 -2.42
N PHE A 48 5.23 9.13 -2.56
CA PHE A 48 6.03 8.67 -1.44
C PHE A 48 6.83 9.79 -0.80
N LYS A 49 7.31 10.77 -1.58
CA LYS A 49 8.14 11.80 -0.97
C LYS A 49 7.36 12.59 0.06
N GLU A 50 6.14 13.00 -0.29
CA GLU A 50 5.30 13.74 0.63
C GLU A 50 4.62 12.79 1.59
N GLU A 51 3.72 11.96 1.05
CA GLU A 51 2.77 11.22 1.85
C GLU A 51 3.44 10.04 2.53
N GLY A 52 4.56 9.58 1.97
CA GLY A 52 5.45 8.64 2.61
C GLY A 52 6.24 9.25 3.78
N SER A 53 5.64 10.17 4.53
CA SER A 53 6.03 10.47 5.89
C SER A 53 4.80 10.98 6.64
N ASN A 54 3.63 10.41 6.34
CA ASN A 54 2.35 10.96 6.79
C ASN A 54 1.45 9.86 7.33
N LEU A 55 1.27 8.79 6.55
CA LEU A 55 0.33 7.74 6.91
C LEU A 55 0.75 7.04 8.21
N THR A 56 2.07 6.90 8.39
CA THR A 56 2.68 6.17 9.49
C THR A 56 4.20 6.21 9.30
N SER A 57 4.96 5.85 10.34
CA SER A 57 6.40 5.66 10.25
C SER A 57 6.74 4.57 9.23
N TYR A 58 5.92 3.53 9.15
CA TYR A 58 6.01 2.49 8.12
C TYR A 58 5.86 3.12 6.74
N GLY A 59 5.04 4.16 6.63
CA GLY A 59 4.86 4.91 5.39
C GLY A 59 6.14 5.59 4.93
N ARG A 60 7.17 5.64 5.78
CA ARG A 60 8.42 6.32 5.48
C ARG A 60 9.58 5.34 5.32
N THR A 61 9.35 4.05 5.53
CA THR A 61 10.36 3.02 5.33
C THR A 61 10.57 2.84 3.82
N ASN A 62 10.68 1.61 3.30
CA ASN A 62 10.84 1.49 1.86
C ASN A 62 9.53 1.87 1.18
N GLU A 63 9.61 2.41 -0.03
CA GLU A 63 8.44 2.83 -0.81
C GLU A 63 7.47 1.66 -1.04
N ALA A 64 8.01 0.44 -1.06
CA ALA A 64 7.23 -0.79 -1.16
C ALA A 64 6.31 -1.00 0.04
N GLU A 65 6.76 -0.62 1.24
CA GLU A 65 5.95 -0.74 2.44
C GLU A 65 4.91 0.36 2.45
N PHE A 66 5.33 1.60 2.20
CA PHE A 66 4.44 2.73 1.99
C PHE A 66 3.22 2.35 1.15
N PHE A 67 3.45 1.73 -0.01
CA PHE A 67 2.38 1.23 -0.86
C PHE A 67 1.53 0.17 -0.16
N ALA A 68 2.16 -0.76 0.56
CA ALA A 68 1.48 -1.84 1.26
C ALA A 68 0.49 -1.30 2.32
N GLU A 69 0.93 -0.38 3.19
CA GLU A 69 0.03 0.32 4.11
C GLU A 69 -1.06 1.05 3.34
N ALA A 70 -0.74 1.68 2.22
CA ALA A 70 -1.75 2.35 1.43
C ALA A 70 -2.85 1.35 1.07
N PHE A 71 -2.51 0.12 0.67
CA PHE A 71 -3.50 -0.93 0.41
C PHE A 71 -4.34 -1.24 1.65
N ARG A 72 -3.72 -1.51 2.79
CA ARG A 72 -4.42 -1.73 4.07
C ARG A 72 -5.50 -0.66 4.25
N LEU A 73 -5.05 0.58 4.44
CA LEU A 73 -5.86 1.73 4.78
C LEU A 73 -6.91 1.99 3.73
N MET A 74 -6.58 1.74 2.47
CA MET A 74 -7.49 1.99 1.37
C MET A 74 -8.78 1.21 1.53
N HIS A 75 -8.71 -0.03 2.01
CA HIS A 75 -9.92 -0.80 2.18
C HIS A 75 -10.51 -0.64 3.57
N SER A 76 -9.68 -0.50 4.61
CA SER A 76 -9.98 -0.54 6.04
C SER A 76 -11.47 -0.51 6.38
N THR A 77 -11.91 -1.59 7.02
CA THR A 77 -13.26 -1.79 7.52
C THR A 77 -13.73 -0.55 8.29
N ASP A 78 -12.85 0.00 9.12
CA ASP A 78 -13.07 1.32 9.65
C ASP A 78 -12.95 2.34 8.54
N HIS A 79 -14.10 2.82 8.05
CA HIS A 79 -14.16 3.88 7.04
C HIS A 79 -13.30 5.08 7.43
N ALA A 80 -13.23 5.40 8.73
CA ALA A 80 -12.43 6.52 9.17
C ALA A 80 -10.97 6.33 8.78
N GLU A 81 -10.38 5.15 9.04
CA GLU A 81 -9.01 4.83 8.64
C GLU A 81 -8.76 5.23 7.19
N ARG A 82 -9.74 4.95 6.33
CA ARG A 82 -9.61 5.28 4.92
C ARG A 82 -9.53 6.78 4.76
N LEU A 83 -10.47 7.51 5.35
CA LEU A 83 -10.46 8.96 5.31
C LEU A 83 -9.28 9.58 6.04
N LYS A 84 -8.57 8.88 6.94
CA LYS A 84 -7.31 9.42 7.41
C LYS A 84 -6.34 9.41 6.23
N VAL A 85 -6.21 8.27 5.54
CA VAL A 85 -5.34 8.24 4.38
C VAL A 85 -5.74 9.26 3.33
N GLN A 86 -7.01 9.46 2.99
CA GLN A 86 -7.29 10.49 2.00
C GLN A 86 -7.00 11.89 2.54
N LYS A 87 -7.48 12.21 3.75
CA LYS A 87 -7.38 13.54 4.31
C LYS A 87 -5.93 13.98 4.38
N ASN A 88 -5.06 13.13 4.91
CA ASN A 88 -3.63 13.39 4.97
C ASN A 88 -3.05 13.33 3.56
N ALA A 89 -3.39 12.27 2.82
CA ALA A 89 -2.80 11.92 1.54
C ALA A 89 -3.86 11.82 0.43
N PRO A 90 -4.34 12.96 -0.09
CA PRO A 90 -5.40 12.97 -1.10
C PRO A 90 -4.95 12.43 -2.46
N LYS A 91 -3.72 11.93 -2.57
CA LYS A 91 -3.05 11.52 -3.79
C LYS A 91 -2.64 10.05 -3.70
N THR A 92 -2.07 9.60 -2.58
CA THR A 92 -1.71 8.19 -2.36
C THR A 92 -2.93 7.29 -2.47
N PHE A 93 -4.05 7.68 -1.86
CA PHE A 93 -5.26 6.89 -1.97
C PHE A 93 -5.68 6.73 -3.40
N GLN A 94 -5.65 7.86 -4.11
CA GLN A 94 -6.01 7.91 -5.51
C GLN A 94 -5.15 6.91 -6.30
N PHE A 95 -3.89 6.73 -5.89
CA PHE A 95 -2.93 5.86 -6.55
C PHE A 95 -3.41 4.41 -6.49
N ILE A 96 -3.64 3.89 -5.29
CA ILE A 96 -4.16 2.54 -5.10
C ILE A 96 -5.44 2.37 -5.92
N ASN A 97 -6.34 3.34 -5.87
CA ASN A 97 -7.59 3.26 -6.61
C ASN A 97 -7.37 3.19 -8.12
N ASP A 98 -6.30 3.81 -8.62
CA ASP A 98 -5.88 3.75 -10.02
C ASP A 98 -5.48 2.33 -10.39
N GLN A 99 -4.65 1.71 -9.54
CA GLN A 99 -4.10 0.40 -9.78
C GLN A 99 -5.12 -0.69 -9.42
N ILE A 100 -6.17 -0.79 -10.23
CA ILE A 100 -7.20 -1.78 -10.02
C ILE A 100 -6.63 -3.17 -10.32
N LYS A 101 -6.38 -3.98 -9.29
CA LYS A 101 -5.96 -5.36 -9.48
C LYS A 101 -6.33 -6.15 -8.24
N PHE A 102 -6.59 -7.45 -8.41
CA PHE A 102 -6.87 -8.35 -7.32
C PHE A 102 -6.07 -9.62 -7.63
N ILE A 103 -5.38 -10.20 -6.65
CA ILE A 103 -4.63 -11.44 -6.82
C ILE A 103 -4.94 -12.30 -5.60
N ILE A 104 -5.09 -13.61 -5.80
CA ILE A 104 -5.59 -14.56 -4.79
C ILE A 104 -7.03 -14.23 -4.41
N ASN A 105 -7.25 -13.16 -3.65
CA ASN A 105 -8.55 -12.70 -3.15
C ASN A 105 -9.01 -13.61 -2.00
N SER A 106 -10.28 -13.59 -1.64
CA SER A 106 -10.87 -14.45 -0.61
C SER A 106 -12.31 -14.70 -1.00
N GLY A 1 -10.62 -14.94 11.63
CA GLY A 1 -11.70 -15.93 11.64
C GLY A 1 -12.78 -15.49 12.63
N SER A 2 -13.83 -14.85 12.12
CA SER A 2 -15.04 -14.42 12.83
C SER A 2 -14.89 -14.21 14.34
N LYS A 3 -14.30 -13.08 14.73
CA LYS A 3 -14.29 -12.67 16.13
C LYS A 3 -14.09 -11.16 16.22
N GLY A 4 -15.18 -10.39 16.18
CA GLY A 4 -15.09 -8.95 16.17
C GLY A 4 -14.54 -8.43 14.85
N VAL A 5 -14.10 -7.17 14.85
CA VAL A 5 -13.52 -6.52 13.71
C VAL A 5 -12.02 -6.82 13.66
N GLU A 6 -11.24 -5.99 12.98
CA GLU A 6 -9.81 -6.11 13.03
C GLU A 6 -9.29 -5.42 14.29
N LEU A 7 -8.64 -6.19 15.16
CA LEU A 7 -8.05 -5.75 16.40
C LEU A 7 -6.94 -6.71 16.82
N ARG A 8 -6.19 -7.21 15.84
CA ARG A 8 -5.11 -8.14 16.03
C ARG A 8 -4.05 -7.79 15.01
N ASN A 9 -2.82 -7.47 15.45
CA ASN A 9 -1.69 -7.22 14.59
C ASN A 9 -1.50 -8.30 13.53
N ASP A 10 -1.86 -9.53 13.88
CA ASP A 10 -1.90 -10.65 12.97
C ASP A 10 -2.77 -10.35 11.74
N SER A 11 -4.05 -10.01 11.94
CA SER A 11 -4.96 -9.68 10.84
C SER A 11 -4.51 -8.40 10.12
N GLU A 12 -4.27 -7.37 10.92
CA GLU A 12 -4.05 -6.01 10.47
C GLU A 12 -2.69 -5.90 9.76
N GLY A 13 -1.78 -6.83 10.07
CA GLY A 13 -0.55 -7.06 9.35
C GLY A 13 -0.81 -7.86 8.08
N PHE A 14 -1.68 -8.87 8.14
CA PHE A 14 -1.99 -9.71 6.98
C PHE A 14 -2.39 -8.86 5.79
N ILE A 15 -3.31 -7.91 5.98
CA ILE A 15 -3.75 -7.02 4.93
C ILE A 15 -2.64 -6.10 4.40
N HIS A 16 -1.71 -5.68 5.27
CA HIS A 16 -0.56 -4.87 4.86
C HIS A 16 0.23 -5.70 3.86
N GLU A 17 0.60 -6.91 4.25
CA GLU A 17 1.34 -7.83 3.41
C GLU A 17 0.61 -8.10 2.11
N PHE A 18 -0.73 -8.24 2.12
CA PHE A 18 -1.54 -8.36 0.91
C PHE A 18 -1.21 -7.25 -0.06
N GLY A 19 -1.30 -5.98 0.38
CA GLY A 19 -0.93 -4.86 -0.47
C GLY A 19 0.43 -5.09 -1.13
N HIS A 20 1.40 -5.55 -0.35
CA HIS A 20 2.74 -5.80 -0.85
C HIS A 20 2.76 -6.91 -1.90
N ALA A 21 2.08 -8.04 -1.65
CA ALA A 21 2.04 -9.16 -2.57
C ALA A 21 1.45 -8.70 -3.89
N VAL A 22 0.52 -7.75 -3.85
CA VAL A 22 -0.04 -7.23 -5.09
C VAL A 22 1.02 -6.44 -5.86
N ASP A 23 1.82 -5.63 -5.16
CA ASP A 23 2.94 -4.94 -5.79
C ASP A 23 3.93 -5.93 -6.39
N ASP A 24 4.00 -7.13 -5.80
CA ASP A 24 4.98 -8.13 -6.18
C ASP A 24 4.61 -8.66 -7.55
N TYR A 25 3.35 -9.05 -7.71
CA TYR A 25 2.81 -9.54 -8.96
C TYR A 25 2.86 -8.48 -10.03
N ALA A 26 2.36 -7.28 -9.73
CA ALA A 26 2.37 -6.16 -10.66
C ALA A 26 3.78 -5.91 -11.18
N GLY A 27 4.77 -5.98 -10.30
CA GLY A 27 6.17 -5.85 -10.68
C GLY A 27 6.54 -6.94 -11.66
N TYR A 28 6.36 -8.20 -11.24
CA TYR A 28 6.75 -9.38 -11.99
C TYR A 28 6.30 -9.31 -13.44
N LEU A 29 5.08 -8.85 -13.66
CA LEU A 29 4.46 -8.76 -14.97
C LEU A 29 4.83 -7.47 -15.72
N LEU A 30 5.08 -6.36 -15.02
CA LEU A 30 5.12 -5.04 -15.66
C LEU A 30 6.47 -4.37 -15.37
N ASP A 31 7.57 -4.94 -15.86
CA ASP A 31 8.90 -4.39 -15.60
C ASP A 31 9.80 -4.57 -16.81
N LYS A 32 10.99 -3.95 -16.78
CA LYS A 32 12.08 -4.17 -17.70
C LYS A 32 13.14 -5.06 -17.06
N ASN A 33 13.45 -4.87 -15.78
CA ASN A 33 14.46 -5.68 -15.13
C ASN A 33 13.75 -6.79 -14.36
N GLN A 34 14.27 -8.01 -14.40
CA GLN A 34 13.62 -9.10 -13.68
C GLN A 34 13.71 -8.89 -12.16
N SER A 35 14.64 -8.05 -11.71
CA SER A 35 14.90 -7.77 -10.31
C SER A 35 14.47 -6.35 -9.97
N ASP A 36 13.16 -6.09 -10.04
CA ASP A 36 12.54 -4.82 -9.63
C ASP A 36 11.08 -5.10 -9.26
N LEU A 37 10.31 -4.09 -8.87
CA LEU A 37 8.89 -4.21 -8.56
C LEU A 37 8.15 -3.00 -9.14
N VAL A 38 6.81 -3.05 -9.24
CA VAL A 38 6.07 -1.96 -9.88
C VAL A 38 6.31 -0.65 -9.12
N THR A 39 6.29 -0.66 -7.78
CA THR A 39 6.50 0.50 -6.93
C THR A 39 5.65 1.71 -7.37
N ASN A 40 6.06 2.93 -7.01
CA ASN A 40 5.42 4.16 -7.48
C ASN A 40 5.82 4.43 -8.94
N SER A 41 5.34 3.61 -9.88
CA SER A 41 5.48 3.90 -11.29
C SER A 41 4.45 4.96 -11.71
N LYS A 42 4.40 5.29 -13.00
CA LYS A 42 3.78 6.52 -13.52
C LYS A 42 4.40 7.76 -12.88
N LYS A 43 4.04 8.10 -11.64
CA LYS A 43 4.56 9.28 -10.97
C LYS A 43 6.08 9.20 -10.83
N PHE A 44 6.61 8.05 -10.41
CA PHE A 44 8.05 7.80 -10.35
C PHE A 44 8.73 8.72 -9.33
N ILE A 45 8.55 8.41 -8.04
CA ILE A 45 9.07 9.16 -6.90
C ILE A 45 8.44 10.56 -6.82
N ASP A 46 7.33 10.65 -6.08
CA ASP A 46 6.53 11.85 -5.87
C ASP A 46 5.61 11.58 -4.67
N ILE A 47 4.67 10.65 -4.87
CA ILE A 47 3.68 10.22 -3.89
C ILE A 47 4.38 9.79 -2.60
N PHE A 48 5.31 8.84 -2.70
CA PHE A 48 6.09 8.43 -1.54
C PHE A 48 6.94 9.58 -0.98
N LYS A 49 7.31 10.57 -1.78
CA LYS A 49 8.15 11.63 -1.25
C LYS A 49 7.36 12.50 -0.27
N GLU A 50 6.16 12.92 -0.63
CA GLU A 50 5.37 13.81 0.21
C GLU A 50 4.52 12.99 1.16
N GLU A 51 3.62 12.16 0.62
CA GLU A 51 2.69 11.42 1.46
C GLU A 51 3.41 10.33 2.25
N GLY A 52 4.52 9.82 1.72
CA GLY A 52 5.41 8.91 2.43
C GLY A 52 6.23 9.56 3.54
N SER A 53 5.62 10.43 4.34
CA SER A 53 6.03 10.65 5.72
C SER A 53 4.81 11.09 6.53
N ASN A 54 3.62 10.58 6.20
CA ASN A 54 2.37 11.04 6.79
C ASN A 54 1.50 9.90 7.27
N LEU A 55 1.30 8.87 6.44
CA LEU A 55 0.34 7.82 6.76
C LEU A 55 0.70 7.12 8.07
N THR A 56 2.00 6.96 8.31
CA THR A 56 2.56 6.24 9.45
C THR A 56 4.08 6.35 9.33
N SER A 57 4.82 5.92 10.36
CA SER A 57 6.27 5.77 10.24
C SER A 57 6.62 4.72 9.19
N TYR A 58 5.82 3.66 9.02
CA TYR A 58 6.02 2.73 7.91
C TYR A 58 5.76 3.41 6.57
N GLY A 59 5.05 4.54 6.56
CA GLY A 59 4.86 5.33 5.37
C GLY A 59 6.17 5.98 4.94
N ARG A 60 7.21 5.95 5.76
CA ARG A 60 8.46 6.65 5.49
C ARG A 60 9.64 5.71 5.31
N THR A 61 9.48 4.42 5.64
CA THR A 61 10.54 3.43 5.54
C THR A 61 10.81 3.10 4.06
N ASN A 62 10.73 1.84 3.67
CA ASN A 62 10.91 1.53 2.25
C ASN A 62 9.64 1.93 1.53
N GLU A 63 9.74 2.35 0.26
CA GLU A 63 8.56 2.73 -0.52
C GLU A 63 7.56 1.56 -0.57
N ALA A 64 8.08 0.34 -0.58
CA ALA A 64 7.26 -0.86 -0.58
C ALA A 64 6.36 -0.96 0.66
N GLU A 65 6.84 -0.49 1.80
CA GLU A 65 6.06 -0.51 3.03
C GLU A 65 5.02 0.60 3.01
N PHE A 66 5.40 1.79 2.53
CA PHE A 66 4.47 2.89 2.28
C PHE A 66 3.27 2.42 1.46
N PHE A 67 3.51 1.79 0.32
CA PHE A 67 2.46 1.29 -0.56
C PHE A 67 1.62 0.23 0.17
N ALA A 68 2.26 -0.71 0.85
CA ALA A 68 1.58 -1.79 1.52
C ALA A 68 0.61 -1.29 2.61
N GLU A 69 1.07 -0.38 3.47
CA GLU A 69 0.24 0.32 4.44
C GLU A 69 -0.89 1.05 3.73
N ALA A 70 -0.61 1.70 2.60
CA ALA A 70 -1.65 2.42 1.88
C ALA A 70 -2.79 1.47 1.52
N PHE A 71 -2.49 0.26 1.01
CA PHE A 71 -3.51 -0.76 0.75
C PHE A 71 -4.32 -1.10 1.99
N ARG A 72 -3.66 -1.37 3.12
CA ARG A 72 -4.36 -1.61 4.39
C ARG A 72 -5.41 -0.51 4.59
N LEU A 73 -4.94 0.73 4.67
CA LEU A 73 -5.76 1.90 5.00
C LEU A 73 -6.80 2.17 3.93
N MET A 74 -6.56 1.72 2.71
CA MET A 74 -7.48 1.90 1.60
C MET A 74 -8.79 1.14 1.86
N HIS A 75 -8.70 -0.07 2.40
CA HIS A 75 -9.88 -0.89 2.66
C HIS A 75 -10.40 -0.76 4.09
N SER A 76 -9.59 -0.28 5.04
CA SER A 76 -9.86 -0.25 6.47
C SER A 76 -11.34 -0.24 6.81
N THR A 77 -11.73 -1.29 7.52
CA THR A 77 -13.07 -1.51 8.02
C THR A 77 -13.60 -0.25 8.68
N ASP A 78 -12.76 0.40 9.49
CA ASP A 78 -13.08 1.75 9.91
C ASP A 78 -12.95 2.71 8.72
N HIS A 79 -14.10 3.11 8.18
CA HIS A 79 -14.19 4.14 7.16
C HIS A 79 -13.34 5.37 7.49
N ALA A 80 -13.25 5.77 8.75
CA ALA A 80 -12.49 6.94 9.13
C ALA A 80 -11.01 6.72 8.85
N GLU A 81 -10.46 5.54 9.16
CA GLU A 81 -9.07 5.19 8.83
C GLU A 81 -8.79 5.52 7.37
N ARG A 82 -9.75 5.21 6.51
CA ARG A 82 -9.59 5.47 5.08
C ARG A 82 -9.49 6.97 4.86
N LEU A 83 -10.46 7.73 5.37
CA LEU A 83 -10.43 9.18 5.25
C LEU A 83 -9.22 9.80 5.94
N LYS A 84 -8.58 9.16 6.91
CA LYS A 84 -7.36 9.72 7.48
C LYS A 84 -6.27 9.68 6.42
N VAL A 85 -6.17 8.58 5.68
CA VAL A 85 -5.31 8.54 4.52
C VAL A 85 -5.74 9.58 3.51
N GLN A 86 -6.93 9.48 2.91
CA GLN A 86 -7.35 10.39 1.84
C GLN A 86 -7.13 11.86 2.22
N LYS A 87 -7.44 12.25 3.45
CA LYS A 87 -7.25 13.60 3.94
C LYS A 87 -5.78 14.01 3.94
N ASN A 88 -4.89 13.17 4.50
CA ASN A 88 -3.47 13.50 4.55
C ASN A 88 -2.74 13.10 3.26
N ALA A 89 -3.44 12.45 2.32
CA ALA A 89 -2.84 11.77 1.19
C ALA A 89 -3.89 11.53 0.11
N PRO A 90 -4.46 12.60 -0.45
CA PRO A 90 -5.56 12.51 -1.40
C PRO A 90 -5.12 11.70 -2.63
N LYS A 91 -3.85 11.86 -3.00
CA LYS A 91 -3.25 11.24 -4.17
C LYS A 91 -2.80 9.79 -3.89
N THR A 92 -2.24 9.46 -2.73
CA THR A 92 -1.84 8.09 -2.44
C THR A 92 -3.04 7.16 -2.49
N PHE A 93 -4.15 7.56 -1.86
CA PHE A 93 -5.37 6.77 -1.91
C PHE A 93 -5.82 6.57 -3.34
N GLN A 94 -5.85 7.67 -4.08
CA GLN A 94 -6.22 7.62 -5.48
C GLN A 94 -5.32 6.63 -6.24
N PHE A 95 -4.06 6.48 -5.83
CA PHE A 95 -3.09 5.65 -6.52
C PHE A 95 -3.56 4.20 -6.55
N ILE A 96 -3.78 3.60 -5.38
CA ILE A 96 -4.30 2.25 -5.30
C ILE A 96 -5.64 2.20 -6.04
N ASN A 97 -6.48 3.22 -5.87
CA ASN A 97 -7.79 3.24 -6.50
C ASN A 97 -7.71 3.15 -8.03
N ASP A 98 -6.69 3.77 -8.64
CA ASP A 98 -6.41 3.73 -10.07
C ASP A 98 -6.25 2.30 -10.53
N GLN A 99 -5.51 1.52 -9.74
CA GLN A 99 -5.18 0.17 -10.11
C GLN A 99 -6.27 -0.80 -9.64
N ILE A 100 -7.46 -0.66 -10.22
CA ILE A 100 -8.63 -1.44 -9.84
C ILE A 100 -8.45 -2.91 -10.26
N LYS A 101 -7.84 -3.72 -9.39
CA LYS A 101 -7.67 -5.15 -9.63
C LYS A 101 -7.60 -5.85 -8.27
N PHE A 102 -7.35 -7.15 -8.28
CA PHE A 102 -7.29 -8.01 -7.12
C PHE A 102 -6.26 -9.09 -7.42
N ILE A 103 -5.79 -9.81 -6.40
CA ILE A 103 -4.80 -10.87 -6.59
C ILE A 103 -5.43 -12.19 -6.17
N ILE A 104 -4.89 -13.29 -6.68
CA ILE A 104 -5.35 -14.64 -6.39
C ILE A 104 -4.11 -15.48 -6.14
N ASN A 105 -4.19 -16.41 -5.17
CA ASN A 105 -3.09 -17.23 -4.70
C ASN A 105 -1.99 -16.41 -4.03
N SER A 106 -1.88 -16.51 -2.70
CA SER A 106 -0.87 -15.81 -1.92
C SER A 106 0.48 -16.48 -2.13
N GLY A 1 -0.42 -23.72 9.98
CA GLY A 1 -0.70 -23.92 8.55
C GLY A 1 -1.25 -22.63 7.97
N SER A 2 -2.58 -22.49 7.89
CA SER A 2 -3.19 -21.27 7.37
C SER A 2 -4.51 -21.03 8.08
N LYS A 3 -4.44 -20.79 9.39
CA LYS A 3 -5.63 -20.55 10.18
C LYS A 3 -5.23 -19.80 11.45
N GLY A 4 -6.15 -19.05 12.02
CA GLY A 4 -5.97 -18.31 13.26
C GLY A 4 -7.20 -17.45 13.49
N VAL A 5 -7.39 -16.96 14.70
CA VAL A 5 -8.22 -15.79 14.92
C VAL A 5 -7.33 -14.56 14.79
N GLU A 6 -7.92 -13.36 14.87
CA GLU A 6 -7.18 -12.12 14.72
C GLU A 6 -6.50 -11.70 16.01
N LEU A 7 -5.17 -11.56 15.97
CA LEU A 7 -4.32 -11.21 17.10
C LEU A 7 -3.73 -9.82 16.93
N ARG A 8 -4.41 -8.94 16.19
CA ARG A 8 -3.94 -7.60 15.83
C ARG A 8 -2.73 -7.68 14.89
N ASN A 9 -1.57 -8.12 15.36
CA ASN A 9 -0.39 -8.28 14.52
C ASN A 9 -0.70 -9.03 13.23
N ASP A 10 -1.36 -10.18 13.30
CA ASP A 10 -1.66 -10.92 12.07
C ASP A 10 -2.78 -10.26 11.28
N SER A 11 -3.70 -9.54 11.92
CA SER A 11 -4.79 -8.87 11.25
C SER A 11 -4.22 -7.75 10.35
N GLU A 12 -3.64 -6.74 10.99
CA GLU A 12 -3.17 -5.55 10.31
C GLU A 12 -1.88 -5.88 9.56
N GLY A 13 -1.09 -6.82 10.08
CA GLY A 13 0.07 -7.35 9.38
C GLY A 13 -0.35 -8.03 8.07
N PHE A 14 -1.29 -8.98 8.11
CA PHE A 14 -1.67 -9.75 6.94
C PHE A 14 -2.13 -8.83 5.82
N ILE A 15 -3.08 -7.93 6.10
CA ILE A 15 -3.55 -7.02 5.06
C ILE A 15 -2.45 -6.09 4.56
N HIS A 16 -1.50 -5.67 5.43
CA HIS A 16 -0.37 -4.86 4.99
C HIS A 16 0.38 -5.64 3.93
N GLU A 17 0.83 -6.84 4.29
CA GLU A 17 1.57 -7.74 3.42
C GLU A 17 0.80 -8.01 2.15
N PHE A 18 -0.53 -8.10 2.22
CA PHE A 18 -1.40 -8.31 1.07
C PHE A 18 -1.19 -7.19 0.06
N GLY A 19 -1.24 -5.94 0.51
CA GLY A 19 -0.87 -4.81 -0.34
C GLY A 19 0.47 -5.06 -1.02
N HIS A 20 1.47 -5.52 -0.27
CA HIS A 20 2.78 -5.78 -0.83
C HIS A 20 2.74 -6.87 -1.90
N ALA A 21 2.03 -7.98 -1.66
CA ALA A 21 1.93 -9.08 -2.61
C ALA A 21 1.24 -8.59 -3.88
N VAL A 22 0.36 -7.59 -3.78
CA VAL A 22 -0.24 -7.04 -4.98
C VAL A 22 0.81 -6.32 -5.82
N ASP A 23 1.73 -5.60 -5.19
CA ASP A 23 2.85 -4.99 -5.88
C ASP A 23 3.71 -6.04 -6.58
N ASP A 24 3.74 -7.24 -6.00
CA ASP A 24 4.56 -8.32 -6.50
C ASP A 24 3.99 -8.78 -7.83
N TYR A 25 2.70 -9.08 -7.84
CA TYR A 25 1.98 -9.51 -9.03
C TYR A 25 2.08 -8.46 -10.13
N ALA A 26 1.77 -7.21 -9.79
CA ALA A 26 1.82 -6.12 -10.75
C ALA A 26 3.20 -6.07 -11.41
N GLY A 27 4.27 -6.24 -10.64
CA GLY A 27 5.62 -6.19 -11.17
C GLY A 27 5.91 -7.37 -12.08
N TYR A 28 5.58 -8.58 -11.63
CA TYR A 28 5.85 -9.81 -12.35
C TYR A 28 5.27 -9.71 -13.76
N LEU A 29 4.02 -9.26 -13.85
CA LEU A 29 3.31 -9.15 -15.11
C LEU A 29 3.78 -7.97 -15.95
N LEU A 30 4.20 -6.87 -15.33
CA LEU A 30 4.40 -5.62 -16.05
C LEU A 30 5.87 -5.19 -15.95
N ASP A 31 6.80 -6.15 -15.99
CA ASP A 31 8.23 -5.89 -15.96
C ASP A 31 8.68 -5.12 -17.21
N LYS A 32 9.67 -4.24 -17.04
CA LYS A 32 10.50 -3.67 -18.10
C LYS A 32 11.51 -2.70 -17.49
N ASN A 33 11.05 -1.88 -16.54
CA ASN A 33 11.82 -0.80 -15.95
C ASN A 33 12.78 -1.36 -14.89
N GLN A 34 13.75 -0.57 -14.41
CA GLN A 34 14.70 -0.96 -13.37
C GLN A 34 14.06 -1.18 -11.98
N SER A 35 12.74 -1.18 -11.87
CA SER A 35 12.05 -1.61 -10.68
C SER A 35 10.80 -2.35 -11.12
N ASP A 36 10.76 -3.66 -10.89
CA ASP A 36 9.67 -4.54 -11.27
C ASP A 36 8.38 -4.05 -10.62
N LEU A 37 8.42 -3.90 -9.28
CA LEU A 37 7.28 -3.51 -8.47
C LEU A 37 6.62 -2.25 -9.04
N VAL A 38 5.36 -2.36 -9.43
CA VAL A 38 4.65 -1.25 -10.07
C VAL A 38 4.08 -0.34 -8.97
N THR A 39 4.97 0.45 -8.38
CA THR A 39 4.61 1.49 -7.43
C THR A 39 5.44 2.74 -7.70
N ASN A 40 6.77 2.65 -7.72
CA ASN A 40 7.64 3.81 -7.81
C ASN A 40 7.81 4.27 -9.28
N SER A 41 6.72 4.68 -9.93
CA SER A 41 6.70 4.90 -11.37
C SER A 41 5.94 6.19 -11.74
N LYS A 42 4.67 6.32 -11.35
CA LYS A 42 3.89 7.53 -11.61
C LYS A 42 4.55 8.72 -10.89
N LYS A 43 5.41 9.45 -11.59
CA LYS A 43 6.31 10.49 -11.08
C LYS A 43 7.45 9.81 -10.32
N PHE A 44 8.70 10.23 -10.58
CA PHE A 44 9.85 9.72 -9.86
C PHE A 44 9.67 10.00 -8.37
N ILE A 45 9.35 8.97 -7.59
CA ILE A 45 9.23 8.98 -6.13
C ILE A 45 8.65 10.32 -5.62
N ASP A 46 7.40 10.61 -5.98
CA ASP A 46 6.70 11.85 -5.58
C ASP A 46 5.73 11.56 -4.45
N ILE A 47 4.83 10.61 -4.71
CA ILE A 47 3.75 10.23 -3.81
C ILE A 47 4.36 9.86 -2.45
N PHE A 48 5.37 9.01 -2.45
CA PHE A 48 6.08 8.62 -1.25
C PHE A 48 6.87 9.77 -0.62
N LYS A 49 7.29 10.77 -1.40
CA LYS A 49 8.10 11.83 -0.83
C LYS A 49 7.29 12.68 0.14
N GLU A 50 6.12 13.12 -0.28
CA GLU A 50 5.27 13.93 0.59
C GLU A 50 4.40 13.01 1.44
N GLU A 51 3.55 12.21 0.80
CA GLU A 51 2.51 11.49 1.52
C GLU A 51 3.15 10.39 2.39
N GLY A 52 4.24 9.80 1.89
CA GLY A 52 5.13 8.91 2.62
C GLY A 52 5.95 9.59 3.72
N SER A 53 5.37 10.58 4.39
CA SER A 53 5.81 10.98 5.71
C SER A 53 4.61 11.47 6.50
N ASN A 54 3.44 10.83 6.30
CA ASN A 54 2.19 11.31 6.91
C ASN A 54 1.31 10.16 7.38
N LEU A 55 1.16 9.12 6.56
CA LEU A 55 0.22 8.05 6.89
C LEU A 55 0.60 7.37 8.20
N THR A 56 1.90 7.23 8.44
CA THR A 56 2.47 6.58 9.61
C THR A 56 4.00 6.63 9.46
N SER A 57 4.76 6.31 10.51
CA SER A 57 6.19 6.08 10.41
C SER A 57 6.50 4.94 9.45
N TYR A 58 5.66 3.89 9.43
CA TYR A 58 5.77 2.79 8.46
C TYR A 58 5.47 3.25 7.03
N GLY A 59 4.98 4.48 6.87
CA GLY A 59 4.74 5.09 5.58
C GLY A 59 5.94 5.88 5.12
N ARG A 60 7.03 5.95 5.92
CA ARG A 60 8.23 6.70 5.59
C ARG A 60 9.47 5.83 5.57
N THR A 61 9.32 4.55 5.91
CA THR A 61 10.37 3.54 5.88
C THR A 61 10.76 3.26 4.43
N ASN A 62 10.36 2.10 3.90
CA ASN A 62 10.64 1.79 2.51
C ASN A 62 9.45 2.23 1.67
N GLU A 63 9.65 2.58 0.41
CA GLU A 63 8.53 2.94 -0.47
C GLU A 63 7.57 1.74 -0.61
N ALA A 64 8.12 0.53 -0.53
CA ALA A 64 7.34 -0.69 -0.54
C ALA A 64 6.42 -0.82 0.67
N GLU A 65 6.86 -0.37 1.84
CA GLU A 65 6.03 -0.43 3.03
C GLU A 65 4.96 0.65 2.97
N PHE A 66 5.32 1.82 2.46
CA PHE A 66 4.40 2.90 2.22
C PHE A 66 3.21 2.42 1.37
N PHE A 67 3.49 1.78 0.24
CA PHE A 67 2.45 1.22 -0.61
C PHE A 67 1.62 0.18 0.13
N ALA A 68 2.27 -0.74 0.84
CA ALA A 68 1.62 -1.84 1.52
C ALA A 68 0.63 -1.33 2.60
N GLU A 69 1.08 -0.44 3.49
CA GLU A 69 0.24 0.29 4.43
C GLU A 69 -0.88 1.01 3.68
N ALA A 70 -0.58 1.65 2.56
CA ALA A 70 -1.61 2.38 1.83
C ALA A 70 -2.76 1.45 1.48
N PHE A 71 -2.49 0.20 1.05
CA PHE A 71 -3.52 -0.82 0.83
C PHE A 71 -4.31 -1.10 2.11
N ARG A 72 -3.61 -1.39 3.22
CA ARG A 72 -4.27 -1.62 4.51
C ARG A 72 -5.32 -0.53 4.78
N LEU A 73 -4.92 0.73 4.65
CA LEU A 73 -5.74 1.89 4.95
C LEU A 73 -6.81 2.08 3.88
N MET A 74 -6.55 1.68 2.64
CA MET A 74 -7.48 1.82 1.53
C MET A 74 -8.74 1.01 1.77
N HIS A 75 -8.60 -0.18 2.36
CA HIS A 75 -9.78 -1.00 2.64
C HIS A 75 -10.36 -0.61 3.98
N SER A 76 -9.52 -0.51 5.03
CA SER A 76 -9.83 -0.29 6.45
C SER A 76 -11.33 -0.18 6.72
N THR A 77 -11.89 -1.25 7.28
CA THR A 77 -13.30 -1.41 7.59
C THR A 77 -13.88 -0.16 8.26
N ASP A 78 -13.12 0.43 9.18
CA ASP A 78 -13.50 1.76 9.64
C ASP A 78 -13.26 2.76 8.51
N HIS A 79 -14.36 3.17 7.86
CA HIS A 79 -14.39 4.22 6.87
C HIS A 79 -13.53 5.43 7.27
N ALA A 80 -13.49 5.77 8.55
CA ALA A 80 -12.70 6.88 9.04
C ALA A 80 -11.22 6.69 8.70
N GLU A 81 -10.66 5.51 8.99
CA GLU A 81 -9.27 5.19 8.69
C GLU A 81 -8.95 5.45 7.23
N ARG A 82 -9.90 5.14 6.36
CA ARG A 82 -9.69 5.39 4.94
C ARG A 82 -9.59 6.88 4.69
N LEU A 83 -10.58 7.65 5.18
CA LEU A 83 -10.56 9.09 5.04
C LEU A 83 -9.34 9.73 5.70
N LYS A 84 -8.75 9.12 6.72
CA LYS A 84 -7.54 9.67 7.30
C LYS A 84 -6.44 9.61 6.26
N VAL A 85 -6.32 8.50 5.52
CA VAL A 85 -5.41 8.47 4.39
C VAL A 85 -5.81 9.47 3.31
N GLN A 86 -7.01 9.40 2.72
CA GLN A 86 -7.34 10.33 1.61
C GLN A 86 -7.04 11.78 1.99
N LYS A 87 -7.45 12.18 3.19
CA LYS A 87 -7.23 13.51 3.71
C LYS A 87 -5.73 13.81 3.81
N ASN A 88 -4.97 12.92 4.45
CA ASN A 88 -3.55 13.13 4.72
C ASN A 88 -2.70 12.71 3.51
N ALA A 89 -3.31 12.33 2.39
CA ALA A 89 -2.66 11.86 1.19
C ALA A 89 -3.65 11.91 0.03
N PRO A 90 -3.90 13.10 -0.53
CA PRO A 90 -4.91 13.32 -1.57
C PRO A 90 -4.38 12.92 -2.96
N LYS A 91 -3.77 11.72 -3.06
CA LYS A 91 -3.14 11.18 -4.25
C LYS A 91 -2.81 9.70 -4.01
N THR A 92 -2.13 9.36 -2.92
CA THR A 92 -1.77 7.97 -2.61
C THR A 92 -2.97 7.05 -2.64
N PHE A 93 -4.07 7.47 -2.02
CA PHE A 93 -5.28 6.65 -2.04
C PHE A 93 -5.75 6.43 -3.45
N GLN A 94 -5.79 7.52 -4.21
CA GLN A 94 -6.18 7.49 -5.60
C GLN A 94 -5.29 6.54 -6.39
N PHE A 95 -4.03 6.38 -5.98
CA PHE A 95 -3.02 5.59 -6.68
C PHE A 95 -3.44 4.11 -6.68
N ILE A 96 -3.64 3.55 -5.48
CA ILE A 96 -4.12 2.17 -5.35
C ILE A 96 -5.47 2.06 -6.06
N ASN A 97 -6.33 3.06 -5.90
CA ASN A 97 -7.64 3.05 -6.52
C ASN A 97 -7.54 2.96 -8.06
N ASP A 98 -6.47 3.54 -8.62
CA ASP A 98 -6.13 3.51 -10.04
C ASP A 98 -5.79 2.08 -10.43
N GLN A 99 -4.86 1.47 -9.69
CA GLN A 99 -4.38 0.13 -9.97
C GLN A 99 -5.28 -0.90 -9.31
N ILE A 100 -6.49 -1.03 -9.84
CA ILE A 100 -7.44 -2.02 -9.36
C ILE A 100 -6.95 -3.42 -9.74
N LYS A 101 -6.52 -4.22 -8.77
CA LYS A 101 -6.21 -5.63 -9.02
C LYS A 101 -6.50 -6.46 -7.78
N PHE A 102 -7.68 -7.09 -7.72
CA PHE A 102 -7.99 -8.02 -6.65
C PHE A 102 -7.30 -9.36 -6.95
N ILE A 103 -6.00 -9.45 -6.65
CA ILE A 103 -5.33 -10.74 -6.67
C ILE A 103 -5.64 -11.42 -5.35
N ILE A 104 -5.92 -12.73 -5.35
CA ILE A 104 -6.12 -13.48 -4.13
C ILE A 104 -5.81 -14.95 -4.40
N ASN A 105 -4.83 -15.50 -3.68
CA ASN A 105 -4.46 -16.90 -3.74
C ASN A 105 -3.59 -17.19 -2.52
N SER A 106 -3.35 -18.47 -2.24
CA SER A 106 -2.25 -18.92 -1.41
C SER A 106 -1.16 -19.45 -2.33
N GLY A 1 1.93 -13.21 7.04
CA GLY A 1 1.52 -14.62 6.94
C GLY A 1 0.22 -14.81 7.69
N SER A 2 0.08 -15.94 8.41
CA SER A 2 -1.05 -16.18 9.28
C SER A 2 -0.56 -16.93 10.51
N LYS A 3 -1.16 -16.69 11.69
CA LYS A 3 -0.87 -17.46 12.89
C LYS A 3 -1.87 -17.12 14.00
N GLY A 4 -2.72 -18.09 14.36
CA GLY A 4 -3.66 -17.93 15.46
C GLY A 4 -4.99 -17.41 14.94
N VAL A 5 -5.75 -16.77 15.84
CA VAL A 5 -6.83 -15.91 15.44
C VAL A 5 -6.22 -14.56 15.05
N GLU A 6 -7.02 -13.50 15.03
CA GLU A 6 -6.50 -12.16 14.81
C GLU A 6 -6.45 -11.44 16.15
N LEU A 7 -5.25 -10.97 16.49
CA LEU A 7 -4.94 -10.28 17.74
C LEU A 7 -4.62 -8.83 17.42
N ARG A 8 -5.30 -8.26 16.43
CA ARG A 8 -4.93 -7.04 15.74
C ARG A 8 -3.72 -7.30 14.84
N ASN A 9 -2.58 -7.70 15.39
CA ASN A 9 -1.33 -7.87 14.64
C ASN A 9 -1.50 -8.78 13.44
N ASP A 10 -2.17 -9.94 13.59
CA ASP A 10 -2.30 -10.83 12.44
C ASP A 10 -3.33 -10.29 11.43
N SER A 11 -4.30 -9.48 11.88
CA SER A 11 -5.27 -8.84 10.99
C SER A 11 -4.56 -7.79 10.14
N GLU A 12 -4.07 -6.75 10.80
CA GLU A 12 -3.42 -5.58 10.22
C GLU A 12 -2.17 -6.03 9.45
N GLY A 13 -1.46 -7.00 10.02
CA GLY A 13 -0.29 -7.62 9.41
C GLY A 13 -0.66 -8.30 8.11
N PHE A 14 -1.62 -9.23 8.14
CA PHE A 14 -2.04 -9.99 6.96
C PHE A 14 -2.37 -9.04 5.82
N ILE A 15 -3.29 -8.11 6.04
CA ILE A 15 -3.70 -7.20 4.98
C ILE A 15 -2.56 -6.27 4.55
N HIS A 16 -1.66 -5.88 5.46
CA HIS A 16 -0.53 -5.03 5.08
C HIS A 16 0.28 -5.80 4.04
N GLU A 17 0.70 -7.03 4.38
CA GLU A 17 1.39 -7.94 3.48
C GLU A 17 0.60 -8.11 2.19
N PHE A 18 -0.73 -8.21 2.25
CA PHE A 18 -1.58 -8.41 1.10
C PHE A 18 -1.36 -7.30 0.08
N GLY A 19 -1.38 -6.05 0.53
CA GLY A 19 -0.99 -4.93 -0.32
C GLY A 19 0.33 -5.21 -1.02
N HIS A 20 1.33 -5.66 -0.26
CA HIS A 20 2.65 -5.94 -0.78
C HIS A 20 2.62 -7.04 -1.86
N ALA A 21 1.90 -8.13 -1.62
CA ALA A 21 1.81 -9.23 -2.57
C ALA A 21 1.09 -8.78 -3.82
N VAL A 22 0.20 -7.78 -3.72
CA VAL A 22 -0.42 -7.25 -4.92
C VAL A 22 0.58 -6.40 -5.70
N ASP A 23 1.42 -5.66 -4.99
CA ASP A 23 2.50 -4.90 -5.59
C ASP A 23 3.44 -5.81 -6.38
N ASP A 24 3.56 -7.06 -5.92
CA ASP A 24 4.48 -8.04 -6.49
C ASP A 24 4.03 -8.31 -7.93
N TYR A 25 2.76 -8.70 -8.07
CA TYR A 25 2.13 -8.94 -9.35
C TYR A 25 2.30 -7.72 -10.24
N ALA A 26 1.94 -6.55 -9.73
CA ALA A 26 1.99 -5.33 -10.50
C ALA A 26 3.40 -5.08 -11.04
N GLY A 27 4.43 -5.35 -10.25
CA GLY A 27 5.81 -5.07 -10.59
C GLY A 27 6.43 -6.19 -11.43
N TYR A 28 5.81 -7.36 -11.48
CA TYR A 28 6.25 -8.45 -12.34
C TYR A 28 5.88 -8.13 -13.78
N LEU A 29 4.63 -7.67 -13.96
CA LEU A 29 4.04 -7.35 -15.24
C LEU A 29 4.42 -5.97 -15.75
N LEU A 30 4.54 -4.99 -14.86
CA LEU A 30 4.66 -3.59 -15.22
C LEU A 30 5.94 -3.06 -14.57
N ASP A 31 6.86 -2.50 -15.36
CA ASP A 31 8.23 -2.23 -14.94
C ASP A 31 8.98 -3.57 -14.78
N LYS A 32 10.30 -3.57 -14.61
CA LYS A 32 11.09 -4.76 -14.28
C LYS A 32 12.35 -4.28 -13.60
N ASN A 33 12.58 -4.70 -12.35
CA ASN A 33 13.77 -4.33 -11.59
C ASN A 33 14.04 -5.46 -10.59
N GLN A 34 15.15 -5.42 -9.84
CA GLN A 34 15.39 -6.39 -8.76
C GLN A 34 14.35 -6.25 -7.64
N SER A 35 13.55 -5.18 -7.64
CA SER A 35 12.43 -5.00 -6.75
C SER A 35 11.21 -4.82 -7.65
N ASP A 36 10.47 -5.91 -7.84
CA ASP A 36 9.25 -5.97 -8.64
C ASP A 36 8.09 -5.39 -7.85
N LEU A 37 8.00 -4.05 -7.86
CA LEU A 37 6.91 -3.29 -7.28
C LEU A 37 6.63 -2.11 -8.21
N VAL A 38 5.37 -1.74 -8.43
CA VAL A 38 4.95 -0.67 -9.33
C VAL A 38 5.06 0.70 -8.65
N THR A 39 6.04 0.89 -7.77
CA THR A 39 6.13 2.06 -6.92
C THR A 39 7.39 2.83 -7.30
N ASN A 40 7.28 3.59 -8.39
CA ASN A 40 8.38 4.40 -8.92
C ASN A 40 7.87 5.28 -10.06
N SER A 41 7.03 4.68 -10.91
CA SER A 41 6.52 5.25 -12.14
C SER A 41 5.62 6.48 -11.90
N LYS A 42 5.34 7.23 -12.98
CA LYS A 42 4.72 8.57 -12.95
C LYS A 42 5.42 9.51 -11.97
N LYS A 43 6.53 10.12 -12.42
CA LYS A 43 7.50 10.88 -11.63
C LYS A 43 8.22 9.90 -10.70
N PHE A 44 9.54 9.76 -10.89
CA PHE A 44 10.39 8.91 -10.06
C PHE A 44 10.09 9.15 -8.59
N ILE A 45 9.45 8.18 -7.93
CA ILE A 45 9.13 8.18 -6.51
C ILE A 45 8.59 9.54 -6.06
N ASP A 46 7.36 9.89 -6.44
CA ASP A 46 6.81 11.23 -6.18
C ASP A 46 5.86 11.19 -4.99
N ILE A 47 4.81 10.39 -5.15
CA ILE A 47 3.78 10.10 -4.16
C ILE A 47 4.43 9.69 -2.83
N PHE A 48 5.38 8.77 -2.90
CA PHE A 48 6.10 8.32 -1.72
C PHE A 48 6.91 9.45 -1.08
N LYS A 49 7.43 10.41 -1.84
CA LYS A 49 8.23 11.43 -1.15
C LYS A 49 7.35 12.31 -0.29
N GLU A 50 6.22 12.75 -0.84
CA GLU A 50 5.34 13.65 -0.12
C GLU A 50 4.49 12.86 0.87
N GLU A 51 3.62 12.01 0.35
CA GLU A 51 2.64 11.32 1.18
C GLU A 51 3.32 10.22 2.01
N GLY A 52 4.42 9.64 1.52
CA GLY A 52 5.31 8.78 2.26
C GLY A 52 6.11 9.47 3.37
N SER A 53 5.53 10.49 4.00
CA SER A 53 5.94 10.94 5.32
C SER A 53 4.72 11.51 6.01
N ASN A 54 3.58 10.80 5.93
CA ASN A 54 2.33 11.30 6.50
C ASN A 54 1.40 10.22 7.00
N LEU A 55 1.25 9.13 6.25
CA LEU A 55 0.32 8.08 6.64
C LEU A 55 0.72 7.46 7.99
N THR A 56 2.02 7.30 8.18
CA THR A 56 2.63 6.67 9.36
C THR A 56 4.14 6.67 9.16
N SER A 57 4.92 6.28 10.17
CA SER A 57 6.33 6.00 10.03
C SER A 57 6.56 4.86 9.03
N TYR A 58 5.66 3.88 8.98
CA TYR A 58 5.71 2.83 7.97
C TYR A 58 5.44 3.35 6.56
N GLY A 59 4.97 4.59 6.44
CA GLY A 59 4.79 5.26 5.18
C GLY A 59 6.10 5.87 4.69
N ARG A 60 7.14 5.89 5.53
CA ARG A 60 8.40 6.57 5.21
C ARG A 60 9.60 5.62 5.22
N THR A 61 9.38 4.37 5.64
CA THR A 61 10.35 3.28 5.51
C THR A 61 10.52 2.94 4.01
N ASN A 62 10.73 1.68 3.62
CA ASN A 62 10.85 1.39 2.20
C ASN A 62 9.54 1.74 1.50
N GLU A 63 9.63 2.15 0.23
CA GLU A 63 8.46 2.53 -0.56
C GLU A 63 7.47 1.36 -0.69
N ALA A 64 8.01 0.14 -0.64
CA ALA A 64 7.23 -1.09 -0.57
C ALA A 64 6.32 -1.13 0.65
N GLU A 65 6.81 -0.69 1.79
CA GLU A 65 5.99 -0.63 2.99
C GLU A 65 4.95 0.46 2.85
N PHE A 66 5.34 1.65 2.40
CA PHE A 66 4.43 2.75 2.12
C PHE A 66 3.22 2.28 1.32
N PHE A 67 3.43 1.59 0.21
CA PHE A 67 2.35 1.07 -0.59
C PHE A 67 1.55 0.01 0.17
N ALA A 68 2.22 -0.91 0.86
CA ALA A 68 1.58 -2.02 1.57
C ALA A 68 0.65 -1.55 2.70
N GLU A 69 1.12 -0.73 3.63
CA GLU A 69 0.28 -0.08 4.63
C GLU A 69 -0.81 0.75 3.97
N ALA A 70 -0.49 1.46 2.88
CA ALA A 70 -1.51 2.22 2.18
C ALA A 70 -2.66 1.31 1.74
N PHE A 71 -2.41 0.08 1.27
CA PHE A 71 -3.47 -0.88 0.99
C PHE A 71 -4.31 -1.15 2.23
N ARG A 72 -3.68 -1.44 3.38
CA ARG A 72 -4.45 -1.67 4.61
C ARG A 72 -5.44 -0.52 4.81
N LEU A 73 -4.91 0.69 4.86
CA LEU A 73 -5.68 1.89 5.15
C LEU A 73 -6.71 2.16 4.06
N MET A 74 -6.44 1.75 2.83
CA MET A 74 -7.34 1.95 1.71
C MET A 74 -8.67 1.26 1.97
N HIS A 75 -8.61 0.05 2.53
CA HIS A 75 -9.79 -0.77 2.80
C HIS A 75 -10.29 -0.67 4.23
N SER A 76 -9.55 -0.05 5.18
CA SER A 76 -9.82 -0.11 6.60
C SER A 76 -11.31 -0.10 6.89
N THR A 77 -11.71 -1.15 7.61
CA THR A 77 -13.07 -1.40 8.02
C THR A 77 -13.65 -0.13 8.64
N ASP A 78 -12.85 0.55 9.45
CA ASP A 78 -13.21 1.90 9.82
C ASP A 78 -13.03 2.82 8.62
N HIS A 79 -14.16 3.19 8.03
CA HIS A 79 -14.24 4.21 6.98
C HIS A 79 -13.44 5.46 7.34
N ALA A 80 -13.43 5.89 8.60
CA ALA A 80 -12.72 7.11 8.96
C ALA A 80 -11.23 6.93 8.71
N GLU A 81 -10.65 5.79 9.11
CA GLU A 81 -9.26 5.45 8.87
C GLU A 81 -8.91 5.70 7.39
N ARG A 82 -9.82 5.30 6.51
CA ARG A 82 -9.59 5.47 5.09
C ARG A 82 -9.49 6.96 4.79
N LEU A 83 -10.46 7.75 5.24
CA LEU A 83 -10.43 9.19 5.08
C LEU A 83 -9.27 9.87 5.81
N LYS A 84 -8.62 9.23 6.79
CA LYS A 84 -7.37 9.79 7.30
C LYS A 84 -6.34 9.73 6.19
N VAL A 85 -6.21 8.58 5.52
CA VAL A 85 -5.32 8.49 4.39
C VAL A 85 -5.74 9.46 3.29
N GLN A 86 -6.96 9.37 2.77
CA GLN A 86 -7.40 10.22 1.67
C GLN A 86 -7.18 11.70 1.96
N LYS A 87 -7.60 12.21 3.12
CA LYS A 87 -7.44 13.63 3.40
C LYS A 87 -5.95 13.99 3.47
N ASN A 88 -5.13 13.15 4.11
CA ASN A 88 -3.70 13.41 4.26
C ASN A 88 -2.96 13.17 2.94
N ALA A 89 -3.55 12.39 2.03
CA ALA A 89 -2.91 11.78 0.89
C ALA A 89 -3.97 11.48 -0.17
N PRO A 90 -4.55 12.52 -0.78
CA PRO A 90 -5.66 12.36 -1.70
C PRO A 90 -5.26 11.50 -2.90
N LYS A 91 -3.97 11.55 -3.24
CA LYS A 91 -3.37 10.93 -4.40
C LYS A 91 -2.90 9.50 -4.10
N THR A 92 -2.25 9.24 -2.97
CA THR A 92 -1.80 7.88 -2.63
C THR A 92 -2.97 6.91 -2.62
N PHE A 93 -4.09 7.31 -2.02
CA PHE A 93 -5.27 6.48 -2.04
C PHE A 93 -5.66 6.14 -3.47
N GLN A 94 -5.71 7.17 -4.31
CA GLN A 94 -6.08 6.97 -5.69
C GLN A 94 -5.11 6.01 -6.38
N PHE A 95 -3.85 5.98 -5.96
CA PHE A 95 -2.80 5.16 -6.58
C PHE A 95 -3.19 3.70 -6.47
N ILE A 96 -3.40 3.22 -5.24
CA ILE A 96 -3.86 1.86 -5.01
C ILE A 96 -5.19 1.67 -5.73
N ASN A 97 -6.10 2.64 -5.66
CA ASN A 97 -7.41 2.53 -6.28
C ASN A 97 -7.31 2.26 -7.78
N ASP A 98 -6.32 2.84 -8.45
CA ASP A 98 -6.10 2.65 -9.88
C ASP A 98 -5.61 1.22 -10.14
N GLN A 99 -4.73 0.72 -9.25
CA GLN A 99 -4.17 -0.63 -9.33
C GLN A 99 -5.22 -1.72 -9.15
N ILE A 100 -5.91 -1.75 -8.00
CA ILE A 100 -6.81 -2.82 -7.63
C ILE A 100 -8.07 -2.81 -8.48
N LYS A 101 -8.02 -3.45 -9.64
CA LYS A 101 -9.09 -3.36 -10.63
C LYS A 101 -9.39 -4.77 -11.11
N PHE A 102 -10.55 -5.31 -10.72
CA PHE A 102 -11.03 -6.66 -11.03
C PHE A 102 -9.94 -7.74 -10.90
N ILE A 103 -8.97 -7.54 -10.02
CA ILE A 103 -7.79 -8.39 -9.94
C ILE A 103 -7.99 -9.42 -8.83
N ILE A 104 -8.97 -10.30 -9.03
CA ILE A 104 -9.33 -11.32 -8.06
C ILE A 104 -9.43 -12.68 -8.77
N ASN A 105 -9.24 -13.76 -8.02
CA ASN A 105 -9.40 -15.11 -8.52
C ASN A 105 -9.75 -15.99 -7.32
N SER A 106 -10.93 -16.60 -7.33
CA SER A 106 -11.40 -17.45 -6.24
C SER A 106 -12.30 -18.49 -6.86
N GLY A 1 12.63 -5.56 7.30
CA GLY A 1 11.20 -5.61 6.97
C GLY A 1 10.39 -5.39 8.23
N SER A 2 9.48 -6.32 8.51
CA SER A 2 8.51 -6.23 9.58
C SER A 2 9.18 -6.26 10.96
N LYS A 3 8.58 -5.57 11.94
CA LYS A 3 8.88 -5.69 13.37
C LYS A 3 7.82 -4.89 14.14
N GLY A 4 7.77 -5.01 15.47
CA GLY A 4 6.91 -4.19 16.29
C GLY A 4 6.47 -4.95 17.53
N VAL A 5 5.72 -4.30 18.41
CA VAL A 5 5.09 -4.97 19.52
C VAL A 5 3.77 -5.57 19.05
N GLU A 6 2.85 -5.86 19.98
CA GLU A 6 1.52 -6.30 19.59
C GLU A 6 0.61 -5.09 19.33
N LEU A 7 0.19 -4.98 18.06
CA LEU A 7 -0.77 -4.03 17.57
C LEU A 7 -1.53 -4.70 16.44
N ARG A 8 -2.04 -5.91 16.72
CA ARG A 8 -2.71 -6.77 15.75
C ARG A 8 -1.86 -7.01 14.51
N ASN A 9 -0.55 -7.20 14.67
CA ASN A 9 0.38 -7.41 13.55
C ASN A 9 -0.08 -8.54 12.64
N ASP A 10 -0.75 -9.54 13.19
CA ASP A 10 -1.34 -10.63 12.43
C ASP A 10 -2.40 -10.11 11.47
N SER A 11 -3.41 -9.41 11.99
CA SER A 11 -4.57 -9.03 11.20
C SER A 11 -4.16 -7.96 10.19
N GLU A 12 -3.48 -6.92 10.69
CA GLU A 12 -2.99 -5.81 9.88
C GLU A 12 -1.92 -6.34 8.93
N GLY A 13 -1.14 -7.32 9.37
CA GLY A 13 -0.10 -7.93 8.57
C GLY A 13 -0.71 -8.56 7.34
N PHE A 14 -1.80 -9.31 7.49
CA PHE A 14 -2.41 -10.00 6.36
C PHE A 14 -2.78 -9.00 5.27
N ILE A 15 -3.61 -8.00 5.59
CA ILE A 15 -4.06 -7.04 4.59
C ILE A 15 -2.91 -6.17 4.06
N HIS A 16 -1.92 -5.88 4.91
CA HIS A 16 -0.78 -5.07 4.57
C HIS A 16 -0.01 -5.80 3.46
N GLU A 17 0.39 -7.03 3.76
CA GLU A 17 1.07 -7.91 2.84
C GLU A 17 0.24 -8.14 1.60
N PHE A 18 -1.10 -8.15 1.68
CA PHE A 18 -1.95 -8.25 0.50
C PHE A 18 -1.61 -7.13 -0.48
N GLY A 19 -1.56 -5.89 0.01
CA GLY A 19 -1.11 -4.77 -0.81
C GLY A 19 0.23 -5.06 -1.47
N HIS A 20 1.19 -5.56 -0.68
CA HIS A 20 2.54 -5.76 -1.16
C HIS A 20 2.61 -6.82 -2.25
N ALA A 21 2.02 -8.00 -2.01
CA ALA A 21 2.01 -9.11 -2.93
C ALA A 21 1.37 -8.68 -4.25
N VAL A 22 0.42 -7.74 -4.21
CA VAL A 22 -0.10 -7.21 -5.46
C VAL A 22 0.97 -6.41 -6.19
N ASP A 23 1.67 -5.53 -5.48
CA ASP A 23 2.78 -4.79 -6.07
C ASP A 23 3.87 -5.73 -6.60
N ASP A 24 3.98 -6.91 -5.98
CA ASP A 24 5.04 -7.86 -6.23
C ASP A 24 4.76 -8.53 -7.57
N TYR A 25 3.53 -9.01 -7.72
CA TYR A 25 3.08 -9.63 -8.95
C TYR A 25 3.21 -8.64 -10.08
N ALA A 26 2.69 -7.42 -9.88
CA ALA A 26 2.85 -6.34 -10.83
C ALA A 26 4.33 -6.16 -11.20
N GLY A 27 5.25 -6.26 -10.23
CA GLY A 27 6.67 -6.02 -10.45
C GLY A 27 7.36 -7.16 -11.18
N TYR A 28 6.84 -8.39 -11.10
CA TYR A 28 7.44 -9.50 -11.81
C TYR A 28 6.96 -9.51 -13.25
N LEU A 29 5.68 -9.21 -13.47
CA LEU A 29 5.05 -9.22 -14.77
C LEU A 29 5.32 -7.96 -15.58
N LEU A 30 5.51 -6.82 -14.91
CA LEU A 30 5.56 -5.53 -15.57
C LEU A 30 6.89 -4.90 -15.18
N ASP A 31 7.64 -4.37 -16.16
CA ASP A 31 9.02 -3.94 -15.97
C ASP A 31 9.90 -5.18 -15.69
N LYS A 32 11.04 -5.04 -15.01
CA LYS A 32 11.83 -6.17 -14.57
C LYS A 32 12.53 -5.77 -13.27
N ASN A 33 13.24 -6.70 -12.62
CA ASN A 33 13.95 -6.35 -11.40
C ASN A 33 15.03 -5.30 -11.72
N GLN A 34 14.73 -4.04 -11.39
CA GLN A 34 15.58 -2.88 -11.65
C GLN A 34 15.72 -2.05 -10.38
N SER A 35 14.64 -1.90 -9.60
CA SER A 35 14.67 -1.18 -8.35
C SER A 35 13.98 -2.03 -7.27
N ASP A 36 12.65 -1.97 -7.16
CA ASP A 36 11.89 -2.80 -6.24
C ASP A 36 10.52 -2.98 -6.87
N LEU A 37 10.20 -4.19 -7.34
CA LEU A 37 8.92 -4.55 -7.94
C LEU A 37 8.38 -3.47 -8.91
N VAL A 38 7.07 -3.21 -8.94
CA VAL A 38 6.52 -2.17 -9.82
C VAL A 38 6.61 -0.80 -9.13
N THR A 39 6.34 -0.79 -7.81
CA THR A 39 6.27 0.36 -6.91
C THR A 39 5.58 1.59 -7.52
N ASN A 40 5.71 2.76 -6.88
CA ASN A 40 5.12 3.98 -7.39
C ASN A 40 5.92 4.49 -8.57
N SER A 41 5.54 3.99 -9.74
CA SER A 41 6.14 4.32 -11.02
C SER A 41 5.31 5.40 -11.74
N LYS A 42 4.53 6.21 -11.01
CA LYS A 42 3.68 7.22 -11.64
C LYS A 42 4.48 8.48 -11.94
N LYS A 43 4.74 9.32 -10.92
CA LYS A 43 5.47 10.58 -11.12
C LYS A 43 6.95 10.40 -10.79
N PHE A 44 7.38 9.17 -10.50
CA PHE A 44 8.75 8.74 -10.31
C PHE A 44 9.15 9.00 -8.85
N ILE A 45 8.85 8.04 -7.96
CA ILE A 45 9.09 8.10 -6.52
C ILE A 45 8.81 9.50 -5.93
N ASP A 46 7.52 9.84 -5.89
CA ASP A 46 7.05 11.22 -5.69
C ASP A 46 5.96 11.26 -4.61
N ILE A 47 4.85 10.55 -4.84
CA ILE A 47 3.81 10.28 -3.84
C ILE A 47 4.47 9.85 -2.51
N PHE A 48 5.40 8.91 -2.58
CA PHE A 48 6.07 8.42 -1.39
C PHE A 48 6.96 9.49 -0.74
N LYS A 49 7.49 10.45 -1.49
CA LYS A 49 8.21 11.52 -0.82
C LYS A 49 7.27 12.33 0.06
N GLU A 50 6.20 12.84 -0.54
CA GLU A 50 5.31 13.74 0.17
C GLU A 50 4.48 12.92 1.16
N GLU A 51 3.55 12.11 0.65
CA GLU A 51 2.57 11.42 1.47
C GLU A 51 3.23 10.31 2.28
N GLY A 52 4.30 9.71 1.75
CA GLY A 52 5.16 8.79 2.47
C GLY A 52 6.03 9.44 3.55
N SER A 53 5.50 10.46 4.24
CA SER A 53 5.98 10.85 5.55
C SER A 53 4.84 11.27 6.47
N ASN A 54 3.60 10.86 6.18
CA ASN A 54 2.42 11.36 6.90
C ASN A 54 1.46 10.25 7.30
N LEU A 55 1.29 9.20 6.49
CA LEU A 55 0.31 8.17 6.82
C LEU A 55 0.66 7.48 8.14
N THR A 56 1.95 7.25 8.36
CA THR A 56 2.50 6.60 9.55
C THR A 56 4.02 6.51 9.35
N SER A 57 4.74 6.05 10.37
CA SER A 57 6.15 5.69 10.24
C SER A 57 6.33 4.58 9.20
N TYR A 58 5.39 3.63 9.10
CA TYR A 58 5.43 2.60 8.07
C TYR A 58 5.17 3.17 6.68
N GLY A 59 4.71 4.42 6.59
CA GLY A 59 4.58 5.12 5.34
C GLY A 59 5.88 5.81 4.95
N ARG A 60 6.91 5.79 5.80
CA ARG A 60 8.19 6.44 5.54
C ARG A 60 9.36 5.45 5.54
N THR A 61 9.07 4.16 5.72
CA THR A 61 10.05 3.10 5.56
C THR A 61 10.26 2.86 4.05
N ASN A 62 10.50 1.62 3.59
CA ASN A 62 10.64 1.40 2.16
C ASN A 62 9.36 1.84 1.45
N GLU A 63 9.48 2.29 0.21
CA GLU A 63 8.33 2.72 -0.57
C GLU A 63 7.33 1.56 -0.71
N ALA A 64 7.84 0.34 -0.81
CA ALA A 64 7.02 -0.86 -0.83
C ALA A 64 6.13 -1.01 0.40
N GLU A 65 6.61 -0.58 1.57
CA GLU A 65 5.81 -0.58 2.78
C GLU A 65 4.78 0.53 2.73
N PHE A 66 5.15 1.72 2.28
CA PHE A 66 4.22 2.82 2.07
C PHE A 66 3.02 2.37 1.23
N PHE A 67 3.27 1.73 0.10
CA PHE A 67 2.20 1.22 -0.75
C PHE A 67 1.37 0.15 -0.02
N ALA A 68 2.02 -0.77 0.70
CA ALA A 68 1.34 -1.91 1.28
C ALA A 68 0.44 -1.49 2.46
N GLU A 69 0.90 -0.55 3.27
CA GLU A 69 0.18 -0.04 4.41
C GLU A 69 -0.90 0.93 3.92
N ALA A 70 -0.65 1.65 2.81
CA ALA A 70 -1.71 2.38 2.14
C ALA A 70 -2.87 1.43 1.82
N PHE A 71 -2.60 0.25 1.24
CA PHE A 71 -3.61 -0.80 1.05
C PHE A 71 -4.38 -1.10 2.32
N ARG A 72 -3.70 -1.28 3.46
CA ARG A 72 -4.40 -1.50 4.72
C ARG A 72 -5.42 -0.38 4.96
N LEU A 73 -4.98 0.87 4.87
CA LEU A 73 -5.78 2.04 5.20
C LEU A 73 -6.87 2.29 4.15
N MET A 74 -6.67 1.84 2.91
CA MET A 74 -7.62 1.98 1.82
C MET A 74 -8.92 1.26 2.14
N HIS A 75 -8.81 0.08 2.76
CA HIS A 75 -9.98 -0.74 3.07
C HIS A 75 -10.45 -0.55 4.51
N SER A 76 -9.72 0.16 5.38
CA SER A 76 -9.96 0.24 6.81
C SER A 76 -11.45 0.18 7.11
N THR A 77 -11.79 -0.85 7.88
CA THR A 77 -13.14 -1.18 8.28
C THR A 77 -13.78 0.07 8.87
N ASP A 78 -13.02 0.80 9.69
CA ASP A 78 -13.42 2.15 10.02
C ASP A 78 -13.23 3.05 8.80
N HIS A 79 -14.35 3.49 8.22
CA HIS A 79 -14.34 4.47 7.15
C HIS A 79 -13.50 5.70 7.52
N ALA A 80 -13.52 6.14 8.77
CA ALA A 80 -12.79 7.33 9.16
C ALA A 80 -11.30 7.14 8.90
N GLU A 81 -10.73 6.01 9.31
CA GLU A 81 -9.34 5.66 9.06
C GLU A 81 -8.98 5.86 7.60
N ARG A 82 -9.90 5.49 6.70
CA ARG A 82 -9.64 5.68 5.28
C ARG A 82 -9.53 7.17 5.00
N LEU A 83 -10.48 7.96 5.50
CA LEU A 83 -10.42 9.40 5.36
C LEU A 83 -9.21 10.02 6.05
N LYS A 84 -8.58 9.40 7.05
CA LYS A 84 -7.32 9.94 7.54
C LYS A 84 -6.30 9.87 6.40
N VAL A 85 -6.26 8.75 5.67
CA VAL A 85 -5.41 8.68 4.50
C VAL A 85 -5.84 9.69 3.46
N GLN A 86 -7.05 9.63 2.90
CA GLN A 86 -7.45 10.55 1.84
C GLN A 86 -7.12 11.99 2.19
N LYS A 87 -7.53 12.43 3.39
CA LYS A 87 -7.27 13.76 3.88
C LYS A 87 -5.78 14.09 3.86
N ASN A 88 -4.95 13.22 4.44
CA ASN A 88 -3.52 13.45 4.54
C ASN A 88 -2.80 13.10 3.23
N ALA A 89 -3.49 12.54 2.25
CA ALA A 89 -2.90 11.92 1.08
C ALA A 89 -3.96 11.73 -0.01
N PRO A 90 -4.45 12.85 -0.59
CA PRO A 90 -5.53 12.81 -1.57
C PRO A 90 -5.11 12.20 -2.91
N LYS A 91 -3.84 11.79 -3.04
CA LYS A 91 -3.27 11.22 -4.24
C LYS A 91 -2.86 9.77 -3.99
N THR A 92 -2.27 9.43 -2.84
CA THR A 92 -1.96 8.05 -2.51
C THR A 92 -3.23 7.20 -2.52
N PHE A 93 -4.31 7.70 -1.93
CA PHE A 93 -5.55 6.95 -1.90
C PHE A 93 -6.03 6.69 -3.31
N GLN A 94 -6.05 7.75 -4.10
CA GLN A 94 -6.43 7.65 -5.49
C GLN A 94 -5.57 6.59 -6.20
N PHE A 95 -4.31 6.45 -5.81
CA PHE A 95 -3.34 5.59 -6.47
C PHE A 95 -3.81 4.14 -6.44
N ILE A 96 -4.00 3.60 -5.22
CA ILE A 96 -4.52 2.25 -5.07
C ILE A 96 -5.90 2.17 -5.70
N ASN A 97 -6.72 3.21 -5.56
CA ASN A 97 -8.07 3.18 -6.13
C ASN A 97 -8.04 3.00 -7.65
N ASP A 98 -6.97 3.47 -8.29
CA ASP A 98 -6.73 3.30 -9.73
C ASP A 98 -6.43 1.82 -10.01
N GLN A 99 -5.40 1.29 -9.34
CA GLN A 99 -4.99 -0.08 -9.57
C GLN A 99 -5.89 -1.05 -8.81
N ILE A 100 -6.98 -1.48 -9.45
CA ILE A 100 -7.95 -2.40 -8.89
C ILE A 100 -7.30 -3.66 -8.31
N LYS A 101 -7.79 -4.12 -7.16
CA LYS A 101 -7.21 -5.27 -6.49
C LYS A 101 -7.83 -6.55 -7.02
N PHE A 102 -7.02 -7.44 -7.61
CA PHE A 102 -7.50 -8.75 -8.03
C PHE A 102 -6.29 -9.69 -8.04
N ILE A 103 -6.12 -10.50 -6.99
CA ILE A 103 -5.02 -11.44 -6.90
C ILE A 103 -5.54 -12.67 -6.17
N ILE A 104 -5.29 -13.85 -6.74
CA ILE A 104 -5.85 -15.12 -6.30
C ILE A 104 -7.38 -15.08 -6.35
N ASN A 105 -8.03 -16.21 -6.05
CA ASN A 105 -9.43 -16.27 -5.69
C ASN A 105 -9.64 -17.54 -4.87
N SER A 106 -10.84 -17.74 -4.32
CA SER A 106 -11.20 -19.02 -3.74
C SER A 106 -11.77 -19.92 -4.82
N GLY A 1 4.24 -13.07 7.58
CA GLY A 1 3.77 -14.37 8.07
C GLY A 1 3.24 -14.18 9.49
N SER A 2 2.13 -14.81 9.81
CA SER A 2 1.30 -14.49 10.97
C SER A 2 0.90 -15.76 11.69
N LYS A 3 0.34 -15.66 12.91
CA LYS A 3 -0.16 -16.83 13.64
C LYS A 3 -1.02 -16.36 14.81
N GLY A 4 -1.91 -17.22 15.30
CA GLY A 4 -2.73 -16.93 16.46
C GLY A 4 -4.13 -16.55 16.03
N VAL A 5 -4.83 -15.84 16.92
CA VAL A 5 -6.02 -15.11 16.56
C VAL A 5 -5.58 -13.75 16.02
N GLU A 6 -6.47 -12.76 16.02
CA GLU A 6 -6.13 -11.40 15.65
C GLU A 6 -5.90 -10.53 16.88
N LEU A 7 -4.69 -10.00 17.00
CA LEU A 7 -4.25 -9.17 18.11
C LEU A 7 -4.11 -7.73 17.66
N ARG A 8 -4.99 -7.28 16.77
CA ARG A 8 -4.85 -6.00 16.05
C ARG A 8 -3.67 -6.12 15.10
N ASN A 9 -2.44 -6.02 15.62
CA ASN A 9 -1.19 -6.15 14.86
C ASN A 9 -1.21 -7.33 13.90
N ASP A 10 -1.74 -8.49 14.31
CA ASP A 10 -1.77 -9.62 13.41
C ASP A 10 -2.70 -9.37 12.23
N SER A 11 -3.90 -8.86 12.49
CA SER A 11 -4.92 -8.63 11.46
C SER A 11 -4.42 -7.58 10.46
N GLU A 12 -4.08 -6.40 10.99
CA GLU A 12 -3.66 -5.25 10.21
C GLU A 12 -2.30 -5.52 9.57
N GLY A 13 -1.48 -6.35 10.23
CA GLY A 13 -0.26 -6.89 9.68
C GLY A 13 -0.54 -7.75 8.45
N PHE A 14 -1.54 -8.63 8.53
CA PHE A 14 -1.84 -9.59 7.47
C PHE A 14 -2.15 -8.84 6.18
N ILE A 15 -3.12 -7.93 6.25
CA ILE A 15 -3.47 -7.15 5.07
C ILE A 15 -2.35 -6.20 4.66
N HIS A 16 -1.51 -5.75 5.61
CA HIS A 16 -0.37 -4.92 5.23
C HIS A 16 0.52 -5.75 4.30
N GLU A 17 0.82 -7.00 4.66
CA GLU A 17 1.60 -7.91 3.83
C GLU A 17 0.93 -8.14 2.48
N PHE A 18 -0.40 -8.30 2.44
CA PHE A 18 -1.11 -8.37 1.16
C PHE A 18 -0.72 -7.22 0.25
N GLY A 19 -0.71 -6.00 0.76
CA GLY A 19 -0.28 -4.84 -0.02
C GLY A 19 1.06 -5.10 -0.74
N HIS A 20 2.03 -5.70 -0.03
CA HIS A 20 3.29 -6.08 -0.68
C HIS A 20 3.06 -7.10 -1.78
N ALA A 21 2.33 -8.18 -1.51
CA ALA A 21 2.09 -9.21 -2.51
C ALA A 21 1.40 -8.64 -3.75
N VAL A 22 0.63 -7.56 -3.60
CA VAL A 22 0.03 -6.91 -4.75
C VAL A 22 1.11 -6.26 -5.61
N ASP A 23 2.07 -5.58 -5.00
CA ASP A 23 3.22 -5.04 -5.71
C ASP A 23 4.05 -6.14 -6.39
N ASP A 24 3.90 -7.38 -5.93
CA ASP A 24 4.65 -8.50 -6.50
C ASP A 24 4.10 -8.81 -7.88
N TYR A 25 2.79 -9.04 -7.96
CA TYR A 25 2.14 -9.39 -9.22
C TYR A 25 2.25 -8.24 -10.21
N ALA A 26 1.86 -7.03 -9.78
CA ALA A 26 2.02 -5.87 -10.64
C ALA A 26 3.47 -5.69 -11.06
N GLY A 27 4.44 -6.09 -10.24
CA GLY A 27 5.84 -6.09 -10.63
C GLY A 27 6.08 -7.02 -11.82
N TYR A 28 5.89 -8.33 -11.60
CA TYR A 28 6.27 -9.35 -12.57
C TYR A 28 5.62 -9.10 -13.93
N LEU A 29 4.39 -8.57 -13.94
CA LEU A 29 3.65 -8.27 -15.16
C LEU A 29 3.97 -6.90 -15.76
N LEU A 30 4.32 -5.90 -14.96
CA LEU A 30 4.39 -4.52 -15.43
C LEU A 30 5.75 -3.95 -15.10
N ASP A 31 6.57 -3.71 -16.13
CA ASP A 31 8.02 -3.52 -16.03
C ASP A 31 8.69 -4.90 -15.91
N LYS A 32 9.96 -4.99 -15.51
CA LYS A 32 10.74 -6.23 -15.40
C LYS A 32 12.16 -5.92 -14.92
N ASN A 33 12.65 -4.72 -15.16
CA ASN A 33 13.95 -4.24 -14.78
C ASN A 33 13.75 -2.91 -14.06
N GLN A 34 14.77 -2.48 -13.32
CA GLN A 34 14.75 -1.27 -12.50
C GLN A 34 13.91 -1.46 -11.23
N SER A 35 13.94 -2.69 -10.67
CA SER A 35 13.29 -3.21 -9.47
C SER A 35 12.07 -4.00 -9.94
N ASP A 36 12.02 -5.31 -9.64
CA ASP A 36 11.00 -6.21 -10.18
C ASP A 36 9.61 -5.89 -9.60
N LEU A 37 9.54 -5.54 -8.31
CA LEU A 37 8.28 -5.12 -7.71
C LEU A 37 7.91 -3.77 -8.33
N VAL A 38 6.62 -3.51 -8.55
CA VAL A 38 6.14 -2.26 -9.17
C VAL A 38 6.18 -1.07 -8.18
N THR A 39 7.03 -1.11 -7.16
CA THR A 39 7.18 -0.08 -6.14
C THR A 39 7.77 1.18 -6.78
N ASN A 40 7.29 2.35 -6.39
CA ASN A 40 7.74 3.65 -6.88
C ASN A 40 7.77 3.75 -8.41
N SER A 41 6.61 3.56 -9.05
CA SER A 41 6.48 3.66 -10.49
C SER A 41 5.38 4.66 -10.86
N LYS A 42 5.26 4.97 -12.14
CA LYS A 42 4.38 6.00 -12.70
C LYS A 42 4.83 7.40 -12.27
N LYS A 43 4.62 7.79 -11.01
CA LYS A 43 4.99 9.11 -10.53
C LYS A 43 6.50 9.26 -10.37
N PHE A 44 7.22 8.15 -10.21
CA PHE A 44 8.67 8.12 -10.30
C PHE A 44 9.33 9.03 -9.25
N ILE A 45 8.98 8.79 -7.98
CA ILE A 45 9.54 9.42 -6.79
C ILE A 45 8.86 10.78 -6.54
N ASP A 46 7.66 10.74 -5.94
CA ASP A 46 6.85 11.93 -5.75
C ASP A 46 5.86 11.70 -4.61
N ILE A 47 4.93 10.78 -4.82
CA ILE A 47 3.91 10.36 -3.85
C ILE A 47 4.60 9.98 -2.54
N PHE A 48 5.57 9.06 -2.60
CA PHE A 48 6.32 8.65 -1.43
C PHE A 48 7.14 9.76 -0.81
N LYS A 49 7.53 10.80 -1.54
CA LYS A 49 8.34 11.83 -0.91
C LYS A 49 7.50 12.55 0.14
N GLU A 50 6.34 13.05 -0.27
CA GLU A 50 5.53 13.89 0.59
C GLU A 50 4.67 12.99 1.48
N GLU A 51 3.83 12.17 0.86
CA GLU A 51 2.82 11.41 1.57
C GLU A 51 3.46 10.29 2.39
N GLY A 52 4.60 9.76 1.90
CA GLY A 52 5.48 8.82 2.59
C GLY A 52 6.22 9.41 3.77
N SER A 53 5.55 10.23 4.59
CA SER A 53 5.93 10.44 5.97
C SER A 53 4.72 10.93 6.77
N ASN A 54 3.52 10.45 6.42
CA ASN A 54 2.28 10.99 6.95
C ASN A 54 1.31 9.89 7.37
N LEU A 55 1.13 8.88 6.52
CA LEU A 55 0.20 7.79 6.82
C LEU A 55 0.55 7.12 8.15
N THR A 56 1.86 6.94 8.39
CA THR A 56 2.41 6.23 9.54
C THR A 56 3.94 6.24 9.39
N SER A 57 4.66 5.74 10.39
CA SER A 57 6.10 5.49 10.30
C SER A 57 6.39 4.45 9.22
N TYR A 58 5.50 3.46 9.08
CA TYR A 58 5.58 2.48 8.00
C TYR A 58 5.46 3.11 6.61
N GLY A 59 5.01 4.36 6.54
CA GLY A 59 4.88 5.09 5.30
C GLY A 59 6.18 5.80 4.94
N ARG A 60 7.14 5.91 5.87
CA ARG A 60 8.42 6.53 5.58
C ARG A 60 9.53 5.49 5.38
N THR A 61 9.30 4.26 5.82
CA THR A 61 10.14 3.12 5.50
C THR A 61 10.17 2.89 3.97
N ASN A 62 10.73 1.77 3.51
CA ASN A 62 10.91 1.51 2.08
C ASN A 62 9.62 1.77 1.32
N GLU A 63 9.71 2.21 0.07
CA GLU A 63 8.50 2.60 -0.68
C GLU A 63 7.54 1.42 -0.79
N ALA A 64 8.07 0.20 -0.86
CA ALA A 64 7.26 -1.01 -0.85
C ALA A 64 6.33 -1.08 0.35
N GLU A 65 6.79 -0.64 1.51
CA GLU A 65 5.99 -0.63 2.71
C GLU A 65 4.98 0.48 2.65
N PHE A 66 5.39 1.67 2.23
CA PHE A 66 4.51 2.79 2.01
C PHE A 66 3.30 2.40 1.14
N PHE A 67 3.52 1.71 0.03
CA PHE A 67 2.45 1.21 -0.81
C PHE A 67 1.62 0.17 -0.05
N ALA A 68 2.28 -0.77 0.64
CA ALA A 68 1.63 -1.90 1.26
C ALA A 68 0.66 -1.49 2.38
N GLU A 69 1.16 -0.72 3.36
CA GLU A 69 0.34 -0.06 4.38
C GLU A 69 -0.73 0.81 3.73
N ALA A 70 -0.44 1.48 2.60
CA ALA A 70 -1.49 2.16 1.87
C ALA A 70 -2.61 1.18 1.56
N PHE A 71 -2.34 0.00 0.99
CA PHE A 71 -3.36 -0.99 0.67
C PHE A 71 -4.24 -1.31 1.88
N ARG A 72 -3.63 -1.60 3.03
CA ARG A 72 -4.38 -1.76 4.28
C ARG A 72 -5.37 -0.60 4.46
N LEU A 73 -4.88 0.63 4.48
CA LEU A 73 -5.67 1.80 4.84
C LEU A 73 -6.73 2.08 3.78
N MET A 74 -6.46 1.78 2.52
CA MET A 74 -7.36 2.01 1.40
C MET A 74 -8.63 1.19 1.58
N HIS A 75 -8.51 -0.04 2.07
CA HIS A 75 -9.69 -0.88 2.21
C HIS A 75 -10.35 -0.66 3.56
N SER A 76 -9.55 -0.37 4.61
CA SER A 76 -9.90 -0.38 6.04
C SER A 76 -11.39 -0.40 6.30
N THR A 77 -11.80 -1.49 6.95
CA THR A 77 -13.17 -1.80 7.33
C THR A 77 -13.82 -0.57 7.96
N ASP A 78 -13.08 0.10 8.83
CA ASP A 78 -13.45 1.41 9.31
C ASP A 78 -13.29 2.43 8.18
N HIS A 79 -14.42 2.90 7.65
CA HIS A 79 -14.43 3.96 6.65
C HIS A 79 -13.63 5.17 7.12
N ALA A 80 -13.60 5.47 8.42
CA ALA A 80 -12.82 6.59 8.90
C ALA A 80 -11.34 6.37 8.59
N GLU A 81 -10.75 5.23 8.94
CA GLU A 81 -9.36 4.91 8.66
C GLU A 81 -9.02 5.23 7.21
N ARG A 82 -9.95 4.91 6.30
CA ARG A 82 -9.72 5.21 4.89
C ARG A 82 -9.61 6.71 4.70
N LEU A 83 -10.59 7.47 5.18
CA LEU A 83 -10.54 8.92 5.09
C LEU A 83 -9.36 9.52 5.83
N LYS A 84 -8.79 8.87 6.85
CA LYS A 84 -7.55 9.41 7.42
C LYS A 84 -6.50 9.42 6.32
N VAL A 85 -6.41 8.36 5.52
CA VAL A 85 -5.48 8.36 4.41
C VAL A 85 -5.89 9.34 3.31
N GLN A 86 -7.10 9.26 2.75
CA GLN A 86 -7.49 10.16 1.67
C GLN A 86 -7.23 11.62 2.04
N LYS A 87 -7.53 12.00 3.28
CA LYS A 87 -7.27 13.30 3.84
C LYS A 87 -5.76 13.59 3.86
N ASN A 88 -4.99 12.77 4.58
CA ASN A 88 -3.57 12.99 4.82
C ASN A 88 -2.73 12.62 3.59
N ALA A 89 -3.35 12.17 2.51
CA ALA A 89 -2.68 11.62 1.34
C ALA A 89 -3.62 11.72 0.14
N PRO A 90 -3.91 12.94 -0.33
CA PRO A 90 -4.89 13.22 -1.37
C PRO A 90 -4.29 12.93 -2.76
N LYS A 91 -3.83 11.70 -2.97
CA LYS A 91 -3.03 11.25 -4.09
C LYS A 91 -2.63 9.79 -3.90
N THR A 92 -2.01 9.44 -2.76
CA THR A 92 -1.61 8.06 -2.49
C THR A 92 -2.80 7.13 -2.60
N PHE A 93 -3.92 7.52 -2.00
CA PHE A 93 -5.13 6.71 -2.08
C PHE A 93 -5.50 6.51 -3.52
N GLN A 94 -5.53 7.62 -4.26
CA GLN A 94 -5.92 7.59 -5.65
C GLN A 94 -5.09 6.58 -6.43
N PHE A 95 -3.82 6.38 -6.07
CA PHE A 95 -2.91 5.50 -6.79
C PHE A 95 -3.45 4.07 -6.77
N ILE A 96 -3.70 3.53 -5.58
CA ILE A 96 -4.27 2.20 -5.44
C ILE A 96 -5.65 2.19 -6.09
N ASN A 97 -6.44 3.25 -5.89
CA ASN A 97 -7.81 3.34 -6.37
C ASN A 97 -7.86 3.19 -7.90
N ASP A 98 -6.85 3.72 -8.57
CA ASP A 98 -6.62 3.64 -10.01
C ASP A 98 -6.40 2.18 -10.39
N GLN A 99 -5.59 1.46 -9.63
CA GLN A 99 -5.41 0.03 -9.83
C GLN A 99 -6.49 -0.76 -9.09
N ILE A 100 -7.67 -0.80 -9.69
CA ILE A 100 -8.78 -1.64 -9.24
C ILE A 100 -8.57 -3.11 -9.66
N LYS A 101 -7.40 -3.69 -9.35
CA LYS A 101 -7.10 -5.09 -9.58
C LYS A 101 -5.93 -5.47 -8.67
N PHE A 102 -5.77 -6.75 -8.36
CA PHE A 102 -4.77 -7.21 -7.41
C PHE A 102 -4.36 -8.64 -7.79
N ILE A 103 -3.46 -9.25 -7.02
CA ILE A 103 -3.01 -10.62 -7.27
C ILE A 103 -4.19 -11.59 -7.18
N ILE A 104 -4.24 -12.60 -8.05
CA ILE A 104 -5.28 -13.61 -7.96
C ILE A 104 -5.03 -14.53 -6.75
N ASN A 105 -6.05 -15.31 -6.37
CA ASN A 105 -6.07 -16.19 -5.21
C ASN A 105 -5.90 -15.42 -3.90
N SER A 106 -7.00 -15.18 -3.21
CA SER A 106 -7.06 -14.44 -1.97
C SER A 106 -8.15 -15.05 -1.13
N GLY A 1 -7.47 -19.38 9.37
CA GLY A 1 -8.65 -20.05 9.92
C GLY A 1 -8.60 -19.88 11.41
N SER A 2 -9.55 -19.13 11.98
CA SER A 2 -9.46 -18.63 13.34
C SER A 2 -10.87 -18.42 13.87
N LYS A 3 -11.00 -17.95 15.11
CA LYS A 3 -12.31 -17.63 15.67
C LYS A 3 -12.20 -16.34 16.47
N GLY A 4 -11.70 -16.40 17.70
CA GLY A 4 -11.46 -15.22 18.51
C GLY A 4 -9.97 -15.00 18.62
N VAL A 5 -9.42 -14.18 17.74
CA VAL A 5 -8.05 -13.74 17.77
C VAL A 5 -8.08 -12.20 17.78
N GLU A 6 -7.03 -11.56 17.27
CA GLU A 6 -6.96 -10.11 17.29
C GLU A 6 -7.20 -9.52 15.92
N LEU A 7 -8.43 -9.09 15.69
CA LEU A 7 -8.85 -8.54 14.40
C LEU A 7 -8.50 -7.06 14.33
N ARG A 8 -7.32 -6.71 14.83
CA ARG A 8 -6.75 -5.39 14.86
C ARG A 8 -5.32 -5.56 14.35
N ASN A 9 -4.34 -5.77 15.22
CA ASN A 9 -2.95 -5.84 14.82
C ASN A 9 -2.63 -7.02 13.94
N ASP A 10 -3.12 -8.22 14.27
CA ASP A 10 -2.83 -9.38 13.44
C ASP A 10 -3.45 -9.18 12.05
N SER A 11 -4.70 -8.71 11.98
CA SER A 11 -5.35 -8.42 10.70
C SER A 11 -4.61 -7.38 9.86
N GLU A 12 -4.36 -6.20 10.44
CA GLU A 12 -3.74 -5.04 9.81
C GLU A 12 -2.33 -5.42 9.33
N GLY A 13 -1.62 -6.20 10.14
CA GLY A 13 -0.37 -6.81 9.74
C GLY A 13 -0.56 -7.65 8.48
N PHE A 14 -1.47 -8.61 8.52
CA PHE A 14 -1.72 -9.58 7.45
C PHE A 14 -1.95 -8.86 6.12
N ILE A 15 -2.92 -7.94 6.09
CA ILE A 15 -3.27 -7.21 4.88
C ILE A 15 -2.20 -6.20 4.48
N HIS A 16 -1.40 -5.68 5.43
CA HIS A 16 -0.29 -4.81 5.08
C HIS A 16 0.60 -5.64 4.16
N GLU A 17 1.06 -6.79 4.66
CA GLU A 17 1.95 -7.70 3.94
C GLU A 17 1.34 -8.10 2.60
N PHE A 18 0.04 -8.39 2.57
CA PHE A 18 -0.68 -8.74 1.35
C PHE A 18 -0.49 -7.64 0.31
N GLY A 19 -0.74 -6.38 0.65
CA GLY A 19 -0.48 -5.25 -0.24
C GLY A 19 0.91 -5.34 -0.85
N HIS A 20 1.91 -5.67 -0.03
CA HIS A 20 3.28 -5.82 -0.50
C HIS A 20 3.38 -6.92 -1.56
N ALA A 21 2.82 -8.10 -1.28
CA ALA A 21 2.84 -9.19 -2.25
C ALA A 21 2.15 -8.75 -3.55
N VAL A 22 1.13 -7.89 -3.47
CA VAL A 22 0.47 -7.43 -4.70
C VAL A 22 1.40 -6.58 -5.54
N ASP A 23 2.28 -5.79 -4.92
CA ASP A 23 3.29 -5.02 -5.65
C ASP A 23 4.16 -5.94 -6.50
N ASP A 24 4.38 -7.17 -6.02
CA ASP A 24 5.21 -8.15 -6.67
C ASP A 24 4.54 -8.56 -7.98
N TYR A 25 3.25 -8.93 -7.86
CA TYR A 25 2.40 -9.25 -8.99
C TYR A 25 2.41 -8.11 -10.02
N ALA A 26 2.35 -6.87 -9.55
CA ALA A 26 2.36 -5.71 -10.41
C ALA A 26 3.65 -5.63 -11.24
N GLY A 27 4.78 -6.08 -10.71
CA GLY A 27 6.05 -6.11 -11.41
C GLY A 27 6.08 -7.21 -12.47
N TYR A 28 5.39 -8.32 -12.22
CA TYR A 28 5.40 -9.41 -13.19
C TYR A 28 4.55 -9.04 -14.41
N LEU A 29 3.37 -8.46 -14.19
CA LEU A 29 2.41 -8.14 -15.22
C LEU A 29 2.69 -6.83 -15.92
N LEU A 30 3.20 -5.84 -15.17
CA LEU A 30 3.33 -4.48 -15.65
C LEU A 30 4.78 -4.06 -15.48
N ASP A 31 5.14 -2.95 -16.12
CA ASP A 31 6.53 -2.58 -16.37
C ASP A 31 7.16 -3.56 -17.37
N LYS A 32 8.27 -3.18 -17.99
CA LYS A 32 8.97 -4.02 -18.96
C LYS A 32 10.46 -4.14 -18.61
N ASN A 33 10.93 -3.38 -17.62
CA ASN A 33 12.30 -3.46 -17.17
C ASN A 33 12.40 -4.59 -16.14
N GLN A 34 13.60 -5.03 -15.81
CA GLN A 34 13.84 -6.00 -14.75
C GLN A 34 13.46 -5.46 -13.36
N SER A 35 13.13 -4.18 -13.25
CA SER A 35 12.68 -3.58 -12.01
C SER A 35 11.27 -4.05 -11.66
N ASP A 36 11.18 -5.18 -10.94
CA ASP A 36 9.94 -5.60 -10.29
C ASP A 36 9.51 -4.57 -9.23
N LEU A 37 8.28 -4.72 -8.73
CA LEU A 37 7.57 -3.80 -7.84
C LEU A 37 7.21 -2.51 -8.57
N VAL A 38 5.92 -2.35 -8.89
CA VAL A 38 5.41 -1.16 -9.56
C VAL A 38 5.07 -0.14 -8.51
N THR A 39 6.11 0.49 -7.98
CA THR A 39 5.99 1.47 -6.92
C THR A 39 6.41 2.82 -7.51
N ASN A 40 5.48 3.77 -7.57
CA ASN A 40 5.70 5.12 -8.12
C ASN A 40 6.52 5.16 -9.41
N SER A 41 6.15 4.36 -10.41
CA SER A 41 6.82 4.34 -11.71
C SER A 41 6.68 5.70 -12.41
N LYS A 42 5.50 6.04 -12.94
CA LYS A 42 5.31 7.24 -13.78
C LYS A 42 5.82 8.52 -13.10
N LYS A 43 5.32 8.78 -11.90
CA LYS A 43 5.66 9.97 -11.12
C LYS A 43 7.09 9.90 -10.58
N PHE A 44 7.67 8.69 -10.49
CA PHE A 44 9.06 8.46 -10.18
C PHE A 44 9.43 8.93 -8.76
N ILE A 45 9.20 8.06 -7.77
CA ILE A 45 9.44 8.30 -6.34
C ILE A 45 9.01 9.71 -5.92
N ASP A 46 7.70 9.92 -5.80
CA ASP A 46 7.12 11.25 -5.60
C ASP A 46 6.04 11.20 -4.51
N ILE A 47 5.03 10.34 -4.67
CA ILE A 47 3.99 10.13 -3.67
C ILE A 47 4.65 9.74 -2.34
N PHE A 48 5.59 8.80 -2.40
CA PHE A 48 6.32 8.40 -1.22
C PHE A 48 7.16 9.53 -0.64
N LYS A 49 7.53 10.54 -1.42
CA LYS A 49 8.32 11.61 -0.86
C LYS A 49 7.49 12.45 0.08
N GLU A 50 6.31 12.88 -0.37
CA GLU A 50 5.51 13.82 0.41
C GLU A 50 4.58 13.05 1.35
N GLU A 51 3.74 12.17 0.79
CA GLU A 51 2.76 11.44 1.59
C GLU A 51 3.43 10.34 2.41
N GLY A 52 4.55 9.79 1.93
CA GLY A 52 5.43 8.87 2.66
C GLY A 52 6.24 9.53 3.78
N SER A 53 5.58 10.35 4.59
CA SER A 53 6.01 10.69 5.94
C SER A 53 4.80 11.28 6.66
N ASN A 54 3.64 10.62 6.53
CA ASN A 54 2.38 11.20 6.99
C ASN A 54 1.42 10.13 7.50
N LEU A 55 1.19 9.09 6.69
CA LEU A 55 0.24 8.05 7.05
C LEU A 55 0.63 7.37 8.36
N THR A 56 1.94 7.19 8.55
CA THR A 56 2.52 6.49 9.68
C THR A 56 4.04 6.56 9.55
N SER A 57 4.78 6.14 10.59
CA SER A 57 6.21 5.95 10.52
C SER A 57 6.55 4.84 9.51
N TYR A 58 5.71 3.82 9.40
CA TYR A 58 5.84 2.79 8.36
C TYR A 58 5.58 3.34 6.96
N GLY A 59 5.08 4.58 6.85
CA GLY A 59 4.93 5.25 5.58
C GLY A 59 6.23 5.95 5.17
N ARG A 60 7.25 5.97 6.02
CA ARG A 60 8.49 6.70 5.76
C ARG A 60 9.68 5.76 5.59
N THR A 61 9.53 4.51 6.02
CA THR A 61 10.53 3.44 5.88
C THR A 61 10.74 3.12 4.39
N ASN A 62 11.08 1.88 4.01
CA ASN A 62 11.21 1.61 2.58
C ASN A 62 9.90 1.92 1.88
N GLU A 63 9.99 2.45 0.66
CA GLU A 63 8.84 2.84 -0.13
C GLU A 63 7.87 1.66 -0.33
N ALA A 64 8.41 0.44 -0.33
CA ALA A 64 7.61 -0.77 -0.39
C ALA A 64 6.65 -0.90 0.78
N GLU A 65 7.08 -0.53 1.98
CA GLU A 65 6.22 -0.54 3.14
C GLU A 65 5.18 0.56 3.06
N PHE A 66 5.58 1.76 2.62
CA PHE A 66 4.66 2.85 2.39
C PHE A 66 3.47 2.40 1.53
N PHE A 67 3.75 1.78 0.39
CA PHE A 67 2.71 1.26 -0.49
C PHE A 67 1.88 0.19 0.23
N ALA A 68 2.53 -0.70 0.98
CA ALA A 68 1.85 -1.80 1.64
C ALA A 68 0.82 -1.32 2.68
N GLU A 69 1.22 -0.36 3.52
CA GLU A 69 0.33 0.35 4.44
C GLU A 69 -0.78 1.03 3.68
N ALA A 70 -0.48 1.70 2.55
CA ALA A 70 -1.52 2.33 1.76
C ALA A 70 -2.60 1.29 1.47
N PHE A 71 -2.23 0.14 0.90
CA PHE A 71 -3.16 -0.93 0.59
C PHE A 71 -4.04 -1.30 1.78
N ARG A 72 -3.45 -1.55 2.95
CA ARG A 72 -4.20 -1.84 4.17
C ARG A 72 -5.32 -0.80 4.36
N LEU A 73 -4.93 0.47 4.41
CA LEU A 73 -5.79 1.61 4.73
C LEU A 73 -6.82 1.83 3.63
N MET A 74 -6.56 1.40 2.39
CA MET A 74 -7.51 1.56 1.30
C MET A 74 -8.85 0.90 1.62
N HIS A 75 -8.80 -0.33 2.15
CA HIS A 75 -10.01 -1.11 2.41
C HIS A 75 -10.50 -0.99 3.85
N SER A 76 -9.60 -0.76 4.82
CA SER A 76 -9.82 -0.76 6.27
C SER A 76 -11.29 -0.73 6.66
N THR A 77 -11.72 -1.79 7.34
CA THR A 77 -13.06 -1.97 7.87
C THR A 77 -13.53 -0.71 8.57
N ASP A 78 -12.65 -0.07 9.34
CA ASP A 78 -12.90 1.28 9.79
C ASP A 78 -12.88 2.22 8.59
N HIS A 79 -14.05 2.64 8.12
CA HIS A 79 -14.14 3.54 6.98
C HIS A 79 -13.42 4.86 7.25
N ALA A 80 -13.23 5.25 8.52
CA ALA A 80 -12.50 6.44 8.86
C ALA A 80 -11.03 6.31 8.47
N GLU A 81 -10.38 5.18 8.80
CA GLU A 81 -8.98 4.93 8.43
C GLU A 81 -8.76 5.25 6.96
N ARG A 82 -9.75 4.93 6.13
CA ARG A 82 -9.62 5.17 4.70
C ARG A 82 -9.49 6.65 4.46
N LEU A 83 -10.44 7.43 4.98
CA LEU A 83 -10.42 8.88 4.87
C LEU A 83 -9.26 9.51 5.61
N LYS A 84 -8.61 8.84 6.56
CA LYS A 84 -7.40 9.40 7.14
C LYS A 84 -6.32 9.38 6.08
N VAL A 85 -6.19 8.28 5.34
CA VAL A 85 -5.29 8.26 4.20
C VAL A 85 -5.74 9.31 3.18
N GLN A 86 -6.93 9.20 2.60
CA GLN A 86 -7.36 10.11 1.53
C GLN A 86 -7.16 11.58 1.92
N LYS A 87 -7.56 11.97 3.14
CA LYS A 87 -7.38 13.31 3.64
C LYS A 87 -5.90 13.69 3.65
N ASN A 88 -5.06 12.87 4.28
CA ASN A 88 -3.66 13.18 4.47
C ASN A 88 -2.85 12.89 3.20
N ALA A 89 -3.47 12.28 2.19
CA ALA A 89 -2.80 11.64 1.07
C ALA A 89 -3.79 11.40 -0.06
N PRO A 90 -4.36 12.46 -0.63
CA PRO A 90 -5.43 12.35 -1.60
C PRO A 90 -4.97 11.51 -2.79
N LYS A 91 -3.72 11.75 -3.20
CA LYS A 91 -3.03 11.11 -4.31
C LYS A 91 -2.60 9.67 -4.00
N THR A 92 -2.05 9.37 -2.82
CA THR A 92 -1.63 8.01 -2.49
C THR A 92 -2.81 7.06 -2.58
N PHE A 93 -3.94 7.46 -2.01
CA PHE A 93 -5.14 6.66 -2.13
C PHE A 93 -5.51 6.48 -3.59
N GLN A 94 -5.48 7.59 -4.33
CA GLN A 94 -5.79 7.58 -5.74
C GLN A 94 -4.98 6.52 -6.49
N PHE A 95 -3.75 6.26 -6.05
CA PHE A 95 -2.84 5.31 -6.67
C PHE A 95 -3.48 3.93 -6.72
N ILE A 96 -3.76 3.34 -5.55
CA ILE A 96 -4.36 2.03 -5.49
C ILE A 96 -5.74 2.07 -6.16
N ASN A 97 -6.47 3.18 -5.98
CA ASN A 97 -7.81 3.31 -6.57
C ASN A 97 -7.76 3.12 -8.09
N ASP A 98 -6.71 3.66 -8.72
CA ASP A 98 -6.45 3.57 -10.16
C ASP A 98 -6.34 2.11 -10.57
N GLN A 99 -5.73 1.29 -9.70
CA GLN A 99 -5.57 -0.12 -9.94
C GLN A 99 -6.88 -0.86 -9.62
N ILE A 100 -7.88 -0.64 -10.47
CA ILE A 100 -9.19 -1.24 -10.33
C ILE A 100 -9.08 -2.75 -10.55
N LYS A 101 -10.08 -3.52 -10.10
CA LYS A 101 -10.01 -4.97 -10.00
C LYS A 101 -8.77 -5.37 -9.21
N PHE A 102 -8.91 -5.31 -7.89
CA PHE A 102 -7.92 -5.81 -6.94
C PHE A 102 -7.54 -7.24 -7.31
N ILE A 103 -6.35 -7.65 -6.90
CA ILE A 103 -5.82 -8.95 -7.27
C ILE A 103 -6.82 -10.04 -6.88
N ILE A 104 -7.14 -10.91 -7.84
CA ILE A 104 -8.04 -12.02 -7.59
C ILE A 104 -7.41 -12.95 -6.56
N ASN A 105 -8.25 -13.71 -5.86
CA ASN A 105 -7.89 -14.64 -4.78
C ASN A 105 -7.36 -13.88 -3.56
N SER A 106 -8.29 -13.52 -2.66
CA SER A 106 -7.95 -13.08 -1.32
C SER A 106 -7.22 -14.19 -0.58
N GLY A 1 4.93 -9.34 8.31
CA GLY A 1 5.18 -8.07 7.62
C GLY A 1 5.56 -7.02 8.64
N SER A 2 4.62 -6.17 9.05
CA SER A 2 4.82 -5.22 10.12
C SER A 2 5.38 -5.91 11.36
N LYS A 3 6.12 -5.17 12.19
CA LYS A 3 6.64 -5.64 13.46
C LYS A 3 6.54 -4.53 14.47
N GLY A 4 6.38 -4.88 15.74
CA GLY A 4 6.16 -3.95 16.83
C GLY A 4 5.54 -4.73 17.99
N VAL A 5 4.89 -4.00 18.90
CA VAL A 5 4.13 -4.62 19.99
C VAL A 5 2.91 -5.36 19.46
N GLU A 6 2.08 -5.90 20.35
CA GLU A 6 0.83 -6.51 19.96
C GLU A 6 -0.25 -5.46 19.79
N LEU A 7 -0.74 -5.38 18.56
CA LEU A 7 -1.85 -4.56 18.12
C LEU A 7 -2.46 -5.22 16.90
N ARG A 8 -2.80 -6.50 17.04
CA ARG A 8 -3.41 -7.28 15.97
C ARG A 8 -2.46 -7.44 14.78
N ASN A 9 -1.15 -7.59 15.03
CA ASN A 9 -0.14 -7.73 13.98
C ASN A 9 -0.51 -8.80 12.96
N ASP A 10 -1.11 -9.88 13.42
CA ASP A 10 -1.60 -10.93 12.53
C ASP A 10 -2.67 -10.37 11.57
N SER A 11 -3.72 -9.77 12.12
CA SER A 11 -4.88 -9.35 11.36
C SER A 11 -4.49 -8.25 10.36
N GLU A 12 -3.77 -7.23 10.84
CA GLU A 12 -3.38 -6.11 10.00
C GLU A 12 -2.16 -6.47 9.16
N GLY A 13 -1.38 -7.46 9.60
CA GLY A 13 -0.29 -8.02 8.83
C GLY A 13 -0.85 -8.63 7.56
N PHE A 14 -1.94 -9.39 7.66
CA PHE A 14 -2.51 -10.08 6.52
C PHE A 14 -2.91 -9.09 5.43
N ILE A 15 -3.69 -8.06 5.78
CA ILE A 15 -4.14 -7.08 4.80
C ILE A 15 -2.99 -6.22 4.25
N HIS A 16 -2.00 -5.89 5.09
CA HIS A 16 -0.81 -5.15 4.68
C HIS A 16 -0.14 -5.95 3.56
N GLU A 17 0.12 -7.22 3.85
CA GLU A 17 0.84 -8.14 2.99
C GLU A 17 0.05 -8.42 1.71
N PHE A 18 -1.28 -8.41 1.74
CA PHE A 18 -2.09 -8.40 0.53
C PHE A 18 -1.68 -7.24 -0.36
N GLY A 19 -1.67 -6.02 0.18
CA GLY A 19 -1.23 -4.86 -0.59
C GLY A 19 0.12 -5.13 -1.25
N HIS A 20 1.06 -5.65 -0.47
CA HIS A 20 2.40 -5.94 -0.96
C HIS A 20 2.39 -6.97 -2.07
N ALA A 21 1.62 -8.05 -1.94
CA ALA A 21 1.56 -9.11 -2.93
C ALA A 21 1.04 -8.53 -4.24
N VAL A 22 0.16 -7.53 -4.16
CA VAL A 22 -0.32 -6.91 -5.40
C VAL A 22 0.78 -6.08 -6.04
N ASP A 23 1.54 -5.34 -5.24
CA ASP A 23 2.72 -4.63 -5.72
C ASP A 23 3.73 -5.59 -6.34
N ASP A 24 3.74 -6.83 -5.84
CA ASP A 24 4.73 -7.83 -6.22
C ASP A 24 4.46 -8.20 -7.67
N TYR A 25 3.20 -8.50 -7.98
CA TYR A 25 2.75 -8.76 -9.34
C TYR A 25 3.08 -7.56 -10.23
N ALA A 26 2.77 -6.35 -9.77
CA ALA A 26 3.09 -5.16 -10.55
C ALA A 26 4.58 -5.07 -10.85
N GLY A 27 5.45 -5.53 -9.96
CA GLY A 27 6.90 -5.45 -10.12
C GLY A 27 7.49 -6.65 -10.84
N TYR A 28 6.73 -7.73 -10.99
CA TYR A 28 7.16 -8.88 -11.78
C TYR A 28 6.87 -8.59 -13.26
N LEU A 29 5.64 -8.17 -13.55
CA LEU A 29 5.16 -7.91 -14.90
C LEU A 29 5.66 -6.58 -15.43
N LEU A 30 5.71 -5.57 -14.56
CA LEU A 30 6.10 -4.23 -14.96
C LEU A 30 7.34 -3.88 -14.13
N ASP A 31 8.05 -2.81 -14.50
CA ASP A 31 9.27 -2.38 -13.84
C ASP A 31 10.42 -3.36 -14.15
N LYS A 32 11.47 -2.90 -14.82
CA LYS A 32 12.54 -3.78 -15.30
C LYS A 32 13.83 -3.35 -14.61
N ASN A 33 14.78 -4.30 -14.53
CA ASN A 33 15.95 -4.29 -13.67
C ASN A 33 15.50 -4.32 -12.21
N GLN A 34 15.77 -5.45 -11.54
CA GLN A 34 15.29 -5.72 -10.20
C GLN A 34 13.76 -5.69 -10.17
N SER A 35 13.15 -6.44 -11.09
CA SER A 35 11.72 -6.64 -11.19
C SER A 35 11.21 -7.31 -9.91
N ASP A 36 10.65 -6.51 -9.00
CA ASP A 36 10.28 -6.92 -7.66
C ASP A 36 9.05 -6.13 -7.23
N LEU A 37 9.09 -4.79 -7.35
CA LEU A 37 8.03 -3.87 -6.97
C LEU A 37 7.96 -2.76 -8.02
N VAL A 38 6.81 -2.11 -8.23
CA VAL A 38 6.68 -1.14 -9.32
C VAL A 38 7.08 0.28 -8.88
N THR A 39 8.11 0.38 -8.03
CA THR A 39 8.48 1.61 -7.35
C THR A 39 9.27 2.56 -8.27
N ASN A 40 9.33 2.35 -9.59
CA ASN A 40 10.03 3.23 -10.52
C ASN A 40 9.18 3.50 -11.76
N SER A 41 7.90 3.80 -11.59
CA SER A 41 7.06 4.15 -12.73
C SER A 41 5.94 5.09 -12.32
N LYS A 42 4.95 5.28 -13.21
CA LYS A 42 3.74 6.09 -13.05
C LYS A 42 4.02 7.59 -12.97
N LYS A 43 4.72 8.02 -11.93
CA LYS A 43 5.12 9.40 -11.66
C LYS A 43 6.55 9.48 -11.14
N PHE A 44 7.32 8.38 -11.26
CA PHE A 44 8.72 8.32 -10.87
C PHE A 44 8.87 8.60 -9.36
N ILE A 45 8.43 7.63 -8.55
CA ILE A 45 8.50 7.63 -7.09
C ILE A 45 8.28 9.03 -6.49
N ASP A 46 7.04 9.51 -6.56
CA ASP A 46 6.69 10.89 -6.19
C ASP A 46 5.67 10.89 -5.05
N ILE A 47 4.61 10.09 -5.21
CA ILE A 47 3.57 9.88 -4.22
C ILE A 47 4.19 9.50 -2.88
N PHE A 48 5.08 8.49 -2.88
CA PHE A 48 5.81 8.09 -1.69
C PHE A 48 6.68 9.21 -1.15
N LYS A 49 7.23 10.08 -2.00
CA LYS A 49 8.13 11.10 -1.47
C LYS A 49 7.35 12.09 -0.61
N GLU A 50 6.19 12.54 -1.07
CA GLU A 50 5.39 13.49 -0.32
C GLU A 50 4.58 12.75 0.75
N GLU A 51 3.66 11.90 0.30
CA GLU A 51 2.64 11.30 1.15
C GLU A 51 3.25 10.22 2.02
N GLY A 52 4.32 9.58 1.53
CA GLY A 52 5.14 8.68 2.30
C GLY A 52 6.00 9.38 3.36
N SER A 53 5.46 10.40 4.02
CA SER A 53 5.97 10.94 5.26
C SER A 53 4.80 11.48 6.09
N ASN A 54 3.63 10.83 5.97
CA ASN A 54 2.39 11.39 6.53
C ASN A 54 1.47 10.31 7.08
N LEU A 55 1.32 9.20 6.36
CA LEU A 55 0.39 8.16 6.78
C LEU A 55 0.81 7.55 8.12
N THR A 56 2.12 7.43 8.32
CA THR A 56 2.75 6.83 9.50
C THR A 56 4.26 6.80 9.23
N SER A 57 5.07 6.48 10.25
CA SER A 57 6.49 6.19 10.08
C SER A 57 6.69 4.98 9.17
N TYR A 58 5.81 3.97 9.27
CA TYR A 58 5.83 2.83 8.35
C TYR A 58 5.44 3.23 6.92
N GLY A 59 4.95 4.46 6.74
CA GLY A 59 4.66 5.02 5.44
C GLY A 59 5.88 5.75 4.88
N ARG A 60 7.01 5.75 5.58
CA ARG A 60 8.22 6.47 5.16
C ARG A 60 9.44 5.58 5.09
N THR A 61 9.38 4.39 5.65
CA THR A 61 10.41 3.35 5.66
C THR A 61 10.74 2.93 4.23
N ASN A 62 10.28 1.77 3.78
CA ASN A 62 10.49 1.37 2.40
C ASN A 62 9.28 1.81 1.60
N GLU A 63 9.44 2.08 0.30
CA GLU A 63 8.30 2.43 -0.54
C GLU A 63 7.28 1.29 -0.52
N ALA A 64 7.75 0.05 -0.45
CA ALA A 64 6.92 -1.13 -0.35
C ALA A 64 6.07 -1.16 0.92
N GLU A 65 6.56 -0.59 2.02
CA GLU A 65 5.77 -0.52 3.24
C GLU A 65 4.72 0.57 3.10
N PHE A 66 5.10 1.71 2.53
CA PHE A 66 4.16 2.78 2.22
C PHE A 66 2.98 2.26 1.40
N PHE A 67 3.24 1.55 0.30
CA PHE A 67 2.21 1.05 -0.57
C PHE A 67 1.36 0.01 0.17
N ALA A 68 2.00 -0.98 0.80
CA ALA A 68 1.29 -2.05 1.49
C ALA A 68 0.37 -1.53 2.61
N GLU A 69 0.89 -0.64 3.46
CA GLU A 69 0.12 0.07 4.47
C GLU A 69 -1.00 0.88 3.83
N ALA A 70 -0.73 1.55 2.71
CA ALA A 70 -1.76 2.34 2.05
C ALA A 70 -2.94 1.44 1.70
N PHE A 71 -2.67 0.23 1.20
CA PHE A 71 -3.67 -0.81 0.96
C PHE A 71 -4.48 -1.10 2.22
N ARG A 72 -3.81 -1.38 3.35
CA ARG A 72 -4.49 -1.61 4.63
C ARG A 72 -5.51 -0.49 4.87
N LEU A 73 -5.02 0.73 4.96
CA LEU A 73 -5.79 1.92 5.27
C LEU A 73 -6.88 2.16 4.23
N MET A 74 -6.67 1.73 2.98
CA MET A 74 -7.63 1.92 1.90
C MET A 74 -8.95 1.21 2.20
N HIS A 75 -8.85 -0.01 2.75
CA HIS A 75 -10.03 -0.80 3.07
C HIS A 75 -10.49 -0.65 4.53
N SER A 76 -9.62 -0.22 5.45
CA SER A 76 -9.84 -0.19 6.89
C SER A 76 -11.30 0.05 7.22
N THR A 77 -11.90 -0.95 7.84
CA THR A 77 -13.31 -1.00 8.23
C THR A 77 -13.74 0.30 8.89
N ASP A 78 -12.86 0.85 9.72
CA ASP A 78 -13.01 2.20 10.21
C ASP A 78 -12.94 3.18 9.03
N HIS A 79 -14.10 3.72 8.64
CA HIS A 79 -14.16 4.74 7.60
C HIS A 79 -13.22 5.90 7.90
N ALA A 80 -13.02 6.25 9.17
CA ALA A 80 -12.11 7.34 9.51
C ALA A 80 -10.72 7.03 8.99
N GLU A 81 -10.13 5.87 9.33
CA GLU A 81 -8.82 5.45 8.87
C GLU A 81 -8.63 5.74 7.40
N ARG A 82 -9.64 5.39 6.61
CA ARG A 82 -9.55 5.55 5.18
C ARG A 82 -9.44 7.03 4.85
N LEU A 83 -10.35 7.85 5.39
CA LEU A 83 -10.30 9.29 5.20
C LEU A 83 -9.09 9.94 5.86
N LYS A 84 -8.40 9.31 6.82
CA LYS A 84 -7.12 9.86 7.25
C LYS A 84 -6.16 9.71 6.08
N VAL A 85 -6.13 8.56 5.42
CA VAL A 85 -5.27 8.42 4.26
C VAL A 85 -5.67 9.38 3.14
N GLN A 86 -6.94 9.52 2.76
CA GLN A 86 -7.24 10.48 1.70
C GLN A 86 -6.90 11.90 2.11
N LYS A 87 -7.33 12.34 3.29
CA LYS A 87 -7.13 13.70 3.76
C LYS A 87 -5.63 14.02 3.80
N ASN A 88 -4.87 13.17 4.46
CA ASN A 88 -3.42 13.34 4.61
C ASN A 88 -2.73 13.18 3.26
N ALA A 89 -3.27 12.33 2.38
CA ALA A 89 -2.69 11.95 1.10
C ALA A 89 -3.76 11.93 0.02
N PRO A 90 -4.06 13.09 -0.58
CA PRO A 90 -5.12 13.23 -1.57
C PRO A 90 -4.67 12.78 -2.96
N LYS A 91 -4.05 11.60 -3.05
CA LYS A 91 -3.43 11.05 -4.25
C LYS A 91 -3.10 9.58 -4.04
N THR A 92 -2.36 9.23 -2.98
CA THR A 92 -1.99 7.84 -2.67
C THR A 92 -3.21 6.92 -2.67
N PHE A 93 -4.28 7.35 -2.02
CA PHE A 93 -5.50 6.53 -2.00
C PHE A 93 -5.99 6.25 -3.40
N GLN A 94 -6.03 7.31 -4.20
CA GLN A 94 -6.51 7.18 -5.56
C GLN A 94 -5.61 6.22 -6.33
N PHE A 95 -4.31 6.14 -6.01
CA PHE A 95 -3.34 5.31 -6.72
C PHE A 95 -3.78 3.85 -6.64
N ILE A 96 -3.88 3.33 -5.41
CA ILE A 96 -4.37 1.98 -5.17
C ILE A 96 -5.73 1.82 -5.84
N ASN A 97 -6.61 2.81 -5.71
CA ASN A 97 -7.95 2.67 -6.28
C ASN A 97 -7.91 2.49 -7.80
N ASP A 98 -6.99 3.19 -8.46
CA ASP A 98 -6.76 3.19 -9.89
C ASP A 98 -6.22 1.81 -10.31
N GLN A 99 -5.30 1.24 -9.54
CA GLN A 99 -4.87 -0.14 -9.74
C GLN A 99 -5.93 -1.08 -9.16
N ILE A 100 -6.92 -1.42 -9.99
CA ILE A 100 -7.95 -2.40 -9.67
C ILE A 100 -7.32 -3.59 -8.95
N LYS A 101 -7.82 -3.90 -7.75
CA LYS A 101 -7.26 -4.91 -6.87
C LYS A 101 -7.53 -6.30 -7.46
N PHE A 102 -6.71 -6.72 -8.41
CA PHE A 102 -6.94 -7.93 -9.17
C PHE A 102 -5.59 -8.57 -9.44
N ILE A 103 -5.39 -9.77 -8.90
CA ILE A 103 -4.12 -10.51 -9.00
C ILE A 103 -4.37 -11.96 -9.41
N ILE A 104 -5.44 -12.56 -8.88
CA ILE A 104 -5.84 -13.92 -9.22
C ILE A 104 -7.33 -13.91 -9.52
N ASN A 105 -8.15 -13.48 -8.57
CA ASN A 105 -9.59 -13.29 -8.74
C ASN A 105 -10.04 -12.23 -7.75
N SER A 106 -11.30 -11.80 -7.82
CA SER A 106 -11.96 -11.23 -6.67
C SER A 106 -12.48 -12.38 -5.79
N GLY A 1 4.95 -10.28 8.10
CA GLY A 1 4.14 -9.11 8.48
C GLY A 1 2.95 -9.53 9.32
N SER A 2 3.20 -10.22 10.42
CA SER A 2 2.23 -11.20 10.91
C SER A 2 1.92 -10.97 12.38
N LYS A 3 2.94 -10.74 13.20
CA LYS A 3 2.80 -10.68 14.65
C LYS A 3 2.22 -12.00 15.16
N GLY A 4 1.52 -12.02 16.29
CA GLY A 4 1.19 -13.25 16.99
C GLY A 4 -0.29 -13.57 16.83
N VAL A 5 -1.02 -13.58 17.95
CA VAL A 5 -2.46 -13.77 17.92
C VAL A 5 -3.13 -12.47 17.49
N GLU A 6 -4.44 -12.37 17.64
CA GLU A 6 -5.14 -11.15 17.32
C GLU A 6 -4.96 -10.08 18.40
N LEU A 7 -4.26 -9.01 18.02
CA LEU A 7 -4.04 -7.84 18.85
C LEU A 7 -3.94 -6.59 17.97
N ARG A 8 -4.83 -6.47 16.98
CA ARG A 8 -4.91 -5.38 16.00
C ARG A 8 -3.78 -5.43 14.99
N ASN A 9 -2.54 -5.31 15.47
CA ASN A 9 -1.31 -5.38 14.68
C ASN A 9 -1.23 -6.59 13.79
N ASP A 10 -1.75 -7.70 14.27
CA ASP A 10 -1.95 -8.90 13.49
C ASP A 10 -2.79 -8.59 12.26
N SER A 11 -4.01 -8.11 12.47
CA SER A 11 -4.99 -7.98 11.42
C SER A 11 -4.51 -6.99 10.37
N GLU A 12 -4.05 -5.82 10.82
CA GLU A 12 -3.53 -4.78 9.98
C GLU A 12 -2.25 -5.25 9.30
N GLY A 13 -1.44 -6.04 10.01
CA GLY A 13 -0.26 -6.69 9.45
C GLY A 13 -0.63 -7.59 8.26
N PHE A 14 -1.67 -8.40 8.42
CA PHE A 14 -2.10 -9.41 7.48
C PHE A 14 -2.43 -8.73 6.16
N ILE A 15 -3.36 -7.78 6.21
CA ILE A 15 -3.77 -7.05 5.02
C ILE A 15 -2.68 -6.11 4.51
N HIS A 16 -1.76 -5.66 5.39
CA HIS A 16 -0.64 -4.85 4.96
C HIS A 16 0.15 -5.68 3.94
N GLU A 17 0.54 -6.90 4.32
CA GLU A 17 1.26 -7.78 3.44
C GLU A 17 0.47 -8.08 2.18
N PHE A 18 -0.86 -8.19 2.27
CA PHE A 18 -1.69 -8.35 1.08
C PHE A 18 -1.40 -7.26 0.06
N GLY A 19 -1.34 -5.99 0.50
CA GLY A 19 -0.91 -4.90 -0.36
C GLY A 19 0.40 -5.23 -1.06
N HIS A 20 1.39 -5.71 -0.30
CA HIS A 20 2.69 -6.03 -0.87
C HIS A 20 2.59 -7.14 -1.91
N ALA A 21 1.81 -8.19 -1.63
CA ALA A 21 1.63 -9.30 -2.54
C ALA A 21 1.00 -8.80 -3.84
N VAL A 22 0.13 -7.78 -3.77
CA VAL A 22 -0.42 -7.20 -4.99
C VAL A 22 0.69 -6.50 -5.78
N ASP A 23 1.59 -5.79 -5.08
CA ASP A 23 2.72 -5.16 -5.75
C ASP A 23 3.63 -6.20 -6.41
N ASP A 24 3.55 -7.47 -5.98
CA ASP A 24 4.39 -8.51 -6.55
C ASP A 24 4.04 -8.70 -8.01
N TYR A 25 2.76 -8.99 -8.29
CA TYR A 25 2.27 -9.16 -9.66
C TYR A 25 2.60 -7.94 -10.50
N ALA A 26 2.22 -6.76 -10.01
CA ALA A 26 2.45 -5.55 -10.78
C ALA A 26 3.95 -5.35 -11.08
N GLY A 27 4.84 -5.75 -10.16
CA GLY A 27 6.27 -5.64 -10.37
C GLY A 27 6.73 -6.62 -11.44
N TYR A 28 6.28 -7.87 -11.34
CA TYR A 28 6.65 -8.96 -12.24
C TYR A 28 6.39 -8.56 -13.68
N LEU A 29 5.19 -8.04 -13.93
CA LEU A 29 4.74 -7.64 -15.24
C LEU A 29 5.38 -6.33 -15.69
N LEU A 30 5.49 -5.36 -14.78
CA LEU A 30 5.89 -4.01 -15.14
C LEU A 30 7.26 -3.76 -14.52
N ASP A 31 8.20 -4.68 -14.79
CA ASP A 31 9.45 -4.77 -14.07
C ASP A 31 10.39 -3.63 -14.44
N LYS A 32 11.24 -3.21 -13.50
CA LYS A 32 12.11 -2.05 -13.60
C LYS A 32 13.21 -2.10 -12.56
N ASN A 33 12.89 -2.44 -11.32
CA ASN A 33 13.78 -2.25 -10.19
C ASN A 33 14.18 -3.62 -9.66
N GLN A 34 15.45 -4.00 -9.84
CA GLN A 34 15.91 -5.33 -9.49
C GLN A 34 15.76 -5.65 -8.00
N SER A 35 15.48 -4.68 -7.14
CA SER A 35 15.27 -4.93 -5.72
C SER A 35 14.08 -4.13 -5.19
N ASP A 36 13.08 -3.87 -6.02
CA ASP A 36 11.79 -3.35 -5.55
C ASP A 36 10.71 -3.85 -6.52
N LEU A 37 9.49 -3.33 -6.46
CA LEU A 37 8.37 -3.78 -7.27
C LEU A 37 7.91 -2.61 -8.15
N VAL A 38 6.65 -2.61 -8.63
CA VAL A 38 6.14 -1.52 -9.42
C VAL A 38 6.26 -0.21 -8.65
N THR A 39 5.99 -0.21 -7.34
CA THR A 39 6.14 0.92 -6.43
C THR A 39 6.01 2.30 -7.14
N ASN A 40 4.75 2.74 -7.29
CA ASN A 40 4.32 4.03 -7.82
C ASN A 40 4.88 4.43 -9.20
N SER A 41 5.22 3.49 -10.09
CA SER A 41 5.80 3.77 -11.41
C SER A 41 5.27 5.02 -12.13
N LYS A 42 3.95 5.13 -12.34
CA LYS A 42 3.43 6.23 -13.17
C LYS A 42 3.84 7.59 -12.65
N LYS A 43 3.97 7.75 -11.32
CA LYS A 43 4.51 8.97 -10.75
C LYS A 43 5.69 8.55 -9.88
N PHE A 44 6.69 8.01 -10.57
CA PHE A 44 7.91 7.45 -10.00
C PHE A 44 8.48 8.41 -8.96
N ILE A 45 8.49 8.00 -7.69
CA ILE A 45 9.13 8.75 -6.62
C ILE A 45 8.50 10.15 -6.47
N ASP A 46 7.28 10.19 -5.93
CA ASP A 46 6.59 11.48 -5.77
C ASP A 46 5.54 11.36 -4.66
N ILE A 47 4.58 10.44 -4.87
CA ILE A 47 3.55 10.05 -3.91
C ILE A 47 4.23 9.70 -2.59
N PHE A 48 5.22 8.82 -2.64
CA PHE A 48 6.01 8.46 -1.47
C PHE A 48 6.77 9.64 -0.88
N LYS A 49 7.23 10.61 -1.67
CA LYS A 49 8.03 11.66 -1.07
C LYS A 49 7.19 12.44 -0.07
N GLU A 50 6.01 12.90 -0.48
CA GLU A 50 5.18 13.67 0.43
C GLU A 50 4.46 12.71 1.37
N GLU A 51 3.56 11.90 0.83
CA GLU A 51 2.60 11.17 1.64
C GLU A 51 3.28 10.04 2.40
N GLY A 52 4.37 9.52 1.85
CA GLY A 52 5.28 8.61 2.51
C GLY A 52 6.12 9.25 3.60
N SER A 53 5.52 10.16 4.38
CA SER A 53 6.02 10.51 5.70
C SER A 53 4.86 10.91 6.60
N ASN A 54 3.67 10.35 6.35
CA ASN A 54 2.46 10.81 7.03
C ASN A 54 1.53 9.67 7.42
N LEU A 55 1.35 8.69 6.53
CA LEU A 55 0.39 7.61 6.78
C LEU A 55 0.76 6.85 8.06
N THR A 56 2.05 6.67 8.29
CA THR A 56 2.62 5.96 9.43
C THR A 56 4.14 6.01 9.29
N SER A 57 4.89 5.59 10.31
CA SER A 57 6.33 5.38 10.22
C SER A 57 6.63 4.30 9.18
N TYR A 58 5.80 3.26 9.08
CA TYR A 58 5.92 2.25 8.02
C TYR A 58 5.57 2.81 6.63
N GLY A 59 5.12 4.07 6.57
CA GLY A 59 4.89 4.78 5.34
C GLY A 59 6.12 5.55 4.90
N ARG A 60 7.16 5.62 5.73
CA ARG A 60 8.38 6.38 5.41
C ARG A 60 9.58 5.45 5.20
N THR A 61 9.45 4.18 5.58
CA THR A 61 10.38 3.12 5.23
C THR A 61 10.37 2.90 3.71
N ASN A 62 10.85 1.74 3.22
CA ASN A 62 10.94 1.50 1.79
C ASN A 62 9.59 1.79 1.10
N GLU A 63 9.66 2.25 -0.15
CA GLU A 63 8.46 2.65 -0.90
C GLU A 63 7.51 1.46 -1.08
N ALA A 64 8.05 0.24 -1.04
CA ALA A 64 7.30 -1.00 -0.97
C ALA A 64 6.38 -1.07 0.25
N GLU A 65 6.88 -0.73 1.43
CA GLU A 65 6.08 -0.75 2.64
C GLU A 65 5.05 0.35 2.60
N PHE A 66 5.44 1.54 2.16
CA PHE A 66 4.53 2.66 1.96
C PHE A 66 3.31 2.23 1.15
N PHE A 67 3.53 1.60 0.00
CA PHE A 67 2.47 1.09 -0.84
C PHE A 67 1.63 0.05 -0.09
N ALA A 68 2.28 -0.85 0.64
CA ALA A 68 1.59 -1.93 1.34
C ALA A 68 0.61 -1.40 2.40
N GLU A 69 1.05 -0.42 3.21
CA GLU A 69 0.21 0.28 4.17
C GLU A 69 -0.92 0.98 3.43
N ALA A 70 -0.62 1.62 2.31
CA ALA A 70 -1.64 2.32 1.55
C ALA A 70 -2.77 1.36 1.18
N PHE A 71 -2.45 0.14 0.75
CA PHE A 71 -3.44 -0.87 0.41
C PHE A 71 -4.30 -1.24 1.62
N ARG A 72 -3.67 -1.55 2.76
CA ARG A 72 -4.37 -1.83 4.03
C ARG A 72 -5.42 -0.76 4.29
N LEU A 73 -4.99 0.49 4.37
CA LEU A 73 -5.81 1.64 4.70
C LEU A 73 -6.85 1.88 3.62
N MET A 74 -6.58 1.50 2.38
CA MET A 74 -7.50 1.73 1.27
C MET A 74 -8.86 1.08 1.54
N HIS A 75 -8.86 -0.13 2.10
CA HIS A 75 -10.09 -0.82 2.43
C HIS A 75 -10.54 -0.59 3.87
N SER A 76 -9.61 -0.63 4.84
CA SER A 76 -9.81 -0.61 6.31
C SER A 76 -11.27 -0.61 6.74
N THR A 77 -11.68 -1.72 7.37
CA THR A 77 -13.01 -1.96 7.90
C THR A 77 -13.57 -0.71 8.59
N ASP A 78 -12.75 -0.04 9.40
CA ASP A 78 -13.18 1.29 9.82
C ASP A 78 -12.96 2.26 8.66
N HIS A 79 -14.06 2.65 8.03
CA HIS A 79 -14.11 3.70 7.03
C HIS A 79 -13.26 4.91 7.41
N ALA A 80 -13.20 5.26 8.70
CA ALA A 80 -12.45 6.40 9.17
C ALA A 80 -10.99 6.29 8.75
N GLU A 81 -10.37 5.13 8.97
CA GLU A 81 -8.97 4.92 8.61
C GLU A 81 -8.70 5.25 7.17
N ARG A 82 -9.69 4.98 6.30
CA ARG A 82 -9.51 5.32 4.91
C ARG A 82 -9.37 6.82 4.78
N LEU A 83 -10.31 7.57 5.37
CA LEU A 83 -10.25 9.03 5.36
C LEU A 83 -9.01 9.57 6.05
N LYS A 84 -8.41 8.85 7.01
CA LYS A 84 -7.15 9.33 7.56
C LYS A 84 -6.11 9.36 6.44
N VAL A 85 -6.03 8.31 5.63
CA VAL A 85 -5.16 8.32 4.47
C VAL A 85 -5.60 9.40 3.51
N GLN A 86 -6.79 9.31 2.93
CA GLN A 86 -7.23 10.21 1.87
C GLN A 86 -6.96 11.66 2.21
N LYS A 87 -7.39 12.11 3.39
CA LYS A 87 -7.24 13.50 3.78
C LYS A 87 -5.75 13.85 3.95
N ASN A 88 -4.94 12.95 4.53
CA ASN A 88 -3.53 13.19 4.73
C ASN A 88 -2.72 12.90 3.46
N ALA A 89 -3.36 12.35 2.42
CA ALA A 89 -2.72 11.84 1.23
C ALA A 89 -3.75 11.79 0.10
N PRO A 90 -4.11 12.94 -0.46
CA PRO A 90 -5.15 13.08 -1.48
C PRO A 90 -4.62 12.71 -2.87
N LYS A 91 -3.87 11.62 -2.97
CA LYS A 91 -3.22 11.15 -4.18
C LYS A 91 -2.87 9.67 -4.00
N THR A 92 -2.12 9.31 -2.96
CA THR A 92 -1.78 7.91 -2.65
C THR A 92 -3.03 7.04 -2.66
N PHE A 93 -4.08 7.47 -1.98
CA PHE A 93 -5.30 6.68 -1.93
C PHE A 93 -5.85 6.45 -3.31
N GLN A 94 -5.99 7.56 -4.05
CA GLN A 94 -6.54 7.51 -5.37
C GLN A 94 -5.68 6.61 -6.27
N PHE A 95 -4.37 6.49 -5.98
CA PHE A 95 -3.42 5.76 -6.79
C PHE A 95 -3.77 4.28 -6.77
N ILE A 96 -3.84 3.68 -5.59
CA ILE A 96 -4.27 2.30 -5.44
C ILE A 96 -5.68 2.16 -6.00
N ASN A 97 -6.56 3.13 -5.73
CA ASN A 97 -7.94 3.07 -6.20
C ASN A 97 -8.00 3.02 -7.74
N ASP A 98 -7.03 3.62 -8.42
CA ASP A 98 -6.93 3.60 -9.88
C ASP A 98 -6.54 2.20 -10.33
N GLN A 99 -5.55 1.61 -9.64
CA GLN A 99 -5.01 0.31 -9.99
C GLN A 99 -6.07 -0.78 -9.86
N ILE A 100 -6.68 -0.91 -8.68
CA ILE A 100 -7.65 -1.97 -8.43
C ILE A 100 -8.97 -1.67 -9.13
N LYS A 101 -9.07 -2.09 -10.40
CA LYS A 101 -10.28 -1.97 -11.19
C LYS A 101 -10.79 -3.36 -11.52
N PHE A 102 -10.00 -4.13 -12.26
CA PHE A 102 -10.26 -5.54 -12.53
C PHE A 102 -8.91 -6.24 -12.49
N ILE A 103 -8.76 -7.23 -11.60
CA ILE A 103 -7.56 -8.06 -11.53
C ILE A 103 -8.02 -9.52 -11.42
N ILE A 104 -8.92 -9.80 -10.48
CA ILE A 104 -9.61 -11.07 -10.36
C ILE A 104 -11.01 -10.74 -9.83
N ASN A 105 -11.87 -11.74 -9.65
CA ASN A 105 -13.22 -11.55 -9.12
C ASN A 105 -13.50 -12.64 -8.11
N SER A 106 -14.16 -12.29 -7.00
CA SER A 106 -14.11 -13.08 -5.78
C SER A 106 -12.67 -13.44 -5.43
N GLY A 1 -13.34 -9.75 1.55
CA GLY A 1 -13.54 -11.15 1.94
C GLY A 1 -13.28 -11.24 3.42
N SER A 2 -14.21 -11.84 4.17
CA SER A 2 -14.31 -11.65 5.61
C SER A 2 -14.60 -10.18 5.93
N LYS A 3 -14.92 -9.88 7.20
CA LYS A 3 -15.10 -8.51 7.67
C LYS A 3 -14.83 -8.48 9.17
N GLY A 4 -14.52 -7.31 9.70
CA GLY A 4 -14.31 -7.13 11.14
C GLY A 4 -13.53 -5.85 11.38
N VAL A 5 -13.56 -5.36 12.61
CA VAL A 5 -12.61 -4.35 13.03
C VAL A 5 -11.25 -4.98 13.27
N GLU A 6 -10.29 -4.17 13.73
CA GLU A 6 -8.90 -4.54 13.82
C GLU A 6 -8.50 -4.71 15.29
N LEU A 7 -8.27 -5.98 15.66
CA LEU A 7 -7.95 -6.42 17.01
C LEU A 7 -7.07 -7.66 16.98
N ARG A 8 -6.28 -7.84 15.92
CA ARG A 8 -5.28 -8.88 15.83
C ARG A 8 -4.17 -8.38 14.93
N ASN A 9 -2.95 -8.27 15.45
CA ASN A 9 -1.74 -8.01 14.67
C ASN A 9 -1.61 -8.97 13.50
N ASP A 10 -2.07 -10.20 13.69
CA ASP A 10 -2.12 -11.22 12.66
C ASP A 10 -2.96 -10.74 11.48
N SER A 11 -4.19 -10.28 11.70
CA SER A 11 -5.05 -9.81 10.64
C SER A 11 -4.56 -8.49 10.01
N GLU A 12 -4.19 -7.53 10.85
CA GLU A 12 -3.72 -6.21 10.42
C GLU A 12 -2.42 -6.38 9.62
N GLY A 13 -1.61 -7.33 10.05
CA GLY A 13 -0.37 -7.71 9.38
C GLY A 13 -0.72 -8.30 8.02
N PHE A 14 -1.63 -9.27 7.99
CA PHE A 14 -2.05 -9.97 6.79
C PHE A 14 -2.39 -8.97 5.69
N ILE A 15 -3.34 -8.07 5.92
CA ILE A 15 -3.76 -7.13 4.89
C ILE A 15 -2.61 -6.22 4.44
N HIS A 16 -1.73 -5.83 5.36
CA HIS A 16 -0.58 -4.99 5.02
C HIS A 16 0.25 -5.76 3.98
N GLU A 17 0.65 -6.98 4.32
CA GLU A 17 1.42 -7.87 3.46
C GLU A 17 0.71 -8.12 2.14
N PHE A 18 -0.62 -8.26 2.12
CA PHE A 18 -1.39 -8.43 0.89
C PHE A 18 -1.09 -7.28 -0.05
N GLY A 19 -1.15 -6.04 0.43
CA GLY A 19 -0.78 -4.90 -0.38
C GLY A 19 0.59 -5.11 -1.03
N HIS A 20 1.55 -5.58 -0.25
CA HIS A 20 2.89 -5.85 -0.73
C HIS A 20 2.90 -6.93 -1.82
N ALA A 21 2.18 -8.03 -1.63
CA ALA A 21 2.14 -9.09 -2.62
C ALA A 21 1.45 -8.59 -3.90
N VAL A 22 0.56 -7.62 -3.80
CA VAL A 22 -0.05 -7.06 -5.01
C VAL A 22 0.99 -6.23 -5.75
N ASP A 23 1.84 -5.50 -5.02
CA ASP A 23 2.96 -4.78 -5.59
C ASP A 23 3.88 -5.72 -6.38
N ASP A 24 3.93 -6.98 -5.95
CA ASP A 24 4.80 -7.99 -6.52
C ASP A 24 4.31 -8.31 -7.92
N TYR A 25 3.01 -8.59 -8.06
CA TYR A 25 2.39 -8.87 -9.34
C TYR A 25 2.59 -7.69 -10.29
N ALA A 26 2.36 -6.47 -9.80
CA ALA A 26 2.59 -5.28 -10.61
C ALA A 26 4.03 -5.21 -11.11
N GLY A 27 5.00 -5.64 -10.30
CA GLY A 27 6.39 -5.70 -10.72
C GLY A 27 6.55 -6.66 -11.88
N TYR A 28 6.21 -7.92 -11.63
CA TYR A 28 6.39 -9.04 -12.55
C TYR A 28 5.81 -8.71 -13.93
N LEU A 29 4.56 -8.23 -13.96
CA LEU A 29 3.84 -7.97 -15.19
C LEU A 29 4.30 -6.69 -15.87
N LEU A 30 4.67 -5.67 -15.10
CA LEU A 30 4.92 -4.36 -15.68
C LEU A 30 6.41 -4.05 -15.55
N ASP A 31 7.25 -5.08 -15.63
CA ASP A 31 8.69 -4.99 -15.54
C ASP A 31 9.19 -4.02 -16.63
N LYS A 32 10.04 -3.08 -16.25
CA LYS A 32 10.55 -2.00 -17.11
C LYS A 32 11.55 -1.16 -16.36
N ASN A 33 11.24 -0.82 -15.11
CA ASN A 33 12.17 -0.11 -14.26
C ASN A 33 13.25 -1.09 -13.81
N GLN A 34 14.37 -0.58 -13.29
CA GLN A 34 15.37 -1.47 -12.70
C GLN A 34 14.80 -2.14 -11.44
N SER A 35 13.86 -1.47 -10.77
CA SER A 35 13.19 -1.95 -9.58
C SER A 35 12.44 -3.27 -9.84
N ASP A 36 12.60 -4.22 -8.94
CA ASP A 36 11.97 -5.55 -9.00
C ASP A 36 10.45 -5.49 -8.81
N LEU A 37 9.95 -4.44 -8.15
CA LEU A 37 8.52 -4.21 -7.98
C LEU A 37 8.17 -2.89 -8.67
N VAL A 38 6.88 -2.52 -8.72
CA VAL A 38 6.43 -1.31 -9.41
C VAL A 38 6.81 0.00 -8.66
N THR A 39 7.64 -0.12 -7.61
CA THR A 39 8.22 0.95 -6.80
C THR A 39 9.05 1.90 -7.69
N ASN A 40 8.38 2.88 -8.31
CA ASN A 40 8.97 3.96 -9.10
C ASN A 40 7.91 4.77 -9.85
N SER A 41 6.85 4.09 -10.32
CA SER A 41 5.93 4.70 -11.27
C SER A 41 5.10 5.83 -10.64
N LYS A 42 4.31 6.51 -11.49
CA LYS A 42 3.61 7.77 -11.22
C LYS A 42 4.65 8.89 -11.10
N LYS A 43 4.83 9.65 -12.19
CA LYS A 43 5.95 10.57 -12.33
C LYS A 43 7.25 9.81 -11.99
N PHE A 44 7.94 10.15 -10.90
CA PHE A 44 9.13 9.44 -10.47
C PHE A 44 9.12 9.40 -8.94
N ILE A 45 8.56 8.33 -8.36
CA ILE A 45 8.50 8.04 -6.93
C ILE A 45 7.96 9.24 -6.09
N ASP A 46 7.24 10.17 -6.71
CA ASP A 46 6.86 11.44 -6.10
C ASP A 46 5.90 11.23 -4.94
N ILE A 47 4.91 10.36 -5.13
CA ILE A 47 3.86 10.08 -4.17
C ILE A 47 4.48 9.71 -2.82
N PHE A 48 5.43 8.77 -2.83
CA PHE A 48 6.13 8.39 -1.62
C PHE A 48 6.96 9.54 -1.07
N LYS A 49 7.57 10.37 -1.91
CA LYS A 49 8.40 11.44 -1.38
C LYS A 49 7.61 12.37 -0.48
N GLU A 50 6.44 12.82 -0.94
CA GLU A 50 5.66 13.79 -0.18
C GLU A 50 4.76 13.06 0.83
N GLU A 51 3.90 12.19 0.32
CA GLU A 51 2.84 11.57 1.13
C GLU A 51 3.44 10.51 2.06
N GLY A 52 4.56 9.88 1.66
CA GLY A 52 5.37 8.96 2.45
C GLY A 52 6.10 9.61 3.62
N SER A 53 5.47 10.54 4.34
CA SER A 53 5.82 10.85 5.71
C SER A 53 4.58 11.22 6.51
N ASN A 54 3.38 10.79 6.09
CA ASN A 54 2.14 11.33 6.65
C ASN A 54 1.09 10.27 6.98
N LEU A 55 1.15 9.10 6.34
CA LEU A 55 0.22 8.04 6.69
C LEU A 55 0.58 7.45 8.06
N THR A 56 1.89 7.28 8.30
CA THR A 56 2.44 6.64 9.48
C THR A 56 3.97 6.62 9.34
N SER A 57 4.69 6.17 10.37
CA SER A 57 6.11 5.88 10.29
C SER A 57 6.36 4.79 9.24
N TYR A 58 5.45 3.82 9.13
CA TYR A 58 5.53 2.79 8.09
C TYR A 58 5.34 3.36 6.68
N GLY A 59 4.91 4.62 6.58
CA GLY A 59 4.76 5.30 5.31
C GLY A 59 6.05 6.01 4.91
N ARG A 60 7.05 6.04 5.80
CA ARG A 60 8.33 6.71 5.53
C ARG A 60 9.49 5.72 5.43
N THR A 61 9.27 4.48 5.87
CA THR A 61 10.18 3.38 5.63
C THR A 61 10.26 3.08 4.12
N ASN A 62 10.68 1.89 3.71
CA ASN A 62 10.84 1.57 2.30
C ASN A 62 9.55 1.89 1.53
N GLU A 63 9.64 2.33 0.28
CA GLU A 63 8.45 2.71 -0.48
C GLU A 63 7.47 1.54 -0.61
N ALA A 64 8.02 0.32 -0.67
CA ALA A 64 7.22 -0.89 -0.67
C ALA A 64 6.33 -1.03 0.57
N GLU A 65 6.80 -0.58 1.72
CA GLU A 65 6.00 -0.55 2.92
C GLU A 65 4.94 0.51 2.82
N PHE A 66 5.31 1.73 2.43
CA PHE A 66 4.39 2.83 2.18
C PHE A 66 3.19 2.39 1.34
N PHE A 67 3.43 1.67 0.26
CA PHE A 67 2.37 1.14 -0.59
C PHE A 67 1.53 0.10 0.16
N ALA A 68 2.17 -0.81 0.90
CA ALA A 68 1.53 -1.92 1.57
C ALA A 68 0.60 -1.47 2.71
N GLU A 69 1.09 -0.63 3.61
CA GLU A 69 0.30 0.01 4.66
C GLU A 69 -0.79 0.88 4.04
N ALA A 70 -0.50 1.61 2.96
CA ALA A 70 -1.53 2.36 2.27
C ALA A 70 -2.67 1.44 1.85
N PHE A 71 -2.37 0.22 1.37
CA PHE A 71 -3.36 -0.82 1.08
C PHE A 71 -4.21 -1.14 2.30
N ARG A 72 -3.59 -1.38 3.46
CA ARG A 72 -4.32 -1.64 4.70
C ARG A 72 -5.36 -0.52 4.90
N LEU A 73 -4.89 0.71 4.93
CA LEU A 73 -5.70 1.88 5.21
C LEU A 73 -6.72 2.13 4.10
N MET A 74 -6.44 1.67 2.87
CA MET A 74 -7.34 1.87 1.74
C MET A 74 -8.66 1.14 2.01
N HIS A 75 -8.58 -0.05 2.59
CA HIS A 75 -9.77 -0.85 2.92
C HIS A 75 -10.24 -0.71 4.36
N SER A 76 -9.49 -0.06 5.27
CA SER A 76 -9.79 0.00 6.70
C SER A 76 -11.28 0.09 6.95
N THR A 77 -11.79 -0.96 7.58
CA THR A 77 -13.20 -1.15 7.81
C THR A 77 -13.82 0.08 8.46
N ASP A 78 -13.08 0.74 9.36
CA ASP A 78 -13.52 2.07 9.72
C ASP A 78 -13.22 3.04 8.57
N HIS A 79 -14.28 3.44 7.89
CA HIS A 79 -14.30 4.51 6.91
C HIS A 79 -13.42 5.69 7.31
N ALA A 80 -13.40 6.04 8.60
CA ALA A 80 -12.61 7.16 9.07
C ALA A 80 -11.16 6.98 8.63
N GLU A 81 -10.55 5.85 8.97
CA GLU A 81 -9.15 5.60 8.69
C GLU A 81 -8.82 5.74 7.22
N ARG A 82 -9.76 5.33 6.37
CA ARG A 82 -9.56 5.51 4.95
C ARG A 82 -9.46 6.99 4.64
N LEU A 83 -10.40 7.80 5.13
CA LEU A 83 -10.37 9.25 4.96
C LEU A 83 -9.21 9.92 5.70
N LYS A 84 -8.59 9.28 6.70
CA LYS A 84 -7.36 9.86 7.23
C LYS A 84 -6.32 9.82 6.14
N VAL A 85 -6.13 8.65 5.51
CA VAL A 85 -5.21 8.53 4.40
C VAL A 85 -5.59 9.50 3.29
N GLN A 86 -6.85 9.53 2.86
CA GLN A 86 -7.20 10.36 1.71
C GLN A 86 -6.94 11.83 1.99
N LYS A 87 -7.47 12.37 3.08
CA LYS A 87 -7.34 13.79 3.36
C LYS A 87 -5.87 14.16 3.55
N ASN A 88 -5.11 13.30 4.24
CA ASN A 88 -3.70 13.54 4.51
C ASN A 88 -2.88 13.37 3.25
N ALA A 89 -3.33 12.53 2.32
CA ALA A 89 -2.61 12.08 1.14
C ALA A 89 -3.58 12.00 -0.04
N PRO A 90 -3.97 13.15 -0.61
CA PRO A 90 -5.03 13.24 -1.61
C PRO A 90 -4.50 12.82 -2.98
N LYS A 91 -4.18 11.52 -3.12
CA LYS A 91 -3.42 10.93 -4.22
C LYS A 91 -2.98 9.51 -3.89
N THR A 92 -2.29 9.26 -2.78
CA THR A 92 -1.82 7.92 -2.44
C THR A 92 -2.99 6.95 -2.39
N PHE A 93 -4.08 7.38 -1.76
CA PHE A 93 -5.28 6.55 -1.74
C PHE A 93 -5.73 6.23 -3.15
N GLN A 94 -5.81 7.28 -3.96
CA GLN A 94 -6.25 7.14 -5.33
C GLN A 94 -5.32 6.19 -6.10
N PHE A 95 -4.05 6.10 -5.72
CA PHE A 95 -3.04 5.29 -6.42
C PHE A 95 -3.43 3.83 -6.34
N ILE A 96 -3.61 3.32 -5.12
CA ILE A 96 -4.04 1.95 -4.92
C ILE A 96 -5.41 1.78 -5.58
N ASN A 97 -6.31 2.75 -5.41
CA ASN A 97 -7.65 2.65 -5.96
C ASN A 97 -7.63 2.44 -7.49
N ASP A 98 -6.67 3.07 -8.17
CA ASP A 98 -6.42 2.93 -9.61
C ASP A 98 -6.12 1.46 -9.93
N GLN A 99 -5.21 0.87 -9.16
CA GLN A 99 -4.82 -0.52 -9.34
C GLN A 99 -5.88 -1.44 -8.73
N ILE A 100 -6.92 -1.74 -9.52
CA ILE A 100 -8.05 -2.57 -9.11
C ILE A 100 -7.59 -3.84 -8.38
N LYS A 101 -8.12 -4.05 -7.18
CA LYS A 101 -7.71 -5.15 -6.31
C LYS A 101 -8.33 -6.46 -6.79
N PHE A 102 -7.76 -7.07 -7.83
CA PHE A 102 -8.25 -8.35 -8.32
C PHE A 102 -7.06 -9.21 -8.75
N ILE A 103 -6.65 -10.15 -7.91
CA ILE A 103 -5.50 -11.01 -8.19
C ILE A 103 -5.70 -12.41 -7.58
N ILE A 104 -6.95 -12.84 -7.45
CA ILE A 104 -7.27 -14.16 -6.89
C ILE A 104 -8.63 -14.56 -7.46
N ASN A 105 -8.85 -15.86 -7.68
CA ASN A 105 -9.99 -16.39 -8.43
C ASN A 105 -10.10 -15.74 -9.80
N SER A 106 -9.35 -16.28 -10.76
CA SER A 106 -9.37 -15.86 -12.15
C SER A 106 -9.10 -17.10 -13.00
N GLY A 1 -14.59 -15.03 12.35
CA GLY A 1 -15.80 -14.26 12.64
C GLY A 1 -15.53 -13.37 13.85
N SER A 2 -15.39 -12.07 13.64
CA SER A 2 -15.05 -11.11 14.69
C SER A 2 -15.56 -9.74 14.25
N LYS A 3 -15.49 -8.73 15.12
CA LYS A 3 -15.97 -7.39 14.79
C LYS A 3 -15.23 -6.37 15.67
N GLY A 4 -15.15 -5.13 15.24
CA GLY A 4 -14.41 -4.07 15.90
C GLY A 4 -13.33 -3.57 14.97
N VAL A 5 -12.39 -2.78 15.51
CA VAL A 5 -11.17 -2.49 14.80
C VAL A 5 -10.22 -3.68 14.94
N GLU A 6 -9.01 -3.58 14.39
CA GLU A 6 -8.03 -4.63 14.51
C GLU A 6 -7.33 -4.66 15.87
N LEU A 7 -7.44 -5.79 16.58
CA LEU A 7 -6.85 -5.98 17.91
C LEU A 7 -5.74 -7.02 17.87
N ARG A 8 -5.20 -7.29 16.68
CA ARG A 8 -4.24 -8.34 16.44
C ARG A 8 -3.30 -7.86 15.36
N ASN A 9 -2.02 -7.68 15.73
CA ASN A 9 -0.90 -7.49 14.81
C ASN A 9 -0.93 -8.52 13.69
N ASP A 10 -1.38 -9.72 14.00
CA ASP A 10 -1.59 -10.78 13.03
C ASP A 10 -2.58 -10.34 11.95
N SER A 11 -3.76 -9.85 12.32
CA SER A 11 -4.78 -9.44 11.36
C SER A 11 -4.32 -8.25 10.51
N GLU A 12 -3.88 -7.18 11.18
CA GLU A 12 -3.50 -5.94 10.51
C GLU A 12 -2.21 -6.13 9.71
N GLY A 13 -1.37 -7.07 10.17
CA GLY A 13 -0.19 -7.50 9.48
C GLY A 13 -0.59 -8.21 8.19
N PHE A 14 -1.55 -9.14 8.27
CA PHE A 14 -1.94 -9.99 7.16
C PHE A 14 -2.31 -9.15 5.94
N ILE A 15 -3.20 -8.18 6.13
CA ILE A 15 -3.62 -7.30 5.05
C ILE A 15 -2.47 -6.43 4.54
N HIS A 16 -1.59 -5.93 5.42
CA HIS A 16 -0.46 -5.09 5.02
C HIS A 16 0.40 -5.89 4.05
N GLU A 17 0.84 -7.06 4.50
CA GLU A 17 1.66 -7.97 3.71
C GLU A 17 0.94 -8.37 2.43
N PHE A 18 -0.38 -8.57 2.44
CA PHE A 18 -1.15 -8.82 1.23
C PHE A 18 -0.89 -7.72 0.22
N GLY A 19 -1.05 -6.46 0.62
CA GLY A 19 -0.71 -5.32 -0.21
C GLY A 19 0.67 -5.49 -0.81
N HIS A 20 1.65 -5.89 -0.02
CA HIS A 20 3.03 -6.05 -0.46
C HIS A 20 3.18 -7.17 -1.49
N ALA A 21 2.58 -8.34 -1.26
CA ALA A 21 2.66 -9.45 -2.19
C ALA A 21 2.02 -9.03 -3.51
N VAL A 22 0.98 -8.21 -3.45
CA VAL A 22 0.33 -7.76 -4.67
C VAL A 22 1.16 -6.67 -5.34
N ASP A 23 1.96 -5.92 -4.58
CA ASP A 23 2.91 -4.98 -5.16
C ASP A 23 3.87 -5.70 -6.09
N ASP A 24 4.24 -6.92 -5.70
CA ASP A 24 5.22 -7.71 -6.42
C ASP A 24 4.63 -8.14 -7.76
N TYR A 25 3.44 -8.75 -7.69
CA TYR A 25 2.82 -9.32 -8.86
C TYR A 25 2.44 -8.22 -9.84
N ALA A 26 1.75 -7.20 -9.34
CA ALA A 26 1.42 -6.01 -10.10
C ALA A 26 2.67 -5.37 -10.72
N GLY A 27 3.79 -5.39 -10.01
CA GLY A 27 5.05 -4.85 -10.50
C GLY A 27 5.44 -5.55 -11.80
N TYR A 28 5.50 -6.89 -11.75
CA TYR A 28 5.92 -7.67 -12.90
C TYR A 28 4.94 -7.49 -14.07
N LEU A 29 3.64 -7.58 -13.80
CA LEU A 29 2.59 -7.61 -14.78
C LEU A 29 2.32 -6.27 -15.45
N LEU A 30 2.58 -5.13 -14.80
CA LEU A 30 1.97 -3.88 -15.23
C LEU A 30 2.99 -2.81 -15.61
N ASP A 31 3.69 -2.26 -14.62
CA ASP A 31 4.46 -1.04 -14.84
C ASP A 31 5.53 -1.30 -15.89
N LYS A 32 5.50 -0.53 -16.98
CA LYS A 32 6.26 -0.87 -18.18
C LYS A 32 7.77 -0.88 -17.93
N ASN A 33 8.23 -0.22 -16.86
CA ASN A 33 9.62 -0.25 -16.45
C ASN A 33 10.07 -1.67 -16.13
N GLN A 34 9.22 -2.44 -15.45
CA GLN A 34 9.43 -3.81 -14.97
C GLN A 34 10.39 -3.87 -13.77
N SER A 35 11.35 -2.96 -13.65
CA SER A 35 12.17 -2.87 -12.45
C SER A 35 11.30 -2.41 -11.28
N ASP A 36 11.79 -2.62 -10.06
CA ASP A 36 11.11 -2.26 -8.81
C ASP A 36 9.77 -2.99 -8.69
N LEU A 37 8.74 -2.37 -8.10
CA LEU A 37 7.42 -2.97 -7.91
C LEU A 37 6.41 -2.03 -8.58
N VAL A 38 5.11 -2.15 -8.33
CA VAL A 38 4.15 -1.21 -8.94
C VAL A 38 4.06 0.08 -8.10
N THR A 39 5.21 0.60 -7.66
CA THR A 39 5.34 1.90 -7.06
C THR A 39 6.69 2.42 -7.54
N ASN A 40 6.74 3.72 -7.89
CA ASN A 40 7.78 4.48 -8.60
C ASN A 40 7.10 5.29 -9.70
N SER A 41 6.24 4.61 -10.47
CA SER A 41 5.68 5.11 -11.71
C SER A 41 4.56 6.13 -11.44
N LYS A 42 3.97 6.68 -12.50
CA LYS A 42 2.92 7.71 -12.49
C LYS A 42 3.44 9.08 -12.05
N LYS A 43 4.10 9.19 -10.89
CA LYS A 43 4.71 10.42 -10.42
C LYS A 43 6.05 9.99 -9.80
N PHE A 44 7.16 10.29 -10.49
CA PHE A 44 8.47 9.66 -10.30
C PHE A 44 8.91 9.68 -8.83
N ILE A 45 8.68 8.56 -8.11
CA ILE A 45 8.92 8.42 -6.66
C ILE A 45 8.57 9.70 -5.89
N ASP A 46 7.48 10.36 -6.30
CA ASP A 46 7.04 11.63 -5.70
C ASP A 46 6.04 11.34 -4.60
N ILE A 47 5.12 10.41 -4.89
CA ILE A 47 4.04 9.99 -4.00
C ILE A 47 4.63 9.67 -2.62
N PHE A 48 5.59 8.76 -2.58
CA PHE A 48 6.33 8.39 -1.39
C PHE A 48 7.12 9.56 -0.81
N LYS A 49 7.69 10.44 -1.64
CA LYS A 49 8.51 11.50 -1.06
C LYS A 49 7.70 12.40 -0.16
N GLU A 50 6.51 12.80 -0.61
CA GLU A 50 5.66 13.65 0.20
C GLU A 50 4.93 12.78 1.24
N GLU A 51 4.03 11.92 0.75
CA GLU A 51 3.03 11.26 1.56
C GLU A 51 3.63 10.12 2.37
N GLY A 52 4.80 9.63 1.95
CA GLY A 52 5.63 8.74 2.73
C GLY A 52 6.26 9.42 3.96
N SER A 53 5.54 10.32 4.61
CA SER A 53 5.84 10.75 5.97
C SER A 53 4.57 11.14 6.71
N ASN A 54 3.42 10.61 6.27
CA ASN A 54 2.12 11.21 6.59
C ASN A 54 1.11 10.14 7.00
N LEU A 55 1.07 9.03 6.26
CA LEU A 55 0.12 7.97 6.59
C LEU A 55 0.45 7.35 7.94
N THR A 56 1.74 7.21 8.24
CA THR A 56 2.28 6.51 9.40
C THR A 56 3.81 6.51 9.28
N SER A 57 4.50 6.04 10.32
CA SER A 57 5.94 5.84 10.32
C SER A 57 6.32 4.76 9.30
N TYR A 58 5.48 3.72 9.14
CA TYR A 58 5.65 2.73 8.09
C TYR A 58 5.48 3.33 6.69
N GLY A 59 4.93 4.54 6.60
CA GLY A 59 4.84 5.24 5.34
C GLY A 59 6.19 5.81 4.94
N ARG A 60 7.17 5.85 5.85
CA ARG A 60 8.43 6.55 5.62
C ARG A 60 9.62 5.60 5.56
N THR A 61 9.41 4.34 5.90
CA THR A 61 10.42 3.30 5.84
C THR A 61 10.78 2.99 4.38
N ASN A 62 10.50 1.77 3.89
CA ASN A 62 10.78 1.47 2.49
C ASN A 62 9.58 1.91 1.67
N GLU A 63 9.75 2.22 0.39
CA GLU A 63 8.63 2.55 -0.49
C GLU A 63 7.65 1.37 -0.53
N ALA A 64 8.17 0.15 -0.46
CA ALA A 64 7.36 -1.06 -0.45
C ALA A 64 6.51 -1.19 0.81
N GLU A 65 6.96 -0.63 1.93
CA GLU A 65 6.16 -0.64 3.15
C GLU A 65 5.08 0.41 3.06
N PHE A 66 5.44 1.62 2.61
CA PHE A 66 4.54 2.72 2.30
C PHE A 66 3.37 2.24 1.44
N PHE A 67 3.64 1.51 0.37
CA PHE A 67 2.61 0.95 -0.49
C PHE A 67 1.74 -0.05 0.29
N ALA A 68 2.36 -0.92 1.09
CA ALA A 68 1.68 -2.01 1.79
C ALA A 68 0.71 -1.50 2.86
N GLU A 69 1.17 -0.65 3.77
CA GLU A 69 0.31 0.05 4.72
C GLU A 69 -0.75 0.87 3.99
N ALA A 70 -0.41 1.52 2.88
CA ALA A 70 -1.40 2.25 2.11
C ALA A 70 -2.54 1.31 1.70
N PHE A 71 -2.26 0.10 1.23
CA PHE A 71 -3.29 -0.92 0.94
C PHE A 71 -4.15 -1.21 2.17
N ARG A 72 -3.55 -1.47 3.33
CA ARG A 72 -4.30 -1.71 4.56
C ARG A 72 -5.36 -0.61 4.74
N LEU A 73 -4.92 0.64 4.78
CA LEU A 73 -5.75 1.81 5.02
C LEU A 73 -6.72 2.05 3.85
N MET A 74 -6.36 1.61 2.65
CA MET A 74 -7.20 1.77 1.47
C MET A 74 -8.50 1.00 1.65
N HIS A 75 -8.42 -0.17 2.28
CA HIS A 75 -9.58 -1.03 2.41
C HIS A 75 -10.34 -0.75 3.70
N SER A 76 -9.63 -0.46 4.81
CA SER A 76 -10.12 -0.26 6.17
C SER A 76 -11.63 -0.27 6.32
N THR A 77 -12.10 -1.25 7.10
CA THR A 77 -13.50 -1.43 7.47
C THR A 77 -14.08 -0.09 7.91
N ASP A 78 -13.35 0.63 8.76
CA ASP A 78 -13.70 2.00 9.08
C ASP A 78 -13.42 2.90 7.87
N HIS A 79 -14.49 3.46 7.30
CA HIS A 79 -14.38 4.38 6.19
C HIS A 79 -13.62 5.63 6.59
N ALA A 80 -13.68 6.06 7.85
CA ALA A 80 -12.95 7.25 8.24
C ALA A 80 -11.45 7.02 8.06
N GLU A 81 -10.92 5.88 8.51
CA GLU A 81 -9.54 5.48 8.32
C GLU A 81 -9.12 5.65 6.87
N ARG A 82 -10.00 5.27 5.95
CA ARG A 82 -9.69 5.40 4.53
C ARG A 82 -9.54 6.88 4.19
N LEU A 83 -10.54 7.69 4.53
CA LEU A 83 -10.51 9.12 4.28
C LEU A 83 -9.43 9.85 5.07
N LYS A 84 -8.87 9.26 6.12
CA LYS A 84 -7.69 9.84 6.73
C LYS A 84 -6.57 9.72 5.72
N VAL A 85 -6.34 8.54 5.15
CA VAL A 85 -5.35 8.41 4.09
C VAL A 85 -5.65 9.33 2.93
N GLN A 86 -6.88 9.42 2.43
CA GLN A 86 -7.12 10.24 1.25
C GLN A 86 -6.89 11.73 1.53
N LYS A 87 -7.48 12.28 2.59
CA LYS A 87 -7.39 13.73 2.82
C LYS A 87 -5.95 14.10 3.17
N ASN A 88 -5.28 13.25 3.95
CA ASN A 88 -3.88 13.44 4.29
C ASN A 88 -3.05 13.38 3.01
N ALA A 89 -3.33 12.40 2.15
CA ALA A 89 -2.58 12.06 0.96
C ALA A 89 -3.53 11.97 -0.24
N PRO A 90 -3.80 13.11 -0.91
CA PRO A 90 -4.74 13.17 -2.01
C PRO A 90 -4.09 12.69 -3.33
N LYS A 91 -3.38 11.56 -3.29
CA LYS A 91 -2.74 10.92 -4.44
C LYS A 91 -2.43 9.46 -4.13
N THR A 92 -1.73 9.16 -3.03
CA THR A 92 -1.33 7.80 -2.66
C THR A 92 -2.51 6.84 -2.70
N PHE A 93 -3.64 7.24 -2.11
CA PHE A 93 -4.83 6.39 -2.12
C PHE A 93 -5.25 6.06 -3.54
N GLN A 94 -5.33 7.11 -4.35
CA GLN A 94 -5.74 7.00 -5.74
C GLN A 94 -4.78 6.08 -6.49
N PHE A 95 -3.53 5.97 -6.06
CA PHE A 95 -2.51 5.17 -6.71
C PHE A 95 -2.86 3.68 -6.60
N ILE A 96 -3.00 3.18 -5.37
CA ILE A 96 -3.43 1.80 -5.14
C ILE A 96 -4.76 1.57 -5.87
N ASN A 97 -5.67 2.53 -5.78
CA ASN A 97 -6.97 2.42 -6.43
C ASN A 97 -6.82 2.15 -7.93
N ASP A 98 -5.91 2.86 -8.59
CA ASP A 98 -5.60 2.71 -10.01
C ASP A 98 -5.20 1.26 -10.30
N GLN A 99 -4.47 0.62 -9.38
CA GLN A 99 -4.02 -0.75 -9.52
C GLN A 99 -5.20 -1.74 -9.43
N ILE A 100 -5.97 -1.69 -8.33
CA ILE A 100 -7.01 -2.66 -8.03
C ILE A 100 -8.26 -2.43 -8.89
N LYS A 101 -8.16 -2.79 -10.18
CA LYS A 101 -9.17 -2.44 -11.17
C LYS A 101 -9.52 -3.64 -12.03
N PHE A 102 -8.53 -4.42 -12.46
CA PHE A 102 -8.75 -5.64 -13.24
C PHE A 102 -8.36 -6.89 -12.44
N ILE A 103 -7.36 -6.78 -11.55
CA ILE A 103 -6.94 -7.89 -10.71
C ILE A 103 -8.09 -8.35 -9.83
N ILE A 104 -8.40 -9.65 -9.83
CA ILE A 104 -9.43 -10.20 -8.98
C ILE A 104 -8.92 -10.34 -7.55
N ASN A 105 -9.70 -9.92 -6.56
CA ASN A 105 -9.34 -10.03 -5.16
C ASN A 105 -10.58 -10.33 -4.33
N SER A 106 -10.39 -10.95 -3.17
CA SER A 106 -11.39 -11.23 -2.15
C SER A 106 -10.65 -11.39 -0.82
N GLY A 1 1.13 -13.74 7.03
CA GLY A 1 2.24 -14.70 6.89
C GLY A 1 1.75 -16.01 6.28
N SER A 2 2.04 -17.14 6.93
CA SER A 2 1.72 -18.46 6.41
C SER A 2 1.23 -19.44 7.47
N LYS A 3 1.72 -19.32 8.71
CA LYS A 3 1.35 -20.20 9.79
C LYS A 3 1.18 -19.34 11.05
N GLY A 4 0.47 -19.86 12.05
CA GLY A 4 0.06 -19.09 13.20
C GLY A 4 -1.46 -19.09 13.25
N VAL A 5 -2.01 -18.67 14.38
CA VAL A 5 -3.39 -18.28 14.46
C VAL A 5 -3.45 -16.76 14.34
N GLU A 6 -4.54 -16.13 14.76
CA GLU A 6 -4.75 -14.70 14.56
C GLU A 6 -4.64 -13.93 15.88
N LEU A 7 -3.50 -13.25 16.05
CA LEU A 7 -3.19 -12.59 17.30
C LEU A 7 -3.55 -11.10 17.22
N ARG A 8 -4.64 -10.77 16.51
CA ARG A 8 -5.02 -9.40 16.16
C ARG A 8 -4.04 -8.86 15.13
N ASN A 9 -2.80 -8.57 15.55
CA ASN A 9 -1.71 -8.12 14.70
C ASN A 9 -1.51 -9.00 13.49
N ASP A 10 -1.68 -10.31 13.61
CA ASP A 10 -1.51 -11.15 12.44
C ASP A 10 -2.57 -10.82 11.39
N SER A 11 -3.83 -10.61 11.79
CA SER A 11 -4.91 -10.29 10.86
C SER A 11 -4.68 -8.91 10.24
N GLU A 12 -4.53 -7.89 11.09
CA GLU A 12 -4.41 -6.49 10.66
C GLU A 12 -3.04 -6.26 10.00
N GLY A 13 -2.10 -7.17 10.24
CA GLY A 13 -0.84 -7.26 9.53
C GLY A 13 -1.00 -7.97 8.19
N PHE A 14 -1.86 -8.99 8.11
CA PHE A 14 -2.02 -9.85 6.94
C PHE A 14 -2.33 -8.99 5.75
N ILE A 15 -3.29 -8.10 5.89
CA ILE A 15 -3.66 -7.14 4.85
C ILE A 15 -2.50 -6.22 4.44
N HIS A 16 -1.63 -5.79 5.36
CA HIS A 16 -0.48 -4.95 4.99
C HIS A 16 0.37 -5.78 4.03
N GLU A 17 0.74 -7.00 4.45
CA GLU A 17 1.49 -7.92 3.62
C GLU A 17 0.78 -8.14 2.28
N PHE A 18 -0.54 -8.25 2.29
CA PHE A 18 -1.37 -8.55 1.12
C PHE A 18 -1.18 -7.46 0.08
N GLY A 19 -1.30 -6.19 0.48
CA GLY A 19 -1.00 -5.07 -0.41
C GLY A 19 0.36 -5.27 -1.08
N HIS A 20 1.37 -5.65 -0.28
CA HIS A 20 2.70 -5.88 -0.78
C HIS A 20 2.75 -7.05 -1.78
N ALA A 21 2.05 -8.14 -1.49
CA ALA A 21 2.02 -9.29 -2.37
C ALA A 21 1.35 -8.93 -3.69
N VAL A 22 0.40 -7.99 -3.68
CA VAL A 22 -0.21 -7.55 -4.94
C VAL A 22 0.81 -6.76 -5.75
N ASP A 23 1.60 -5.92 -5.08
CA ASP A 23 2.72 -5.23 -5.71
C ASP A 23 3.74 -6.19 -6.28
N ASP A 24 3.78 -7.43 -5.79
CA ASP A 24 4.72 -8.43 -6.26
C ASP A 24 4.34 -8.80 -7.69
N TYR A 25 3.06 -9.10 -7.90
CA TYR A 25 2.52 -9.42 -9.22
C TYR A 25 2.73 -8.25 -10.18
N ALA A 26 2.23 -7.07 -9.84
CA ALA A 26 2.37 -5.93 -10.71
C ALA A 26 3.83 -5.62 -10.99
N GLY A 27 4.74 -5.87 -10.05
CA GLY A 27 6.16 -5.74 -10.26
C GLY A 27 6.62 -6.68 -11.37
N TYR A 28 6.40 -7.98 -11.19
CA TYR A 28 6.88 -9.04 -12.06
C TYR A 28 6.47 -8.83 -13.52
N LEU A 29 5.33 -8.17 -13.75
CA LEU A 29 4.79 -7.89 -15.06
C LEU A 29 5.18 -6.51 -15.61
N LEU A 30 5.55 -5.55 -14.78
CA LEU A 30 5.65 -4.15 -15.22
C LEU A 30 7.02 -3.56 -14.89
N ASP A 31 8.09 -4.29 -15.24
CA ASP A 31 9.46 -4.05 -14.78
C ASP A 31 10.40 -3.76 -15.96
N LYS A 32 10.51 -2.51 -16.39
CA LYS A 32 11.48 -2.19 -17.44
C LYS A 32 12.91 -2.44 -16.97
N ASN A 33 13.33 -1.79 -15.88
CA ASN A 33 14.66 -2.00 -15.31
C ASN A 33 14.66 -1.46 -13.89
N GLN A 34 15.59 -1.93 -13.06
CA GLN A 34 15.89 -1.44 -11.71
C GLN A 34 14.63 -1.15 -10.87
N SER A 35 13.56 -1.95 -11.05
CA SER A 35 12.32 -1.78 -10.31
C SER A 35 11.55 -3.09 -10.42
N ASP A 36 11.95 -4.06 -9.59
CA ASP A 36 11.42 -5.43 -9.64
C ASP A 36 9.99 -5.44 -9.11
N LEU A 37 9.77 -4.77 -7.99
CA LEU A 37 8.44 -4.55 -7.43
C LEU A 37 7.89 -3.30 -8.09
N VAL A 38 6.59 -3.28 -8.41
CA VAL A 38 6.00 -2.04 -8.90
C VAL A 38 6.12 -1.04 -7.75
N THR A 39 6.87 0.04 -7.93
CA THR A 39 7.04 1.02 -6.87
C THR A 39 6.72 2.37 -7.49
N ASN A 40 5.44 2.71 -7.51
CA ASN A 40 4.85 3.81 -8.28
C ASN A 40 5.00 3.56 -9.78
N SER A 41 6.21 3.73 -10.31
CA SER A 41 6.55 3.65 -11.72
C SER A 41 5.92 4.80 -12.50
N LYS A 42 6.49 5.10 -13.68
CA LYS A 42 6.13 6.23 -14.53
C LYS A 42 6.56 7.56 -13.92
N LYS A 43 6.04 7.95 -12.76
CA LYS A 43 6.48 9.14 -12.05
C LYS A 43 7.67 8.79 -11.16
N PHE A 44 8.33 9.82 -10.64
CA PHE A 44 9.54 9.68 -9.84
C PHE A 44 9.16 9.42 -8.38
N ILE A 45 8.42 8.33 -8.12
CA ILE A 45 7.89 7.97 -6.80
C ILE A 45 7.40 9.20 -6.01
N ASP A 46 6.77 10.16 -6.69
CA ASP A 46 6.35 11.45 -6.13
C ASP A 46 5.37 11.26 -4.99
N ILE A 47 4.41 10.36 -5.20
CA ILE A 47 3.41 9.98 -4.22
C ILE A 47 4.11 9.64 -2.90
N PHE A 48 5.09 8.75 -2.95
CA PHE A 48 5.89 8.35 -1.81
C PHE A 48 6.77 9.50 -1.31
N LYS A 49 7.28 10.38 -2.18
CA LYS A 49 8.21 11.39 -1.71
C LYS A 49 7.51 12.27 -0.69
N GLU A 50 6.33 12.75 -1.06
CA GLU A 50 5.56 13.64 -0.20
C GLU A 50 4.84 12.81 0.86
N GLU A 51 3.89 11.98 0.41
CA GLU A 51 2.89 11.37 1.27
C GLU A 51 3.52 10.25 2.10
N GLY A 52 4.66 9.72 1.64
CA GLY A 52 5.52 8.82 2.38
C GLY A 52 6.22 9.49 3.57
N SER A 53 5.54 10.39 4.28
CA SER A 53 5.95 10.83 5.59
C SER A 53 4.74 11.20 6.43
N ASN A 54 3.55 10.67 6.11
CA ASN A 54 2.32 11.21 6.64
C ASN A 54 1.34 10.16 7.11
N LEU A 55 1.23 9.06 6.36
CA LEU A 55 0.29 8.01 6.73
C LEU A 55 0.73 7.34 8.03
N THR A 56 2.04 7.18 8.19
CA THR A 56 2.68 6.56 9.34
C THR A 56 4.19 6.57 9.11
N SER A 57 4.98 6.22 10.12
CA SER A 57 6.41 6.00 9.97
C SER A 57 6.67 4.91 8.93
N TYR A 58 5.81 3.89 8.85
CA TYR A 58 5.90 2.88 7.80
C TYR A 58 5.81 3.53 6.43
N GLY A 59 5.03 4.60 6.29
CA GLY A 59 4.91 5.31 5.03
C GLY A 59 6.22 5.93 4.60
N ARG A 60 7.21 6.06 5.49
CA ARG A 60 8.50 6.63 5.14
C ARG A 60 9.61 5.59 5.02
N THR A 61 9.33 4.35 5.40
CA THR A 61 10.28 3.25 5.21
C THR A 61 10.46 2.93 3.72
N ASN A 62 10.54 1.66 3.33
CA ASN A 62 10.68 1.33 1.92
C ASN A 62 9.41 1.76 1.18
N GLU A 63 9.53 2.14 -0.09
CA GLU A 63 8.35 2.56 -0.86
C GLU A 63 7.33 1.43 -0.93
N ALA A 64 7.82 0.19 -0.96
CA ALA A 64 6.98 -1.00 -0.93
C ALA A 64 6.14 -1.13 0.34
N GLU A 65 6.63 -0.61 1.45
CA GLU A 65 5.87 -0.62 2.69
C GLU A 65 4.87 0.50 2.71
N PHE A 66 5.27 1.68 2.25
CA PHE A 66 4.38 2.80 2.02
C PHE A 66 3.17 2.38 1.18
N PHE A 67 3.39 1.66 0.09
CA PHE A 67 2.30 1.16 -0.74
C PHE A 67 1.46 0.15 0.07
N ALA A 68 2.11 -0.78 0.76
CA ALA A 68 1.45 -1.87 1.47
C ALA A 68 0.51 -1.39 2.57
N GLU A 69 1.00 -0.58 3.50
CA GLU A 69 0.18 0.10 4.50
C GLU A 69 -0.88 0.96 3.84
N ALA A 70 -0.58 1.65 2.74
CA ALA A 70 -1.61 2.41 2.05
C ALA A 70 -2.78 1.50 1.65
N PHE A 71 -2.53 0.27 1.15
CA PHE A 71 -3.59 -0.70 0.88
C PHE A 71 -4.37 -1.02 2.15
N ARG A 72 -3.72 -1.35 3.27
CA ARG A 72 -4.43 -1.61 4.53
C ARG A 72 -5.46 -0.51 4.78
N LEU A 73 -4.98 0.73 4.85
CA LEU A 73 -5.77 1.91 5.15
C LEU A 73 -6.81 2.15 4.07
N MET A 74 -6.54 1.77 2.83
CA MET A 74 -7.46 1.95 1.72
C MET A 74 -8.78 1.24 2.00
N HIS A 75 -8.69 0.02 2.54
CA HIS A 75 -9.87 -0.81 2.80
C HIS A 75 -10.36 -0.71 4.24
N SER A 76 -9.67 -0.03 5.16
CA SER A 76 -9.96 -0.03 6.58
C SER A 76 -11.45 -0.06 6.85
N THR A 77 -11.82 -1.03 7.66
CA THR A 77 -13.16 -1.27 8.15
C THR A 77 -13.68 0.02 8.75
N ASP A 78 -12.84 0.68 9.55
CA ASP A 78 -13.09 2.03 9.97
C ASP A 78 -13.01 2.94 8.74
N HIS A 79 -14.18 3.44 8.31
CA HIS A 79 -14.26 4.35 7.18
C HIS A 79 -13.42 5.59 7.46
N ALA A 80 -13.32 6.04 8.72
CA ALA A 80 -12.54 7.21 9.05
C ALA A 80 -11.07 7.00 8.69
N GLU A 81 -10.48 5.88 9.07
CA GLU A 81 -9.09 5.54 8.78
C GLU A 81 -8.79 5.76 7.30
N ARG A 82 -9.74 5.36 6.45
CA ARG A 82 -9.57 5.55 5.03
C ARG A 82 -9.47 7.04 4.73
N LEU A 83 -10.42 7.81 5.26
CA LEU A 83 -10.42 9.26 5.12
C LEU A 83 -9.24 9.93 5.82
N LYS A 84 -8.54 9.30 6.76
CA LYS A 84 -7.30 9.89 7.22
C LYS A 84 -6.29 9.77 6.09
N VAL A 85 -6.15 8.60 5.48
CA VAL A 85 -5.26 8.48 4.34
C VAL A 85 -5.66 9.42 3.21
N GLN A 86 -6.93 9.59 2.87
CA GLN A 86 -7.27 10.51 1.79
C GLN A 86 -7.03 11.96 2.18
N LYS A 87 -7.58 12.41 3.31
CA LYS A 87 -7.45 13.78 3.76
C LYS A 87 -5.99 14.20 3.78
N ASN A 88 -5.16 13.38 4.41
CA ASN A 88 -3.73 13.61 4.51
C ASN A 88 -3.10 13.52 3.13
N ALA A 89 -3.47 12.48 2.37
CA ALA A 89 -2.84 12.07 1.12
C ALA A 89 -3.88 11.87 0.02
N PRO A 90 -4.38 12.94 -0.58
CA PRO A 90 -5.45 12.87 -1.58
C PRO A 90 -4.97 12.34 -2.94
N LYS A 91 -3.79 11.72 -2.98
CA LYS A 91 -3.15 11.19 -4.17
C LYS A 91 -2.74 9.74 -3.94
N THR A 92 -2.12 9.40 -2.81
CA THR A 92 -1.77 8.02 -2.47
C THR A 92 -2.99 7.12 -2.52
N PHE A 93 -4.10 7.52 -1.88
CA PHE A 93 -5.30 6.69 -1.89
C PHE A 93 -5.76 6.47 -3.31
N GLN A 94 -5.88 7.57 -4.04
CA GLN A 94 -6.37 7.55 -5.40
C GLN A 94 -5.50 6.64 -6.27
N PHE A 95 -4.22 6.51 -5.92
CA PHE A 95 -3.26 5.71 -6.68
C PHE A 95 -3.66 4.24 -6.57
N ILE A 96 -3.73 3.70 -5.35
CA ILE A 96 -4.19 2.33 -5.13
C ILE A 96 -5.57 2.14 -5.76
N ASN A 97 -6.45 3.13 -5.62
CA ASN A 97 -7.83 3.03 -6.10
C ASN A 97 -7.89 2.86 -7.61
N ASP A 98 -6.96 3.48 -8.35
CA ASP A 98 -6.83 3.31 -9.79
C ASP A 98 -6.28 1.92 -10.11
N GLN A 99 -5.31 1.48 -9.30
CA GLN A 99 -4.53 0.29 -9.55
C GLN A 99 -5.40 -0.97 -9.43
N ILE A 100 -6.02 -1.17 -8.25
CA ILE A 100 -6.88 -2.31 -8.00
C ILE A 100 -8.21 -2.10 -8.73
N LYS A 101 -8.66 -3.08 -9.51
CA LYS A 101 -9.87 -2.91 -10.31
C LYS A 101 -10.60 -4.23 -10.43
N PHE A 102 -9.95 -5.24 -11.00
CA PHE A 102 -10.49 -6.59 -11.02
C PHE A 102 -9.32 -7.57 -11.09
N ILE A 103 -8.80 -7.99 -9.94
CA ILE A 103 -7.65 -8.88 -9.86
C ILE A 103 -7.95 -9.97 -8.83
N ILE A 104 -8.98 -10.76 -9.12
CA ILE A 104 -9.40 -11.86 -8.29
C ILE A 104 -9.72 -13.04 -9.19
N ASN A 105 -9.64 -14.25 -8.64
CA ASN A 105 -10.06 -15.47 -9.30
C ASN A 105 -10.64 -16.36 -8.20
N SER A 106 -11.61 -17.20 -8.51
CA SER A 106 -12.27 -18.06 -7.53
C SER A 106 -12.17 -19.50 -7.99
N GLY A 1 -0.03 -12.01 10.14
CA GLY A 1 1.32 -12.11 9.56
C GLY A 1 2.29 -12.94 10.40
N SER A 2 1.85 -14.02 11.04
CA SER A 2 2.70 -14.94 11.78
C SER A 2 1.99 -16.29 11.82
N LYS A 3 1.09 -16.51 12.78
CA LYS A 3 0.34 -17.76 12.89
C LYS A 3 -0.70 -17.61 14.00
N GLY A 4 -1.68 -18.52 14.03
CA GLY A 4 -2.71 -18.55 15.05
C GLY A 4 -4.02 -18.02 14.50
N VAL A 5 -4.84 -17.49 15.39
CA VAL A 5 -6.01 -16.71 15.03
C VAL A 5 -5.54 -15.29 14.69
N GLU A 6 -6.42 -14.30 14.79
CA GLU A 6 -6.01 -12.92 14.72
C GLU A 6 -5.83 -12.35 16.12
N LEU A 7 -4.64 -11.81 16.36
CA LEU A 7 -4.25 -11.22 17.63
C LEU A 7 -4.10 -9.72 17.42
N ARG A 8 -4.99 -9.11 16.63
CA ARG A 8 -4.88 -7.70 16.24
C ARG A 8 -3.70 -7.50 15.31
N ASN A 9 -2.47 -7.50 15.85
CA ASN A 9 -1.23 -7.46 15.09
C ASN A 9 -1.27 -8.45 13.94
N ASP A 10 -1.76 -9.66 14.17
CA ASP A 10 -1.71 -10.63 13.08
C ASP A 10 -2.61 -10.21 11.93
N SER A 11 -3.79 -9.66 12.23
CA SER A 11 -4.75 -9.16 11.25
C SER A 11 -4.16 -7.96 10.49
N GLU A 12 -3.82 -6.89 11.21
CA GLU A 12 -3.42 -5.63 10.59
C GLU A 12 -2.06 -5.80 9.90
N GLY A 13 -1.26 -6.75 10.39
CA GLY A 13 -0.03 -7.20 9.77
C GLY A 13 -0.32 -8.02 8.52
N PHE A 14 -1.25 -8.97 8.56
CA PHE A 14 -1.57 -9.86 7.46
C PHE A 14 -1.98 -9.04 6.25
N ILE A 15 -3.00 -8.18 6.40
CA ILE A 15 -3.45 -7.37 5.30
C ILE A 15 -2.36 -6.44 4.79
N HIS A 16 -1.47 -5.96 5.66
CA HIS A 16 -0.37 -5.11 5.25
C HIS A 16 0.52 -5.93 4.30
N GLU A 17 0.92 -7.14 4.70
CA GLU A 17 1.67 -8.06 3.87
C GLU A 17 0.94 -8.31 2.55
N PHE A 18 -0.38 -8.46 2.59
CA PHE A 18 -1.19 -8.67 1.41
C PHE A 18 -1.00 -7.52 0.43
N GLY A 19 -0.95 -6.29 0.92
CA GLY A 19 -0.57 -5.14 0.13
C GLY A 19 0.72 -5.39 -0.64
N HIS A 20 1.77 -5.88 0.04
CA HIS A 20 3.02 -6.22 -0.65
C HIS A 20 2.78 -7.23 -1.76
N ALA A 21 2.11 -8.35 -1.44
CA ALA A 21 1.87 -9.40 -2.42
C ALA A 21 1.04 -8.89 -3.60
N VAL A 22 0.21 -7.88 -3.41
CA VAL A 22 -0.55 -7.33 -4.53
C VAL A 22 0.39 -6.56 -5.44
N ASP A 23 1.33 -5.82 -4.86
CA ASP A 23 2.28 -5.05 -5.64
C ASP A 23 3.23 -5.94 -6.43
N ASP A 24 3.26 -7.25 -6.13
CA ASP A 24 4.10 -8.18 -6.87
C ASP A 24 3.69 -8.14 -8.33
N TYR A 25 2.38 -8.29 -8.57
CA TYR A 25 1.80 -8.25 -9.90
C TYR A 25 2.16 -6.93 -10.59
N ALA A 26 2.06 -5.82 -9.85
CA ALA A 26 2.38 -4.53 -10.41
C ALA A 26 3.82 -4.51 -10.93
N GLY A 27 4.78 -5.11 -10.23
CA GLY A 27 6.17 -5.15 -10.66
C GLY A 27 6.34 -6.06 -11.86
N TYR A 28 5.87 -7.31 -11.75
CA TYR A 28 5.98 -8.35 -12.76
C TYR A 28 5.64 -7.79 -14.14
N LEU A 29 4.52 -7.08 -14.21
CA LEU A 29 4.04 -6.43 -15.42
C LEU A 29 4.78 -5.12 -15.70
N LEU A 30 5.02 -4.29 -14.68
CA LEU A 30 5.43 -2.90 -14.86
C LEU A 30 6.80 -2.69 -14.19
N ASP A 31 7.86 -2.73 -15.00
CA ASP A 31 9.28 -2.65 -14.59
C ASP A 31 9.75 -4.08 -14.31
N LYS A 32 10.19 -4.79 -15.37
CA LYS A 32 10.52 -6.22 -15.30
C LYS A 32 11.59 -6.47 -14.25
N ASN A 33 11.76 -7.74 -13.87
CA ASN A 33 12.64 -8.23 -12.79
C ASN A 33 13.93 -7.42 -12.65
N GLN A 34 13.90 -6.37 -11.84
CA GLN A 34 14.95 -5.37 -11.74
C GLN A 34 14.77 -4.59 -10.44
N SER A 35 13.53 -4.20 -10.13
CA SER A 35 13.12 -3.84 -8.79
C SER A 35 12.01 -4.80 -8.40
N ASP A 36 11.90 -5.12 -7.12
CA ASP A 36 10.88 -6.04 -6.62
C ASP A 36 9.70 -5.21 -6.17
N LEU A 37 8.47 -5.58 -6.57
CA LEU A 37 7.26 -4.75 -6.44
C LEU A 37 7.38 -3.49 -7.31
N VAL A 38 6.36 -2.62 -7.39
CA VAL A 38 6.42 -1.44 -8.27
C VAL A 38 7.03 -0.25 -7.53
N THR A 39 8.07 -0.51 -6.73
CA THR A 39 8.73 0.52 -5.97
C THR A 39 9.38 1.54 -6.91
N ASN A 40 9.70 2.71 -6.38
CA ASN A 40 10.25 3.85 -7.08
C ASN A 40 9.27 4.34 -8.15
N SER A 41 9.30 3.72 -9.33
CA SER A 41 8.49 4.11 -10.48
C SER A 41 8.88 5.51 -10.99
N LYS A 42 9.30 5.57 -12.26
CA LYS A 42 9.80 6.82 -12.80
C LYS A 42 8.65 7.82 -12.89
N LYS A 43 8.89 9.07 -12.47
CA LYS A 43 7.87 10.13 -12.39
C LYS A 43 6.64 9.65 -11.60
N PHE A 44 6.87 8.83 -10.57
CA PHE A 44 5.82 8.33 -9.70
C PHE A 44 6.29 8.33 -8.25
N ILE A 45 7.58 8.10 -8.00
CA ILE A 45 8.17 8.09 -6.66
C ILE A 45 7.78 9.32 -5.83
N ASP A 46 7.45 10.44 -6.47
CA ASP A 46 6.93 11.66 -5.87
C ASP A 46 5.88 11.34 -4.80
N ILE A 47 4.94 10.44 -5.14
CA ILE A 47 3.90 9.92 -4.25
C ILE A 47 4.55 9.53 -2.90
N PHE A 48 5.48 8.58 -2.94
CA PHE A 48 6.19 8.14 -1.75
C PHE A 48 7.06 9.24 -1.15
N LYS A 49 7.60 10.17 -1.94
CA LYS A 49 8.48 11.17 -1.34
C LYS A 49 7.68 12.04 -0.39
N GLU A 50 6.55 12.55 -0.85
CA GLU A 50 5.79 13.54 -0.11
C GLU A 50 4.85 12.83 0.87
N GLU A 51 3.99 11.96 0.35
CA GLU A 51 2.93 11.34 1.13
C GLU A 51 3.47 10.18 1.95
N GLY A 52 4.60 9.57 1.53
CA GLY A 52 5.38 8.61 2.28
C GLY A 52 6.15 9.23 3.46
N SER A 53 5.49 10.09 4.22
CA SER A 53 5.89 10.51 5.54
C SER A 53 4.68 11.10 6.25
N ASN A 54 3.48 10.56 5.99
CA ASN A 54 2.24 11.19 6.44
C ASN A 54 1.15 10.19 6.83
N LEU A 55 1.07 9.05 6.13
CA LEU A 55 0.12 8.00 6.51
C LEU A 55 0.47 7.45 7.89
N THR A 56 1.77 7.26 8.14
CA THR A 56 2.33 6.70 9.36
C THR A 56 3.85 6.62 9.18
N SER A 57 4.59 6.23 10.23
CA SER A 57 5.99 5.85 10.10
C SER A 57 6.14 4.68 9.13
N TYR A 58 5.15 3.79 9.06
CA TYR A 58 5.17 2.68 8.10
C TYR A 58 5.12 3.18 6.65
N GLY A 59 4.66 4.42 6.46
CA GLY A 59 4.62 5.06 5.15
C GLY A 59 5.96 5.69 4.82
N ARG A 60 6.86 5.81 5.78
CA ARG A 60 8.17 6.45 5.59
C ARG A 60 9.30 5.43 5.56
N THR A 61 9.02 4.20 5.98
CA THR A 61 9.88 3.04 5.74
C THR A 61 9.97 2.77 4.24
N ASN A 62 10.47 1.59 3.82
CA ASN A 62 10.63 1.27 2.41
C ASN A 62 9.34 1.55 1.64
N GLU A 63 9.48 1.93 0.36
CA GLU A 63 8.33 2.28 -0.46
C GLU A 63 7.39 1.08 -0.64
N ALA A 64 7.93 -0.12 -0.58
CA ALA A 64 7.14 -1.35 -0.50
C ALA A 64 6.15 -1.32 0.65
N GLU A 65 6.57 -0.80 1.78
CA GLU A 65 5.75 -0.74 2.98
C GLU A 65 4.76 0.39 2.87
N PHE A 66 5.18 1.52 2.32
CA PHE A 66 4.29 2.63 1.99
C PHE A 66 3.11 2.17 1.16
N PHE A 67 3.36 1.44 0.08
CA PHE A 67 2.29 0.91 -0.75
C PHE A 67 1.43 -0.08 0.06
N ALA A 68 2.07 -0.96 0.83
CA ALA A 68 1.41 -2.03 1.57
C ALA A 68 0.46 -1.54 2.66
N GLU A 69 0.93 -0.72 3.59
CA GLU A 69 0.09 0.01 4.55
C GLU A 69 -0.97 0.83 3.83
N ALA A 70 -0.67 1.47 2.70
CA ALA A 70 -1.71 2.16 1.96
C ALA A 70 -2.81 1.19 1.53
N PHE A 71 -2.47 -0.06 1.20
CA PHE A 71 -3.47 -1.10 0.96
C PHE A 71 -4.30 -1.38 2.21
N ARG A 72 -3.65 -1.66 3.35
CA ARG A 72 -4.33 -1.88 4.62
C ARG A 72 -5.41 -0.82 4.84
N LEU A 73 -4.97 0.43 4.96
CA LEU A 73 -5.78 1.60 5.18
C LEU A 73 -6.90 1.66 4.17
N MET A 74 -6.60 1.58 2.87
CA MET A 74 -7.58 1.80 1.83
C MET A 74 -8.71 0.76 1.89
N HIS A 75 -8.44 -0.46 2.36
CA HIS A 75 -9.50 -1.47 2.52
C HIS A 75 -10.13 -1.43 3.90
N SER A 76 -9.48 -0.83 4.91
CA SER A 76 -9.95 -0.87 6.28
C SER A 76 -11.36 -0.33 6.30
N THR A 77 -12.29 -1.22 6.60
CA THR A 77 -13.71 -0.98 6.65
C THR A 77 -14.02 0.33 7.37
N ASP A 78 -13.25 0.62 8.42
CA ASP A 78 -13.26 1.93 9.03
C ASP A 78 -12.96 3.03 8.02
N HIS A 79 -14.04 3.66 7.55
CA HIS A 79 -14.01 4.85 6.73
C HIS A 79 -13.00 5.89 7.23
N ALA A 80 -12.83 6.05 8.53
CA ALA A 80 -11.92 7.05 9.06
C ALA A 80 -10.49 6.74 8.64
N GLU A 81 -9.98 5.52 8.90
CA GLU A 81 -8.62 5.15 8.49
C GLU A 81 -8.43 5.47 7.01
N ARG A 82 -9.42 5.13 6.20
CA ARG A 82 -9.33 5.35 4.77
C ARG A 82 -9.20 6.83 4.46
N LEU A 83 -10.16 7.64 4.92
CA LEU A 83 -10.16 9.07 4.71
C LEU A 83 -8.99 9.76 5.38
N LYS A 84 -8.31 9.13 6.34
CA LYS A 84 -7.07 9.70 6.84
C LYS A 84 -6.01 9.57 5.76
N VAL A 85 -5.90 8.42 5.11
CA VAL A 85 -5.04 8.35 3.93
C VAL A 85 -5.47 9.41 2.94
N GLN A 86 -6.74 9.51 2.59
CA GLN A 86 -7.11 10.33 1.45
C GLN A 86 -6.87 11.82 1.72
N LYS A 87 -7.39 12.33 2.84
CA LYS A 87 -7.18 13.70 3.30
C LYS A 87 -5.68 14.01 3.42
N ASN A 88 -4.91 13.10 3.99
CA ASN A 88 -3.48 13.31 4.21
C ASN A 88 -2.68 13.11 2.93
N ALA A 89 -3.22 12.36 1.97
CA ALA A 89 -2.52 11.81 0.81
C ALA A 89 -3.52 11.56 -0.31
N PRO A 90 -4.05 12.64 -0.91
CA PRO A 90 -5.06 12.51 -1.93
C PRO A 90 -4.53 11.71 -3.12
N LYS A 91 -3.24 11.88 -3.42
CA LYS A 91 -2.57 11.31 -4.57
C LYS A 91 -2.22 9.84 -4.31
N THR A 92 -1.70 9.50 -3.13
CA THR A 92 -1.43 8.09 -2.83
C THR A 92 -2.73 7.30 -2.95
N PHE A 93 -3.81 7.81 -2.35
CA PHE A 93 -5.08 7.11 -2.38
C PHE A 93 -5.56 6.90 -3.78
N GLN A 94 -5.47 7.96 -4.58
CA GLN A 94 -5.83 7.86 -5.98
C GLN A 94 -5.15 6.63 -6.60
N PHE A 95 -3.86 6.43 -6.30
CA PHE A 95 -3.09 5.33 -6.87
C PHE A 95 -3.70 3.99 -6.45
N ILE A 96 -3.88 3.79 -5.14
CA ILE A 96 -4.41 2.55 -4.59
C ILE A 96 -5.81 2.27 -5.12
N ASN A 97 -6.59 3.30 -5.44
CA ASN A 97 -7.93 3.08 -5.97
C ASN A 97 -7.87 2.67 -7.44
N ASP A 98 -6.89 3.22 -8.17
CA ASP A 98 -6.63 2.92 -9.57
C ASP A 98 -6.30 1.43 -9.70
N GLN A 99 -5.28 0.98 -8.97
CA GLN A 99 -4.88 -0.42 -8.96
C GLN A 99 -5.85 -1.23 -8.09
N ILE A 100 -6.82 -1.85 -8.74
CA ILE A 100 -7.84 -2.69 -8.11
C ILE A 100 -7.19 -3.67 -7.11
N LYS A 101 -7.74 -3.73 -5.90
CA LYS A 101 -7.21 -4.57 -4.84
C LYS A 101 -7.75 -5.99 -4.98
N PHE A 102 -7.13 -6.93 -4.27
CA PHE A 102 -7.45 -8.36 -4.24
C PHE A 102 -7.01 -9.05 -5.53
N ILE A 103 -5.72 -9.43 -5.60
CA ILE A 103 -5.17 -10.00 -6.82
C ILE A 103 -5.42 -11.51 -6.91
N ILE A 104 -5.40 -12.21 -5.77
CA ILE A 104 -5.70 -13.65 -5.71
C ILE A 104 -7.23 -13.80 -5.75
N ASN A 105 -7.91 -13.28 -4.72
CA ASN A 105 -9.36 -13.27 -4.58
C ASN A 105 -9.99 -14.67 -4.57
N SER A 106 -9.98 -15.29 -3.39
CA SER A 106 -10.47 -16.64 -3.07
C SER A 106 -9.30 -17.59 -3.22
N GLY A 1 -1.07 -18.94 7.45
CA GLY A 1 -2.13 -18.75 8.46
C GLY A 1 -1.54 -18.07 9.68
N SER A 2 -2.32 -17.95 10.74
CA SER A 2 -1.88 -17.42 12.02
C SER A 2 -2.06 -18.51 13.08
N LYS A 3 -1.78 -18.19 14.34
CA LYS A 3 -1.74 -19.18 15.41
C LYS A 3 -2.56 -18.72 16.61
N GLY A 4 -2.44 -17.45 16.98
CA GLY A 4 -3.39 -16.81 17.87
C GLY A 4 -4.55 -16.23 17.07
N VAL A 5 -5.43 -15.52 17.76
CA VAL A 5 -6.45 -14.72 17.13
C VAL A 5 -5.82 -13.43 16.60
N GLU A 6 -6.62 -12.39 16.36
CA GLU A 6 -6.11 -11.15 15.80
C GLU A 6 -5.98 -10.08 16.87
N LEU A 7 -4.73 -9.71 17.20
CA LEU A 7 -4.43 -8.80 18.28
C LEU A 7 -4.26 -7.39 17.73
N ARG A 8 -5.03 -7.03 16.70
CA ARG A 8 -4.80 -5.83 15.90
C ARG A 8 -3.52 -6.00 15.08
N ASN A 9 -2.34 -5.97 15.70
CA ASN A 9 -1.06 -6.18 15.03
C ASN A 9 -1.07 -7.37 14.06
N ASP A 10 -1.75 -8.46 14.42
CA ASP A 10 -1.79 -9.63 13.54
C ASP A 10 -2.69 -9.39 12.33
N SER A 11 -3.85 -8.74 12.51
CA SER A 11 -4.73 -8.41 11.40
C SER A 11 -4.02 -7.42 10.48
N GLU A 12 -3.67 -6.25 11.02
CA GLU A 12 -3.07 -5.16 10.29
C GLU A 12 -1.76 -5.60 9.66
N GLY A 13 -1.00 -6.44 10.36
CA GLY A 13 0.21 -7.05 9.83
C GLY A 13 -0.09 -7.91 8.60
N PHE A 14 -1.03 -8.85 8.73
CA PHE A 14 -1.37 -9.80 7.68
C PHE A 14 -1.81 -9.05 6.42
N ILE A 15 -2.79 -8.17 6.54
CA ILE A 15 -3.28 -7.38 5.42
C ILE A 15 -2.23 -6.39 4.89
N HIS A 16 -1.32 -5.89 5.73
CA HIS A 16 -0.24 -5.04 5.24
C HIS A 16 0.53 -5.87 4.22
N GLU A 17 0.96 -7.07 4.63
CA GLU A 17 1.65 -8.00 3.75
C GLU A 17 0.84 -8.27 2.49
N PHE A 18 -0.47 -8.47 2.58
CA PHE A 18 -1.32 -8.69 1.42
C PHE A 18 -1.21 -7.55 0.41
N GLY A 19 -1.24 -6.30 0.88
CA GLY A 19 -0.94 -5.15 0.04
C GLY A 19 0.39 -5.36 -0.68
N HIS A 20 1.42 -5.74 0.07
CA HIS A 20 2.74 -5.93 -0.50
C HIS A 20 2.73 -7.00 -1.60
N ALA A 21 2.07 -8.12 -1.37
CA ALA A 21 1.95 -9.19 -2.35
C ALA A 21 1.25 -8.68 -3.60
N VAL A 22 0.32 -7.73 -3.45
CA VAL A 22 -0.30 -7.14 -4.63
C VAL A 22 0.71 -6.30 -5.42
N ASP A 23 1.59 -5.57 -4.73
CA ASP A 23 2.66 -4.82 -5.38
C ASP A 23 3.57 -5.76 -6.17
N ASP A 24 3.67 -7.02 -5.72
CA ASP A 24 4.54 -7.99 -6.33
C ASP A 24 4.05 -8.26 -7.74
N TYR A 25 2.78 -8.62 -7.86
CA TYR A 25 2.16 -8.91 -9.15
C TYR A 25 2.23 -7.68 -10.05
N ALA A 26 1.84 -6.53 -9.52
CA ALA A 26 1.86 -5.32 -10.32
C ALA A 26 3.26 -5.04 -10.86
N GLY A 27 4.31 -5.27 -10.08
CA GLY A 27 5.68 -5.08 -10.54
C GLY A 27 6.00 -6.07 -11.64
N TYR A 28 5.89 -7.37 -11.34
CA TYR A 28 6.26 -8.46 -12.21
C TYR A 28 5.68 -8.26 -13.63
N LEU A 29 4.42 -7.85 -13.71
CA LEU A 29 3.74 -7.60 -14.98
C LEU A 29 4.04 -6.22 -15.55
N LEU A 30 4.24 -5.19 -14.72
CA LEU A 30 4.24 -3.81 -15.17
C LEU A 30 5.50 -3.10 -14.66
N ASP A 31 6.66 -3.45 -15.21
CA ASP A 31 7.90 -2.79 -14.86
C ASP A 31 8.64 -2.41 -16.13
N LYS A 32 9.47 -1.36 -16.08
CA LYS A 32 10.26 -0.98 -17.24
C LYS A 32 11.56 -1.78 -17.21
N ASN A 33 12.43 -1.46 -16.25
CA ASN A 33 13.61 -2.26 -15.95
C ASN A 33 14.08 -1.90 -14.55
N GLN A 34 14.69 -2.86 -13.85
CA GLN A 34 15.44 -2.66 -12.61
C GLN A 34 14.75 -1.71 -11.63
N SER A 35 13.42 -1.85 -11.45
CA SER A 35 12.64 -0.96 -10.59
C SER A 35 11.53 -1.75 -9.89
N ASP A 36 11.87 -2.90 -9.33
CA ASP A 36 10.94 -3.87 -8.74
C ASP A 36 9.87 -3.21 -7.87
N LEU A 37 8.60 -3.44 -8.25
CA LEU A 37 7.31 -3.10 -7.62
C LEU A 37 6.74 -1.87 -8.31
N VAL A 38 5.43 -1.86 -8.55
CA VAL A 38 4.84 -0.76 -9.31
C VAL A 38 4.98 0.55 -8.53
N THR A 39 4.96 0.49 -7.20
CA THR A 39 5.07 1.68 -6.35
C THR A 39 6.32 2.50 -6.70
N ASN A 40 7.52 1.93 -6.56
CA ASN A 40 8.78 2.66 -6.76
C ASN A 40 9.20 2.53 -8.23
N SER A 41 8.33 2.96 -9.14
CA SER A 41 8.60 2.78 -10.56
C SER A 41 7.65 3.61 -11.41
N LYS A 42 6.34 3.58 -11.11
CA LYS A 42 5.35 4.35 -11.85
C LYS A 42 5.75 5.82 -11.84
N LYS A 43 5.95 6.43 -13.01
CA LYS A 43 6.52 7.78 -13.14
C LYS A 43 7.88 7.85 -12.46
N PHE A 44 7.91 8.17 -11.17
CA PHE A 44 9.11 8.30 -10.37
C PHE A 44 8.67 8.51 -8.92
N ILE A 45 9.56 8.19 -7.97
CA ILE A 45 9.39 8.51 -6.56
C ILE A 45 8.87 9.95 -6.36
N ASP A 46 7.59 10.12 -5.99
CA ASP A 46 6.94 11.42 -5.76
C ASP A 46 5.88 11.28 -4.68
N ILE A 47 4.91 10.41 -4.97
CA ILE A 47 3.78 10.11 -4.09
C ILE A 47 4.34 9.78 -2.71
N PHE A 48 5.28 8.85 -2.68
CA PHE A 48 6.05 8.47 -1.50
C PHE A 48 6.87 9.60 -0.92
N LYS A 49 7.45 10.49 -1.72
CA LYS A 49 8.32 11.50 -1.14
C LYS A 49 7.57 12.36 -0.14
N GLU A 50 6.39 12.86 -0.52
CA GLU A 50 5.59 13.68 0.39
C GLU A 50 4.81 12.76 1.32
N GLU A 51 3.90 11.97 0.75
CA GLU A 51 2.87 11.30 1.52
C GLU A 51 3.45 10.12 2.29
N GLY A 52 4.57 9.57 1.80
CA GLY A 52 5.38 8.61 2.50
C GLY A 52 6.17 9.24 3.65
N SER A 53 5.54 10.09 4.45
CA SER A 53 5.92 10.29 5.85
C SER A 53 4.70 10.74 6.64
N ASN A 54 3.51 10.25 6.26
CA ASN A 54 2.25 10.79 6.78
C ASN A 54 1.31 9.69 7.21
N LEU A 55 1.16 8.66 6.37
CA LEU A 55 0.23 7.57 6.67
C LEU A 55 0.58 6.87 7.97
N THR A 56 1.88 6.73 8.23
CA THR A 56 2.46 6.06 9.39
C THR A 56 3.99 6.11 9.24
N SER A 57 4.75 5.69 10.25
CA SER A 57 6.19 5.49 10.12
C SER A 57 6.49 4.42 9.08
N TYR A 58 5.65 3.38 8.97
CA TYR A 58 5.77 2.40 7.89
C TYR A 58 5.42 2.98 6.52
N GLY A 59 4.90 4.22 6.49
CA GLY A 59 4.71 4.96 5.27
C GLY A 59 6.01 5.61 4.82
N ARG A 60 7.00 5.74 5.72
CA ARG A 60 8.26 6.42 5.42
C ARG A 60 9.41 5.46 5.21
N THR A 61 9.26 4.20 5.63
CA THR A 61 10.19 3.14 5.28
C THR A 61 10.17 2.92 3.77
N ASN A 62 10.64 1.77 3.27
CA ASN A 62 10.70 1.54 1.83
C ASN A 62 9.35 1.82 1.17
N GLU A 63 9.37 2.33 -0.06
CA GLU A 63 8.18 2.70 -0.82
C GLU A 63 7.25 1.50 -1.05
N ALA A 64 7.81 0.29 -0.92
CA ALA A 64 7.10 -0.98 -0.87
C ALA A 64 6.15 -1.05 0.33
N GLU A 65 6.63 -0.68 1.51
CA GLU A 65 5.83 -0.66 2.71
C GLU A 65 4.81 0.46 2.66
N PHE A 66 5.22 1.64 2.20
CA PHE A 66 4.32 2.75 1.94
C PHE A 66 3.08 2.28 1.19
N PHE A 67 3.27 1.60 0.06
CA PHE A 67 2.15 1.05 -0.68
C PHE A 67 1.40 -0.02 0.12
N ALA A 68 2.12 -0.90 0.82
CA ALA A 68 1.50 -2.02 1.53
C ALA A 68 0.51 -1.52 2.59
N GLU A 69 0.95 -0.60 3.45
CA GLU A 69 0.10 0.16 4.36
C GLU A 69 -1.04 0.83 3.60
N ALA A 70 -0.76 1.44 2.45
CA ALA A 70 -1.81 2.08 1.69
C ALA A 70 -2.93 1.08 1.38
N PHE A 71 -2.61 -0.18 1.05
CA PHE A 71 -3.62 -1.20 0.85
C PHE A 71 -4.37 -1.50 2.15
N ARG A 72 -3.65 -1.77 3.25
CA ARG A 72 -4.25 -2.02 4.58
C ARG A 72 -5.35 -1.00 4.86
N LEU A 73 -5.01 0.28 4.81
CA LEU A 73 -5.88 1.41 5.04
C LEU A 73 -7.03 1.39 4.04
N MET A 74 -6.74 1.31 2.73
CA MET A 74 -7.76 1.45 1.69
C MET A 74 -8.88 0.43 1.83
N HIS A 75 -8.55 -0.81 2.23
CA HIS A 75 -9.55 -1.86 2.39
C HIS A 75 -10.20 -1.80 3.78
N SER A 76 -9.63 -1.08 4.74
CA SER A 76 -10.13 -1.08 6.10
C SER A 76 -11.58 -0.66 6.02
N THR A 77 -12.45 -1.56 6.42
CA THR A 77 -13.89 -1.36 6.41
C THR A 77 -14.28 -0.08 7.14
N ASP A 78 -13.50 0.25 8.17
CA ASP A 78 -13.53 1.56 8.77
C ASP A 78 -13.26 2.64 7.71
N HIS A 79 -14.32 3.35 7.34
CA HIS A 79 -14.23 4.41 6.36
C HIS A 79 -13.34 5.53 6.87
N ALA A 80 -13.24 5.73 8.18
CA ALA A 80 -12.36 6.74 8.73
C ALA A 80 -10.92 6.44 8.32
N GLU A 81 -10.41 5.25 8.65
CA GLU A 81 -9.05 4.81 8.31
C GLU A 81 -8.71 5.17 6.87
N ARG A 82 -9.64 4.86 5.98
CA ARG A 82 -9.45 5.09 4.56
C ARG A 82 -9.31 6.58 4.29
N LEU A 83 -10.30 7.36 4.74
CA LEU A 83 -10.27 8.81 4.62
C LEU A 83 -9.11 9.44 5.40
N LYS A 84 -8.48 8.76 6.35
CA LYS A 84 -7.25 9.30 6.91
C LYS A 84 -6.20 9.27 5.80
N VAL A 85 -6.05 8.16 5.07
CA VAL A 85 -5.14 8.17 3.93
C VAL A 85 -5.51 9.29 2.97
N GLN A 86 -6.76 9.43 2.52
CA GLN A 86 -7.05 10.51 1.56
C GLN A 86 -6.71 11.89 2.14
N LYS A 87 -7.29 12.25 3.27
CA LYS A 87 -7.14 13.57 3.86
C LYS A 87 -5.68 13.90 4.13
N ASN A 88 -4.88 12.92 4.55
CA ASN A 88 -3.46 13.14 4.82
C ASN A 88 -2.65 13.00 3.54
N ALA A 89 -3.18 12.33 2.52
CA ALA A 89 -2.49 12.02 1.27
C ALA A 89 -3.47 12.08 0.10
N PRO A 90 -3.76 13.27 -0.42
CA PRO A 90 -4.76 13.47 -1.47
C PRO A 90 -4.22 13.09 -2.87
N LYS A 91 -3.39 12.05 -2.95
CA LYS A 91 -2.79 11.55 -4.18
C LYS A 91 -2.55 10.04 -4.06
N THR A 92 -1.87 9.59 -2.99
CA THR A 92 -1.61 8.17 -2.75
C THR A 92 -2.89 7.35 -2.85
N PHE A 93 -3.98 7.80 -2.22
CA PHE A 93 -5.21 7.03 -2.24
C PHE A 93 -5.71 6.80 -3.65
N GLN A 94 -5.76 7.88 -4.41
CA GLN A 94 -6.21 7.82 -5.78
C GLN A 94 -5.43 6.75 -6.54
N PHE A 95 -4.13 6.62 -6.22
CA PHE A 95 -3.26 5.67 -6.88
C PHE A 95 -3.77 4.25 -6.66
N ILE A 96 -3.89 3.83 -5.40
CA ILE A 96 -4.45 2.54 -5.01
C ILE A 96 -5.78 2.30 -5.73
N ASN A 97 -6.65 3.32 -5.74
CA ASN A 97 -7.98 3.22 -6.32
C ASN A 97 -7.90 2.93 -7.82
N ASP A 98 -6.89 3.47 -8.51
CA ASP A 98 -6.62 3.20 -9.91
C ASP A 98 -6.31 1.72 -10.08
N GLN A 99 -5.24 1.28 -9.43
CA GLN A 99 -4.75 -0.06 -9.68
C GLN A 99 -5.38 -1.06 -8.72
N ILE A 100 -6.66 -1.38 -8.94
CA ILE A 100 -7.42 -2.27 -8.06
C ILE A 100 -6.65 -3.55 -7.73
N LYS A 101 -6.04 -4.14 -8.77
CA LYS A 101 -5.30 -5.40 -8.75
C LYS A 101 -6.15 -6.58 -8.31
N PHE A 102 -5.74 -7.77 -8.76
CA PHE A 102 -6.52 -8.99 -8.62
C PHE A 102 -5.59 -10.19 -8.84
N ILE A 103 -4.43 -10.21 -8.19
CA ILE A 103 -3.47 -11.31 -8.32
C ILE A 103 -4.18 -12.65 -8.08
N ILE A 104 -5.02 -12.69 -7.04
CA ILE A 104 -5.88 -13.82 -6.79
C ILE A 104 -7.13 -13.24 -6.12
N ASN A 105 -8.31 -13.63 -6.59
CA ASN A 105 -9.60 -13.20 -6.06
C ASN A 105 -9.89 -11.73 -6.38
N SER A 106 -11.07 -11.25 -6.04
CA SER A 106 -11.52 -9.86 -6.15
C SER A 106 -12.65 -9.64 -5.15
N GLY A 1 -0.95 2.21 10.50
CA GLY A 1 -0.56 3.30 11.41
C GLY A 1 -1.38 3.25 12.68
N SER A 2 -0.99 2.44 13.67
CA SER A 2 -1.70 2.38 14.94
C SER A 2 -0.78 1.76 15.99
N LYS A 3 -1.14 1.84 17.27
CA LYS A 3 -0.43 1.22 18.39
C LYS A 3 -1.34 1.31 19.63
N GLY A 4 -1.12 0.49 20.65
CA GLY A 4 -1.88 0.57 21.88
C GLY A 4 -2.23 -0.82 22.37
N VAL A 5 -3.50 -1.02 22.71
CA VAL A 5 -4.04 -2.33 23.03
C VAL A 5 -4.16 -3.16 21.75
N GLU A 6 -4.96 -4.22 21.77
CA GLU A 6 -5.15 -5.01 20.56
C GLU A 6 -6.17 -4.36 19.62
N LEU A 7 -5.72 -4.08 18.40
CA LEU A 7 -6.52 -3.38 17.40
C LEU A 7 -6.62 -4.29 16.17
N ARG A 8 -6.68 -5.59 16.41
CA ARG A 8 -6.63 -6.64 15.38
C ARG A 8 -5.28 -6.66 14.67
N ASN A 9 -4.18 -6.57 15.41
CA ASN A 9 -2.81 -6.60 14.89
C ASN A 9 -2.56 -7.75 13.91
N ASP A 10 -3.07 -8.93 14.20
CA ASP A 10 -2.90 -10.06 13.30
C ASP A 10 -3.46 -9.74 11.92
N SER A 11 -4.69 -9.25 11.87
CA SER A 11 -5.34 -8.85 10.63
C SER A 11 -4.60 -7.71 9.95
N GLU A 12 -4.34 -6.62 10.68
CA GLU A 12 -3.72 -5.44 10.12
C GLU A 12 -2.34 -5.76 9.54
N GLY A 13 -1.62 -6.67 10.20
CA GLY A 13 -0.39 -7.23 9.68
C GLY A 13 -0.64 -7.93 8.35
N PHE A 14 -1.51 -8.92 8.36
CA PHE A 14 -1.77 -9.80 7.21
C PHE A 14 -2.16 -8.98 5.97
N ILE A 15 -3.14 -8.08 6.10
CA ILE A 15 -3.56 -7.25 4.99
C ILE A 15 -2.47 -6.27 4.55
N HIS A 16 -1.63 -5.78 5.48
CA HIS A 16 -0.52 -4.91 5.10
C HIS A 16 0.33 -5.69 4.10
N GLU A 17 0.73 -6.92 4.47
CA GLU A 17 1.53 -7.77 3.61
C GLU A 17 0.83 -8.03 2.28
N PHE A 18 -0.49 -8.26 2.28
CA PHE A 18 -1.27 -8.42 1.04
C PHE A 18 -1.03 -7.27 0.07
N GLY A 19 -1.08 -6.03 0.55
CA GLY A 19 -0.75 -4.89 -0.30
C GLY A 19 0.58 -5.14 -1.03
N HIS A 20 1.59 -5.54 -0.28
CA HIS A 20 2.91 -5.85 -0.83
C HIS A 20 2.84 -7.01 -1.82
N ALA A 21 2.08 -8.06 -1.54
CA ALA A 21 1.96 -9.19 -2.44
C ALA A 21 1.40 -8.74 -3.79
N VAL A 22 0.54 -7.72 -3.80
CA VAL A 22 0.03 -7.22 -5.07
C VAL A 22 1.11 -6.49 -5.86
N ASP A 23 2.03 -5.78 -5.19
CA ASP A 23 3.18 -5.19 -5.88
C ASP A 23 4.03 -6.28 -6.54
N ASP A 24 4.02 -7.47 -5.98
CA ASP A 24 4.87 -8.56 -6.45
C ASP A 24 4.39 -9.00 -7.82
N TYR A 25 3.08 -9.20 -7.93
CA TYR A 25 2.44 -9.49 -9.21
C TYR A 25 2.75 -8.38 -10.21
N ALA A 26 2.62 -7.13 -9.80
CA ALA A 26 2.96 -6.00 -10.67
C ALA A 26 4.42 -6.04 -11.12
N GLY A 27 5.34 -6.61 -10.33
CA GLY A 27 6.75 -6.70 -10.69
C GLY A 27 7.00 -7.72 -11.81
N TYR A 28 6.12 -8.71 -11.96
CA TYR A 28 6.28 -9.72 -12.99
C TYR A 28 5.54 -9.33 -14.27
N LEU A 29 4.32 -8.83 -14.13
CA LEU A 29 3.45 -8.47 -15.25
C LEU A 29 3.83 -7.14 -15.84
N LEU A 30 4.21 -6.20 -14.99
CA LEU A 30 4.61 -4.88 -15.40
C LEU A 30 6.09 -4.80 -15.04
N ASP A 31 6.75 -3.69 -15.39
CA ASP A 31 8.18 -3.46 -15.14
C ASP A 31 9.06 -4.47 -15.88
N LYS A 32 10.01 -3.97 -16.69
CA LYS A 32 10.67 -4.83 -17.68
C LYS A 32 11.94 -5.43 -17.10
N ASN A 33 11.82 -6.03 -15.92
CA ASN A 33 12.91 -6.66 -15.18
C ASN A 33 12.30 -7.58 -14.14
N GLN A 34 12.28 -8.90 -14.35
CA GLN A 34 11.59 -9.85 -13.48
C GLN A 34 11.95 -9.67 -12.00
N SER A 35 13.23 -9.45 -11.70
CA SER A 35 13.65 -9.27 -10.32
C SER A 35 13.44 -7.82 -9.88
N ASP A 36 12.19 -7.35 -9.84
CA ASP A 36 11.82 -6.03 -9.33
C ASP A 36 10.37 -6.08 -8.86
N LEU A 37 9.85 -5.02 -8.25
CA LEU A 37 8.47 -4.93 -7.80
C LEU A 37 7.99 -3.51 -8.06
N VAL A 38 6.73 -3.32 -8.49
CA VAL A 38 6.27 -1.98 -8.81
C VAL A 38 6.33 -1.13 -7.55
N THR A 39 7.20 -0.13 -7.54
CA THR A 39 7.38 0.76 -6.40
C THR A 39 7.55 2.22 -6.87
N ASN A 40 7.43 2.47 -8.17
CA ASN A 40 7.43 3.81 -8.73
C ASN A 40 6.87 3.72 -10.14
N SER A 41 5.56 3.93 -10.31
CA SER A 41 4.95 4.01 -11.62
C SER A 41 3.73 4.92 -11.53
N LYS A 42 2.98 5.03 -12.63
CA LYS A 42 1.81 5.88 -12.83
C LYS A 42 2.07 7.34 -12.45
N LYS A 43 2.03 7.66 -11.15
CA LYS A 43 2.33 9.02 -10.70
C LYS A 43 3.82 9.34 -10.80
N PHE A 44 4.69 8.32 -10.70
CA PHE A 44 6.13 8.40 -10.61
C PHE A 44 6.61 9.22 -9.42
N ILE A 45 7.06 8.52 -8.38
CA ILE A 45 7.51 9.09 -7.11
C ILE A 45 6.54 10.18 -6.65
N ASP A 46 7.00 11.32 -6.09
CA ASP A 46 6.19 12.43 -5.54
C ASP A 46 5.35 12.01 -4.34
N ILE A 47 4.36 11.17 -4.59
CA ILE A 47 3.46 10.48 -3.68
C ILE A 47 4.23 10.04 -2.43
N PHE A 48 5.19 9.12 -2.59
CA PHE A 48 5.98 8.64 -1.48
C PHE A 48 6.85 9.74 -0.86
N LYS A 49 7.24 10.76 -1.62
CA LYS A 49 8.13 11.75 -1.05
C LYS A 49 7.43 12.58 0.02
N GLU A 50 6.24 13.07 -0.28
CA GLU A 50 5.49 13.92 0.64
C GLU A 50 4.63 13.01 1.52
N GLU A 51 3.70 12.30 0.89
CA GLU A 51 2.66 11.58 1.62
C GLU A 51 3.30 10.43 2.40
N GLY A 52 4.37 9.85 1.85
CA GLY A 52 5.27 8.94 2.51
C GLY A 52 6.14 9.58 3.60
N SER A 53 5.57 10.47 4.41
CA SER A 53 6.02 10.75 5.77
C SER A 53 4.84 11.12 6.67
N ASN A 54 3.60 10.69 6.34
CA ASN A 54 2.42 11.17 7.04
C ASN A 54 1.49 10.04 7.48
N LEU A 55 1.34 8.98 6.71
CA LEU A 55 0.40 7.92 7.10
C LEU A 55 0.87 7.21 8.38
N THR A 56 2.19 7.06 8.51
CA THR A 56 2.85 6.39 9.62
C THR A 56 4.36 6.40 9.35
N SER A 57 5.16 5.96 10.32
CA SER A 57 6.58 5.65 10.11
C SER A 57 6.74 4.60 9.02
N TYR A 58 5.80 3.63 8.95
CA TYR A 58 5.81 2.63 7.88
C TYR A 58 5.57 3.25 6.49
N GLY A 59 5.05 4.48 6.46
CA GLY A 59 4.86 5.21 5.24
C GLY A 59 6.14 5.96 4.85
N ARG A 60 7.13 6.04 5.73
CA ARG A 60 8.39 6.71 5.45
C ARG A 60 9.54 5.73 5.22
N THR A 61 9.37 4.48 5.68
CA THR A 61 10.27 3.36 5.38
C THR A 61 10.33 3.11 3.88
N ASN A 62 10.83 1.94 3.43
CA ASN A 62 10.99 1.69 2.01
C ASN A 62 9.66 1.91 1.29
N GLU A 63 9.69 2.33 0.02
CA GLU A 63 8.46 2.70 -0.69
C GLU A 63 7.48 1.53 -0.69
N ALA A 64 7.97 0.31 -0.86
CA ALA A 64 7.15 -0.88 -0.85
C ALA A 64 6.32 -1.05 0.43
N GLU A 65 6.82 -0.54 1.55
CA GLU A 65 6.09 -0.56 2.81
C GLU A 65 5.02 0.52 2.80
N PHE A 66 5.35 1.71 2.32
CA PHE A 66 4.42 2.81 2.11
C PHE A 66 3.22 2.37 1.27
N PHE A 67 3.43 1.72 0.13
CA PHE A 67 2.34 1.21 -0.68
C PHE A 67 1.57 0.13 0.09
N ALA A 68 2.27 -0.83 0.70
CA ALA A 68 1.65 -1.96 1.37
C ALA A 68 0.67 -1.51 2.46
N GLU A 69 1.16 -0.72 3.42
CA GLU A 69 0.34 -0.10 4.46
C GLU A 69 -0.74 0.81 3.88
N ALA A 70 -0.48 1.49 2.76
CA ALA A 70 -1.54 2.22 2.09
C ALA A 70 -2.70 1.28 1.75
N PHE A 71 -2.43 0.09 1.20
CA PHE A 71 -3.45 -0.89 0.85
C PHE A 71 -4.32 -1.25 2.06
N ARG A 72 -3.68 -1.57 3.20
CA ARG A 72 -4.39 -1.81 4.46
C ARG A 72 -5.39 -0.69 4.71
N LEU A 73 -4.89 0.55 4.79
CA LEU A 73 -5.66 1.73 5.12
C LEU A 73 -6.73 2.02 4.08
N MET A 74 -6.48 1.65 2.83
CA MET A 74 -7.36 1.94 1.70
C MET A 74 -8.70 1.23 1.89
N HIS A 75 -8.66 -0.01 2.36
CA HIS A 75 -9.85 -0.80 2.59
C HIS A 75 -10.36 -0.74 4.02
N SER A 76 -9.66 -0.06 4.95
CA SER A 76 -9.90 -0.16 6.39
C SER A 76 -11.38 -0.28 6.69
N THR A 77 -11.68 -1.33 7.44
CA THR A 77 -13.01 -1.66 7.89
C THR A 77 -13.63 -0.43 8.58
N ASP A 78 -12.82 0.27 9.37
CA ASP A 78 -13.19 1.61 9.76
C ASP A 78 -13.07 2.54 8.57
N HIS A 79 -14.22 3.00 8.06
CA HIS A 79 -14.29 4.05 7.05
C HIS A 79 -13.40 5.24 7.40
N ALA A 80 -13.34 5.63 8.68
CA ALA A 80 -12.61 6.82 9.08
C ALA A 80 -11.13 6.66 8.75
N GLU A 81 -10.53 5.53 9.11
CA GLU A 81 -9.15 5.21 8.80
C GLU A 81 -8.83 5.45 7.34
N ARG A 82 -9.77 5.12 6.45
CA ARG A 82 -9.53 5.33 5.04
C ARG A 82 -9.43 6.83 4.78
N LEU A 83 -10.38 7.60 5.32
CA LEU A 83 -10.32 9.05 5.24
C LEU A 83 -9.08 9.62 5.91
N LYS A 84 -8.48 8.98 6.92
CA LYS A 84 -7.21 9.48 7.44
C LYS A 84 -6.18 9.42 6.32
N VAL A 85 -6.15 8.33 5.54
CA VAL A 85 -5.28 8.30 4.36
C VAL A 85 -5.67 9.35 3.35
N GLN A 86 -6.88 9.34 2.78
CA GLN A 86 -7.23 10.30 1.71
C GLN A 86 -6.88 11.72 2.14
N LYS A 87 -7.31 12.12 3.34
CA LYS A 87 -7.04 13.42 3.91
C LYS A 87 -5.54 13.68 3.98
N ASN A 88 -4.79 12.78 4.59
CA ASN A 88 -3.36 12.98 4.86
C ASN A 88 -2.51 12.52 3.69
N ALA A 89 -3.11 12.19 2.55
CA ALA A 89 -2.44 11.69 1.38
C ALA A 89 -3.39 11.79 0.17
N PRO A 90 -3.70 13.01 -0.28
CA PRO A 90 -4.73 13.29 -1.29
C PRO A 90 -4.23 13.03 -2.71
N LYS A 91 -3.78 11.80 -2.97
CA LYS A 91 -3.08 11.32 -4.15
C LYS A 91 -2.64 9.86 -3.95
N THR A 92 -2.03 9.51 -2.80
CA THR A 92 -1.66 8.13 -2.50
C THR A 92 -2.87 7.20 -2.60
N PHE A 93 -3.99 7.59 -2.02
CA PHE A 93 -5.21 6.78 -2.14
C PHE A 93 -5.53 6.52 -3.60
N GLN A 94 -5.48 7.59 -4.36
CA GLN A 94 -5.74 7.55 -5.79
C GLN A 94 -4.79 6.58 -6.49
N PHE A 95 -3.57 6.38 -5.98
CA PHE A 95 -2.58 5.49 -6.57
C PHE A 95 -3.10 4.06 -6.57
N ILE A 96 -3.47 3.55 -5.40
CA ILE A 96 -4.05 2.21 -5.27
C ILE A 96 -5.34 2.16 -6.08
N ASN A 97 -6.13 3.23 -6.02
CA ASN A 97 -7.41 3.27 -6.72
C ASN A 97 -7.24 3.10 -8.23
N ASP A 98 -6.17 3.68 -8.78
CA ASP A 98 -5.76 3.54 -10.17
C ASP A 98 -5.45 2.08 -10.48
N GLN A 99 -4.61 1.47 -9.65
CA GLN A 99 -4.18 0.09 -9.84
C GLN A 99 -5.26 -0.88 -9.37
N ILE A 100 -6.30 -1.07 -10.18
CA ILE A 100 -7.32 -2.07 -9.93
C ILE A 100 -6.76 -3.48 -10.23
N LYS A 101 -5.94 -3.98 -9.32
CA LYS A 101 -5.30 -5.28 -9.41
C LYS A 101 -5.36 -5.91 -8.04
N PHE A 102 -5.27 -7.23 -8.02
CA PHE A 102 -5.39 -8.07 -6.85
C PHE A 102 -4.59 -9.33 -7.16
N ILE A 103 -4.40 -10.18 -6.15
CA ILE A 103 -3.73 -11.45 -6.31
C ILE A 103 -4.61 -12.45 -5.55
N ILE A 104 -4.79 -13.65 -6.09
CA ILE A 104 -5.62 -14.69 -5.51
C ILE A 104 -4.79 -15.96 -5.39
N ASN A 105 -5.11 -16.79 -4.40
CA ASN A 105 -4.45 -18.05 -4.10
C ASN A 105 -3.06 -17.79 -3.52
N SER A 106 -2.93 -17.92 -2.20
CA SER A 106 -1.71 -17.61 -1.46
C SER A 106 -1.25 -18.85 -0.74
N GLY A 1 2.25 -5.02 13.18
CA GLY A 1 3.25 -4.78 12.14
C GLY A 1 4.65 -4.88 12.73
N SER A 2 5.32 -3.76 13.00
CA SER A 2 6.68 -3.72 13.53
C SER A 2 6.79 -4.38 14.90
N LYS A 3 6.47 -3.67 15.98
CA LYS A 3 6.57 -4.24 17.31
C LYS A 3 5.63 -3.46 18.21
N GLY A 4 4.89 -4.14 19.07
CA GLY A 4 3.87 -3.53 19.92
C GLY A 4 3.06 -4.62 20.60
N VAL A 5 2.05 -4.23 21.36
CA VAL A 5 1.21 -5.16 22.10
C VAL A 5 0.21 -5.82 21.16
N GLU A 6 -0.87 -6.39 21.70
CA GLU A 6 -1.95 -6.85 20.87
C GLU A 6 -2.85 -5.70 20.40
N LEU A 7 -2.76 -5.44 19.11
CA LEU A 7 -3.60 -4.51 18.38
C LEU A 7 -3.90 -5.12 17.02
N ARG A 8 -4.20 -6.43 17.04
CA ARG A 8 -4.54 -7.22 15.86
C ARG A 8 -3.36 -7.45 14.91
N ASN A 9 -2.14 -7.62 15.44
CA ASN A 9 -0.93 -7.80 14.62
C ASN A 9 -1.10 -8.78 13.48
N ASP A 10 -1.73 -9.93 13.73
CA ASP A 10 -1.90 -10.94 12.70
C ASP A 10 -2.84 -10.45 11.60
N SER A 11 -3.96 -9.83 11.96
CA SER A 11 -4.91 -9.29 10.99
C SER A 11 -4.28 -8.16 10.17
N GLU A 12 -3.76 -7.13 10.84
CA GLU A 12 -3.19 -5.96 10.19
C GLU A 12 -2.00 -6.39 9.33
N GLY A 13 -1.24 -7.36 9.84
CA GLY A 13 -0.15 -8.00 9.13
C GLY A 13 -0.69 -8.55 7.81
N PHE A 14 -1.68 -9.44 7.88
CA PHE A 14 -2.17 -10.18 6.74
C PHE A 14 -2.59 -9.25 5.61
N ILE A 15 -3.46 -8.28 5.91
CA ILE A 15 -3.91 -7.33 4.89
C ILE A 15 -2.78 -6.43 4.39
N HIS A 16 -1.83 -6.05 5.25
CA HIS A 16 -0.72 -5.19 4.84
C HIS A 16 0.06 -5.95 3.77
N GLU A 17 0.51 -7.15 4.13
CA GLU A 17 1.24 -8.07 3.29
C GLU A 17 0.49 -8.36 2.00
N PHE A 18 -0.84 -8.49 2.05
CA PHE A 18 -1.66 -8.69 0.86
C PHE A 18 -1.43 -7.53 -0.11
N GLY A 19 -1.57 -6.30 0.36
CA GLY A 19 -1.22 -5.12 -0.43
C GLY A 19 0.16 -5.28 -1.07
N HIS A 20 1.14 -5.73 -0.30
CA HIS A 20 2.49 -5.89 -0.80
C HIS A 20 2.53 -6.91 -1.94
N ALA A 21 1.94 -8.09 -1.74
CA ALA A 21 1.96 -9.18 -2.69
C ALA A 21 1.32 -8.72 -4.00
N VAL A 22 0.34 -7.82 -3.92
CA VAL A 22 -0.28 -7.29 -5.13
C VAL A 22 0.75 -6.54 -5.96
N ASP A 23 1.45 -5.61 -5.31
CA ASP A 23 2.48 -4.84 -6.00
C ASP A 23 3.64 -5.74 -6.43
N ASP A 24 3.75 -6.92 -5.82
CA ASP A 24 4.87 -7.81 -6.04
C ASP A 24 4.71 -8.46 -7.41
N TYR A 25 3.51 -9.02 -7.61
CA TYR A 25 3.07 -9.57 -8.87
C TYR A 25 3.22 -8.52 -9.97
N ALA A 26 2.74 -7.31 -9.71
CA ALA A 26 2.85 -6.20 -10.65
C ALA A 26 4.31 -5.96 -11.08
N GLY A 27 5.25 -6.05 -10.15
CA GLY A 27 6.66 -5.87 -10.45
C GLY A 27 7.11 -6.85 -11.51
N TYR A 28 6.92 -8.15 -11.25
CA TYR A 28 7.43 -9.17 -12.16
C TYR A 28 6.86 -8.99 -13.58
N LEU A 29 5.56 -8.66 -13.67
CA LEU A 29 4.85 -8.51 -14.92
C LEU A 29 5.19 -7.24 -15.68
N LEU A 30 5.65 -6.19 -15.00
CA LEU A 30 5.77 -4.87 -15.62
C LEU A 30 7.25 -4.46 -15.60
N ASP A 31 7.56 -3.16 -15.62
CA ASP A 31 8.89 -2.73 -15.20
C ASP A 31 8.94 -2.90 -13.68
N LYS A 32 10.15 -3.14 -13.15
CA LYS A 32 10.53 -3.23 -11.75
C LYS A 32 10.44 -4.68 -11.31
N ASN A 33 11.52 -5.42 -11.58
CA ASN A 33 11.66 -6.83 -11.25
C ASN A 33 13.07 -7.04 -10.72
N GLN A 34 13.26 -8.03 -9.84
CA GLN A 34 14.49 -8.39 -9.15
C GLN A 34 15.32 -7.17 -8.69
N SER A 35 14.66 -6.11 -8.23
CA SER A 35 15.31 -4.91 -7.72
C SER A 35 14.29 -4.11 -6.92
N ASP A 36 13.17 -3.78 -7.56
CA ASP A 36 12.11 -2.96 -7.03
C ASP A 36 10.79 -3.59 -7.45
N LEU A 37 9.66 -3.04 -7.01
CA LEU A 37 8.31 -3.43 -7.41
C LEU A 37 7.69 -2.27 -8.19
N VAL A 38 6.46 -2.45 -8.69
CA VAL A 38 5.82 -1.45 -9.55
C VAL A 38 5.73 -0.08 -8.86
N THR A 39 5.65 -0.01 -7.52
CA THR A 39 5.71 1.22 -6.74
C THR A 39 7.14 1.82 -6.74
N ASN A 40 7.66 2.24 -7.90
CA ASN A 40 8.95 2.90 -8.00
C ASN A 40 8.99 3.69 -9.31
N SER A 41 9.10 3.01 -10.46
CA SER A 41 9.04 3.63 -11.78
C SER A 41 7.61 4.04 -12.11
N LYS A 42 7.12 5.13 -11.54
CA LYS A 42 5.74 5.58 -11.76
C LYS A 42 5.74 7.06 -12.08
N LYS A 43 6.06 7.87 -11.08
CA LYS A 43 6.35 9.28 -11.22
C LYS A 43 7.50 9.49 -10.27
N PHE A 44 8.73 9.51 -10.81
CA PHE A 44 10.04 9.64 -10.18
C PHE A 44 9.98 9.83 -8.66
N ILE A 45 9.59 8.78 -7.92
CA ILE A 45 9.21 8.83 -6.51
C ILE A 45 8.62 10.19 -6.07
N ASP A 46 7.40 10.49 -6.49
CA ASP A 46 6.69 11.72 -6.11
C ASP A 46 5.77 11.40 -4.93
N ILE A 47 4.78 10.54 -5.18
CA ILE A 47 3.76 10.13 -4.23
C ILE A 47 4.43 9.74 -2.91
N PHE A 48 5.40 8.84 -2.97
CA PHE A 48 6.13 8.39 -1.81
C PHE A 48 6.94 9.52 -1.15
N LYS A 49 7.49 10.47 -1.88
CA LYS A 49 8.29 11.48 -1.19
C LYS A 49 7.40 12.36 -0.32
N GLU A 50 6.27 12.81 -0.85
CA GLU A 50 5.42 13.73 -0.10
C GLU A 50 4.55 12.90 0.85
N GLU A 51 3.66 12.10 0.26
CA GLU A 51 2.60 11.41 0.97
C GLU A 51 3.22 10.33 1.88
N GLY A 52 4.30 9.70 1.41
CA GLY A 52 5.17 8.80 2.14
C GLY A 52 5.96 9.47 3.26
N SER A 53 5.37 10.43 3.97
CA SER A 53 5.85 10.82 5.28
C SER A 53 4.72 11.24 6.21
N ASN A 54 3.48 10.80 5.94
CA ASN A 54 2.32 11.21 6.72
C ASN A 54 1.53 10.01 7.24
N LEU A 55 1.25 9.03 6.38
CA LEU A 55 0.29 7.98 6.75
C LEU A 55 0.73 7.27 8.03
N THR A 56 2.05 7.12 8.20
CA THR A 56 2.70 6.56 9.38
C THR A 56 4.20 6.57 9.10
N SER A 57 5.02 6.18 10.08
CA SER A 57 6.42 5.85 9.86
C SER A 57 6.54 4.74 8.81
N TYR A 58 5.56 3.82 8.74
CA TYR A 58 5.54 2.80 7.69
C TYR A 58 5.41 3.40 6.30
N GLY A 59 4.79 4.58 6.21
CA GLY A 59 4.67 5.29 4.96
C GLY A 59 5.97 5.93 4.55
N ARG A 60 7.00 5.95 5.41
CA ARG A 60 8.28 6.59 5.11
C ARG A 60 9.42 5.58 4.99
N THR A 61 9.22 4.37 5.48
CA THR A 61 10.05 3.21 5.14
C THR A 61 9.96 2.93 3.64
N ASN A 62 10.45 1.77 3.19
CA ASN A 62 10.53 1.44 1.76
C ASN A 62 9.22 1.75 1.04
N GLU A 63 9.30 2.12 -0.25
CA GLU A 63 8.11 2.43 -1.05
C GLU A 63 7.12 1.27 -1.04
N ALA A 64 7.62 0.04 -0.91
CA ALA A 64 6.82 -1.17 -0.82
C ALA A 64 6.00 -1.23 0.47
N GLU A 65 6.53 -0.72 1.59
CA GLU A 65 5.81 -0.67 2.84
C GLU A 65 4.78 0.45 2.83
N PHE A 66 5.14 1.60 2.28
CA PHE A 66 4.23 2.70 1.99
C PHE A 66 3.02 2.20 1.22
N PHE A 67 3.23 1.48 0.12
CA PHE A 67 2.14 0.97 -0.69
C PHE A 67 1.32 -0.08 0.08
N ALA A 68 1.99 -1.02 0.75
CA ALA A 68 1.34 -2.12 1.43
C ALA A 68 0.42 -1.63 2.56
N GLU A 69 0.92 -0.74 3.41
CA GLU A 69 0.12 -0.08 4.44
C GLU A 69 -0.98 0.75 3.81
N ALA A 70 -0.74 1.41 2.67
CA ALA A 70 -1.78 2.13 1.97
C ALA A 70 -2.95 1.20 1.67
N PHE A 71 -2.70 -0.04 1.22
CA PHE A 71 -3.73 -1.08 1.05
C PHE A 71 -4.50 -1.33 2.34
N ARG A 72 -3.81 -1.57 3.46
CA ARG A 72 -4.45 -1.81 4.75
C ARG A 72 -5.47 -0.68 5.03
N LEU A 73 -5.00 0.55 5.02
CA LEU A 73 -5.78 1.75 5.31
C LEU A 73 -6.84 2.00 4.26
N MET A 74 -6.60 1.57 3.02
CA MET A 74 -7.53 1.77 1.92
C MET A 74 -8.82 1.01 2.19
N HIS A 75 -8.74 -0.17 2.79
CA HIS A 75 -9.95 -0.93 3.04
C HIS A 75 -10.55 -0.55 4.38
N SER A 76 -9.73 -0.32 5.42
CA SER A 76 -10.08 -0.10 6.83
C SER A 76 -11.59 -0.02 7.08
N THR A 77 -12.08 -1.01 7.81
CA THR A 77 -13.48 -1.15 8.19
C THR A 77 -14.00 0.18 8.75
N ASP A 78 -13.20 0.80 9.62
CA ASP A 78 -13.43 2.18 9.98
C ASP A 78 -13.22 3.07 8.75
N HIS A 79 -14.32 3.56 8.19
CA HIS A 79 -14.25 4.47 7.05
C HIS A 79 -13.40 5.69 7.36
N ALA A 80 -13.41 6.17 8.61
CA ALA A 80 -12.62 7.34 8.96
C ALA A 80 -11.15 7.08 8.69
N GLU A 81 -10.61 5.94 9.11
CA GLU A 81 -9.24 5.55 8.86
C GLU A 81 -8.87 5.74 7.39
N ARG A 82 -9.78 5.36 6.51
CA ARG A 82 -9.53 5.53 5.08
C ARG A 82 -9.40 7.01 4.78
N LEU A 83 -10.34 7.82 5.28
CA LEU A 83 -10.28 9.26 5.14
C LEU A 83 -9.10 9.88 5.87
N LYS A 84 -8.45 9.24 6.85
CA LYS A 84 -7.17 9.78 7.31
C LYS A 84 -6.21 9.70 6.13
N VAL A 85 -6.11 8.54 5.48
CA VAL A 85 -5.28 8.44 4.29
C VAL A 85 -5.66 9.48 3.27
N GLN A 86 -6.94 9.74 3.03
CA GLN A 86 -7.29 10.60 1.91
C GLN A 86 -7.05 12.07 2.24
N LYS A 87 -7.53 12.55 3.38
CA LYS A 87 -7.30 13.91 3.85
C LYS A 87 -5.80 14.21 3.87
N ASN A 88 -5.00 13.32 4.46
CA ASN A 88 -3.56 13.53 4.58
C ASN A 88 -2.87 13.35 3.23
N ALA A 89 -3.29 12.34 2.47
CA ALA A 89 -2.69 11.91 1.22
C ALA A 89 -3.75 11.78 0.13
N PRO A 90 -4.22 12.91 -0.40
CA PRO A 90 -5.28 12.89 -1.40
C PRO A 90 -4.84 12.08 -2.62
N LYS A 91 -3.55 12.12 -2.93
CA LYS A 91 -2.95 11.54 -4.11
C LYS A 91 -2.72 10.04 -3.94
N THR A 92 -2.08 9.59 -2.85
CA THR A 92 -1.82 8.17 -2.65
C THR A 92 -3.12 7.38 -2.72
N PHE A 93 -4.18 7.90 -2.10
CA PHE A 93 -5.45 7.22 -2.13
C PHE A 93 -5.94 7.00 -3.54
N GLN A 94 -5.86 8.05 -4.34
CA GLN A 94 -6.26 7.98 -5.72
C GLN A 94 -5.49 6.86 -6.43
N PHE A 95 -4.22 6.67 -6.06
CA PHE A 95 -3.32 5.71 -6.68
C PHE A 95 -3.80 4.28 -6.39
N ILE A 96 -4.00 3.95 -5.12
CA ILE A 96 -4.47 2.63 -4.74
C ILE A 96 -5.83 2.34 -5.40
N ASN A 97 -6.73 3.34 -5.42
CA ASN A 97 -8.02 3.19 -6.06
C ASN A 97 -7.87 2.82 -7.54
N ASP A 98 -6.86 3.38 -8.22
CA ASP A 98 -6.56 3.10 -9.62
C ASP A 98 -6.31 1.60 -9.79
N GLN A 99 -5.38 1.06 -8.99
CA GLN A 99 -5.00 -0.34 -9.12
C GLN A 99 -5.93 -1.22 -8.29
N ILE A 100 -6.98 -1.75 -8.92
CA ILE A 100 -7.96 -2.58 -8.23
C ILE A 100 -7.33 -3.76 -7.48
N LYS A 101 -8.00 -4.19 -6.40
CA LYS A 101 -7.52 -5.29 -5.58
C LYS A 101 -8.04 -6.61 -6.13
N PHE A 102 -7.19 -7.38 -6.81
CA PHE A 102 -7.47 -8.76 -7.16
C PHE A 102 -6.13 -9.47 -7.27
N ILE A 103 -5.88 -10.48 -6.42
CA ILE A 103 -4.66 -11.28 -6.50
C ILE A 103 -5.00 -12.66 -5.92
N ILE A 104 -4.31 -13.70 -6.40
CA ILE A 104 -4.53 -15.05 -5.91
C ILE A 104 -3.98 -15.18 -4.49
N ASN A 105 -4.38 -16.23 -3.77
CA ASN A 105 -3.95 -16.49 -2.40
C ASN A 105 -3.49 -17.94 -2.30
N SER A 106 -2.77 -18.27 -1.23
CA SER A 106 -2.11 -19.55 -1.07
C SER A 106 -3.09 -20.61 -0.57
N GLY A 1 5.92 -4.36 7.62
CA GLY A 1 6.65 -5.32 6.80
C GLY A 1 8.04 -5.62 7.36
N SER A 2 8.21 -5.67 8.68
CA SER A 2 9.47 -6.10 9.29
C SER A 2 9.14 -6.77 10.61
N LYS A 3 8.64 -5.98 11.56
CA LYS A 3 8.11 -6.44 12.84
C LYS A 3 7.44 -5.25 13.50
N GLY A 4 8.18 -4.49 14.30
CA GLY A 4 7.57 -3.49 15.16
C GLY A 4 7.05 -4.18 16.42
N VAL A 5 6.41 -3.39 17.28
CA VAL A 5 5.81 -3.87 18.51
C VAL A 5 4.51 -4.64 18.23
N GLU A 6 3.79 -5.01 19.29
CA GLU A 6 2.54 -5.74 19.16
C GLU A 6 1.34 -4.81 19.16
N LEU A 7 0.71 -4.75 17.99
CA LEU A 7 -0.56 -4.10 17.74
C LEU A 7 -1.24 -4.90 16.64
N ARG A 8 -1.51 -6.17 16.96
CA ARG A 8 -2.17 -7.09 16.05
C ARG A 8 -1.39 -7.24 14.75
N ASN A 9 -0.07 -7.42 14.84
CA ASN A 9 0.80 -7.59 13.67
C ASN A 9 0.28 -8.65 12.73
N ASP A 10 -0.33 -9.69 13.28
CA ASP A 10 -0.99 -10.74 12.52
C ASP A 10 -2.11 -10.19 11.65
N SER A 11 -3.07 -9.48 12.26
CA SER A 11 -4.29 -9.08 11.57
C SER A 11 -3.98 -7.98 10.56
N GLU A 12 -3.24 -6.96 11.01
CA GLU A 12 -2.83 -5.85 10.18
C GLU A 12 -1.82 -6.39 9.17
N GLY A 13 -1.04 -7.40 9.55
CA GLY A 13 -0.04 -8.03 8.70
C GLY A 13 -0.70 -8.63 7.47
N PHE A 14 -1.76 -9.42 7.65
CA PHE A 14 -2.43 -10.08 6.52
C PHE A 14 -2.78 -9.07 5.44
N ILE A 15 -3.57 -8.06 5.80
CA ILE A 15 -4.02 -7.08 4.82
C ILE A 15 -2.85 -6.24 4.28
N HIS A 16 -1.84 -5.97 5.11
CA HIS A 16 -0.69 -5.16 4.74
C HIS A 16 0.03 -5.89 3.60
N GLU A 17 0.36 -7.16 3.83
CA GLU A 17 1.02 -8.02 2.86
C GLU A 17 0.19 -8.16 1.61
N PHE A 18 -1.14 -8.18 1.71
CA PHE A 18 -2.03 -8.15 0.55
C PHE A 18 -1.68 -6.97 -0.34
N GLY A 19 -1.63 -5.76 0.22
CA GLY A 19 -1.15 -4.60 -0.52
C GLY A 19 0.16 -4.92 -1.22
N HIS A 20 1.11 -5.47 -0.46
CA HIS A 20 2.42 -5.77 -1.03
C HIS A 20 2.35 -6.78 -2.18
N ALA A 21 1.47 -7.77 -2.10
CA ALA A 21 1.31 -8.75 -3.16
C ALA A 21 0.79 -8.06 -4.42
N VAL A 22 -0.03 -7.02 -4.27
CA VAL A 22 -0.43 -6.28 -5.46
C VAL A 22 0.77 -5.57 -6.10
N ASP A 23 1.66 -5.02 -5.29
CA ASP A 23 2.92 -4.44 -5.76
C ASP A 23 3.73 -5.46 -6.55
N ASP A 24 3.59 -6.71 -6.13
CA ASP A 24 4.39 -7.82 -6.64
C ASP A 24 3.94 -8.11 -8.06
N TYR A 25 2.63 -8.23 -8.27
CA TYR A 25 2.08 -8.47 -9.59
C TYR A 25 2.49 -7.36 -10.55
N ALA A 26 2.30 -6.11 -10.14
CA ALA A 26 2.62 -4.99 -11.00
C ALA A 26 4.08 -5.06 -11.46
N GLY A 27 5.01 -5.46 -10.58
CA GLY A 27 6.41 -5.56 -10.95
C GLY A 27 6.63 -6.70 -11.93
N TYR A 28 6.13 -7.89 -11.60
CA TYR A 28 6.26 -9.09 -12.39
C TYR A 28 5.93 -8.82 -13.86
N LEU A 29 4.83 -8.12 -14.08
CA LEU A 29 4.35 -7.74 -15.40
C LEU A 29 5.16 -6.59 -16.00
N LEU A 30 5.54 -5.61 -15.18
CA LEU A 30 6.17 -4.40 -15.66
C LEU A 30 7.61 -4.45 -15.22
N ASP A 31 8.32 -5.51 -15.64
CA ASP A 31 9.60 -5.85 -15.06
C ASP A 31 10.61 -4.74 -15.26
N LYS A 32 11.58 -4.65 -14.35
CA LYS A 32 12.67 -3.73 -14.54
C LYS A 32 13.96 -4.37 -14.07
N ASN A 33 14.50 -5.29 -14.86
CA ASN A 33 15.82 -5.91 -14.69
C ASN A 33 16.19 -6.13 -13.22
N GLN A 34 15.60 -7.17 -12.63
CA GLN A 34 15.78 -7.62 -11.24
C GLN A 34 14.68 -7.06 -10.33
N SER A 35 14.00 -5.99 -10.74
CA SER A 35 12.87 -5.47 -9.98
C SER A 35 11.69 -6.43 -10.11
N ASP A 36 11.49 -7.29 -9.10
CA ASP A 36 10.35 -8.20 -9.01
C ASP A 36 9.04 -7.44 -8.82
N LEU A 37 9.07 -6.35 -8.03
CA LEU A 37 7.89 -5.58 -7.65
C LEU A 37 7.96 -4.21 -8.32
N VAL A 38 6.85 -3.50 -8.47
CA VAL A 38 6.82 -2.18 -9.11
C VAL A 38 7.34 -1.07 -8.18
N THR A 39 8.05 -1.44 -7.12
CA THR A 39 8.67 -0.48 -6.24
C THR A 39 9.79 0.26 -6.98
N ASN A 40 10.21 1.40 -6.44
CA ASN A 40 11.32 2.21 -6.92
C ASN A 40 11.05 2.77 -8.32
N SER A 41 11.25 1.95 -9.36
CA SER A 41 10.97 2.33 -10.73
C SER A 41 9.46 2.40 -11.00
N LYS A 42 8.84 3.51 -10.64
CA LYS A 42 7.49 3.83 -11.08
C LYS A 42 7.44 5.28 -11.53
N LYS A 43 7.63 6.23 -10.61
CA LYS A 43 7.61 7.65 -10.96
C LYS A 43 8.48 8.41 -9.96
N PHE A 44 9.78 8.10 -9.89
CA PHE A 44 10.70 8.62 -8.88
C PHE A 44 10.06 8.64 -7.48
N ILE A 45 9.33 7.58 -7.14
CA ILE A 45 8.61 7.43 -5.87
C ILE A 45 7.99 8.76 -5.38
N ASP A 46 7.39 9.51 -6.30
CA ASP A 46 6.79 10.84 -6.12
C ASP A 46 5.70 10.81 -5.05
N ILE A 47 4.83 9.81 -5.15
CA ILE A 47 3.73 9.60 -4.21
C ILE A 47 4.32 9.45 -2.81
N PHE A 48 5.25 8.51 -2.65
CA PHE A 48 5.97 8.24 -1.41
C PHE A 48 6.78 9.46 -0.95
N LYS A 49 7.23 10.32 -1.86
CA LYS A 49 8.13 11.39 -1.45
C LYS A 49 7.41 12.37 -0.54
N GLU A 50 6.21 12.77 -0.96
CA GLU A 50 5.41 13.71 -0.18
C GLU A 50 4.64 12.94 0.89
N GLU A 51 3.83 11.98 0.46
CA GLU A 51 2.81 11.38 1.31
C GLU A 51 3.39 10.30 2.22
N GLY A 52 4.55 9.75 1.85
CA GLY A 52 5.32 8.84 2.65
C GLY A 52 6.04 9.52 3.82
N SER A 53 5.36 10.44 4.50
CA SER A 53 5.67 10.90 5.85
C SER A 53 4.35 11.38 6.48
N ASN A 54 3.24 10.73 6.15
CA ASN A 54 1.91 11.31 6.38
C ASN A 54 0.87 10.28 6.78
N LEU A 55 0.92 9.10 6.16
CA LEU A 55 -0.02 8.03 6.47
C LEU A 55 0.27 7.43 7.84
N THR A 56 1.55 7.30 8.17
CA THR A 56 2.07 6.59 9.35
C THR A 56 3.58 6.48 9.23
N SER A 57 4.24 6.00 10.28
CA SER A 57 5.67 5.69 10.28
C SER A 57 5.99 4.60 9.26
N TYR A 58 5.09 3.62 9.08
CA TYR A 58 5.28 2.62 8.02
C TYR A 58 5.17 3.25 6.63
N GLY A 59 4.60 4.44 6.54
CA GLY A 59 4.53 5.22 5.33
C GLY A 59 5.85 5.91 5.04
N ARG A 60 6.78 5.97 6.00
CA ARG A 60 8.05 6.66 5.84
C ARG A 60 9.23 5.71 5.77
N THR A 61 9.04 4.46 6.16
CA THR A 61 9.92 3.36 5.82
C THR A 61 9.96 3.17 4.29
N ASN A 62 10.52 2.07 3.77
CA ASN A 62 10.63 1.85 2.33
C ASN A 62 9.29 2.11 1.64
N GLU A 63 9.34 2.62 0.42
CA GLU A 63 8.17 2.85 -0.43
C GLU A 63 7.30 1.59 -0.52
N ALA A 64 7.91 0.41 -0.47
CA ALA A 64 7.23 -0.87 -0.50
C ALA A 64 6.28 -1.01 0.68
N GLU A 65 6.73 -0.58 1.85
CA GLU A 65 5.91 -0.60 3.04
C GLU A 65 4.80 0.44 2.94
N PHE A 66 5.14 1.66 2.50
CA PHE A 66 4.22 2.75 2.23
C PHE A 66 3.05 2.32 1.33
N PHE A 67 3.34 1.60 0.25
CA PHE A 67 2.31 1.11 -0.64
C PHE A 67 1.47 0.04 0.05
N ALA A 68 2.14 -0.90 0.73
CA ALA A 68 1.46 -2.03 1.33
C ALA A 68 0.52 -1.59 2.47
N GLU A 69 0.93 -0.62 3.28
CA GLU A 69 0.10 -0.04 4.33
C GLU A 69 -1.00 0.82 3.72
N ALA A 70 -0.74 1.50 2.59
CA ALA A 70 -1.81 2.20 1.88
C ALA A 70 -2.96 1.24 1.58
N PHE A 71 -2.71 0.00 1.15
CA PHE A 71 -3.78 -0.99 1.03
C PHE A 71 -4.50 -1.19 2.35
N ARG A 72 -3.78 -1.42 3.46
CA ARG A 72 -4.43 -1.61 4.75
C ARG A 72 -5.45 -0.49 5.00
N LEU A 73 -4.96 0.75 4.99
CA LEU A 73 -5.73 1.94 5.29
C LEU A 73 -6.84 2.14 4.27
N MET A 74 -6.65 1.67 3.04
CA MET A 74 -7.63 1.83 1.99
C MET A 74 -8.88 1.00 2.25
N HIS A 75 -8.74 -0.19 2.85
CA HIS A 75 -9.90 -1.04 3.13
C HIS A 75 -10.45 -0.85 4.53
N SER A 76 -9.76 -0.15 5.43
CA SER A 76 -10.08 -0.08 6.84
C SER A 76 -11.56 -0.03 7.11
N THR A 77 -11.97 -0.96 7.96
CA THR A 77 -13.33 -1.09 8.45
C THR A 77 -13.77 0.24 9.03
N ASP A 78 -12.88 0.86 9.81
CA ASP A 78 -13.06 2.23 10.20
C ASP A 78 -12.96 3.11 8.95
N HIS A 79 -14.10 3.64 8.51
CA HIS A 79 -14.16 4.56 7.38
C HIS A 79 -13.25 5.76 7.62
N ALA A 80 -13.10 6.20 8.87
CA ALA A 80 -12.27 7.34 9.18
C ALA A 80 -10.82 7.05 8.78
N GLU A 81 -10.25 5.91 9.17
CA GLU A 81 -8.88 5.53 8.83
C GLU A 81 -8.62 5.78 7.35
N ARG A 82 -9.60 5.42 6.52
CA ARG A 82 -9.46 5.58 5.08
C ARG A 82 -9.39 7.06 4.75
N LEU A 83 -10.37 7.85 5.22
CA LEU A 83 -10.39 9.27 4.95
C LEU A 83 -9.24 10.01 5.62
N LYS A 84 -8.54 9.45 6.62
CA LYS A 84 -7.30 10.07 7.06
C LYS A 84 -6.30 9.94 5.92
N VAL A 85 -6.15 8.74 5.35
CA VAL A 85 -5.28 8.58 4.21
C VAL A 85 -5.67 9.50 3.08
N GLN A 86 -6.96 9.61 2.74
CA GLN A 86 -7.34 10.36 1.57
C GLN A 86 -7.14 11.85 1.80
N LYS A 87 -7.64 12.38 2.92
CA LYS A 87 -7.52 13.77 3.31
C LYS A 87 -6.04 14.18 3.33
N ASN A 88 -5.23 13.41 4.04
CA ASN A 88 -3.80 13.66 4.17
C ASN A 88 -3.12 13.53 2.81
N ALA A 89 -3.53 12.53 2.03
CA ALA A 89 -2.85 12.02 0.85
C ALA A 89 -3.84 11.74 -0.28
N PRO A 90 -4.35 12.79 -0.93
CA PRO A 90 -5.37 12.63 -1.96
C PRO A 90 -4.85 11.86 -3.18
N LYS A 91 -3.51 11.73 -3.32
CA LYS A 91 -2.90 11.04 -4.44
C LYS A 91 -2.57 9.57 -4.10
N THR A 92 -2.08 9.27 -2.91
CA THR A 92 -1.75 7.89 -2.55
C THR A 92 -2.99 7.02 -2.58
N PHE A 93 -4.09 7.49 -2.00
CA PHE A 93 -5.30 6.70 -2.00
C PHE A 93 -5.77 6.42 -3.40
N GLN A 94 -5.76 7.46 -4.21
CA GLN A 94 -6.13 7.34 -5.60
C GLN A 94 -5.29 6.24 -6.26
N PHE A 95 -4.02 6.12 -5.90
CA PHE A 95 -3.13 5.14 -6.50
C PHE A 95 -3.68 3.74 -6.23
N ILE A 96 -3.88 3.37 -4.97
CA ILE A 96 -4.44 2.07 -4.62
C ILE A 96 -5.76 1.85 -5.37
N ASN A 97 -6.62 2.86 -5.41
CA ASN A 97 -7.92 2.75 -6.06
C ASN A 97 -7.80 2.46 -7.56
N ASP A 98 -6.73 2.94 -8.20
CA ASP A 98 -6.45 2.64 -9.60
C ASP A 98 -6.05 1.18 -9.76
N GLN A 99 -5.20 0.70 -8.83
CA GLN A 99 -4.61 -0.61 -8.95
C GLN A 99 -5.65 -1.71 -8.73
N ILE A 100 -6.34 -1.67 -7.59
CA ILE A 100 -7.27 -2.72 -7.20
C ILE A 100 -8.50 -2.65 -8.11
N LYS A 101 -8.64 -3.63 -9.01
CA LYS A 101 -9.72 -3.65 -9.97
C LYS A 101 -10.11 -5.11 -10.21
N PHE A 102 -9.25 -5.85 -10.90
CA PHE A 102 -9.39 -7.28 -11.11
C PHE A 102 -7.98 -7.85 -11.03
N ILE A 103 -7.66 -8.56 -9.94
CA ILE A 103 -6.40 -9.27 -9.83
C ILE A 103 -6.62 -10.49 -8.95
N ILE A 104 -5.87 -11.57 -9.19
CA ILE A 104 -5.91 -12.77 -8.38
C ILE A 104 -4.52 -13.40 -8.52
N ASN A 105 -3.94 -13.91 -7.43
CA ASN A 105 -2.70 -14.66 -7.47
C ASN A 105 -2.71 -15.65 -6.30
N SER A 106 -1.90 -16.70 -6.35
CA SER A 106 -1.75 -17.67 -5.27
C SER A 106 -0.36 -18.29 -5.36
N GLY A 1 3.95 -7.55 8.25
CA GLY A 1 4.98 -7.80 9.27
C GLY A 1 4.96 -9.19 9.90
N SER A 2 3.81 -9.80 10.18
CA SER A 2 3.60 -11.11 10.84
C SER A 2 4.75 -11.58 11.73
N LYS A 3 4.67 -11.25 13.03
CA LYS A 3 5.71 -11.59 13.99
C LYS A 3 5.14 -11.75 15.39
N GLY A 4 4.11 -12.60 15.55
CA GLY A 4 3.52 -12.86 16.84
C GLY A 4 2.25 -13.66 16.69
N VAL A 5 1.49 -13.78 17.79
CA VAL A 5 0.16 -14.34 17.78
C VAL A 5 -0.83 -13.26 17.36
N GLU A 6 -2.12 -13.41 17.68
CA GLU A 6 -3.06 -12.33 17.47
C GLU A 6 -2.91 -11.26 18.55
N LEU A 7 -2.58 -10.05 18.12
CA LEU A 7 -2.42 -8.90 18.99
C LEU A 7 -2.61 -7.60 18.20
N ARG A 8 -3.61 -7.56 17.31
CA ARG A 8 -3.99 -6.39 16.50
C ARG A 8 -3.04 -6.25 15.33
N ASN A 9 -1.76 -6.01 15.60
CA ASN A 9 -0.69 -5.93 14.60
C ASN A 9 -0.68 -7.12 13.65
N ASP A 10 -1.12 -8.27 14.13
CA ASP A 10 -1.30 -9.44 13.30
C ASP A 10 -2.37 -9.19 12.24
N SER A 11 -3.57 -8.76 12.64
CA SER A 11 -4.67 -8.56 11.72
C SER A 11 -4.31 -7.52 10.66
N GLU A 12 -3.87 -6.34 11.11
CA GLU A 12 -3.49 -5.29 10.17
C GLU A 12 -2.19 -5.63 9.45
N GLY A 13 -1.35 -6.46 10.08
CA GLY A 13 -0.16 -7.01 9.45
C GLY A 13 -0.53 -7.83 8.21
N PHE A 14 -1.55 -8.68 8.34
CA PHE A 14 -1.95 -9.66 7.34
C PHE A 14 -2.33 -8.93 6.06
N ILE A 15 -3.29 -8.01 6.16
CA ILE A 15 -3.71 -7.21 5.03
C ILE A 15 -2.60 -6.30 4.51
N HIS A 16 -1.70 -5.81 5.39
CA HIS A 16 -0.58 -5.00 4.94
C HIS A 16 0.25 -5.85 3.98
N GLU A 17 0.55 -7.09 4.38
CA GLU A 17 1.33 -8.04 3.59
C GLU A 17 0.61 -8.34 2.28
N PHE A 18 -0.71 -8.43 2.29
CA PHE A 18 -1.52 -8.56 1.09
C PHE A 18 -1.18 -7.44 0.11
N GLY A 19 -1.10 -6.20 0.60
CA GLY A 19 -0.62 -5.07 -0.18
C GLY A 19 0.70 -5.40 -0.89
N HIS A 20 1.69 -5.93 -0.18
CA HIS A 20 2.93 -6.34 -0.83
C HIS A 20 2.70 -7.37 -1.92
N ALA A 21 1.99 -8.45 -1.62
CA ALA A 21 1.78 -9.53 -2.58
C ALA A 21 1.07 -9.00 -3.83
N VAL A 22 0.27 -7.94 -3.70
CA VAL A 22 -0.33 -7.31 -4.87
C VAL A 22 0.74 -6.61 -5.70
N ASP A 23 1.62 -5.89 -5.02
CA ASP A 23 2.73 -5.18 -5.62
C ASP A 23 3.71 -6.14 -6.32
N ASP A 24 3.65 -7.43 -5.96
CA ASP A 24 4.57 -8.46 -6.41
C ASP A 24 4.30 -8.78 -7.88
N TYR A 25 3.03 -9.07 -8.17
CA TYR A 25 2.58 -9.42 -9.51
C TYR A 25 2.96 -8.31 -10.49
N ALA A 26 2.64 -7.07 -10.12
CA ALA A 26 3.00 -5.91 -10.92
C ALA A 26 4.52 -5.71 -11.01
N GLY A 27 5.30 -6.22 -10.07
CA GLY A 27 6.76 -6.19 -10.13
C GLY A 27 7.28 -7.07 -11.26
N TYR A 28 6.57 -8.15 -11.60
CA TYR A 28 7.02 -9.05 -12.64
C TYR A 28 6.50 -8.64 -14.01
N LEU A 29 5.21 -8.29 -14.09
CA LEU A 29 4.52 -7.95 -15.32
C LEU A 29 4.85 -6.54 -15.79
N LEU A 30 4.97 -5.61 -14.86
CA LEU A 30 5.16 -4.21 -15.17
C LEU A 30 6.61 -3.88 -14.82
N ASP A 31 6.87 -2.68 -14.30
CA ASP A 31 8.16 -2.14 -13.84
C ASP A 31 9.38 -3.03 -14.13
N LYS A 32 10.06 -2.77 -15.25
CA LYS A 32 11.09 -3.67 -15.75
C LYS A 32 12.25 -3.75 -14.76
N ASN A 33 13.03 -4.84 -14.83
CA ASN A 33 14.06 -5.24 -13.86
C ASN A 33 14.97 -4.07 -13.48
N GLN A 34 14.57 -3.32 -12.44
CA GLN A 34 15.20 -2.09 -12.02
C GLN A 34 14.92 -1.91 -10.53
N SER A 35 13.63 -1.97 -10.15
CA SER A 35 13.23 -2.14 -8.77
C SER A 35 12.36 -3.38 -8.73
N ASP A 36 12.45 -4.12 -7.63
CA ASP A 36 11.57 -5.26 -7.42
C ASP A 36 10.27 -4.72 -6.82
N LEU A 37 9.12 -5.28 -7.22
CA LEU A 37 7.77 -4.81 -6.91
C LEU A 37 7.48 -3.41 -7.52
N VAL A 38 6.23 -3.09 -7.86
CA VAL A 38 5.93 -1.83 -8.54
C VAL A 38 5.88 -0.68 -7.51
N THR A 39 7.04 -0.19 -7.08
CA THR A 39 7.14 0.70 -5.92
C THR A 39 6.14 1.86 -5.93
N ASN A 40 6.08 2.55 -7.07
CA ASN A 40 5.10 3.57 -7.41
C ASN A 40 5.12 3.67 -8.93
N SER A 41 6.33 3.89 -9.46
CA SER A 41 6.50 4.22 -10.87
C SER A 41 5.69 5.48 -11.21
N LYS A 42 5.41 5.71 -12.50
CA LYS A 42 4.72 6.91 -12.99
C LYS A 42 5.29 8.20 -12.39
N LYS A 43 4.75 8.65 -11.25
CA LYS A 43 5.28 9.75 -10.49
C LYS A 43 6.53 9.25 -9.75
N PHE A 44 7.64 9.15 -10.49
CA PHE A 44 8.93 8.71 -9.95
C PHE A 44 9.26 9.56 -8.73
N ILE A 45 9.20 8.94 -7.54
CA ILE A 45 9.61 9.56 -6.28
C ILE A 45 8.87 10.90 -6.07
N ASP A 46 7.55 10.83 -5.85
CA ASP A 46 6.71 11.98 -5.50
C ASP A 46 5.74 11.57 -4.39
N ILE A 47 4.85 10.62 -4.73
CA ILE A 47 3.78 10.18 -3.86
C ILE A 47 4.40 9.76 -2.51
N PHE A 48 5.35 8.83 -2.56
CA PHE A 48 6.11 8.43 -1.40
C PHE A 48 6.85 9.58 -0.72
N LYS A 49 7.34 10.58 -1.46
CA LYS A 49 8.17 11.59 -0.82
C LYS A 49 7.40 12.35 0.24
N GLU A 50 6.21 12.82 -0.11
CA GLU A 50 5.41 13.61 0.83
C GLU A 50 4.57 12.63 1.64
N GLU A 51 3.68 11.91 0.95
CA GLU A 51 2.64 11.13 1.61
C GLU A 51 3.27 10.00 2.42
N GLY A 52 4.37 9.45 1.90
CA GLY A 52 5.25 8.52 2.58
C GLY A 52 6.03 9.15 3.72
N SER A 53 5.46 10.12 4.45
CA SER A 53 5.91 10.43 5.79
C SER A 53 4.73 10.89 6.65
N ASN A 54 3.53 10.42 6.32
CA ASN A 54 2.29 10.98 6.84
C ASN A 54 1.33 9.89 7.30
N LEU A 55 1.14 8.86 6.48
CA LEU A 55 0.18 7.81 6.82
C LEU A 55 0.60 7.07 8.08
N THR A 56 1.92 6.90 8.26
CA THR A 56 2.54 6.19 9.38
C THR A 56 4.04 6.14 9.13
N SER A 57 4.82 5.75 10.13
CA SER A 57 6.23 5.42 9.99
C SER A 57 6.42 4.28 9.00
N TYR A 58 5.48 3.32 8.96
CA TYR A 58 5.51 2.22 7.99
C TYR A 58 5.31 2.73 6.55
N GLY A 59 4.85 3.97 6.40
CA GLY A 59 4.71 4.63 5.13
C GLY A 59 5.96 5.38 4.75
N ARG A 60 6.92 5.55 5.67
CA ARG A 60 8.18 6.23 5.41
C ARG A 60 9.35 5.27 5.26
N THR A 61 9.14 4.01 5.66
CA THR A 61 9.99 2.90 5.23
C THR A 61 9.96 2.76 3.70
N ASN A 62 10.56 1.71 3.15
CA ASN A 62 10.72 1.56 1.69
C ASN A 62 9.40 1.79 0.95
N GLU A 63 9.47 2.23 -0.31
CA GLU A 63 8.28 2.48 -1.11
C GLU A 63 7.35 1.26 -1.15
N ALA A 64 7.92 0.05 -1.14
CA ALA A 64 7.15 -1.18 -1.10
C ALA A 64 6.21 -1.24 0.11
N GLU A 65 6.67 -0.77 1.25
CA GLU A 65 5.90 -0.80 2.48
C GLU A 65 4.90 0.34 2.51
N PHE A 66 5.27 1.48 1.95
CA PHE A 66 4.37 2.60 1.73
C PHE A 66 3.15 2.17 0.91
N PHE A 67 3.36 1.47 -0.20
CA PHE A 67 2.26 0.94 -0.99
C PHE A 67 1.46 -0.08 -0.17
N ALA A 68 2.15 -0.98 0.52
CA ALA A 68 1.52 -2.08 1.25
C ALA A 68 0.56 -1.57 2.35
N GLU A 69 1.05 -0.69 3.22
CA GLU A 69 0.27 -0.03 4.26
C GLU A 69 -0.81 0.85 3.64
N ALA A 70 -0.56 1.47 2.48
CA ALA A 70 -1.61 2.15 1.76
C ALA A 70 -2.78 1.18 1.56
N PHE A 71 -2.58 0.03 0.91
CA PHE A 71 -3.63 -0.97 0.68
C PHE A 71 -4.40 -1.29 1.97
N ARG A 72 -3.69 -1.55 3.06
CA ARG A 72 -4.32 -1.78 4.36
C ARG A 72 -5.37 -0.70 4.66
N LEU A 73 -4.98 0.57 4.54
CA LEU A 73 -5.83 1.73 4.84
C LEU A 73 -6.87 1.97 3.77
N MET A 74 -6.60 1.58 2.51
CA MET A 74 -7.53 1.77 1.39
C MET A 74 -8.85 1.07 1.70
N HIS A 75 -8.77 -0.13 2.28
CA HIS A 75 -9.97 -0.89 2.54
C HIS A 75 -10.53 -0.56 3.92
N SER A 76 -9.66 -0.39 4.94
CA SER A 76 -9.97 -0.21 6.37
C SER A 76 -11.46 -0.16 6.69
N THR A 77 -11.92 -1.19 7.38
CA THR A 77 -13.30 -1.36 7.83
C THR A 77 -13.82 -0.08 8.47
N ASP A 78 -13.00 0.55 9.31
CA ASP A 78 -13.33 1.90 9.73
C ASP A 78 -13.09 2.85 8.56
N HIS A 79 -14.20 3.34 7.98
CA HIS A 79 -14.17 4.34 6.92
C HIS A 79 -13.29 5.52 7.31
N ALA A 80 -13.25 5.88 8.59
CA ALA A 80 -12.39 6.95 9.07
C ALA A 80 -10.94 6.71 8.66
N GLU A 81 -10.41 5.51 8.88
CA GLU A 81 -9.03 5.19 8.55
C GLU A 81 -8.76 5.46 7.08
N ARG A 82 -9.73 5.15 6.23
CA ARG A 82 -9.55 5.40 4.81
C ARG A 82 -9.44 6.89 4.57
N LEU A 83 -10.37 7.67 5.12
CA LEU A 83 -10.36 9.12 5.00
C LEU A 83 -9.15 9.74 5.69
N LYS A 84 -8.53 9.08 6.66
CA LYS A 84 -7.28 9.61 7.20
C LYS A 84 -6.25 9.52 6.10
N VAL A 85 -6.15 8.40 5.41
CA VAL A 85 -5.25 8.33 4.25
C VAL A 85 -5.63 9.35 3.18
N GLN A 86 -6.90 9.52 2.85
CA GLN A 86 -7.25 10.43 1.74
C GLN A 86 -6.94 11.88 2.11
N LYS A 87 -7.45 12.34 3.24
CA LYS A 87 -7.23 13.67 3.77
C LYS A 87 -5.74 13.97 3.85
N ASN A 88 -4.98 13.05 4.46
CA ASN A 88 -3.55 13.19 4.63
C ASN A 88 -2.84 13.14 3.29
N ALA A 89 -3.33 12.32 2.36
CA ALA A 89 -2.69 11.94 1.11
C ALA A 89 -3.72 11.86 -0.03
N PRO A 90 -4.10 12.99 -0.62
CA PRO A 90 -5.12 13.06 -1.65
C PRO A 90 -4.55 12.67 -3.04
N LYS A 91 -3.66 11.67 -3.09
CA LYS A 91 -2.95 11.23 -4.29
C LYS A 91 -2.52 9.77 -4.14
N THR A 92 -1.90 9.38 -3.02
CA THR A 92 -1.62 7.98 -2.74
C THR A 92 -2.89 7.16 -2.84
N PHE A 93 -3.99 7.65 -2.26
CA PHE A 93 -5.25 6.93 -2.34
C PHE A 93 -5.64 6.69 -3.76
N GLN A 94 -5.58 7.75 -4.57
CA GLN A 94 -5.94 7.65 -5.97
C GLN A 94 -5.20 6.48 -6.63
N PHE A 95 -3.95 6.21 -6.24
CA PHE A 95 -3.15 5.16 -6.85
C PHE A 95 -3.87 3.81 -6.79
N ILE A 96 -4.20 3.32 -5.59
CA ILE A 96 -4.86 2.04 -5.46
C ILE A 96 -6.29 2.15 -5.99
N ASN A 97 -6.91 3.32 -5.84
CA ASN A 97 -8.28 3.52 -6.30
C ASN A 97 -8.37 3.29 -7.82
N ASP A 98 -7.30 3.60 -8.55
CA ASP A 98 -7.13 3.29 -9.96
C ASP A 98 -6.99 1.78 -10.11
N GLN A 99 -5.96 1.21 -9.47
CA GLN A 99 -5.67 -0.21 -9.59
C GLN A 99 -6.49 -1.01 -8.59
N ILE A 100 -7.78 -1.19 -8.92
CA ILE A 100 -8.79 -1.88 -8.13
C ILE A 100 -8.25 -3.18 -7.51
N LYS A 101 -7.63 -4.05 -8.32
CA LYS A 101 -6.96 -5.27 -7.89
C LYS A 101 -6.24 -5.86 -9.10
N PHE A 102 -5.30 -6.78 -8.85
CA PHE A 102 -4.54 -7.41 -9.92
C PHE A 102 -4.25 -8.87 -9.57
N ILE A 103 -3.75 -9.13 -8.35
CA ILE A 103 -3.53 -10.48 -7.84
C ILE A 103 -4.80 -11.34 -7.95
N ILE A 104 -5.98 -10.75 -7.75
CA ILE A 104 -7.25 -11.45 -7.92
C ILE A 104 -7.50 -11.64 -9.42
N ASN A 105 -6.88 -12.67 -9.99
CA ASN A 105 -7.17 -13.16 -11.32
C ASN A 105 -8.31 -14.16 -11.20
N SER A 106 -9.22 -14.20 -12.17
CA SER A 106 -10.30 -15.18 -12.21
C SER A 106 -10.65 -15.43 -13.67
N GLY A 1 1.65 -10.07 9.47
CA GLY A 1 2.66 -11.10 9.80
C GLY A 1 1.95 -12.41 10.04
N SER A 2 2.54 -13.31 10.82
CA SER A 2 1.87 -14.52 11.26
C SER A 2 2.45 -14.95 12.61
N LYS A 3 1.70 -14.80 13.71
CA LYS A 3 2.08 -15.42 14.97
C LYS A 3 0.87 -15.53 15.89
N GLY A 4 0.56 -16.73 16.40
CA GLY A 4 -0.52 -16.91 17.34
C GLY A 4 -1.88 -16.69 16.69
N VAL A 5 -2.87 -16.31 17.50
CA VAL A 5 -4.15 -15.86 17.00
C VAL A 5 -4.03 -14.39 16.59
N GLU A 6 -5.14 -13.71 16.31
CA GLU A 6 -5.05 -12.30 16.00
C GLU A 6 -4.90 -11.45 17.26
N LEU A 7 -3.79 -10.71 17.33
CA LEU A 7 -3.50 -9.81 18.43
C LEU A 7 -3.65 -8.37 17.96
N ARG A 8 -4.57 -8.11 17.02
CA ARG A 8 -4.67 -6.86 16.26
C ARG A 8 -3.56 -6.77 15.21
N ASN A 9 -2.29 -6.83 15.63
CA ASN A 9 -1.13 -6.71 14.76
C ASN A 9 -1.11 -7.78 13.69
N ASP A 10 -1.61 -8.98 14.01
CA ASP A 10 -1.54 -10.06 13.05
C ASP A 10 -2.53 -9.82 11.93
N SER A 11 -3.73 -9.32 12.24
CA SER A 11 -4.75 -9.00 11.25
C SER A 11 -4.32 -7.81 10.39
N GLU A 12 -3.99 -6.68 11.02
CA GLU A 12 -3.65 -5.45 10.30
C GLU A 12 -2.33 -5.66 9.55
N GLY A 13 -1.45 -6.50 10.11
CA GLY A 13 -0.21 -6.90 9.48
C GLY A 13 -0.47 -7.83 8.30
N PHE A 14 -1.41 -8.77 8.41
CA PHE A 14 -1.73 -9.73 7.35
C PHE A 14 -2.13 -8.96 6.10
N ILE A 15 -3.14 -8.09 6.21
CA ILE A 15 -3.56 -7.31 5.06
C ILE A 15 -2.47 -6.33 4.59
N HIS A 16 -1.64 -5.80 5.48
CA HIS A 16 -0.54 -4.93 5.08
C HIS A 16 0.29 -5.72 4.06
N GLU A 17 0.78 -6.89 4.48
CA GLU A 17 1.62 -7.77 3.68
C GLU A 17 0.88 -8.18 2.41
N PHE A 18 -0.43 -8.39 2.46
CA PHE A 18 -1.25 -8.73 1.31
C PHE A 18 -1.12 -7.66 0.24
N GLY A 19 -1.30 -6.38 0.59
CA GLY A 19 -1.11 -5.29 -0.36
C GLY A 19 0.26 -5.41 -1.02
N HIS A 20 1.30 -5.68 -0.22
CA HIS A 20 2.64 -5.83 -0.74
C HIS A 20 2.75 -7.00 -1.71
N ALA A 21 2.14 -8.14 -1.40
CA ALA A 21 2.17 -9.29 -2.28
C ALA A 21 1.43 -8.98 -3.59
N VAL A 22 0.42 -8.11 -3.56
CA VAL A 22 -0.26 -7.74 -4.78
C VAL A 22 0.64 -6.84 -5.64
N ASP A 23 1.45 -5.99 -5.01
CA ASP A 23 2.46 -5.21 -5.71
C ASP A 23 3.44 -6.09 -6.46
N ASP A 24 3.61 -7.34 -5.99
CA ASP A 24 4.56 -8.29 -6.55
C ASP A 24 4.10 -8.64 -7.96
N TYR A 25 2.84 -9.07 -8.07
CA TYR A 25 2.19 -9.44 -9.32
C TYR A 25 2.37 -8.34 -10.34
N ALA A 26 2.07 -7.10 -9.96
CA ALA A 26 2.21 -5.98 -10.86
C ALA A 26 3.64 -5.90 -11.40
N GLY A 27 4.66 -6.09 -10.56
CA GLY A 27 6.05 -6.05 -10.98
C GLY A 27 6.36 -7.14 -11.99
N TYR A 28 6.00 -8.36 -11.64
CA TYR A 28 6.29 -9.57 -12.40
C TYR A 28 5.82 -9.41 -13.85
N LEU A 29 4.65 -8.79 -14.03
CA LEU A 29 4.06 -8.52 -15.32
C LEU A 29 4.48 -7.20 -15.94
N LEU A 30 4.92 -6.23 -15.13
CA LEU A 30 5.12 -4.87 -15.60
C LEU A 30 6.50 -4.40 -15.13
N ASP A 31 7.56 -4.79 -15.85
CA ASP A 31 8.96 -4.70 -15.45
C ASP A 31 9.30 -3.37 -14.79
N LYS A 32 8.82 -2.28 -15.40
CA LYS A 32 8.93 -0.87 -15.00
C LYS A 32 10.17 -0.56 -14.17
N ASN A 33 11.34 -0.90 -14.73
CA ASN A 33 12.67 -0.69 -14.15
C ASN A 33 12.68 -0.93 -12.64
N GLN A 34 12.17 -2.10 -12.28
CA GLN A 34 12.06 -2.57 -10.91
C GLN A 34 12.42 -4.04 -10.88
N SER A 35 11.87 -4.82 -11.81
CA SER A 35 12.09 -6.26 -11.98
C SER A 35 11.31 -7.09 -10.96
N ASP A 36 11.27 -6.64 -9.70
CA ASP A 36 10.63 -7.34 -8.60
C ASP A 36 9.71 -6.32 -7.95
N LEU A 37 8.40 -6.60 -7.93
CA LEU A 37 7.33 -5.67 -7.56
C LEU A 37 7.26 -4.46 -8.53
N VAL A 38 6.19 -3.66 -8.48
CA VAL A 38 6.10 -2.47 -9.33
C VAL A 38 6.38 -1.21 -8.51
N THR A 39 5.78 -1.11 -7.32
CA THR A 39 5.85 0.06 -6.45
C THR A 39 5.36 1.33 -7.18
N ASN A 40 5.44 2.50 -6.56
CA ASN A 40 5.21 3.72 -7.32
C ASN A 40 6.42 3.98 -8.22
N SER A 41 6.31 3.55 -9.46
CA SER A 41 7.27 3.88 -10.51
C SER A 41 6.49 4.34 -11.75
N LYS A 42 5.45 5.16 -11.54
CA LYS A 42 4.68 5.74 -12.65
C LYS A 42 5.50 6.84 -13.35
N LYS A 43 6.14 7.71 -12.57
CA LYS A 43 6.93 8.82 -13.07
C LYS A 43 8.25 8.88 -12.32
N PHE A 44 8.20 9.28 -11.05
CA PHE A 44 9.34 9.21 -10.15
C PHE A 44 8.79 9.04 -8.74
N ILE A 45 9.64 8.77 -7.76
CA ILE A 45 9.25 8.80 -6.37
C ILE A 45 8.73 10.21 -6.03
N ASP A 46 7.43 10.36 -5.76
CA ASP A 46 6.77 11.65 -5.63
C ASP A 46 5.67 11.60 -4.57
N ILE A 47 4.68 10.72 -4.76
CA ILE A 47 3.57 10.44 -3.87
C ILE A 47 4.17 10.04 -2.52
N PHE A 48 5.12 9.11 -2.54
CA PHE A 48 5.88 8.70 -1.38
C PHE A 48 6.67 9.84 -0.77
N LYS A 49 7.23 10.75 -1.55
CA LYS A 49 8.11 11.75 -0.94
C LYS A 49 7.34 12.60 0.05
N GLU A 50 6.16 13.07 -0.36
CA GLU A 50 5.36 13.92 0.50
C GLU A 50 4.52 13.05 1.43
N GLU A 51 3.61 12.28 0.87
CA GLU A 51 2.58 11.59 1.62
C GLU A 51 3.17 10.43 2.42
N GLY A 52 4.26 9.83 1.89
CA GLY A 52 5.11 8.85 2.57
C GLY A 52 5.96 9.45 3.70
N SER A 53 5.40 10.40 4.44
CA SER A 53 5.87 10.73 5.78
C SER A 53 4.68 11.06 6.68
N ASN A 54 3.48 10.57 6.34
CA ASN A 54 2.25 11.08 6.92
C ASN A 54 1.30 9.97 7.36
N LEU A 55 1.19 8.90 6.57
CA LEU A 55 0.26 7.83 6.92
C LEU A 55 0.70 7.14 8.22
N THR A 56 2.01 7.00 8.40
CA THR A 56 2.65 6.35 9.54
C THR A 56 4.16 6.38 9.31
N SER A 57 4.96 6.03 10.33
CA SER A 57 6.40 5.84 10.21
C SER A 57 6.73 4.75 9.19
N TYR A 58 5.92 3.69 9.15
CA TYR A 58 6.00 2.64 8.13
C TYR A 58 5.77 3.27 6.76
N GLY A 59 4.94 4.30 6.68
CA GLY A 59 4.68 5.04 5.45
C GLY A 59 5.93 5.74 4.94
N ARG A 60 7.04 5.73 5.68
CA ARG A 60 8.27 6.41 5.32
C ARG A 60 9.45 5.47 5.22
N THR A 61 9.24 4.17 5.44
CA THR A 61 10.28 3.16 5.27
C THR A 61 10.50 2.94 3.77
N ASN A 62 10.46 1.70 3.26
CA ASN A 62 10.60 1.53 1.82
C ASN A 62 9.30 1.96 1.14
N GLU A 63 9.38 2.44 -0.11
CA GLU A 63 8.21 2.89 -0.87
C GLU A 63 7.24 1.73 -1.12
N ALA A 64 7.75 0.50 -1.09
CA ALA A 64 6.95 -0.71 -1.16
C ALA A 64 6.08 -0.91 0.08
N GLU A 65 6.56 -0.49 1.24
CA GLU A 65 5.81 -0.57 2.48
C GLU A 65 4.76 0.52 2.48
N PHE A 66 5.16 1.76 2.19
CA PHE A 66 4.25 2.87 1.95
C PHE A 66 3.02 2.45 1.14
N PHE A 67 3.23 1.79 -0.01
CA PHE A 67 2.14 1.24 -0.82
C PHE A 67 1.33 0.19 -0.04
N ALA A 68 1.99 -0.71 0.70
CA ALA A 68 1.36 -1.79 1.45
C ALA A 68 0.44 -1.26 2.55
N GLU A 69 0.90 -0.36 3.42
CA GLU A 69 0.02 0.29 4.38
C GLU A 69 -1.10 1.00 3.66
N ALA A 70 -0.81 1.70 2.57
CA ALA A 70 -1.85 2.41 1.85
C ALA A 70 -2.94 1.44 1.39
N PHE A 71 -2.58 0.20 1.04
CA PHE A 71 -3.53 -0.89 0.79
C PHE A 71 -4.37 -1.18 2.05
N ARG A 72 -3.74 -1.48 3.18
CA ARG A 72 -4.44 -1.75 4.44
C ARG A 72 -5.49 -0.66 4.72
N LEU A 73 -5.05 0.59 4.70
CA LEU A 73 -5.80 1.77 5.10
C LEU A 73 -6.91 2.03 4.09
N MET A 74 -6.64 2.03 2.78
CA MET A 74 -7.68 2.31 1.79
C MET A 74 -8.78 1.25 1.82
N HIS A 75 -8.49 0.02 2.25
CA HIS A 75 -9.52 -0.99 2.37
C HIS A 75 -10.15 -1.01 3.77
N SER A 76 -9.53 -0.35 4.76
CA SER A 76 -9.88 -0.48 6.15
C SER A 76 -11.39 -0.38 6.29
N THR A 77 -11.94 -1.41 6.89
CA THR A 77 -13.36 -1.56 7.11
C THR A 77 -13.89 -0.33 7.83
N ASP A 78 -13.11 0.18 8.76
CA ASP A 78 -13.40 1.50 9.29
C ASP A 78 -13.17 2.57 8.22
N HIS A 79 -14.28 3.06 7.68
CA HIS A 79 -14.31 4.25 6.83
C HIS A 79 -13.37 5.36 7.31
N ALA A 80 -13.28 5.63 8.61
CA ALA A 80 -12.47 6.72 9.09
C ALA A 80 -11.00 6.47 8.78
N GLU A 81 -10.48 5.28 9.10
CA GLU A 81 -9.11 4.93 8.75
C GLU A 81 -8.83 5.21 7.28
N ARG A 82 -9.80 4.94 6.41
CA ARG A 82 -9.59 5.25 5.01
C ARG A 82 -9.41 6.74 4.82
N LEU A 83 -10.35 7.54 5.33
CA LEU A 83 -10.27 8.99 5.24
C LEU A 83 -9.03 9.53 5.92
N LYS A 84 -8.40 8.85 6.88
CA LYS A 84 -7.12 9.33 7.37
C LYS A 84 -6.12 9.33 6.22
N VAL A 85 -6.08 8.28 5.40
CA VAL A 85 -5.28 8.32 4.18
C VAL A 85 -5.79 9.42 3.27
N GLN A 86 -7.04 9.35 2.81
CA GLN A 86 -7.51 10.21 1.74
C GLN A 86 -7.33 11.70 2.04
N LYS A 87 -7.38 12.07 3.32
CA LYS A 87 -7.09 13.40 3.82
C LYS A 87 -5.58 13.63 3.84
N ASN A 88 -4.83 12.82 4.58
CA ASN A 88 -3.41 13.00 4.82
C ASN A 88 -2.57 12.59 3.62
N ALA A 89 -3.21 12.24 2.49
CA ALA A 89 -2.58 11.77 1.27
C ALA A 89 -3.58 11.92 0.13
N PRO A 90 -3.81 13.15 -0.35
CA PRO A 90 -4.85 13.46 -1.34
C PRO A 90 -4.36 13.16 -2.77
N LYS A 91 -3.81 11.95 -2.99
CA LYS A 91 -3.18 11.49 -4.21
C LYS A 91 -2.80 10.02 -4.06
N THR A 92 -2.13 9.63 -2.98
CA THR A 92 -1.79 8.23 -2.71
C THR A 92 -3.03 7.34 -2.77
N PHE A 93 -4.14 7.80 -2.21
CA PHE A 93 -5.37 7.02 -2.30
C PHE A 93 -5.75 6.76 -3.73
N GLN A 94 -5.81 7.83 -4.50
CA GLN A 94 -6.12 7.73 -5.90
C GLN A 94 -5.18 6.73 -6.58
N PHE A 95 -3.93 6.65 -6.12
CA PHE A 95 -2.91 5.80 -6.72
C PHE A 95 -3.33 4.34 -6.62
N ILE A 96 -3.57 3.82 -5.41
CA ILE A 96 -4.03 2.45 -5.29
C ILE A 96 -5.40 2.30 -5.96
N ASN A 97 -6.25 3.33 -5.92
CA ASN A 97 -7.58 3.27 -6.51
C ASN A 97 -7.50 3.01 -8.01
N ASP A 98 -6.47 3.52 -8.68
CA ASP A 98 -6.17 3.24 -10.09
C ASP A 98 -5.96 1.74 -10.30
N GLN A 99 -5.25 1.13 -9.35
CA GLN A 99 -4.73 -0.22 -9.51
C GLN A 99 -5.77 -1.29 -9.16
N ILE A 100 -6.53 -1.10 -8.08
CA ILE A 100 -7.42 -2.14 -7.55
C ILE A 100 -8.72 -2.19 -8.34
N LYS A 101 -8.67 -2.76 -9.55
CA LYS A 101 -9.78 -2.73 -10.49
C LYS A 101 -9.92 -4.10 -11.15
N PHE A 102 -10.55 -5.04 -10.45
CA PHE A 102 -10.65 -6.45 -10.82
C PHE A 102 -9.31 -7.00 -11.35
N ILE A 103 -8.41 -7.33 -10.42
CA ILE A 103 -7.11 -7.89 -10.75
C ILE A 103 -7.00 -9.25 -10.07
N ILE A 104 -7.76 -10.23 -10.60
CA ILE A 104 -7.79 -11.60 -10.10
C ILE A 104 -7.59 -12.54 -11.29
N ASN A 105 -7.49 -13.83 -11.02
CA ASN A 105 -7.36 -14.88 -12.01
C ASN A 105 -8.06 -16.13 -11.47
N SER A 106 -8.11 -17.19 -12.27
CA SER A 106 -8.84 -18.41 -11.99
C SER A 106 -8.15 -19.57 -12.69
N GLY A 1 2.76 -14.43 5.25
CA GLY A 1 3.27 -15.74 5.70
C GLY A 1 3.40 -15.73 7.21
N SER A 2 2.47 -16.34 7.94
CA SER A 2 2.46 -16.29 9.40
C SER A 2 1.70 -17.52 9.91
N LYS A 3 1.64 -17.68 11.23
CA LYS A 3 0.89 -18.76 11.85
C LYS A 3 0.52 -18.33 13.26
N GLY A 4 -0.74 -18.53 13.65
CA GLY A 4 -1.26 -18.18 14.96
C GLY A 4 -2.77 -18.09 14.86
N VAL A 5 -3.39 -17.50 15.89
CA VAL A 5 -4.70 -16.91 15.74
C VAL A 5 -4.50 -15.46 15.33
N GLU A 6 -5.49 -14.59 15.57
CA GLU A 6 -5.36 -13.18 15.33
C GLU A 6 -5.04 -12.43 16.62
N LEU A 7 -3.89 -11.75 16.63
CA LEU A 7 -3.41 -11.00 17.78
C LEU A 7 -3.50 -9.50 17.49
N ARG A 8 -4.50 -9.08 16.70
CA ARG A 8 -4.66 -7.72 16.17
C ARG A 8 -3.58 -7.41 15.14
N ASN A 9 -2.31 -7.31 15.58
CA ASN A 9 -1.17 -7.14 14.70
C ASN A 9 -1.12 -8.18 13.60
N ASP A 10 -1.55 -9.41 13.86
CA ASP A 10 -1.53 -10.40 12.79
C ASP A 10 -2.56 -10.04 11.73
N SER A 11 -3.78 -9.64 12.11
CA SER A 11 -4.82 -9.23 11.16
C SER A 11 -4.34 -8.05 10.30
N GLU A 12 -3.99 -6.94 10.92
CA GLU A 12 -3.59 -5.75 10.18
C GLU A 12 -2.25 -5.98 9.47
N GLY A 13 -1.43 -6.86 10.03
CA GLY A 13 -0.22 -7.34 9.40
C GLY A 13 -0.53 -8.09 8.11
N PHE A 14 -1.57 -8.92 8.10
CA PHE A 14 -1.87 -9.82 6.99
C PHE A 14 -2.27 -9.00 5.77
N ILE A 15 -3.24 -8.11 5.95
CA ILE A 15 -3.65 -7.19 4.89
C ILE A 15 -2.52 -6.25 4.45
N HIS A 16 -1.66 -5.80 5.37
CA HIS A 16 -0.53 -4.96 5.03
C HIS A 16 0.34 -5.74 4.03
N GLU A 17 0.73 -6.96 4.41
CA GLU A 17 1.49 -7.89 3.57
C GLU A 17 0.81 -8.01 2.21
N PHE A 18 -0.50 -8.25 2.20
CA PHE A 18 -1.29 -8.41 0.99
C PHE A 18 -1.11 -7.24 0.05
N GLY A 19 -1.19 -6.00 0.55
CA GLY A 19 -0.89 -4.82 -0.25
C GLY A 19 0.43 -4.99 -0.96
N HIS A 20 1.47 -5.39 -0.21
CA HIS A 20 2.78 -5.62 -0.80
C HIS A 20 2.72 -6.73 -1.85
N ALA A 21 2.03 -7.83 -1.59
CA ALA A 21 1.96 -8.93 -2.53
C ALA A 21 1.29 -8.47 -3.83
N VAL A 22 0.39 -7.50 -3.77
CA VAL A 22 -0.18 -6.94 -4.99
C VAL A 22 0.88 -6.19 -5.77
N ASP A 23 1.72 -5.43 -5.07
CA ASP A 23 2.87 -4.75 -5.67
C ASP A 23 3.79 -5.75 -6.40
N ASP A 24 3.81 -6.97 -5.86
CA ASP A 24 4.71 -8.02 -6.30
C ASP A 24 4.18 -8.62 -7.59
N TYR A 25 2.88 -8.93 -7.61
CA TYR A 25 2.22 -9.50 -8.76
C TYR A 25 2.30 -8.52 -9.93
N ALA A 26 1.89 -7.27 -9.69
CA ALA A 26 1.97 -6.22 -10.68
C ALA A 26 3.40 -6.08 -11.21
N GLY A 27 4.42 -6.21 -10.36
CA GLY A 27 5.80 -6.15 -10.80
C GLY A 27 6.11 -7.27 -11.78
N TYR A 28 5.82 -8.51 -11.38
CA TYR A 28 6.16 -9.70 -12.12
C TYR A 28 5.54 -9.67 -13.52
N LEU A 29 4.27 -9.27 -13.59
CA LEU A 29 3.49 -9.23 -14.81
C LEU A 29 3.80 -8.01 -15.68
N LEU A 30 4.13 -6.87 -15.08
CA LEU A 30 4.13 -5.60 -15.81
C LEU A 30 5.53 -4.99 -15.74
N ASP A 31 6.53 -5.74 -16.20
CA ASP A 31 7.89 -5.25 -16.24
C ASP A 31 7.97 -4.07 -17.21
N LYS A 32 8.38 -2.89 -16.71
CA LYS A 32 8.54 -1.67 -17.49
C LYS A 32 9.22 -0.58 -16.68
N ASN A 33 8.89 -0.48 -15.39
CA ASN A 33 9.56 0.44 -14.48
C ASN A 33 11.03 -0.01 -14.38
N GLN A 34 11.98 0.93 -14.30
CA GLN A 34 13.38 0.57 -14.12
C GLN A 34 13.68 0.38 -12.63
N SER A 35 12.77 -0.27 -11.90
CA SER A 35 12.88 -0.53 -10.48
C SER A 35 12.12 -1.83 -10.21
N ASP A 36 12.43 -2.46 -9.08
CA ASP A 36 11.77 -3.71 -8.72
C ASP A 36 10.36 -3.40 -8.21
N LEU A 37 9.41 -4.32 -8.42
CA LEU A 37 7.97 -4.18 -8.15
C LEU A 37 7.35 -3.05 -8.97
N VAL A 38 6.02 -3.00 -9.09
CA VAL A 38 5.42 -1.92 -9.90
C VAL A 38 5.71 -0.57 -9.24
N THR A 39 5.48 -0.49 -7.92
CA THR A 39 5.70 0.64 -7.03
C THR A 39 5.08 1.94 -7.55
N ASN A 40 5.49 3.08 -7.00
CA ASN A 40 5.03 4.40 -7.42
C ASN A 40 5.62 4.76 -8.78
N SER A 41 5.05 4.23 -9.85
CA SER A 41 5.46 4.47 -11.21
C SER A 41 5.01 5.85 -11.70
N LYS A 42 3.69 6.11 -11.77
CA LYS A 42 3.19 7.40 -12.25
C LYS A 42 3.83 8.52 -11.44
N LYS A 43 4.46 9.49 -12.10
CA LYS A 43 5.09 10.66 -11.48
C LYS A 43 6.48 10.29 -10.95
N PHE A 44 6.60 9.14 -10.27
CA PHE A 44 7.85 8.52 -9.83
C PHE A 44 8.38 9.26 -8.60
N ILE A 45 8.62 8.51 -7.52
CA ILE A 45 9.25 8.96 -6.28
C ILE A 45 8.81 10.38 -5.88
N ASP A 46 7.53 10.52 -5.55
CA ASP A 46 6.86 11.82 -5.39
C ASP A 46 5.77 11.69 -4.33
N ILE A 47 4.73 10.91 -4.64
CA ILE A 47 3.69 10.48 -3.70
C ILE A 47 4.34 10.03 -2.39
N PHE A 48 5.25 9.06 -2.47
CA PHE A 48 6.01 8.60 -1.31
C PHE A 48 6.85 9.71 -0.68
N LYS A 49 7.36 10.66 -1.43
CA LYS A 49 8.20 11.66 -0.80
C LYS A 49 7.41 12.53 0.16
N GLU A 50 6.26 13.03 -0.27
CA GLU A 50 5.50 13.95 0.55
C GLU A 50 4.58 13.13 1.47
N GLU A 51 3.66 12.37 0.86
CA GLU A 51 2.64 11.65 1.61
C GLU A 51 3.26 10.51 2.43
N GLY A 52 4.36 9.92 1.94
CA GLY A 52 5.21 8.99 2.67
C GLY A 52 6.00 9.63 3.80
N SER A 53 5.38 10.49 4.60
CA SER A 53 5.87 10.84 5.92
C SER A 53 4.71 11.20 6.83
N ASN A 54 3.55 10.57 6.61
CA ASN A 54 2.32 11.05 7.20
C ASN A 54 1.39 9.92 7.61
N LEU A 55 1.22 8.92 6.72
CA LEU A 55 0.30 7.81 6.98
C LEU A 55 0.68 7.06 8.26
N THR A 56 1.98 6.94 8.51
CA THR A 56 2.57 6.27 9.65
C THR A 56 4.10 6.36 9.48
N SER A 57 4.87 5.97 10.49
CA SER A 57 6.31 5.77 10.36
C SER A 57 6.60 4.68 9.32
N TYR A 58 5.76 3.65 9.23
CA TYR A 58 5.86 2.63 8.19
C TYR A 58 5.50 3.17 6.80
N GLY A 59 5.08 4.43 6.73
CA GLY A 59 4.84 5.14 5.49
C GLY A 59 6.06 5.94 5.07
N ARG A 60 7.10 6.03 5.90
CA ARG A 60 8.32 6.75 5.59
C ARG A 60 9.51 5.82 5.39
N THR A 61 9.40 4.58 5.84
CA THR A 61 10.33 3.50 5.51
C THR A 61 10.29 3.25 4.00
N ASN A 62 10.82 2.11 3.52
CA ASN A 62 10.88 1.82 2.09
C ASN A 62 9.55 2.13 1.38
N GLU A 63 9.62 2.62 0.14
CA GLU A 63 8.42 2.97 -0.62
C GLU A 63 7.48 1.77 -0.72
N ALA A 64 8.06 0.57 -0.75
CA ALA A 64 7.32 -0.67 -0.76
C ALA A 64 6.40 -0.83 0.46
N GLU A 65 6.88 -0.41 1.63
CA GLU A 65 6.06 -0.42 2.84
C GLU A 65 5.01 0.67 2.79
N PHE A 66 5.38 1.87 2.33
CA PHE A 66 4.45 2.96 2.12
C PHE A 66 3.23 2.51 1.32
N PHE A 67 3.46 1.85 0.19
CA PHE A 67 2.42 1.30 -0.66
C PHE A 67 1.62 0.22 0.08
N ALA A 68 2.30 -0.69 0.78
CA ALA A 68 1.65 -1.81 1.45
C ALA A 68 0.65 -1.32 2.51
N GLU A 69 1.09 -0.40 3.39
CA GLU A 69 0.24 0.31 4.32
C GLU A 69 -0.88 1.02 3.58
N ALA A 70 -0.59 1.69 2.47
CA ALA A 70 -1.61 2.42 1.74
C ALA A 70 -2.77 1.48 1.42
N PHE A 71 -2.50 0.25 0.98
CA PHE A 71 -3.50 -0.80 0.80
C PHE A 71 -4.24 -1.10 2.10
N ARG A 72 -3.52 -1.38 3.19
CA ARG A 72 -4.12 -1.69 4.50
C ARG A 72 -5.22 -0.66 4.84
N LEU A 73 -4.87 0.62 4.76
CA LEU A 73 -5.74 1.76 4.99
C LEU A 73 -6.82 1.85 3.93
N MET A 74 -6.51 1.55 2.67
CA MET A 74 -7.43 1.75 1.54
C MET A 74 -8.72 1.00 1.73
N HIS A 75 -8.64 -0.21 2.30
CA HIS A 75 -9.81 -1.05 2.54
C HIS A 75 -10.37 -0.92 3.94
N SER A 76 -9.72 -0.21 4.88
CA SER A 76 -10.02 -0.25 6.30
C SER A 76 -11.51 -0.31 6.57
N THR A 77 -11.86 -1.34 7.32
CA THR A 77 -13.22 -1.59 7.79
C THR A 77 -13.77 -0.34 8.44
N ASP A 78 -12.94 0.31 9.26
CA ASP A 78 -13.22 1.68 9.66
C ASP A 78 -13.11 2.58 8.43
N HIS A 79 -14.25 3.03 7.91
CA HIS A 79 -14.24 3.90 6.74
C HIS A 79 -13.51 5.22 7.05
N ALA A 80 -13.46 5.65 8.30
CA ALA A 80 -12.73 6.86 8.66
C ALA A 80 -11.25 6.68 8.40
N GLU A 81 -10.66 5.53 8.76
CA GLU A 81 -9.27 5.21 8.50
C GLU A 81 -8.90 5.46 7.05
N ARG A 82 -9.81 5.13 6.16
CA ARG A 82 -9.58 5.37 4.75
C ARG A 82 -9.43 6.87 4.53
N LEU A 83 -10.34 7.66 5.08
CA LEU A 83 -10.25 9.11 5.07
C LEU A 83 -9.06 9.66 5.84
N LYS A 84 -8.45 8.95 6.79
CA LYS A 84 -7.19 9.46 7.33
C LYS A 84 -6.17 9.45 6.20
N VAL A 85 -6.11 8.38 5.41
CA VAL A 85 -5.26 8.37 4.24
C VAL A 85 -5.69 9.44 3.24
N GLN A 86 -6.92 9.45 2.70
CA GLN A 86 -7.26 10.46 1.69
C GLN A 86 -6.99 11.89 2.17
N LYS A 87 -7.35 12.22 3.41
CA LYS A 87 -7.09 13.54 3.97
C LYS A 87 -5.60 13.87 3.93
N ASN A 88 -4.78 12.93 4.39
CA ASN A 88 -3.34 13.16 4.53
C ASN A 88 -2.60 12.77 3.24
N ALA A 89 -3.32 12.28 2.22
CA ALA A 89 -2.78 11.57 1.09
C ALA A 89 -3.85 11.44 -0.01
N PRO A 90 -4.40 12.55 -0.49
CA PRO A 90 -5.51 12.50 -1.44
C PRO A 90 -5.07 11.79 -2.71
N LYS A 91 -3.80 12.00 -3.08
CA LYS A 91 -3.18 11.39 -4.23
C LYS A 91 -2.80 9.92 -3.97
N THR A 92 -2.20 9.57 -2.82
CA THR A 92 -1.76 8.20 -2.57
C THR A 92 -2.94 7.24 -2.67
N PHE A 93 -4.06 7.59 -2.06
CA PHE A 93 -5.25 6.75 -2.13
C PHE A 93 -5.66 6.56 -3.57
N GLN A 94 -5.75 7.68 -4.28
CA GLN A 94 -6.17 7.64 -5.66
C GLN A 94 -5.25 6.74 -6.48
N PHE A 95 -3.98 6.61 -6.08
CA PHE A 95 -2.98 5.85 -6.80
C PHE A 95 -3.35 4.37 -6.81
N ILE A 96 -3.51 3.77 -5.63
CA ILE A 96 -3.97 2.39 -5.51
C ILE A 96 -5.33 2.26 -6.19
N ASN A 97 -6.20 3.26 -6.04
CA ASN A 97 -7.53 3.20 -6.63
C ASN A 97 -7.45 3.13 -8.17
N ASP A 98 -6.42 3.74 -8.76
CA ASP A 98 -6.13 3.69 -10.20
C ASP A 98 -5.73 2.27 -10.56
N GLN A 99 -4.72 1.75 -9.86
CA GLN A 99 -4.21 0.42 -10.12
C GLN A 99 -5.04 -0.61 -9.38
N ILE A 100 -6.15 -1.01 -10.01
CA ILE A 100 -7.03 -2.06 -9.52
C ILE A 100 -6.21 -3.30 -9.10
N LYS A 101 -6.56 -3.86 -7.94
CA LYS A 101 -5.82 -4.95 -7.29
C LYS A 101 -5.45 -6.11 -8.21
N PHE A 102 -6.27 -6.41 -9.23
CA PHE A 102 -6.03 -7.35 -10.32
C PHE A 102 -5.10 -8.51 -9.92
N ILE A 103 -5.62 -9.45 -9.12
CA ILE A 103 -4.83 -10.54 -8.57
C ILE A 103 -5.55 -11.87 -8.82
N ILE A 104 -6.06 -12.03 -10.05
CA ILE A 104 -6.93 -13.12 -10.48
C ILE A 104 -8.31 -13.00 -9.81
N ASN A 105 -9.32 -13.57 -10.47
CA ASN A 105 -10.74 -13.50 -10.09
C ASN A 105 -11.29 -12.09 -10.35
N SER A 106 -12.61 -11.96 -10.49
CA SER A 106 -13.25 -10.71 -10.85
C SER A 106 -14.74 -10.85 -10.53
N GLY A 1 3.22 -20.91 12.26
CA GLY A 1 4.48 -20.69 12.99
C GLY A 1 4.79 -21.92 13.81
N SER A 2 5.06 -21.75 15.10
CA SER A 2 5.59 -22.82 15.94
C SER A 2 4.53 -23.37 16.89
N LYS A 3 4.04 -22.52 17.79
CA LYS A 3 2.92 -22.78 18.68
C LYS A 3 2.29 -21.41 18.95
N GLY A 4 0.97 -21.36 19.16
CA GLY A 4 0.22 -20.16 19.52
C GLY A 4 0.63 -18.93 18.72
N VAL A 5 0.19 -18.86 17.46
CA VAL A 5 0.39 -17.63 16.71
C VAL A 5 -0.61 -16.56 17.16
N GLU A 6 -0.65 -15.42 16.48
CA GLU A 6 -1.36 -14.26 16.95
C GLU A 6 -2.63 -14.02 16.17
N LEU A 7 -3.77 -14.32 16.78
CA LEU A 7 -5.06 -14.29 16.10
C LEU A 7 -5.63 -12.85 16.09
N ARG A 8 -4.74 -11.86 16.01
CA ARG A 8 -5.01 -10.44 15.98
C ARG A 8 -3.99 -9.81 15.04
N ASN A 9 -2.73 -9.74 15.48
CA ASN A 9 -1.63 -9.21 14.68
C ASN A 9 -1.50 -9.90 13.34
N ASP A 10 -1.78 -11.19 13.25
CA ASP A 10 -1.68 -11.86 11.97
C ASP A 10 -2.75 -11.35 11.00
N SER A 11 -3.94 -11.03 11.47
CA SER A 11 -5.01 -10.50 10.63
C SER A 11 -4.71 -9.06 10.18
N GLU A 12 -4.38 -8.17 11.12
CA GLU A 12 -4.08 -6.78 10.80
C GLU A 12 -2.77 -6.67 10.02
N GLY A 13 -1.86 -7.61 10.24
CA GLY A 13 -0.64 -7.76 9.47
C GLY A 13 -0.96 -8.22 8.05
N PHE A 14 -1.82 -9.22 7.91
CA PHE A 14 -2.14 -9.89 6.64
C PHE A 14 -2.47 -8.84 5.59
N ILE A 15 -3.40 -7.93 5.91
CA ILE A 15 -3.80 -6.92 4.94
C ILE A 15 -2.64 -6.01 4.54
N HIS A 16 -1.73 -5.67 5.47
CA HIS A 16 -0.57 -4.87 5.13
C HIS A 16 0.23 -5.64 4.06
N GLU A 17 0.59 -6.88 4.38
CA GLU A 17 1.35 -7.74 3.48
C GLU A 17 0.63 -7.97 2.16
N PHE A 18 -0.70 -8.01 2.15
CA PHE A 18 -1.47 -8.16 0.93
C PHE A 18 -1.17 -7.02 -0.01
N GLY A 19 -1.04 -5.79 0.52
CA GLY A 19 -0.55 -4.69 -0.27
C GLY A 19 0.77 -5.04 -0.96
N HIS A 20 1.75 -5.61 -0.25
CA HIS A 20 2.98 -6.04 -0.91
C HIS A 20 2.71 -7.03 -2.04
N ALA A 21 1.88 -8.04 -1.78
CA ALA A 21 1.59 -9.05 -2.78
C ALA A 21 0.96 -8.42 -4.03
N VAL A 22 0.21 -7.32 -3.87
CA VAL A 22 -0.36 -6.66 -5.04
C VAL A 22 0.73 -5.95 -5.84
N ASP A 23 1.64 -5.28 -5.14
CA ASP A 23 2.83 -4.70 -5.74
C ASP A 23 3.61 -5.74 -6.54
N ASP A 24 3.54 -7.00 -6.10
CA ASP A 24 4.31 -8.10 -6.67
C ASP A 24 3.85 -8.32 -8.09
N TYR A 25 2.54 -8.46 -8.28
CA TYR A 25 1.92 -8.60 -9.60
C TYR A 25 2.37 -7.48 -10.52
N ALA A 26 2.34 -6.24 -10.04
CA ALA A 26 2.77 -5.11 -10.84
C ALA A 26 4.23 -5.28 -11.30
N GLY A 27 5.12 -5.80 -10.45
CA GLY A 27 6.53 -5.97 -10.79
C GLY A 27 6.81 -7.29 -11.51
N TYR A 28 5.82 -8.19 -11.58
CA TYR A 28 5.96 -9.43 -12.33
C TYR A 28 5.69 -9.14 -13.80
N LEU A 29 4.64 -8.37 -14.06
CA LEU A 29 4.18 -8.00 -15.38
C LEU A 29 4.95 -6.80 -15.94
N LEU A 30 5.31 -5.86 -15.08
CA LEU A 30 5.89 -4.59 -15.50
C LEU A 30 7.29 -4.48 -14.86
N ASP A 31 8.05 -3.43 -15.17
CA ASP A 31 9.37 -3.18 -14.61
C ASP A 31 10.31 -4.38 -14.77
N LYS A 32 11.04 -4.82 -13.74
CA LYS A 32 11.92 -5.98 -13.84
C LYS A 32 11.37 -7.08 -12.96
N ASN A 33 10.97 -8.21 -13.54
CA ASN A 33 10.48 -9.33 -12.75
C ASN A 33 11.63 -10.04 -12.04
N GLN A 34 12.13 -9.47 -10.93
CA GLN A 34 13.04 -10.17 -10.04
C GLN A 34 13.07 -9.46 -8.69
N SER A 35 11.91 -9.30 -8.04
CA SER A 35 11.78 -8.64 -6.75
C SER A 35 12.13 -7.15 -6.86
N ASP A 36 11.32 -6.44 -7.65
CA ASP A 36 11.52 -5.03 -7.99
C ASP A 36 10.29 -4.23 -7.55
N LEU A 37 9.11 -4.71 -7.98
CA LEU A 37 7.80 -4.15 -7.70
C LEU A 37 7.67 -2.79 -8.40
N VAL A 38 6.46 -2.23 -8.52
CA VAL A 38 6.26 -1.00 -9.30
C VAL A 38 6.57 0.24 -8.44
N THR A 39 7.62 0.15 -7.64
CA THR A 39 7.85 1.03 -6.51
C THR A 39 8.68 2.23 -6.97
N ASN A 40 9.89 1.93 -7.44
CA ASN A 40 10.89 2.89 -7.84
C ASN A 40 10.68 3.39 -9.27
N SER A 41 9.77 2.77 -10.03
CA SER A 41 9.55 3.06 -11.44
C SER A 41 8.06 3.22 -11.72
N LYS A 42 7.51 4.40 -11.39
CA LYS A 42 6.12 4.70 -11.75
C LYS A 42 5.99 6.18 -12.09
N LYS A 43 6.25 7.06 -11.11
CA LYS A 43 6.26 8.49 -11.35
C LYS A 43 7.40 9.10 -10.53
N PHE A 44 8.65 8.79 -10.91
CA PHE A 44 9.88 9.32 -10.32
C PHE A 44 9.78 9.49 -8.78
N ILE A 45 9.25 8.46 -8.10
CA ILE A 45 8.92 8.46 -6.67
C ILE A 45 8.41 9.82 -6.16
N ASP A 46 7.34 10.33 -6.77
CA ASP A 46 6.68 11.58 -6.42
C ASP A 46 5.82 11.37 -5.16
N ILE A 47 4.81 10.50 -5.29
CA ILE A 47 3.79 10.24 -4.29
C ILE A 47 4.46 9.93 -2.95
N PHE A 48 5.29 8.89 -2.93
CA PHE A 48 6.05 8.48 -1.76
C PHE A 48 6.90 9.61 -1.19
N LYS A 49 7.44 10.51 -2.01
CA LYS A 49 8.31 11.52 -1.44
C LYS A 49 7.56 12.46 -0.53
N GLU A 50 6.34 12.86 -0.91
CA GLU A 50 5.56 13.77 -0.11
C GLU A 50 4.71 12.97 0.89
N GLU A 51 3.76 12.20 0.38
CA GLU A 51 2.78 11.51 1.21
C GLU A 51 3.43 10.42 2.04
N GLY A 52 4.54 9.84 1.56
CA GLY A 52 5.39 8.93 2.30
C GLY A 52 6.16 9.60 3.45
N SER A 53 5.55 10.55 4.15
CA SER A 53 5.98 10.95 5.47
C SER A 53 4.80 11.35 6.36
N ASN A 54 3.58 10.91 6.02
CA ASN A 54 2.37 11.50 6.60
C ASN A 54 1.40 10.44 7.13
N LEU A 55 1.25 9.32 6.43
CA LEU A 55 0.29 8.31 6.89
C LEU A 55 0.77 7.66 8.19
N THR A 56 2.10 7.49 8.31
CA THR A 56 2.76 6.80 9.43
C THR A 56 4.25 6.75 9.13
N SER A 57 5.06 6.36 10.10
CA SER A 57 6.47 6.06 9.90
C SER A 57 6.66 4.91 8.91
N TYR A 58 5.72 3.96 8.86
CA TYR A 58 5.75 2.92 7.84
C TYR A 58 5.57 3.50 6.43
N GLY A 59 4.96 4.68 6.34
CA GLY A 59 4.82 5.39 5.10
C GLY A 59 6.14 6.02 4.67
N ARG A 60 7.14 6.08 5.54
CA ARG A 60 8.42 6.70 5.23
C ARG A 60 9.56 5.70 5.09
N THR A 61 9.36 4.47 5.57
CA THR A 61 10.24 3.34 5.26
C THR A 61 10.24 3.08 3.74
N ASN A 62 10.82 1.96 3.30
CA ASN A 62 10.87 1.62 1.88
C ASN A 62 9.51 1.83 1.22
N GLU A 63 9.52 2.21 -0.06
CA GLU A 63 8.29 2.57 -0.75
C GLU A 63 7.33 1.39 -0.81
N ALA A 64 7.84 0.16 -0.80
CA ALA A 64 7.04 -1.05 -0.69
C ALA A 64 6.10 -1.03 0.51
N GLU A 65 6.56 -0.46 1.61
CA GLU A 65 5.87 -0.45 2.89
C GLU A 65 4.90 0.69 2.94
N PHE A 66 5.25 1.83 2.34
CA PHE A 66 4.33 2.92 2.06
C PHE A 66 3.10 2.44 1.29
N PHE A 67 3.31 1.70 0.20
CA PHE A 67 2.23 1.15 -0.60
C PHE A 67 1.40 0.16 0.23
N ALA A 68 2.08 -0.76 0.92
CA ALA A 68 1.43 -1.82 1.70
C ALA A 68 0.55 -1.30 2.84
N GLU A 69 1.09 -0.47 3.71
CA GLU A 69 0.33 0.19 4.76
C GLU A 69 -0.80 1.03 4.18
N ALA A 70 -0.57 1.73 3.07
CA ALA A 70 -1.64 2.45 2.38
C ALA A 70 -2.78 1.49 2.04
N PHE A 71 -2.48 0.28 1.56
CA PHE A 71 -3.47 -0.77 1.33
C PHE A 71 -4.27 -1.06 2.60
N ARG A 72 -3.60 -1.30 3.73
CA ARG A 72 -4.27 -1.57 4.99
C ARG A 72 -5.30 -0.48 5.29
N LEU A 73 -4.88 0.77 5.19
CA LEU A 73 -5.72 1.94 5.47
C LEU A 73 -6.81 2.09 4.41
N MET A 74 -6.54 1.68 3.18
CA MET A 74 -7.47 1.88 2.06
C MET A 74 -8.77 1.13 2.29
N HIS A 75 -8.69 -0.04 2.93
CA HIS A 75 -9.85 -0.86 3.24
C HIS A 75 -10.35 -0.70 4.68
N SER A 76 -9.74 0.15 5.52
CA SER A 76 -10.04 0.22 6.94
C SER A 76 -11.54 0.15 7.18
N THR A 77 -11.91 -0.88 7.94
CA THR A 77 -13.27 -1.16 8.35
C THR A 77 -13.91 0.10 8.89
N ASP A 78 -13.15 0.84 9.70
CA ASP A 78 -13.52 2.20 9.99
C ASP A 78 -13.31 3.05 8.74
N HIS A 79 -14.42 3.41 8.10
CA HIS A 79 -14.42 4.34 6.97
C HIS A 79 -13.62 5.60 7.28
N ALA A 80 -13.69 6.13 8.50
CA ALA A 80 -12.99 7.36 8.83
C ALA A 80 -11.49 7.19 8.66
N GLU A 81 -10.94 6.06 9.11
CA GLU A 81 -9.54 5.73 8.93
C GLU A 81 -9.12 5.81 7.47
N ARG A 82 -10.00 5.40 6.57
CA ARG A 82 -9.68 5.54 5.16
C ARG A 82 -9.55 7.01 4.81
N LEU A 83 -10.50 7.83 5.26
CA LEU A 83 -10.46 9.27 5.08
C LEU A 83 -9.27 9.91 5.77
N LYS A 84 -8.66 9.31 6.80
CA LYS A 84 -7.40 9.85 7.29
C LYS A 84 -6.39 9.77 6.15
N VAL A 85 -6.30 8.65 5.45
CA VAL A 85 -5.41 8.56 4.31
C VAL A 85 -5.82 9.56 3.25
N GLN A 86 -7.03 9.47 2.70
CA GLN A 86 -7.40 10.32 1.57
C GLN A 86 -7.11 11.79 1.83
N LYS A 87 -7.54 12.31 2.99
CA LYS A 87 -7.36 13.74 3.26
C LYS A 87 -5.88 14.09 3.40
N ASN A 88 -5.09 13.23 4.06
CA ASN A 88 -3.66 13.46 4.25
C ASN A 88 -2.85 13.12 3.00
N ALA A 89 -3.46 12.47 2.02
CA ALA A 89 -2.80 11.91 0.86
C ALA A 89 -3.79 11.80 -0.29
N PRO A 90 -4.18 12.92 -0.89
CA PRO A 90 -5.22 13.00 -1.92
C PRO A 90 -4.66 12.63 -3.29
N LYS A 91 -4.15 11.40 -3.41
CA LYS A 91 -3.38 10.87 -4.54
C LYS A 91 -2.89 9.46 -4.21
N THR A 92 -2.24 9.24 -3.07
CA THR A 92 -1.81 7.91 -2.67
C THR A 92 -3.00 6.97 -2.61
N PHE A 93 -4.11 7.42 -2.02
CA PHE A 93 -5.31 6.59 -1.96
C PHE A 93 -5.76 6.24 -3.36
N GLN A 94 -5.82 7.27 -4.20
CA GLN A 94 -6.20 7.08 -5.58
C GLN A 94 -5.27 6.07 -6.26
N PHE A 95 -3.98 6.02 -5.90
CA PHE A 95 -3.00 5.17 -6.55
C PHE A 95 -3.40 3.71 -6.35
N ILE A 96 -3.60 3.31 -5.10
CA ILE A 96 -4.06 1.96 -4.82
C ILE A 96 -5.41 1.75 -5.49
N ASN A 97 -6.30 2.74 -5.44
CA ASN A 97 -7.65 2.63 -5.99
C ASN A 97 -7.61 2.41 -7.52
N ASP A 98 -6.55 2.87 -8.18
CA ASP A 98 -6.33 2.69 -9.61
C ASP A 98 -5.90 1.25 -9.87
N GLN A 99 -5.01 0.74 -9.02
CA GLN A 99 -4.44 -0.58 -9.16
C GLN A 99 -5.48 -1.67 -8.91
N ILE A 100 -6.15 -1.62 -7.76
CA ILE A 100 -7.08 -2.66 -7.36
C ILE A 100 -8.32 -2.57 -8.24
N LYS A 101 -8.53 -3.58 -9.07
CA LYS A 101 -9.68 -3.63 -9.97
C LYS A 101 -10.12 -5.07 -10.12
N PHE A 102 -9.20 -5.94 -10.54
CA PHE A 102 -9.44 -7.37 -10.63
C PHE A 102 -8.12 -8.06 -10.28
N ILE A 103 -8.11 -8.90 -9.26
CA ILE A 103 -6.96 -9.71 -8.89
C ILE A 103 -7.54 -10.95 -8.21
N ILE A 104 -7.12 -12.14 -8.65
CA ILE A 104 -7.53 -13.46 -8.18
C ILE A 104 -8.97 -13.48 -7.65
N ASN A 105 -9.94 -13.50 -8.57
CA ASN A 105 -11.35 -13.59 -8.23
C ASN A 105 -11.59 -14.79 -7.32
N SER A 106 -12.26 -14.55 -6.19
CA SER A 106 -12.63 -15.55 -5.20
C SER A 106 -13.84 -15.01 -4.44
N GLY A 1 3.21 -5.39 9.53
CA GLY A 1 4.65 -5.20 9.26
C GLY A 1 5.37 -6.52 9.24
N SER A 2 6.12 -6.85 10.30
CA SER A 2 6.84 -8.13 10.42
C SER A 2 7.18 -8.49 11.85
N LYS A 3 7.40 -7.49 12.70
CA LYS A 3 7.67 -7.69 14.11
C LYS A 3 7.06 -6.51 14.86
N GLY A 4 6.87 -6.65 16.16
CA GLY A 4 6.27 -5.61 17.00
C GLY A 4 5.56 -6.29 18.15
N VAL A 5 4.95 -5.48 19.02
CA VAL A 5 4.12 -6.01 20.08
C VAL A 5 2.79 -6.53 19.52
N GLU A 6 1.91 -6.97 20.43
CA GLU A 6 0.61 -7.48 20.06
C GLU A 6 -0.42 -6.36 20.04
N LEU A 7 -0.87 -6.06 18.83
CA LEU A 7 -1.88 -5.08 18.50
C LEU A 7 -2.57 -5.54 17.23
N ARG A 8 -2.95 -6.81 17.20
CA ARG A 8 -3.57 -7.45 16.05
C ARG A 8 -2.65 -7.40 14.82
N ASN A 9 -1.34 -7.57 15.02
CA ASN A 9 -0.32 -7.64 13.97
C ASN A 9 -0.71 -8.62 12.89
N ASP A 10 -1.32 -9.72 13.30
CA ASP A 10 -1.84 -10.73 12.40
C ASP A 10 -2.89 -10.13 11.46
N SER A 11 -3.91 -9.47 12.01
CA SER A 11 -5.04 -8.99 11.24
C SER A 11 -4.59 -7.89 10.29
N GLU A 12 -3.89 -6.87 10.81
CA GLU A 12 -3.43 -5.76 10.00
C GLU A 12 -2.32 -6.22 9.07
N GLY A 13 -1.53 -7.20 9.52
CA GLY A 13 -0.51 -7.85 8.72
C GLY A 13 -1.12 -8.50 7.50
N PHE A 14 -2.26 -9.17 7.65
CA PHE A 14 -2.92 -9.90 6.57
C PHE A 14 -3.22 -8.95 5.43
N ILE A 15 -3.97 -7.89 5.72
CA ILE A 15 -4.39 -6.96 4.71
C ILE A 15 -3.21 -6.11 4.20
N HIS A 16 -2.21 -5.84 5.04
CA HIS A 16 -1.03 -5.11 4.64
C HIS A 16 -0.38 -5.91 3.50
N GLU A 17 -0.13 -7.18 3.77
CA GLU A 17 0.53 -8.08 2.86
C GLU A 17 -0.28 -8.28 1.58
N PHE A 18 -1.61 -8.22 1.62
CA PHE A 18 -2.40 -8.14 0.40
C PHE A 18 -1.94 -7.00 -0.49
N GLY A 19 -1.89 -5.78 0.05
CA GLY A 19 -1.35 -4.66 -0.71
C GLY A 19 -0.01 -5.03 -1.32
N HIS A 20 0.86 -5.64 -0.51
CA HIS A 20 2.19 -5.99 -0.97
C HIS A 20 2.20 -6.99 -2.10
N ALA A 21 1.35 -8.02 -2.04
CA ALA A 21 1.27 -9.07 -3.03
C ALA A 21 0.78 -8.47 -4.35
N VAL A 22 -0.05 -7.43 -4.29
CA VAL A 22 -0.42 -6.76 -5.53
C VAL A 22 0.79 -6.03 -6.12
N ASP A 23 1.62 -5.44 -5.25
CA ASP A 23 2.88 -4.84 -5.67
C ASP A 23 3.82 -5.87 -6.29
N ASP A 24 3.65 -7.14 -5.92
CA ASP A 24 4.51 -8.23 -6.36
C ASP A 24 4.31 -8.43 -7.85
N TYR A 25 3.05 -8.59 -8.27
CA TYR A 25 2.67 -8.65 -9.68
C TYR A 25 3.27 -7.47 -10.43
N ALA A 26 3.01 -6.25 -9.98
CA ALA A 26 3.53 -5.09 -10.69
C ALA A 26 5.05 -5.18 -10.88
N GLY A 27 5.81 -5.62 -9.87
CA GLY A 27 7.26 -5.77 -10.00
C GLY A 27 7.64 -6.83 -11.02
N TYR A 28 7.09 -8.04 -10.84
CA TYR A 28 7.31 -9.21 -11.67
C TYR A 28 7.24 -8.86 -13.15
N LEU A 29 6.26 -8.03 -13.52
CA LEU A 29 6.04 -7.65 -14.89
C LEU A 29 6.80 -6.39 -15.28
N LEU A 30 7.12 -5.51 -14.32
CA LEU A 30 7.62 -4.18 -14.62
C LEU A 30 8.89 -3.90 -13.81
N ASP A 31 10.01 -4.54 -14.14
CA ASP A 31 11.31 -4.19 -13.55
C ASP A 31 12.34 -4.16 -14.67
N LYS A 32 13.44 -3.43 -14.47
CA LYS A 32 14.52 -3.27 -15.44
C LYS A 32 15.87 -3.37 -14.72
N ASN A 33 15.91 -4.04 -13.56
CA ASN A 33 17.07 -4.17 -12.71
C ASN A 33 17.13 -5.60 -12.16
N GLN A 34 18.13 -5.94 -11.32
CA GLN A 34 18.17 -7.22 -10.64
C GLN A 34 17.31 -7.21 -9.38
N SER A 35 16.76 -6.06 -8.99
CA SER A 35 15.81 -5.96 -7.90
C SER A 35 14.50 -6.68 -8.25
N ASP A 36 13.51 -6.57 -7.37
CA ASP A 36 12.17 -7.10 -7.59
C ASP A 36 11.17 -6.21 -6.83
N LEU A 37 9.88 -6.33 -7.13
CA LEU A 37 8.77 -5.50 -6.67
C LEU A 37 8.83 -4.12 -7.30
N VAL A 38 7.69 -3.54 -7.67
CA VAL A 38 7.68 -2.24 -8.36
C VAL A 38 8.05 -1.08 -7.42
N THR A 39 8.49 -1.35 -6.19
CA THR A 39 8.96 -0.36 -5.22
C THR A 39 10.06 0.56 -5.77
N ASN A 40 10.75 0.16 -6.84
CA ASN A 40 11.83 0.94 -7.45
C ASN A 40 11.32 1.85 -8.57
N SER A 41 10.01 2.12 -8.63
CA SER A 41 9.42 2.90 -9.71
C SER A 41 8.09 3.48 -9.26
N LYS A 42 7.14 2.58 -8.95
CA LYS A 42 5.75 2.86 -8.65
C LYS A 42 5.16 3.92 -9.59
N LYS A 43 5.44 3.81 -10.90
CA LYS A 43 4.93 4.72 -11.93
C LYS A 43 5.65 6.06 -11.84
N PHE A 44 5.47 6.83 -10.75
CA PHE A 44 6.26 8.01 -10.47
C PHE A 44 6.56 8.05 -8.97
N ILE A 45 7.83 8.26 -8.63
CA ILE A 45 8.27 8.41 -7.25
C ILE A 45 7.99 9.85 -6.78
N ASP A 46 6.71 10.19 -6.63
CA ASP A 46 6.22 11.51 -6.20
C ASP A 46 5.26 11.32 -5.03
N ILE A 47 4.26 10.47 -5.26
CA ILE A 47 3.26 10.05 -4.29
C ILE A 47 3.98 9.63 -3.00
N PHE A 48 4.89 8.68 -3.13
CA PHE A 48 5.72 8.24 -2.01
C PHE A 48 6.62 9.35 -1.47
N LYS A 49 7.08 10.29 -2.28
CA LYS A 49 7.96 11.31 -1.74
C LYS A 49 7.23 12.15 -0.69
N GLU A 50 6.05 12.66 -1.02
CA GLU A 50 5.38 13.62 -0.15
C GLU A 50 4.46 12.86 0.83
N GLU A 51 3.58 12.01 0.32
CA GLU A 51 2.62 11.32 1.18
C GLU A 51 3.33 10.22 1.97
N GLY A 52 4.40 9.63 1.40
CA GLY A 52 5.25 8.66 2.06
C GLY A 52 6.14 9.26 3.15
N SER A 53 5.65 10.27 3.87
CA SER A 53 6.14 10.63 5.18
C SER A 53 4.97 11.22 5.97
N ASN A 54 3.80 10.60 5.89
CA ASN A 54 2.61 11.13 6.54
C ASN A 54 1.68 10.06 7.06
N LEU A 55 1.42 9.02 6.26
CA LEU A 55 0.45 7.98 6.62
C LEU A 55 0.79 7.36 7.98
N THR A 56 2.08 7.13 8.20
CA THR A 56 2.63 6.51 9.40
C THR A 56 4.14 6.45 9.20
N SER A 57 4.89 6.27 10.30
CA SER A 57 6.33 6.02 10.19
C SER A 57 6.60 4.77 9.37
N TYR A 58 5.72 3.76 9.44
CA TYR A 58 5.89 2.57 8.62
C TYR A 58 5.85 2.93 7.13
N GLY A 59 4.95 3.85 6.76
CA GLY A 59 4.78 4.30 5.39
C GLY A 59 5.91 5.23 4.93
N ARG A 60 6.85 5.54 5.82
CA ARG A 60 8.04 6.31 5.50
C ARG A 60 9.25 5.41 5.24
N THR A 61 9.11 4.10 5.47
CA THR A 61 10.09 3.14 4.99
C THR A 61 10.12 3.13 3.45
N ASN A 62 10.78 2.14 2.88
CA ASN A 62 10.73 1.87 1.45
C ASN A 62 9.30 1.94 0.92
N GLU A 63 9.17 2.32 -0.34
CA GLU A 63 7.89 2.49 -1.01
C GLU A 63 7.03 1.22 -0.91
N ALA A 64 7.65 0.06 -0.73
CA ALA A 64 7.01 -1.20 -0.40
C ALA A 64 5.98 -1.08 0.72
N GLU A 65 6.38 -0.61 1.89
CA GLU A 65 5.40 -0.60 2.98
C GLU A 65 4.57 0.66 2.94
N PHE A 66 5.02 1.70 2.25
CA PHE A 66 4.15 2.81 1.93
C PHE A 66 2.91 2.31 1.20
N PHE A 67 3.12 1.54 0.14
CA PHE A 67 2.05 1.04 -0.70
C PHE A 67 1.22 0.01 0.05
N ALA A 68 1.88 -0.94 0.72
CA ALA A 68 1.18 -2.02 1.40
C ALA A 68 0.33 -1.51 2.56
N GLU A 69 0.87 -0.62 3.40
CA GLU A 69 0.09 0.07 4.43
C GLU A 69 -1.01 0.90 3.79
N ALA A 70 -0.73 1.61 2.69
CA ALA A 70 -1.73 2.43 2.05
C ALA A 70 -2.93 1.58 1.64
N PHE A 71 -2.71 0.36 1.13
CA PHE A 71 -3.78 -0.58 0.82
C PHE A 71 -4.58 -0.93 2.07
N ARG A 72 -3.92 -1.31 3.17
CA ARG A 72 -4.57 -1.58 4.44
C ARG A 72 -5.56 -0.46 4.78
N LEU A 73 -5.04 0.76 4.87
CA LEU A 73 -5.77 1.96 5.23
C LEU A 73 -6.84 2.28 4.20
N MET A 74 -6.63 1.87 2.94
CA MET A 74 -7.56 2.15 1.86
C MET A 74 -8.94 1.57 2.17
N HIS A 75 -8.98 0.35 2.70
CA HIS A 75 -10.24 -0.29 3.03
C HIS A 75 -10.65 -0.05 4.48
N SER A 76 -9.69 -0.05 5.43
CA SER A 76 -9.86 0.06 6.88
C SER A 76 -11.30 0.11 7.37
N THR A 77 -11.70 -0.94 8.07
CA THR A 77 -13.00 -1.12 8.69
C THR A 77 -13.46 0.15 9.38
N ASP A 78 -12.57 0.81 10.13
CA ASP A 78 -12.91 2.16 10.56
C ASP A 78 -12.78 3.09 9.36
N HIS A 79 -13.92 3.50 8.81
CA HIS A 79 -14.03 4.54 7.79
C HIS A 79 -13.09 5.71 8.05
N ALA A 80 -12.91 6.12 9.32
CA ALA A 80 -12.09 7.24 9.67
C ALA A 80 -10.64 7.02 9.24
N GLU A 81 -10.10 5.82 9.49
CA GLU A 81 -8.74 5.48 9.08
C GLU A 81 -8.54 5.75 7.60
N ARG A 82 -9.57 5.45 6.81
CA ARG A 82 -9.47 5.69 5.38
C ARG A 82 -9.34 7.18 5.14
N LEU A 83 -10.19 7.99 5.77
CA LEU A 83 -10.09 9.44 5.67
C LEU A 83 -8.80 9.98 6.26
N LYS A 84 -8.14 9.30 7.20
CA LYS A 84 -6.84 9.76 7.66
C LYS A 84 -5.87 9.67 6.50
N VAL A 85 -5.89 8.56 5.76
CA VAL A 85 -5.08 8.46 4.55
C VAL A 85 -5.51 9.50 3.52
N GLN A 86 -6.76 9.51 3.02
CA GLN A 86 -7.14 10.46 1.99
C GLN A 86 -6.74 11.90 2.35
N LYS A 87 -7.11 12.36 3.55
CA LYS A 87 -6.84 13.74 3.93
C LYS A 87 -5.34 14.00 4.00
N ASN A 88 -4.56 13.04 4.50
CA ASN A 88 -3.10 13.20 4.61
C ASN A 88 -2.40 12.82 3.30
N ALA A 89 -3.14 12.32 2.31
CA ALA A 89 -2.63 11.80 1.07
C ALA A 89 -3.74 11.78 0.02
N PRO A 90 -4.13 12.96 -0.51
CA PRO A 90 -5.23 13.11 -1.45
C PRO A 90 -4.79 12.77 -2.88
N LYS A 91 -4.17 11.60 -3.05
CA LYS A 91 -3.57 11.11 -4.27
C LYS A 91 -3.23 9.63 -4.07
N THR A 92 -2.42 9.29 -3.07
CA THR A 92 -2.05 7.91 -2.75
C THR A 92 -3.26 6.99 -2.65
N PHE A 93 -4.31 7.44 -1.96
CA PHE A 93 -5.51 6.61 -1.85
C PHE A 93 -6.06 6.28 -3.22
N GLN A 94 -6.22 7.33 -4.01
CA GLN A 94 -6.74 7.20 -5.35
C GLN A 94 -5.84 6.27 -6.18
N PHE A 95 -4.55 6.22 -5.86
CA PHE A 95 -3.56 5.42 -6.57
C PHE A 95 -3.86 3.93 -6.42
N ILE A 96 -3.95 3.45 -5.18
CA ILE A 96 -4.32 2.05 -4.94
C ILE A 96 -5.67 1.79 -5.62
N ASN A 97 -6.62 2.71 -5.44
CA ASN A 97 -7.94 2.58 -6.01
C ASN A 97 -7.90 2.43 -7.54
N ASP A 98 -6.94 3.08 -8.20
CA ASP A 98 -6.73 3.03 -9.65
C ASP A 98 -6.18 1.67 -10.07
N GLN A 99 -5.22 1.16 -9.31
CA GLN A 99 -4.49 -0.04 -9.67
C GLN A 99 -5.28 -1.29 -9.23
N ILE A 100 -6.54 -1.39 -9.65
CA ILE A 100 -7.44 -2.46 -9.26
C ILE A 100 -6.99 -3.76 -9.92
N LYS A 101 -6.59 -4.74 -9.13
CA LYS A 101 -6.25 -6.08 -9.61
C LYS A 101 -6.56 -7.04 -8.47
N PHE A 102 -7.12 -8.22 -8.79
CA PHE A 102 -7.14 -9.32 -7.86
C PHE A 102 -5.96 -10.23 -8.19
N ILE A 103 -5.29 -10.76 -7.16
CA ILE A 103 -4.19 -11.69 -7.33
C ILE A 103 -4.49 -12.83 -6.36
N ILE A 104 -4.66 -14.05 -6.89
CA ILE A 104 -5.09 -15.26 -6.18
C ILE A 104 -6.20 -14.96 -5.15
N ASN A 105 -7.45 -15.05 -5.62
CA ASN A 105 -8.63 -14.84 -4.79
C ASN A 105 -8.56 -15.67 -3.51
N SER A 106 -9.08 -15.11 -2.42
CA SER A 106 -9.13 -15.73 -1.11
C SER A 106 -10.42 -15.25 -0.43
N GLY A 1 6.54 -4.00 7.50
CA GLY A 1 7.39 -5.19 7.55
C GLY A 1 6.97 -5.96 8.78
N SER A 2 7.89 -6.29 9.68
CA SER A 2 7.53 -6.89 10.95
C SER A 2 8.06 -5.99 12.06
N LYS A 3 7.30 -4.95 12.38
CA LYS A 3 7.63 -4.00 13.43
C LYS A 3 6.33 -3.57 14.08
N GLY A 4 6.35 -3.33 15.38
CA GLY A 4 5.21 -2.93 16.20
C GLY A 4 5.37 -3.56 17.58
N VAL A 5 4.48 -3.24 18.51
CA VAL A 5 4.22 -4.10 19.64
C VAL A 5 3.04 -4.98 19.27
N GLU A 6 2.37 -5.61 20.23
CA GLU A 6 1.17 -6.36 19.91
C GLU A 6 -0.04 -5.46 19.77
N LEU A 7 -0.54 -5.38 18.54
CA LEU A 7 -1.75 -4.68 18.15
C LEU A 7 -2.43 -5.46 17.03
N ARG A 8 -2.65 -6.76 17.28
CA ARG A 8 -3.24 -7.69 16.33
C ARG A 8 -2.39 -7.83 15.07
N ASN A 9 -1.08 -8.05 15.23
CA ASN A 9 -0.16 -8.24 14.11
C ASN A 9 -0.64 -9.26 13.11
N ASP A 10 -1.33 -10.29 13.58
CA ASP A 10 -1.91 -11.30 12.72
C ASP A 10 -2.85 -10.69 11.69
N SER A 11 -3.85 -9.95 12.14
CA SER A 11 -4.91 -9.47 11.27
C SER A 11 -4.45 -8.24 10.50
N GLU A 12 -3.82 -7.31 11.20
CA GLU A 12 -3.32 -6.06 10.63
C GLU A 12 -2.15 -6.40 9.69
N GLY A 13 -1.38 -7.42 10.05
CA GLY A 13 -0.30 -7.94 9.22
C GLY A 13 -0.88 -8.47 7.94
N PHE A 14 -1.85 -9.40 8.02
CA PHE A 14 -2.41 -10.06 6.84
C PHE A 14 -2.75 -9.05 5.75
N ILE A 15 -3.56 -8.05 6.08
CA ILE A 15 -3.98 -7.06 5.09
C ILE A 15 -2.80 -6.21 4.59
N HIS A 16 -1.82 -5.91 5.45
CA HIS A 16 -0.65 -5.12 5.10
C HIS A 16 0.13 -5.89 4.03
N GLU A 17 0.45 -7.14 4.32
CA GLU A 17 1.17 -8.08 3.50
C GLU A 17 0.45 -8.28 2.18
N PHE A 18 -0.89 -8.32 2.19
CA PHE A 18 -1.71 -8.31 0.99
C PHE A 18 -1.30 -7.16 0.10
N GLY A 19 -1.16 -5.96 0.68
CA GLY A 19 -0.61 -4.81 -0.02
C GLY A 19 0.69 -5.15 -0.75
N HIS A 20 1.66 -5.80 -0.09
CA HIS A 20 2.87 -6.20 -0.80
C HIS A 20 2.55 -7.16 -1.95
N ALA A 21 1.71 -8.17 -1.74
CA ALA A 21 1.38 -9.12 -2.79
C ALA A 21 0.70 -8.42 -3.98
N VAL A 22 0.05 -7.27 -3.73
CA VAL A 22 -0.51 -6.48 -4.82
C VAL A 22 0.58 -5.66 -5.52
N ASP A 23 1.57 -5.19 -4.76
CA ASP A 23 2.79 -4.56 -5.29
C ASP A 23 3.45 -5.50 -6.28
N ASP A 24 3.35 -6.80 -6.03
CA ASP A 24 3.98 -7.83 -6.85
C ASP A 24 3.43 -7.74 -8.27
N TYR A 25 2.11 -7.79 -8.40
CA TYR A 25 1.44 -7.73 -9.69
C TYR A 25 1.85 -6.47 -10.43
N ALA A 26 1.77 -5.32 -9.76
CA ALA A 26 2.13 -4.07 -10.39
C ALA A 26 3.57 -4.12 -10.92
N GLY A 27 4.49 -4.75 -10.18
CA GLY A 27 5.91 -4.83 -10.54
C GLY A 27 6.20 -5.90 -11.57
N TYR A 28 5.33 -6.90 -11.70
CA TYR A 28 5.53 -7.96 -12.66
C TYR A 28 5.18 -7.43 -14.04
N LEU A 29 4.03 -6.74 -14.12
CA LEU A 29 3.52 -6.15 -15.34
C LEU A 29 4.32 -4.93 -15.74
N LEU A 30 4.72 -4.09 -14.77
CA LEU A 30 5.31 -2.79 -15.05
C LEU A 30 6.73 -2.82 -14.50
N ASP A 31 7.73 -2.54 -15.35
CA ASP A 31 9.16 -2.62 -15.00
C ASP A 31 9.53 -4.03 -14.52
N LYS A 32 9.27 -5.04 -15.36
CA LYS A 32 9.34 -6.46 -15.00
C LYS A 32 10.65 -6.79 -14.29
N ASN A 33 10.61 -6.93 -12.97
CA ASN A 33 11.76 -7.23 -12.13
C ASN A 33 11.25 -8.00 -10.92
N GLN A 34 12.10 -8.76 -10.22
CA GLN A 34 11.72 -9.35 -8.96
C GLN A 34 12.04 -8.39 -7.81
N SER A 35 13.14 -7.63 -7.93
CA SER A 35 13.67 -6.83 -6.83
C SER A 35 13.40 -5.34 -7.06
N ASP A 36 12.41 -5.01 -7.89
CA ASP A 36 11.94 -3.65 -8.10
C ASP A 36 10.47 -3.81 -8.47
N LEU A 37 9.55 -3.03 -7.89
CA LEU A 37 8.13 -3.18 -8.16
C LEU A 37 7.62 -1.87 -8.80
N VAL A 38 6.36 -1.48 -8.57
CA VAL A 38 5.87 -0.22 -9.10
C VAL A 38 6.50 0.97 -8.36
N THR A 39 7.04 0.73 -7.16
CA THR A 39 7.90 1.66 -6.46
C THR A 39 8.96 2.22 -7.41
N ASN A 40 9.39 3.46 -7.21
CA ASN A 40 10.50 4.04 -7.96
C ASN A 40 10.29 3.91 -9.47
N SER A 41 9.08 4.24 -9.94
CA SER A 41 8.72 4.11 -11.34
C SER A 41 9.73 4.82 -12.24
N LYS A 42 10.72 4.10 -12.80
CA LYS A 42 11.90 4.67 -13.45
C LYS A 42 12.31 6.03 -12.84
N LYS A 43 12.80 6.01 -11.60
CA LYS A 43 13.29 7.22 -10.92
C LYS A 43 12.19 8.29 -10.83
N PHE A 44 10.94 7.88 -10.67
CA PHE A 44 9.89 8.77 -10.20
C PHE A 44 10.10 9.00 -8.72
N ILE A 45 9.76 8.01 -7.87
CA ILE A 45 9.57 8.20 -6.43
C ILE A 45 8.95 9.58 -6.11
N ASP A 46 7.62 9.72 -6.23
CA ASP A 46 6.95 11.02 -6.06
C ASP A 46 5.89 10.94 -4.97
N ILE A 47 4.90 10.07 -5.17
CA ILE A 47 3.85 9.75 -4.21
C ILE A 47 4.49 9.51 -2.83
N PHE A 48 5.49 8.64 -2.78
CA PHE A 48 6.22 8.32 -1.56
C PHE A 48 6.98 9.50 -0.99
N LYS A 49 7.42 10.47 -1.79
CA LYS A 49 8.19 11.55 -1.20
C LYS A 49 7.31 12.42 -0.31
N GLU A 50 6.16 12.82 -0.82
CA GLU A 50 5.30 13.75 -0.10
C GLU A 50 4.43 12.97 0.88
N GLU A 51 3.63 12.02 0.38
CA GLU A 51 2.68 11.30 1.22
C GLU A 51 3.41 10.28 2.10
N GLY A 52 4.52 9.71 1.60
CA GLY A 52 5.39 8.81 2.34
C GLY A 52 6.24 9.50 3.42
N SER A 53 5.64 10.41 4.19
CA SER A 53 6.07 10.73 5.53
C SER A 53 4.88 11.29 6.30
N ASN A 54 3.67 10.79 6.05
CA ASN A 54 2.45 11.47 6.48
C ASN A 54 1.38 10.49 6.96
N LEU A 55 1.22 9.36 6.28
CA LEU A 55 0.25 8.35 6.70
C LEU A 55 0.63 7.76 8.06
N THR A 56 1.93 7.56 8.28
CA THR A 56 2.51 6.93 9.45
C THR A 56 4.02 6.87 9.25
N SER A 57 4.78 6.47 10.28
CA SER A 57 6.18 6.13 10.16
C SER A 57 6.37 4.98 9.18
N TYR A 58 5.39 4.06 9.09
CA TYR A 58 5.42 2.97 8.12
C TYR A 58 5.31 3.49 6.69
N GLY A 59 4.81 4.71 6.53
CA GLY A 59 4.73 5.36 5.25
C GLY A 59 6.06 6.00 4.89
N ARG A 60 7.03 6.05 5.80
CA ARG A 60 8.31 6.72 5.56
C ARG A 60 9.46 5.74 5.46
N THR A 61 9.28 4.52 5.95
CA THR A 61 10.18 3.40 5.73
C THR A 61 10.20 3.06 4.22
N ASN A 62 10.69 1.87 3.83
CA ASN A 62 10.84 1.57 2.41
C ASN A 62 9.53 1.81 1.66
N GLU A 63 9.61 2.20 0.40
CA GLU A 63 8.45 2.55 -0.42
C GLU A 63 7.49 1.36 -0.55
N ALA A 64 8.01 0.13 -0.44
CA ALA A 64 7.20 -1.08 -0.37
C ALA A 64 6.31 -1.11 0.87
N GLU A 65 6.81 -0.66 2.02
CA GLU A 65 6.02 -0.59 3.23
C GLU A 65 4.94 0.47 3.11
N PHE A 66 5.29 1.64 2.59
CA PHE A 66 4.38 2.73 2.27
C PHE A 66 3.23 2.24 1.38
N PHE A 67 3.54 1.47 0.34
CA PHE A 67 2.51 0.91 -0.54
C PHE A 67 1.63 -0.06 0.25
N ALA A 68 2.25 -0.97 0.99
CA ALA A 68 1.56 -2.02 1.70
C ALA A 68 0.62 -1.50 2.80
N GLU A 69 1.04 -0.50 3.58
CA GLU A 69 0.21 0.15 4.58
C GLU A 69 -0.90 0.94 3.89
N ALA A 70 -0.62 1.56 2.73
CA ALA A 70 -1.68 2.17 1.95
C ALA A 70 -2.78 1.15 1.65
N PHE A 71 -2.45 -0.11 1.32
CA PHE A 71 -3.47 -1.15 1.18
C PHE A 71 -4.28 -1.32 2.46
N ARG A 72 -3.62 -1.47 3.61
CA ARG A 72 -4.33 -1.63 4.88
C ARG A 72 -5.35 -0.51 5.06
N LEU A 73 -4.91 0.72 4.96
CA LEU A 73 -5.69 1.91 5.22
C LEU A 73 -6.79 2.04 4.17
N MET A 74 -6.52 1.59 2.95
CA MET A 74 -7.45 1.70 1.85
C MET A 74 -8.73 0.92 2.10
N HIS A 75 -8.63 -0.26 2.71
CA HIS A 75 -9.80 -1.10 3.01
C HIS A 75 -10.36 -0.88 4.40
N SER A 76 -9.66 -0.14 5.27
CA SER A 76 -9.94 -0.05 6.70
C SER A 76 -11.44 0.00 6.95
N THR A 77 -11.84 -0.91 7.81
CA THR A 77 -13.22 -1.13 8.23
C THR A 77 -13.80 0.19 8.69
N ASP A 78 -13.01 0.93 9.45
CA ASP A 78 -13.35 2.30 9.77
C ASP A 78 -13.21 3.15 8.51
N HIS A 79 -14.33 3.68 8.03
CA HIS A 79 -14.32 4.60 6.90
C HIS A 79 -13.45 5.82 7.22
N ALA A 80 -13.39 6.25 8.48
CA ALA A 80 -12.57 7.40 8.82
C ALA A 80 -11.11 7.12 8.52
N GLU A 81 -10.55 6.00 8.99
CA GLU A 81 -9.19 5.56 8.71
C GLU A 81 -8.84 5.79 7.24
N ARG A 82 -9.78 5.39 6.37
CA ARG A 82 -9.55 5.53 4.95
C ARG A 82 -9.43 6.99 4.57
N LEU A 83 -10.41 7.80 4.97
CA LEU A 83 -10.36 9.23 4.71
C LEU A 83 -9.20 9.92 5.40
N LYS A 84 -8.60 9.38 6.47
CA LYS A 84 -7.37 9.98 6.98
C LYS A 84 -6.31 9.85 5.90
N VAL A 85 -6.20 8.68 5.26
CA VAL A 85 -5.26 8.53 4.15
C VAL A 85 -5.64 9.46 3.03
N GLN A 86 -6.84 9.33 2.44
CA GLN A 86 -7.19 10.12 1.26
C GLN A 86 -6.94 11.62 1.51
N LYS A 87 -7.39 12.14 2.64
CA LYS A 87 -7.16 13.51 3.04
C LYS A 87 -5.67 13.85 3.11
N ASN A 88 -4.88 12.99 3.75
CA ASN A 88 -3.45 13.21 3.94
C ASN A 88 -2.66 12.86 2.68
N ALA A 89 -3.31 12.25 1.67
CA ALA A 89 -2.70 11.62 0.53
C ALA A 89 -3.74 11.36 -0.56
N PRO A 90 -4.20 12.41 -1.26
CA PRO A 90 -5.26 12.30 -2.25
C PRO A 90 -4.81 11.62 -3.55
N LYS A 91 -3.60 11.06 -3.57
CA LYS A 91 -2.99 10.43 -4.73
C LYS A 91 -2.63 8.98 -4.39
N THR A 92 -1.98 8.73 -3.25
CA THR A 92 -1.62 7.40 -2.79
C THR A 92 -2.84 6.50 -2.73
N PHE A 93 -3.94 6.98 -2.15
CA PHE A 93 -5.17 6.19 -2.09
C PHE A 93 -5.65 5.86 -3.47
N GLN A 94 -5.68 6.87 -4.32
CA GLN A 94 -6.13 6.71 -5.68
C GLN A 94 -5.28 5.64 -6.37
N PHE A 95 -4.00 5.53 -6.02
CA PHE A 95 -3.05 4.62 -6.63
C PHE A 95 -3.49 3.17 -6.40
N ILE A 96 -3.62 2.80 -5.12
CA ILE A 96 -4.13 1.49 -4.72
C ILE A 96 -5.45 1.21 -5.42
N ASN A 97 -6.36 2.18 -5.42
CA ASN A 97 -7.68 2.01 -5.99
C ASN A 97 -7.63 1.77 -7.51
N ASP A 98 -6.65 2.36 -8.19
CA ASP A 98 -6.40 2.18 -9.61
C ASP A 98 -6.04 0.72 -9.86
N GLN A 99 -5.17 0.18 -9.01
CA GLN A 99 -4.74 -1.21 -9.08
C GLN A 99 -5.78 -2.13 -8.41
N ILE A 100 -7.01 -2.11 -8.91
CA ILE A 100 -8.12 -2.91 -8.40
C ILE A 100 -7.96 -4.38 -8.86
N LYS A 101 -6.99 -5.10 -8.28
CA LYS A 101 -6.79 -6.52 -8.55
C LYS A 101 -5.79 -7.08 -7.53
N PHE A 102 -5.43 -8.35 -7.68
CA PHE A 102 -4.46 -9.01 -6.81
C PHE A 102 -3.72 -10.05 -7.63
N ILE A 103 -2.52 -10.45 -7.19
CA ILE A 103 -1.78 -11.54 -7.82
C ILE A 103 -2.53 -12.86 -7.54
N ILE A 104 -2.90 -13.10 -6.28
CA ILE A 104 -3.64 -14.27 -5.86
C ILE A 104 -4.40 -13.91 -4.58
N ASN A 105 -5.22 -14.82 -4.07
CA ASN A 105 -6.03 -14.64 -2.89
C ASN A 105 -6.06 -15.94 -2.10
N SER A 106 -6.67 -15.92 -0.91
CA SER A 106 -6.91 -17.11 -0.13
C SER A 106 -8.28 -17.67 -0.51
N GLY A 1 -15.46 -15.45 14.90
CA GLY A 1 -15.55 -14.70 13.64
C GLY A 1 -15.79 -13.23 13.96
N SER A 2 -15.28 -12.35 13.09
CA SER A 2 -15.64 -10.96 12.88
C SER A 2 -16.37 -10.26 14.04
N LYS A 3 -15.65 -9.45 14.82
CA LYS A 3 -16.26 -8.62 15.86
C LYS A 3 -15.44 -7.32 15.96
N GLY A 4 -16.09 -6.16 15.94
CA GLY A 4 -15.41 -4.89 16.08
C GLY A 4 -14.44 -4.62 14.95
N VAL A 5 -13.38 -3.87 15.24
CA VAL A 5 -12.28 -3.63 14.33
C VAL A 5 -11.34 -4.84 14.37
N GLU A 6 -10.06 -4.65 14.05
CA GLU A 6 -9.08 -5.72 14.14
C GLU A 6 -8.24 -5.56 15.40
N LEU A 7 -8.45 -6.45 16.37
CA LEU A 7 -7.76 -6.42 17.65
C LEU A 7 -6.59 -7.42 17.63
N ARG A 8 -5.97 -7.60 16.47
CA ARG A 8 -4.93 -8.58 16.25
C ARG A 8 -3.97 -8.01 15.23
N ASN A 9 -2.75 -7.65 15.66
CA ASN A 9 -1.66 -7.26 14.77
C ASN A 9 -1.42 -8.31 13.68
N ASP A 10 -1.70 -9.56 14.02
CA ASP A 10 -1.69 -10.70 13.13
C ASP A 10 -2.61 -10.46 11.92
N SER A 11 -3.89 -10.17 12.15
CA SER A 11 -4.83 -9.90 11.08
C SER A 11 -4.50 -8.57 10.38
N GLU A 12 -4.33 -7.53 11.17
CA GLU A 12 -4.16 -6.15 10.75
C GLU A 12 -2.82 -5.98 10.02
N GLY A 13 -1.89 -6.89 10.28
CA GLY A 13 -0.59 -7.00 9.64
C GLY A 13 -0.67 -7.86 8.39
N PHE A 14 -1.46 -8.93 8.40
CA PHE A 14 -1.62 -9.83 7.27
C PHE A 14 -1.95 -9.03 6.02
N ILE A 15 -2.95 -8.15 6.13
CA ILE A 15 -3.36 -7.31 5.01
C ILE A 15 -2.25 -6.35 4.56
N HIS A 16 -1.40 -5.87 5.48
CA HIS A 16 -0.30 -4.98 5.12
C HIS A 16 0.61 -5.79 4.18
N GLU A 17 1.02 -6.98 4.60
CA GLU A 17 1.83 -7.87 3.77
C GLU A 17 1.13 -8.17 2.44
N PHE A 18 -0.18 -8.32 2.43
CA PHE A 18 -0.96 -8.52 1.22
C PHE A 18 -0.72 -7.37 0.23
N GLY A 19 -0.67 -6.13 0.72
CA GLY A 19 -0.30 -4.99 -0.10
C GLY A 19 1.03 -5.23 -0.80
N HIS A 20 2.04 -5.74 -0.10
CA HIS A 20 3.31 -6.07 -0.73
C HIS A 20 3.11 -7.12 -1.84
N ALA A 21 2.40 -8.21 -1.55
CA ALA A 21 2.18 -9.25 -2.53
C ALA A 21 1.47 -8.69 -3.78
N VAL A 22 0.66 -7.64 -3.62
CA VAL A 22 0.03 -7.03 -4.79
C VAL A 22 1.07 -6.36 -5.68
N ASP A 23 2.04 -5.66 -5.10
CA ASP A 23 3.12 -5.06 -5.87
C ASP A 23 3.94 -6.13 -6.60
N ASP A 24 3.90 -7.38 -6.12
CA ASP A 24 4.69 -8.47 -6.66
C ASP A 24 4.16 -8.86 -8.03
N TYR A 25 2.84 -9.08 -8.10
CA TYR A 25 2.15 -9.36 -9.35
C TYR A 25 2.46 -8.24 -10.35
N ALA A 26 2.24 -7.00 -9.92
CA ALA A 26 2.52 -5.85 -10.76
C ALA A 26 3.99 -5.77 -11.18
N GLY A 27 4.91 -6.29 -10.36
CA GLY A 27 6.33 -6.32 -10.65
C GLY A 27 6.62 -7.23 -11.84
N TYR A 28 5.89 -8.34 -11.97
CA TYR A 28 6.15 -9.28 -13.05
C TYR A 28 5.53 -8.78 -14.36
N LEU A 29 4.30 -8.26 -14.28
CA LEU A 29 3.52 -7.89 -15.44
C LEU A 29 3.91 -6.52 -16.00
N LEU A 30 4.32 -5.61 -15.13
CA LEU A 30 4.57 -4.23 -15.53
C LEU A 30 6.08 -4.01 -15.42
N ASP A 31 6.53 -2.89 -14.83
CA ASP A 31 7.91 -2.58 -14.43
C ASP A 31 9.01 -3.43 -15.07
N LYS A 32 9.57 -2.93 -16.19
CA LYS A 32 10.60 -3.63 -16.93
C LYS A 32 11.86 -3.89 -16.10
N ASN A 33 12.73 -4.75 -16.62
CA ASN A 33 13.98 -5.17 -15.99
C ASN A 33 14.80 -3.98 -15.48
N GLN A 34 15.50 -4.17 -14.36
CA GLN A 34 16.08 -3.15 -13.50
C GLN A 34 15.01 -2.31 -12.80
N SER A 35 13.82 -2.87 -12.64
CA SER A 35 12.88 -2.53 -11.59
C SER A 35 12.37 -3.87 -11.07
N ASP A 36 11.92 -3.94 -9.81
CA ASP A 36 11.42 -5.17 -9.24
C ASP A 36 10.38 -4.79 -8.20
N LEU A 37 9.19 -5.41 -8.29
CA LEU A 37 7.93 -4.89 -7.76
C LEU A 37 7.57 -3.55 -8.42
N VAL A 38 6.29 -3.26 -8.60
CA VAL A 38 5.94 -1.92 -9.11
C VAL A 38 6.20 -0.92 -7.99
N THR A 39 6.94 0.16 -8.26
CA THR A 39 7.10 1.21 -7.25
C THR A 39 6.91 2.57 -7.92
N ASN A 40 5.79 3.24 -7.62
CA ASN A 40 5.38 4.54 -8.11
C ASN A 40 5.72 4.84 -9.57
N SER A 41 5.38 3.92 -10.49
CA SER A 41 5.68 4.09 -11.90
C SER A 41 5.10 5.40 -12.46
N LYS A 42 3.81 5.68 -12.22
CA LYS A 42 3.19 6.88 -12.79
C LYS A 42 3.76 8.18 -12.21
N LYS A 43 4.39 8.12 -11.04
CA LYS A 43 4.87 9.31 -10.35
C LYS A 43 6.18 8.93 -9.70
N PHE A 44 7.20 8.76 -10.56
CA PHE A 44 8.52 8.24 -10.21
C PHE A 44 8.97 8.75 -8.85
N ILE A 45 8.85 7.89 -7.84
CA ILE A 45 9.20 8.15 -6.45
C ILE A 45 8.88 9.60 -6.03
N ASP A 46 7.61 9.99 -6.18
CA ASP A 46 7.09 11.34 -5.92
C ASP A 46 6.04 11.29 -4.81
N ILE A 47 4.99 10.49 -5.02
CA ILE A 47 3.91 10.29 -4.05
C ILE A 47 4.52 9.94 -2.69
N PHE A 48 5.37 8.92 -2.67
CA PHE A 48 6.06 8.48 -1.47
C PHE A 48 6.94 9.57 -0.86
N LYS A 49 7.51 10.48 -1.65
CA LYS A 49 8.35 11.50 -1.02
C LYS A 49 7.52 12.38 -0.11
N GLU A 50 6.41 12.90 -0.62
CA GLU A 50 5.61 13.84 0.14
C GLU A 50 4.74 13.04 1.12
N GLU A 51 3.82 12.25 0.58
CA GLU A 51 2.74 11.63 1.33
C GLU A 51 3.29 10.50 2.20
N GLY A 52 4.38 9.86 1.75
CA GLY A 52 5.18 8.94 2.51
C GLY A 52 5.98 9.59 3.63
N SER A 53 5.38 10.51 4.37
CA SER A 53 5.86 10.88 5.69
C SER A 53 4.70 11.24 6.62
N ASN A 54 3.49 10.76 6.32
CA ASN A 54 2.28 11.29 6.94
C ASN A 54 1.33 10.18 7.37
N LEU A 55 1.13 9.18 6.51
CA LEU A 55 0.17 8.12 6.80
C LEU A 55 0.50 7.40 8.10
N THR A 56 1.80 7.19 8.33
CA THR A 56 2.34 6.50 9.49
C THR A 56 3.87 6.46 9.32
N SER A 57 4.59 6.00 10.34
CA SER A 57 6.00 5.65 10.22
C SER A 57 6.18 4.58 9.14
N TYR A 58 5.22 3.65 9.00
CA TYR A 58 5.27 2.66 7.94
C TYR A 58 5.15 3.29 6.55
N GLY A 59 4.61 4.51 6.49
CA GLY A 59 4.50 5.26 5.26
C GLY A 59 5.81 5.96 4.94
N ARG A 60 6.75 6.02 5.87
CA ARG A 60 8.04 6.68 5.67
C ARG A 60 9.20 5.69 5.62
N THR A 61 8.96 4.43 5.98
CA THR A 61 9.87 3.33 5.74
C THR A 61 10.03 3.10 4.21
N ASN A 62 10.51 1.93 3.78
CA ASN A 62 10.73 1.66 2.37
C ASN A 62 9.47 1.96 1.55
N GLU A 63 9.59 2.32 0.27
CA GLU A 63 8.42 2.69 -0.51
C GLU A 63 7.44 1.51 -0.58
N ALA A 64 7.95 0.29 -0.66
CA ALA A 64 7.11 -0.91 -0.65
C ALA A 64 6.19 -0.98 0.55
N GLU A 65 6.62 -0.41 1.67
CA GLU A 65 5.85 -0.42 2.90
C GLU A 65 4.81 0.68 2.87
N PHE A 66 5.17 1.85 2.34
CA PHE A 66 4.24 2.94 2.07
C PHE A 66 3.08 2.47 1.19
N PHE A 67 3.35 1.76 0.11
CA PHE A 67 2.29 1.21 -0.73
C PHE A 67 1.49 0.17 0.06
N ALA A 68 2.18 -0.76 0.73
CA ALA A 68 1.56 -1.87 1.43
C ALA A 68 0.57 -1.43 2.52
N GLU A 69 1.02 -0.61 3.46
CA GLU A 69 0.17 0.03 4.46
C GLU A 69 -0.94 0.84 3.79
N ALA A 70 -0.68 1.53 2.68
CA ALA A 70 -1.76 2.22 1.98
C ALA A 70 -2.83 1.22 1.52
N PHE A 71 -2.46 -0.01 1.16
CA PHE A 71 -3.41 -1.10 0.94
C PHE A 71 -4.24 -1.40 2.18
N ARG A 72 -3.62 -1.57 3.36
CA ARG A 72 -4.37 -1.74 4.61
C ARG A 72 -5.42 -0.63 4.77
N LEU A 73 -4.94 0.61 4.85
CA LEU A 73 -5.73 1.80 5.20
C LEU A 73 -6.82 2.03 4.18
N MET A 74 -6.54 1.96 2.88
CA MET A 74 -7.56 2.19 1.87
C MET A 74 -8.66 1.13 1.93
N HIS A 75 -8.38 -0.08 2.43
CA HIS A 75 -9.43 -1.08 2.62
C HIS A 75 -10.05 -1.02 4.00
N SER A 76 -9.47 -0.29 4.96
CA SER A 76 -9.83 -0.37 6.36
C SER A 76 -11.33 -0.27 6.48
N THR A 77 -11.91 -1.28 7.11
CA THR A 77 -13.32 -1.37 7.39
C THR A 77 -13.79 -0.10 8.08
N ASP A 78 -12.95 0.41 8.98
CA ASP A 78 -13.15 1.75 9.50
C ASP A 78 -13.00 2.77 8.36
N HIS A 79 -14.13 3.30 7.89
CA HIS A 79 -14.15 4.37 6.90
C HIS A 79 -13.23 5.53 7.28
N ALA A 80 -13.13 5.83 8.57
CA ALA A 80 -12.32 6.94 9.03
C ALA A 80 -10.85 6.72 8.65
N GLU A 81 -10.26 5.57 8.95
CA GLU A 81 -8.88 5.26 8.59
C GLU A 81 -8.65 5.53 7.10
N ARG A 82 -9.63 5.18 6.28
CA ARG A 82 -9.46 5.39 4.85
C ARG A 82 -9.31 6.87 4.58
N LEU A 83 -10.26 7.67 5.07
CA LEU A 83 -10.21 9.11 4.90
C LEU A 83 -9.03 9.73 5.63
N LYS A 84 -8.40 9.07 6.61
CA LYS A 84 -7.15 9.59 7.13
C LYS A 84 -6.11 9.53 6.04
N VAL A 85 -6.02 8.42 5.29
CA VAL A 85 -5.17 8.40 4.11
C VAL A 85 -5.60 9.49 3.14
N GLN A 86 -6.83 9.47 2.64
CA GLN A 86 -7.20 10.37 1.55
C GLN A 86 -6.96 11.83 1.91
N LYS A 87 -7.37 12.25 3.11
CA LYS A 87 -7.16 13.60 3.60
C LYS A 87 -5.67 13.90 3.63
N ASN A 88 -4.89 13.04 4.27
CA ASN A 88 -3.47 13.27 4.49
C ASN A 88 -2.67 13.00 3.22
N ALA A 89 -3.30 12.47 2.17
CA ALA A 89 -2.67 12.00 0.95
C ALA A 89 -3.69 11.83 -0.17
N PRO A 90 -4.19 12.94 -0.75
CA PRO A 90 -5.27 12.90 -1.74
C PRO A 90 -4.81 12.40 -3.12
N LYS A 91 -3.65 11.75 -3.20
CA LYS A 91 -3.04 11.25 -4.43
C LYS A 91 -2.57 9.82 -4.21
N THR A 92 -1.97 9.50 -3.07
CA THR A 92 -1.64 8.11 -2.72
C THR A 92 -2.90 7.25 -2.78
N PHE A 93 -3.99 7.71 -2.17
CA PHE A 93 -5.23 6.94 -2.21
C PHE A 93 -5.66 6.71 -3.63
N GLN A 94 -5.64 7.79 -4.41
CA GLN A 94 -5.99 7.69 -5.81
C GLN A 94 -5.15 6.62 -6.50
N PHE A 95 -3.87 6.48 -6.14
CA PHE A 95 -2.95 5.57 -6.81
C PHE A 95 -3.47 4.14 -6.69
N ILE A 96 -3.67 3.66 -5.46
CA ILE A 96 -4.22 2.33 -5.25
C ILE A 96 -5.60 2.24 -5.87
N ASN A 97 -6.42 3.29 -5.78
CA ASN A 97 -7.80 3.25 -6.24
C ASN A 97 -7.86 3.00 -7.75
N ASP A 98 -6.90 3.54 -8.49
CA ASP A 98 -6.70 3.35 -9.93
C ASP A 98 -6.54 1.85 -10.19
N GLN A 99 -5.62 1.24 -9.46
CA GLN A 99 -5.39 -0.19 -9.57
C GLN A 99 -6.45 -0.95 -8.78
N ILE A 100 -7.58 -1.21 -9.44
CA ILE A 100 -8.70 -1.96 -8.87
C ILE A 100 -8.20 -3.16 -8.05
N LYS A 101 -8.52 -3.18 -6.76
CA LYS A 101 -8.02 -4.20 -5.83
C LYS A 101 -8.83 -5.50 -5.96
N PHE A 102 -8.84 -6.10 -7.14
CA PHE A 102 -9.55 -7.32 -7.47
C PHE A 102 -8.66 -8.13 -8.41
N ILE A 103 -7.36 -8.21 -8.08
CA ILE A 103 -6.45 -9.08 -8.81
C ILE A 103 -6.87 -10.53 -8.55
N ILE A 104 -6.62 -11.42 -9.51
CA ILE A 104 -7.02 -12.82 -9.45
C ILE A 104 -5.76 -13.65 -9.71
N ASN A 105 -5.76 -14.91 -9.30
CA ASN A 105 -4.62 -15.80 -9.43
C ASN A 105 -5.07 -17.05 -10.19
N SER A 106 -4.11 -17.81 -10.70
CA SER A 106 -4.33 -18.77 -11.77
C SER A 106 -4.89 -18.03 -12.99
N GLY A 1 2.11 -19.83 3.26
CA GLY A 1 2.71 -18.53 3.55
C GLY A 1 2.83 -18.40 5.06
N SER A 2 2.26 -17.35 5.62
CA SER A 2 2.26 -17.08 7.06
C SER A 2 1.47 -18.15 7.82
N LYS A 3 1.65 -18.24 9.14
CA LYS A 3 0.90 -19.19 9.97
C LYS A 3 0.95 -18.71 11.41
N GLY A 4 -0.11 -18.97 12.18
CA GLY A 4 -0.28 -18.49 13.54
C GLY A 4 -1.75 -18.46 13.88
N VAL A 5 -2.11 -17.91 15.03
CA VAL A 5 -3.43 -17.42 15.29
C VAL A 5 -3.42 -15.91 15.05
N GLU A 6 -4.37 -15.17 15.61
CA GLU A 6 -4.41 -13.73 15.49
C GLU A 6 -3.84 -13.07 16.76
N LEU A 7 -2.78 -12.29 16.58
CA LEU A 7 -2.09 -11.59 17.66
C LEU A 7 -2.29 -10.09 17.52
N ARG A 8 -3.43 -9.65 16.96
CA ARG A 8 -3.73 -8.28 16.61
C ARG A 8 -2.85 -7.82 15.44
N ASN A 9 -1.54 -7.68 15.68
CA ASN A 9 -0.54 -7.41 14.64
C ASN A 9 -0.64 -8.36 13.47
N ASP A 10 -1.01 -9.61 13.69
CA ASP A 10 -1.16 -10.54 12.58
C ASP A 10 -2.34 -10.15 11.70
N SER A 11 -3.47 -9.73 12.28
CA SER A 11 -4.61 -9.27 11.50
C SER A 11 -4.25 -8.03 10.68
N GLU A 12 -3.80 -6.96 11.34
CA GLU A 12 -3.52 -5.71 10.65
C GLU A 12 -2.27 -5.88 9.77
N GLY A 13 -1.42 -6.85 10.08
CA GLY A 13 -0.24 -7.19 9.29
C GLY A 13 -0.60 -7.96 8.03
N PHE A 14 -1.56 -8.88 8.08
CA PHE A 14 -1.93 -9.75 6.98
C PHE A 14 -2.32 -8.91 5.77
N ILE A 15 -3.23 -7.97 5.98
CA ILE A 15 -3.70 -7.09 4.93
C ILE A 15 -2.56 -6.21 4.38
N HIS A 16 -1.62 -5.79 5.24
CA HIS A 16 -0.46 -5.00 4.81
C HIS A 16 0.29 -5.86 3.79
N GLU A 17 0.64 -7.09 4.17
CA GLU A 17 1.33 -8.06 3.32
C GLU A 17 0.59 -8.20 1.99
N PHE A 18 -0.75 -8.31 2.02
CA PHE A 18 -1.59 -8.41 0.83
C PHE A 18 -1.31 -7.27 -0.13
N GLY A 19 -1.44 -6.02 0.32
CA GLY A 19 -1.10 -4.87 -0.50
C GLY A 19 0.26 -5.05 -1.15
N HIS A 20 1.24 -5.48 -0.35
CA HIS A 20 2.59 -5.70 -0.85
C HIS A 20 2.64 -6.74 -1.95
N ALA A 21 1.97 -7.87 -1.77
CA ALA A 21 1.97 -8.93 -2.75
C ALA A 21 1.38 -8.41 -4.06
N VAL A 22 0.44 -7.47 -3.99
CA VAL A 22 -0.07 -6.90 -5.23
C VAL A 22 1.01 -6.09 -5.95
N ASP A 23 1.80 -5.31 -5.22
CA ASP A 23 2.94 -4.57 -5.80
C ASP A 23 3.93 -5.53 -6.47
N ASP A 24 3.98 -6.75 -5.95
CA ASP A 24 4.92 -7.76 -6.37
C ASP A 24 4.49 -8.30 -7.73
N TYR A 25 3.23 -8.70 -7.81
CA TYR A 25 2.62 -9.26 -9.00
C TYR A 25 2.68 -8.24 -10.13
N ALA A 26 2.30 -7.00 -9.82
CA ALA A 26 2.34 -5.92 -10.77
C ALA A 26 3.77 -5.66 -11.25
N GLY A 27 4.80 -5.90 -10.44
CA GLY A 27 6.18 -5.68 -10.84
C GLY A 27 6.80 -6.91 -11.52
N TYR A 28 6.06 -8.02 -11.57
CA TYR A 28 6.47 -9.20 -12.31
C TYR A 28 5.94 -9.10 -13.74
N LEU A 29 4.64 -8.80 -13.85
CA LEU A 29 3.91 -8.71 -15.10
C LEU A 29 4.16 -7.39 -15.81
N LEU A 30 4.24 -6.31 -15.05
CA LEU A 30 4.44 -4.98 -15.57
C LEU A 30 5.79 -4.49 -15.05
N ASP A 31 6.24 -3.34 -15.51
CA ASP A 31 7.54 -2.75 -15.17
C ASP A 31 8.71 -3.67 -15.51
N LYS A 32 9.35 -3.44 -16.66
CA LYS A 32 10.43 -4.31 -17.12
C LYS A 32 11.65 -4.18 -16.20
N ASN A 33 12.61 -5.09 -16.35
CA ASN A 33 13.70 -5.33 -15.40
C ASN A 33 14.54 -4.07 -15.15
N GLN A 34 14.14 -3.25 -14.18
CA GLN A 34 14.75 -1.97 -13.88
C GLN A 34 14.62 -1.66 -12.39
N SER A 35 13.42 -1.82 -11.84
CA SER A 35 13.22 -1.83 -10.39
C SER A 35 12.45 -3.10 -10.08
N ASP A 36 12.54 -3.56 -8.83
CA ASP A 36 11.76 -4.69 -8.38
C ASP A 36 10.47 -4.13 -7.77
N LEU A 37 9.35 -4.84 -7.97
CA LEU A 37 7.99 -4.37 -7.70
C LEU A 37 7.62 -3.17 -8.59
N VAL A 38 6.33 -2.97 -8.91
CA VAL A 38 5.97 -1.92 -9.87
C VAL A 38 6.30 -0.54 -9.27
N THR A 39 5.94 -0.33 -8.01
CA THR A 39 6.16 0.90 -7.26
C THR A 39 5.78 2.14 -8.07
N ASN A 40 6.48 3.27 -7.90
CA ASN A 40 6.14 4.50 -8.60
C ASN A 40 7.06 4.71 -9.79
N SER A 41 6.81 3.97 -10.87
CA SER A 41 7.64 4.04 -12.07
C SER A 41 7.46 5.37 -12.79
N LYS A 42 6.21 5.80 -13.04
CA LYS A 42 5.94 7.02 -13.80
C LYS A 42 6.58 8.27 -13.19
N LYS A 43 6.67 8.36 -11.86
CA LYS A 43 7.21 9.54 -11.20
C LYS A 43 8.16 9.02 -10.13
N PHE A 44 9.45 9.00 -10.46
CA PHE A 44 10.51 8.33 -9.71
C PHE A 44 10.43 8.68 -8.23
N ILE A 45 9.77 7.83 -7.45
CA ILE A 45 9.43 8.03 -6.04
C ILE A 45 9.01 9.47 -5.73
N ASP A 46 7.75 9.81 -6.05
CA ASP A 46 7.22 11.17 -5.93
C ASP A 46 6.09 11.21 -4.90
N ILE A 47 5.04 10.42 -5.12
CA ILE A 47 3.94 10.21 -4.18
C ILE A 47 4.50 9.82 -2.81
N PHE A 48 5.32 8.77 -2.76
CA PHE A 48 5.98 8.37 -1.54
C PHE A 48 6.82 9.48 -0.93
N LYS A 49 7.36 10.41 -1.72
CA LYS A 49 8.19 11.44 -1.15
C LYS A 49 7.36 12.40 -0.29
N GLU A 50 6.23 12.85 -0.81
CA GLU A 50 5.39 13.77 -0.06
C GLU A 50 4.50 12.99 0.89
N GLU A 51 3.58 12.18 0.34
CA GLU A 51 2.56 11.51 1.14
C GLU A 51 3.18 10.43 2.02
N GLY A 52 4.25 9.77 1.56
CA GLY A 52 5.05 8.83 2.32
C GLY A 52 5.91 9.48 3.39
N SER A 53 5.37 10.45 4.12
CA SER A 53 5.87 10.87 5.41
C SER A 53 4.70 11.31 6.29
N ASN A 54 3.48 10.82 6.04
CA ASN A 54 2.29 11.37 6.69
C ASN A 54 1.29 10.31 7.14
N LEU A 55 1.22 9.15 6.47
CA LEU A 55 0.28 8.12 6.86
C LEU A 55 0.65 7.52 8.21
N THR A 56 1.95 7.32 8.43
CA THR A 56 2.52 6.64 9.57
C THR A 56 4.04 6.60 9.35
N SER A 57 4.81 6.29 10.40
CA SER A 57 6.23 6.02 10.27
C SER A 57 6.47 4.82 9.35
N TYR A 58 5.58 3.83 9.37
CA TYR A 58 5.66 2.67 8.47
C TYR A 58 5.32 3.04 7.03
N GLY A 59 4.88 4.28 6.80
CA GLY A 59 4.65 4.84 5.48
C GLY A 59 5.80 5.76 5.07
N ARG A 60 6.85 5.86 5.87
CA ARG A 60 8.05 6.66 5.59
C ARG A 60 9.27 5.77 5.40
N THR A 61 9.20 4.53 5.88
CA THR A 61 10.15 3.46 5.60
C THR A 61 10.17 3.16 4.09
N ASN A 62 10.63 1.99 3.65
CA ASN A 62 10.72 1.69 2.22
C ASN A 62 9.39 1.97 1.50
N GLU A 63 9.44 2.42 0.24
CA GLU A 63 8.24 2.70 -0.54
C GLU A 63 7.33 1.46 -0.60
N ALA A 64 7.93 0.28 -0.57
CA ALA A 64 7.22 -0.99 -0.46
C ALA A 64 6.26 -1.01 0.73
N GLU A 65 6.72 -0.55 1.90
CA GLU A 65 5.88 -0.50 3.09
C GLU A 65 4.84 0.60 2.97
N PHE A 66 5.21 1.75 2.41
CA PHE A 66 4.28 2.85 2.12
C PHE A 66 3.07 2.34 1.33
N PHE A 67 3.32 1.67 0.22
CA PHE A 67 2.28 1.15 -0.65
C PHE A 67 1.48 0.04 0.06
N ALA A 68 2.16 -0.88 0.73
CA ALA A 68 1.50 -1.99 1.42
C ALA A 68 0.53 -1.50 2.51
N GLU A 69 1.00 -0.56 3.34
CA GLU A 69 0.19 0.18 4.29
C GLU A 69 -0.94 0.87 3.57
N ALA A 70 -0.66 1.51 2.43
CA ALA A 70 -1.67 2.27 1.73
C ALA A 70 -2.87 1.37 1.43
N PHE A 71 -2.67 0.14 0.94
CA PHE A 71 -3.75 -0.83 0.78
C PHE A 71 -4.47 -1.11 2.09
N ARG A 72 -3.74 -1.42 3.16
CA ARG A 72 -4.34 -1.66 4.47
C ARG A 72 -5.37 -0.57 4.80
N LEU A 73 -4.92 0.67 4.81
CA LEU A 73 -5.72 1.85 5.13
C LEU A 73 -6.82 2.06 4.09
N MET A 74 -6.55 1.70 2.83
CA MET A 74 -7.49 1.88 1.73
C MET A 74 -8.78 1.13 2.01
N HIS A 75 -8.67 -0.06 2.59
CA HIS A 75 -9.85 -0.87 2.83
C HIS A 75 -10.43 -0.58 4.20
N SER A 76 -9.59 -0.33 5.22
CA SER A 76 -9.91 -0.20 6.64
C SER A 76 -11.39 -0.18 6.93
N THR A 77 -11.85 -1.26 7.57
CA THR A 77 -13.24 -1.50 7.90
C THR A 77 -13.87 -0.25 8.50
N ASP A 78 -13.16 0.42 9.39
CA ASP A 78 -13.57 1.76 9.73
C ASP A 78 -13.31 2.70 8.55
N HIS A 79 -14.41 3.06 7.89
CA HIS A 79 -14.44 4.10 6.88
C HIS A 79 -13.57 5.31 7.23
N ALA A 80 -13.61 5.77 8.48
CA ALA A 80 -12.94 7.00 8.85
C ALA A 80 -11.43 6.84 8.74
N GLU A 81 -10.93 5.68 9.15
CA GLU A 81 -9.54 5.28 8.99
C GLU A 81 -9.11 5.46 7.53
N ARG A 82 -9.99 5.10 6.60
CA ARG A 82 -9.67 5.32 5.19
C ARG A 82 -9.54 6.80 4.94
N LEU A 83 -10.50 7.60 5.42
CA LEU A 83 -10.42 9.06 5.35
C LEU A 83 -9.16 9.62 6.00
N LYS A 84 -8.52 8.95 6.98
CA LYS A 84 -7.24 9.44 7.46
C LYS A 84 -6.23 9.37 6.32
N VAL A 85 -6.13 8.23 5.64
CA VAL A 85 -5.28 8.16 4.45
C VAL A 85 -5.70 9.21 3.44
N GLN A 86 -6.93 9.17 2.95
CA GLN A 86 -7.37 10.00 1.84
C GLN A 86 -7.08 11.47 2.12
N LYS A 87 -7.47 11.99 3.28
CA LYS A 87 -7.23 13.38 3.60
C LYS A 87 -5.73 13.67 3.70
N ASN A 88 -4.95 12.78 4.32
CA ASN A 88 -3.53 12.99 4.52
C ASN A 88 -2.75 12.68 3.24
N ALA A 89 -3.40 12.11 2.23
CA ALA A 89 -2.74 11.57 1.05
C ALA A 89 -3.73 11.43 -0.11
N PRO A 90 -4.30 12.53 -0.58
CA PRO A 90 -5.33 12.49 -1.60
C PRO A 90 -4.81 11.81 -2.88
N LYS A 91 -3.53 12.03 -3.19
CA LYS A 91 -2.91 11.51 -4.40
C LYS A 91 -2.56 10.04 -4.25
N THR A 92 -1.99 9.63 -3.11
CA THR A 92 -1.67 8.22 -2.88
C THR A 92 -2.92 7.37 -2.98
N PHE A 93 -4.03 7.84 -2.41
CA PHE A 93 -5.27 7.10 -2.50
C PHE A 93 -5.62 6.81 -3.94
N GLN A 94 -5.61 7.86 -4.75
CA GLN A 94 -5.90 7.72 -6.16
C GLN A 94 -5.04 6.61 -6.78
N PHE A 95 -3.79 6.45 -6.34
CA PHE A 95 -2.86 5.47 -6.89
C PHE A 95 -3.45 4.05 -6.76
N ILE A 96 -3.74 3.63 -5.54
CA ILE A 96 -4.33 2.32 -5.29
C ILE A 96 -5.71 2.24 -5.94
N ASN A 97 -6.46 3.34 -5.97
CA ASN A 97 -7.79 3.37 -6.55
C ASN A 97 -7.72 3.07 -8.05
N ASP A 98 -6.61 3.43 -8.71
CA ASP A 98 -6.39 3.08 -10.11
C ASP A 98 -6.12 1.59 -10.25
N GLN A 99 -5.27 1.07 -9.36
CA GLN A 99 -4.83 -0.31 -9.40
C GLN A 99 -5.99 -1.29 -9.22
N ILE A 100 -6.78 -1.12 -8.17
CA ILE A 100 -7.84 -2.06 -7.83
C ILE A 100 -8.99 -1.83 -8.81
N LYS A 101 -9.11 -2.73 -9.79
CA LYS A 101 -9.94 -2.50 -10.97
C LYS A 101 -10.40 -3.83 -11.56
N PHE A 102 -9.47 -4.79 -11.64
CA PHE A 102 -9.74 -6.14 -12.14
C PHE A 102 -9.08 -7.16 -11.21
N ILE A 103 -7.82 -6.93 -10.84
CA ILE A 103 -7.10 -7.83 -9.94
C ILE A 103 -7.83 -7.88 -8.58
N ILE A 104 -7.97 -9.08 -8.01
CA ILE A 104 -8.58 -9.25 -6.70
C ILE A 104 -8.07 -10.56 -6.07
N ASN A 105 -8.20 -11.67 -6.78
CA ASN A 105 -7.70 -12.97 -6.36
C ASN A 105 -7.53 -13.84 -7.60
N SER A 106 -7.01 -15.05 -7.46
CA SER A 106 -7.00 -16.03 -8.55
C SER A 106 -6.85 -17.42 -7.94
N GLY A 1 -8.69 -16.45 9.61
CA GLY A 1 -8.58 -16.62 11.07
C GLY A 1 -9.94 -16.42 11.70
N SER A 2 -10.44 -17.38 12.48
CA SER A 2 -11.76 -17.27 13.08
C SER A 2 -11.81 -18.08 14.37
N LYS A 3 -11.37 -17.47 15.47
CA LYS A 3 -11.41 -18.15 16.76
C LYS A 3 -11.15 -17.17 17.92
N GLY A 4 -11.74 -15.96 17.84
CA GLY A 4 -11.47 -14.93 18.84
C GLY A 4 -9.99 -14.58 18.90
N VAL A 5 -9.34 -14.54 17.74
CA VAL A 5 -7.94 -14.21 17.69
C VAL A 5 -7.77 -12.69 17.68
N GLU A 6 -6.55 -12.20 17.43
CA GLU A 6 -6.32 -10.77 17.40
C GLU A 6 -6.70 -10.19 16.04
N LEU A 7 -7.76 -9.39 16.02
CA LEU A 7 -8.24 -8.79 14.79
C LEU A 7 -7.65 -7.40 14.67
N ARG A 8 -6.37 -7.27 15.05
CA ARG A 8 -5.64 -6.02 15.16
C ARG A 8 -4.26 -6.25 14.57
N ASN A 9 -3.30 -6.77 15.34
CA ASN A 9 -1.96 -7.03 14.82
C ASN A 9 -1.98 -8.05 13.69
N ASP A 10 -2.40 -9.28 13.92
CA ASP A 10 -2.44 -10.29 12.87
C ASP A 10 -3.20 -9.78 11.64
N SER A 11 -4.34 -9.12 11.83
CA SER A 11 -5.10 -8.55 10.74
C SER A 11 -4.30 -7.53 9.92
N GLU A 12 -3.84 -6.47 10.56
CA GLU A 12 -3.25 -5.30 9.93
C GLU A 12 -1.90 -5.66 9.31
N GLY A 13 -1.15 -6.51 9.99
CA GLY A 13 0.03 -7.17 9.46
C GLY A 13 -0.33 -7.90 8.17
N PHE A 14 -1.20 -8.90 8.24
CA PHE A 14 -1.57 -9.75 7.12
C PHE A 14 -1.96 -8.93 5.90
N ILE A 15 -2.92 -8.02 6.04
CA ILE A 15 -3.37 -7.19 4.93
C ILE A 15 -2.31 -6.20 4.46
N HIS A 16 -1.41 -5.72 5.35
CA HIS A 16 -0.33 -4.84 4.92
C HIS A 16 0.49 -5.63 3.90
N GLU A 17 0.98 -6.79 4.34
CA GLU A 17 1.76 -7.71 3.52
C GLU A 17 1.01 -8.06 2.24
N PHE A 18 -0.31 -8.26 2.31
CA PHE A 18 -1.15 -8.56 1.16
C PHE A 18 -1.04 -7.47 0.10
N GLY A 19 -1.17 -6.21 0.52
CA GLY A 19 -0.94 -5.08 -0.37
C GLY A 19 0.41 -5.22 -1.07
N HIS A 20 1.44 -5.58 -0.31
CA HIS A 20 2.77 -5.76 -0.85
C HIS A 20 2.80 -6.85 -1.91
N ALA A 21 2.22 -8.02 -1.62
CA ALA A 21 2.20 -9.13 -2.55
C ALA A 21 1.45 -8.72 -3.82
N VAL A 22 0.48 -7.82 -3.73
CA VAL A 22 -0.20 -7.36 -4.93
C VAL A 22 0.73 -6.48 -5.76
N ASP A 23 1.53 -5.64 -5.12
CA ASP A 23 2.57 -4.88 -5.79
C ASP A 23 3.56 -5.82 -6.48
N ASP A 24 3.75 -7.00 -5.88
CA ASP A 24 4.74 -7.97 -6.34
C ASP A 24 4.30 -8.48 -7.70
N TYR A 25 3.04 -8.95 -7.77
CA TYR A 25 2.45 -9.43 -9.00
C TYR A 25 2.51 -8.35 -10.07
N ALA A 26 2.08 -7.14 -9.74
CA ALA A 26 2.10 -6.05 -10.71
C ALA A 26 3.50 -5.82 -11.25
N GLY A 27 4.54 -5.91 -10.42
CA GLY A 27 5.91 -5.68 -10.87
C GLY A 27 6.39 -6.83 -11.76
N TYR A 28 6.06 -8.06 -11.39
CA TYR A 28 6.52 -9.26 -12.08
C TYR A 28 5.99 -9.24 -13.52
N LEU A 29 4.70 -8.94 -13.68
CA LEU A 29 4.03 -8.95 -14.97
C LEU A 29 4.26 -7.67 -15.75
N LEU A 30 4.40 -6.54 -15.06
CA LEU A 30 4.40 -5.24 -15.71
C LEU A 30 5.68 -4.53 -15.30
N ASP A 31 6.81 -4.94 -15.89
CA ASP A 31 8.16 -4.61 -15.42
C ASP A 31 8.30 -3.12 -15.11
N LYS A 32 7.90 -2.30 -16.09
CA LYS A 32 7.79 -0.84 -16.04
C LYS A 32 8.88 -0.18 -15.17
N ASN A 33 10.10 -0.15 -15.70
CA ASN A 33 11.36 0.31 -15.13
C ASN A 33 11.89 -0.64 -14.05
N GLN A 34 13.21 -0.84 -14.04
CA GLN A 34 13.86 -1.77 -13.13
C GLN A 34 14.06 -1.15 -11.74
N SER A 35 13.10 -0.35 -11.26
CA SER A 35 13.18 0.27 -9.94
C SER A 35 11.75 0.40 -9.42
N ASP A 36 11.60 0.29 -8.09
CA ASP A 36 10.30 0.24 -7.41
C ASP A 36 9.43 -0.88 -8.01
N LEU A 37 8.11 -0.88 -7.76
CA LEU A 37 7.18 -1.85 -8.34
C LEU A 37 6.20 -1.06 -9.22
N VAL A 38 4.91 -1.41 -9.31
CA VAL A 38 3.99 -0.66 -10.17
C VAL A 38 3.64 0.68 -9.51
N THR A 39 3.74 0.75 -8.18
CA THR A 39 3.68 1.97 -7.40
C THR A 39 4.61 3.06 -7.94
N ASN A 40 4.25 4.33 -7.73
CA ASN A 40 4.94 5.53 -8.20
C ASN A 40 5.49 5.39 -9.63
N SER A 41 4.71 4.88 -10.58
CA SER A 41 5.20 4.68 -11.94
C SER A 41 5.33 6.02 -12.71
N LYS A 42 4.20 6.69 -13.00
CA LYS A 42 4.22 7.90 -13.84
C LYS A 42 5.17 8.96 -13.29
N LYS A 43 4.91 9.45 -12.08
CA LYS A 43 5.89 10.23 -11.38
C LYS A 43 6.72 9.24 -10.58
N PHE A 44 7.90 8.90 -11.09
CA PHE A 44 8.85 8.06 -10.37
C PHE A 44 9.08 8.66 -8.98
N ILE A 45 8.94 7.83 -7.95
CA ILE A 45 9.17 8.15 -6.54
C ILE A 45 8.79 9.61 -6.19
N ASP A 46 7.50 9.86 -6.03
CA ASP A 46 6.91 11.20 -5.90
C ASP A 46 5.81 11.21 -4.85
N ILE A 47 4.78 10.38 -5.05
CA ILE A 47 3.73 10.13 -4.07
C ILE A 47 4.38 9.73 -2.74
N PHE A 48 5.30 8.77 -2.80
CA PHE A 48 6.04 8.33 -1.62
C PHE A 48 6.91 9.45 -1.04
N LYS A 49 7.34 10.42 -1.85
CA LYS A 49 8.20 11.45 -1.27
C LYS A 49 7.42 12.36 -0.34
N GLU A 50 6.27 12.84 -0.78
CA GLU A 50 5.51 13.77 0.03
C GLU A 50 4.61 12.97 0.99
N GLU A 51 3.69 12.20 0.42
CA GLU A 51 2.63 11.52 1.16
C GLU A 51 3.24 10.44 2.06
N GLY A 52 4.33 9.80 1.61
CA GLY A 52 5.18 8.88 2.35
C GLY A 52 5.96 9.53 3.49
N SER A 53 5.34 10.38 4.28
CA SER A 53 5.79 10.74 5.60
C SER A 53 4.61 11.19 6.46
N ASN A 54 3.42 10.61 6.23
CA ASN A 54 2.19 11.13 6.81
C ASN A 54 1.27 10.04 7.33
N LEU A 55 1.10 8.97 6.57
CA LEU A 55 0.19 7.91 6.94
C LEU A 55 0.62 7.25 8.24
N THR A 56 1.94 7.11 8.42
CA THR A 56 2.58 6.47 9.55
C THR A 56 4.10 6.48 9.29
N SER A 57 4.91 6.10 10.28
CA SER A 57 6.32 5.82 10.08
C SER A 57 6.50 4.72 9.03
N TYR A 58 5.58 3.75 8.97
CA TYR A 58 5.63 2.74 7.91
C TYR A 58 5.50 3.38 6.52
N GLY A 59 4.78 4.50 6.43
CA GLY A 59 4.65 5.23 5.18
C GLY A 59 5.95 5.94 4.81
N ARG A 60 6.91 6.02 5.73
CA ARG A 60 8.20 6.64 5.47
C ARG A 60 9.32 5.60 5.30
N THR A 61 9.08 4.33 5.66
CA THR A 61 10.07 3.25 5.51
C THR A 61 10.36 2.98 4.03
N ASN A 62 10.42 1.71 3.59
CA ASN A 62 10.70 1.48 2.18
C ASN A 62 9.48 1.94 1.39
N GLU A 63 9.65 2.33 0.12
CA GLU A 63 8.52 2.74 -0.72
C GLU A 63 7.55 1.57 -0.87
N ALA A 64 8.10 0.34 -0.88
CA ALA A 64 7.30 -0.87 -0.90
C ALA A 64 6.39 -1.02 0.31
N GLU A 65 6.82 -0.50 1.45
CA GLU A 65 5.99 -0.53 2.65
C GLU A 65 4.95 0.56 2.60
N PHE A 66 5.33 1.76 2.18
CA PHE A 66 4.39 2.86 1.95
C PHE A 66 3.21 2.40 1.10
N PHE A 67 3.45 1.73 -0.02
CA PHE A 67 2.38 1.21 -0.84
C PHE A 67 1.55 0.16 -0.06
N ALA A 68 2.22 -0.76 0.64
CA ALA A 68 1.58 -1.86 1.35
C ALA A 68 0.62 -1.38 2.46
N GLU A 69 1.10 -0.59 3.41
CA GLU A 69 0.29 0.09 4.42
C GLU A 69 -0.78 0.95 3.76
N ALA A 70 -0.48 1.62 2.65
CA ALA A 70 -1.50 2.38 1.96
C ALA A 70 -2.66 1.46 1.54
N PHE A 71 -2.41 0.25 1.03
CA PHE A 71 -3.49 -0.70 0.74
C PHE A 71 -4.28 -1.04 2.00
N ARG A 72 -3.60 -1.42 3.09
CA ARG A 72 -4.26 -1.73 4.37
C ARG A 72 -5.32 -0.66 4.67
N LEU A 73 -4.86 0.57 4.81
CA LEU A 73 -5.66 1.75 5.15
C LEU A 73 -6.72 2.00 4.11
N MET A 74 -6.41 1.79 2.84
CA MET A 74 -7.31 2.12 1.75
C MET A 74 -8.56 1.23 1.79
N HIS A 75 -8.44 -0.02 2.23
CA HIS A 75 -9.58 -0.90 2.36
C HIS A 75 -10.21 -0.86 3.75
N SER A 76 -9.50 -0.41 4.79
CA SER A 76 -9.88 -0.51 6.20
C SER A 76 -11.37 -0.39 6.40
N THR A 77 -11.97 -1.48 6.86
CA THR A 77 -13.40 -1.61 7.11
C THR A 77 -13.92 -0.39 7.86
N ASP A 78 -13.15 0.10 8.83
CA ASP A 78 -13.41 1.42 9.38
C ASP A 78 -13.20 2.48 8.31
N HIS A 79 -14.31 3.00 7.78
CA HIS A 79 -14.32 4.12 6.86
C HIS A 79 -13.43 5.26 7.33
N ALA A 80 -13.38 5.53 8.63
CA ALA A 80 -12.57 6.62 9.15
C ALA A 80 -11.11 6.40 8.82
N GLU A 81 -10.58 5.19 9.07
CA GLU A 81 -9.21 4.85 8.73
C GLU A 81 -8.90 5.16 7.29
N ARG A 82 -9.85 4.87 6.41
CA ARG A 82 -9.63 5.17 5.00
C ARG A 82 -9.52 6.67 4.84
N LEU A 83 -10.53 7.42 5.28
CA LEU A 83 -10.52 8.88 5.21
C LEU A 83 -9.32 9.51 5.91
N LYS A 84 -8.68 8.86 6.87
CA LYS A 84 -7.46 9.39 7.44
C LYS A 84 -6.37 9.36 6.38
N VAL A 85 -6.23 8.25 5.65
CA VAL A 85 -5.34 8.24 4.50
C VAL A 85 -5.78 9.28 3.48
N GLN A 86 -7.02 9.28 3.02
CA GLN A 86 -7.39 10.15 1.90
C GLN A 86 -7.17 11.62 2.24
N LYS A 87 -7.58 12.04 3.44
CA LYS A 87 -7.35 13.38 3.94
C LYS A 87 -5.86 13.69 4.02
N ASN A 88 -5.09 12.80 4.64
CA ASN A 88 -3.67 13.03 4.90
C ASN A 88 -2.83 12.77 3.65
N ALA A 89 -3.44 12.24 2.59
CA ALA A 89 -2.77 11.80 1.38
C ALA A 89 -3.78 11.73 0.24
N PRO A 90 -4.27 12.89 -0.22
CA PRO A 90 -5.29 12.95 -1.25
C PRO A 90 -4.79 12.30 -2.55
N LYS A 91 -3.48 12.29 -2.76
CA LYS A 91 -2.87 11.68 -3.93
C LYS A 91 -2.75 10.17 -3.73
N THR A 92 -2.14 9.70 -2.63
CA THR A 92 -1.91 8.26 -2.45
C THR A 92 -3.21 7.48 -2.56
N PHE A 93 -4.30 8.01 -2.00
CA PHE A 93 -5.62 7.42 -2.11
C PHE A 93 -5.97 7.06 -3.53
N GLN A 94 -6.09 8.11 -4.34
CA GLN A 94 -6.46 7.94 -5.72
C GLN A 94 -5.50 6.96 -6.40
N PHE A 95 -4.24 6.93 -5.96
CA PHE A 95 -3.21 6.15 -6.61
C PHE A 95 -3.46 4.66 -6.42
N ILE A 96 -3.53 4.20 -5.18
CA ILE A 96 -3.93 2.84 -4.82
C ILE A 96 -5.21 2.47 -5.57
N ASN A 97 -6.21 3.34 -5.57
CA ASN A 97 -7.49 3.04 -6.19
C ASN A 97 -7.37 2.85 -7.70
N ASP A 98 -6.45 3.55 -8.35
CA ASP A 98 -6.15 3.38 -9.77
C ASP A 98 -5.65 1.96 -10.01
N GLN A 99 -4.74 1.52 -9.14
CA GLN A 99 -4.04 0.26 -9.30
C GLN A 99 -4.97 -0.94 -9.04
N ILE A 100 -5.74 -0.88 -7.96
CA ILE A 100 -6.60 -1.96 -7.51
C ILE A 100 -7.79 -2.05 -8.47
N LYS A 101 -7.72 -2.95 -9.45
CA LYS A 101 -8.83 -3.15 -10.38
C LYS A 101 -9.09 -4.65 -10.56
N PHE A 102 -9.88 -5.23 -9.64
CA PHE A 102 -10.28 -6.64 -9.64
C PHE A 102 -9.09 -7.59 -9.84
N ILE A 103 -8.45 -7.99 -8.73
CA ILE A 103 -7.31 -8.90 -8.76
C ILE A 103 -7.66 -10.26 -8.12
N ILE A 104 -8.92 -10.47 -7.72
CA ILE A 104 -9.34 -11.68 -7.05
C ILE A 104 -9.74 -12.76 -8.07
N ASN A 105 -8.75 -13.27 -8.81
CA ASN A 105 -8.95 -14.28 -9.85
C ASN A 105 -9.67 -13.66 -11.06
N SER A 106 -9.86 -14.45 -12.12
CA SER A 106 -10.44 -14.00 -13.38
C SER A 106 -9.66 -12.81 -13.93
N GLY A 1 5.15 -7.25 7.77
CA GLY A 1 5.32 -8.43 8.63
C GLY A 1 4.05 -8.66 9.40
N SER A 2 3.77 -9.93 9.72
CA SER A 2 2.72 -10.34 10.62
C SER A 2 3.38 -11.22 11.68
N LYS A 3 3.18 -12.55 11.62
CA LYS A 3 3.68 -13.53 12.59
C LYS A 3 2.91 -13.44 13.91
N GLY A 4 3.06 -14.46 14.76
CA GLY A 4 2.45 -14.48 16.08
C GLY A 4 1.14 -15.24 16.04
N VAL A 5 0.37 -15.13 17.11
CA VAL A 5 -1.00 -15.60 17.16
C VAL A 5 -1.92 -14.43 16.83
N GLU A 6 -3.21 -14.52 17.13
CA GLU A 6 -4.10 -13.39 16.95
C GLU A 6 -3.99 -12.42 18.12
N LEU A 7 -3.64 -11.17 17.81
CA LEU A 7 -3.51 -10.09 18.76
C LEU A 7 -3.63 -8.75 18.05
N ARG A 8 -4.54 -8.64 17.07
CA ARG A 8 -4.76 -7.45 16.24
C ARG A 8 -3.68 -7.29 15.17
N ASN A 9 -2.40 -7.26 15.56
CA ASN A 9 -1.27 -7.09 14.66
C ASN A 9 -1.26 -8.13 13.58
N ASP A 10 -1.71 -9.33 13.90
CA ASP A 10 -1.87 -10.37 12.93
C ASP A 10 -2.88 -9.96 11.86
N SER A 11 -4.08 -9.52 12.23
CA SER A 11 -5.09 -9.13 11.26
C SER A 11 -4.59 -7.99 10.36
N GLU A 12 -4.20 -6.88 10.99
CA GLU A 12 -3.84 -5.66 10.26
C GLU A 12 -2.51 -5.85 9.51
N GLY A 13 -1.66 -6.73 10.04
CA GLY A 13 -0.39 -7.10 9.44
C GLY A 13 -0.61 -7.98 8.22
N PHE A 14 -1.59 -8.88 8.26
CA PHE A 14 -1.85 -9.83 7.19
C PHE A 14 -2.26 -9.07 5.95
N ILE A 15 -3.30 -8.22 6.07
CA ILE A 15 -3.71 -7.37 4.96
C ILE A 15 -2.61 -6.39 4.54
N HIS A 16 -1.79 -5.88 5.46
CA HIS A 16 -0.69 -5.00 5.09
C HIS A 16 0.17 -5.76 4.08
N GLU A 17 0.63 -6.95 4.45
CA GLU A 17 1.44 -7.79 3.59
C GLU A 17 0.70 -8.19 2.32
N PHE A 18 -0.62 -8.37 2.38
CA PHE A 18 -1.41 -8.69 1.21
C PHE A 18 -1.25 -7.61 0.15
N GLY A 19 -1.42 -6.34 0.54
CA GLY A 19 -1.16 -5.22 -0.36
C GLY A 19 0.24 -5.32 -0.97
N HIS A 20 1.23 -5.68 -0.16
CA HIS A 20 2.61 -5.76 -0.62
C HIS A 20 2.78 -6.83 -1.69
N ALA A 21 2.34 -8.05 -1.42
CA ALA A 21 2.46 -9.16 -2.36
C ALA A 21 1.63 -8.88 -3.61
N VAL A 22 0.57 -8.08 -3.50
CA VAL A 22 -0.21 -7.73 -4.67
C VAL A 22 0.62 -6.83 -5.58
N ASP A 23 1.34 -5.87 -5.00
CA ASP A 23 2.21 -5.03 -5.80
C ASP A 23 3.35 -5.83 -6.42
N ASP A 24 3.65 -7.00 -5.85
CA ASP A 24 4.75 -7.81 -6.34
C ASP A 24 4.43 -8.25 -7.76
N TYR A 25 3.22 -8.78 -7.92
CA TYR A 25 2.67 -9.12 -9.23
C TYR A 25 2.68 -7.92 -10.16
N ALA A 26 2.30 -6.74 -9.66
CA ALA A 26 2.31 -5.57 -10.51
C ALA A 26 3.72 -5.29 -11.05
N GLY A 27 4.75 -5.47 -10.24
CA GLY A 27 6.13 -5.19 -10.65
C GLY A 27 6.64 -6.24 -11.61
N TYR A 28 6.31 -7.51 -11.37
CA TYR A 28 6.81 -8.61 -12.18
C TYR A 28 6.34 -8.42 -13.63
N LEU A 29 5.06 -8.08 -13.79
CA LEU A 29 4.46 -7.86 -15.09
C LEU A 29 4.79 -6.48 -15.65
N LEU A 30 4.90 -5.44 -14.81
CA LEU A 30 4.96 -4.06 -15.26
C LEU A 30 6.22 -3.42 -14.66
N ASP A 31 7.16 -2.98 -15.50
CA ASP A 31 8.53 -2.59 -15.15
C ASP A 31 9.35 -3.80 -14.72
N LYS A 32 9.63 -4.69 -15.69
CA LYS A 32 10.38 -5.92 -15.50
C LYS A 32 11.86 -5.63 -15.20
N ASN A 33 12.17 -5.19 -13.98
CA ASN A 33 13.44 -4.56 -13.66
C ASN A 33 14.14 -5.35 -12.56
N GLN A 34 15.38 -5.00 -12.22
CA GLN A 34 16.02 -5.61 -11.07
C GLN A 34 15.34 -5.22 -9.76
N SER A 35 14.59 -4.11 -9.76
CA SER A 35 13.78 -3.71 -8.64
C SER A 35 12.38 -4.27 -8.87
N ASP A 36 11.93 -5.19 -8.02
CA ASP A 36 10.55 -5.68 -8.06
C ASP A 36 9.61 -4.59 -7.54
N LEU A 37 8.30 -4.86 -7.60
CA LEU A 37 7.18 -3.96 -7.32
C LEU A 37 7.04 -2.87 -8.37
N VAL A 38 5.83 -2.34 -8.56
CA VAL A 38 5.60 -1.26 -9.52
C VAL A 38 5.71 0.10 -8.81
N THR A 39 6.59 0.17 -7.80
CA THR A 39 6.85 1.38 -7.03
C THR A 39 7.15 2.55 -7.97
N ASN A 40 7.92 2.30 -9.03
CA ASN A 40 8.13 3.32 -10.04
C ASN A 40 6.86 3.41 -10.90
N SER A 41 5.86 4.16 -10.43
CA SER A 41 4.64 4.39 -11.18
C SER A 41 3.98 5.68 -10.67
N LYS A 42 2.80 6.00 -11.19
CA LYS A 42 2.12 7.28 -11.10
C LYS A 42 3.00 8.40 -11.67
N LYS A 43 4.05 8.80 -10.95
CA LYS A 43 5.01 9.80 -11.41
C LYS A 43 6.42 9.41 -10.98
N PHE A 44 6.79 8.14 -11.20
CA PHE A 44 8.15 7.62 -11.07
C PHE A 44 8.88 8.11 -9.82
N ILE A 45 8.38 7.71 -8.64
CA ILE A 45 8.83 8.21 -7.33
C ILE A 45 8.36 9.67 -7.19
N ASP A 46 7.27 9.90 -6.46
CA ASP A 46 6.73 11.25 -6.27
C ASP A 46 5.82 11.24 -5.05
N ILE A 47 4.75 10.46 -5.14
CA ILE A 47 3.74 10.30 -4.11
C ILE A 47 4.40 9.94 -2.77
N PHE A 48 5.25 8.92 -2.77
CA PHE A 48 5.97 8.49 -1.58
C PHE A 48 6.83 9.59 -0.98
N LYS A 49 7.37 10.52 -1.76
CA LYS A 49 8.22 11.54 -1.19
C LYS A 49 7.43 12.41 -0.20
N GLU A 50 6.22 12.81 -0.55
CA GLU A 50 5.43 13.69 0.30
C GLU A 50 4.55 12.84 1.23
N GLU A 51 3.67 12.06 0.62
CA GLU A 51 2.61 11.35 1.32
C GLU A 51 3.21 10.20 2.14
N GLY A 52 4.28 9.59 1.63
CA GLY A 52 5.14 8.66 2.32
C GLY A 52 6.00 9.31 3.42
N SER A 53 5.44 10.27 4.16
CA SER A 53 5.94 10.66 5.45
C SER A 53 4.78 11.24 6.25
N ASN A 54 3.59 10.65 6.11
CA ASN A 54 2.37 11.26 6.63
C ASN A 54 1.43 10.23 7.22
N LEU A 55 1.18 9.14 6.49
CA LEU A 55 0.23 8.13 6.93
C LEU A 55 0.69 7.47 8.23
N THR A 56 2.01 7.28 8.36
CA THR A 56 2.64 6.55 9.46
C THR A 56 4.13 6.49 9.19
N SER A 57 4.93 6.11 10.19
CA SER A 57 6.33 5.78 10.02
C SER A 57 6.49 4.61 9.05
N TYR A 58 5.57 3.64 9.06
CA TYR A 58 5.56 2.53 8.12
C TYR A 58 5.26 2.99 6.68
N GLY A 59 4.85 4.25 6.53
CA GLY A 59 4.62 4.90 5.26
C GLY A 59 5.87 5.65 4.80
N ARG A 60 6.88 5.78 5.66
CA ARG A 60 8.15 6.43 5.33
C ARG A 60 9.29 5.43 5.19
N THR A 61 9.07 4.17 5.61
CA THR A 61 10.00 3.08 5.35
C THR A 61 10.06 2.81 3.84
N ASN A 62 10.43 1.60 3.41
CA ASN A 62 10.55 1.31 1.98
C ASN A 62 9.25 1.68 1.27
N GLU A 63 9.34 2.15 0.02
CA GLU A 63 8.19 2.59 -0.75
C GLU A 63 7.19 1.43 -0.95
N ALA A 64 7.70 0.21 -0.96
CA ALA A 64 6.93 -1.02 -0.94
C ALA A 64 6.02 -1.11 0.28
N GLU A 65 6.52 -0.73 1.44
CA GLU A 65 5.73 -0.69 2.66
C GLU A 65 4.72 0.43 2.61
N PHE A 66 5.11 1.61 2.12
CA PHE A 66 4.21 2.73 1.93
C PHE A 66 2.96 2.32 1.15
N PHE A 67 3.16 1.70 -0.01
CA PHE A 67 2.06 1.19 -0.81
C PHE A 67 1.24 0.16 -0.02
N ALA A 68 1.91 -0.74 0.70
CA ALA A 68 1.27 -1.84 1.42
C ALA A 68 0.35 -1.36 2.55
N GLU A 69 0.85 -0.54 3.47
CA GLU A 69 0.07 0.06 4.55
C GLU A 69 -1.02 0.95 3.96
N ALA A 70 -0.74 1.67 2.87
CA ALA A 70 -1.78 2.42 2.19
C ALA A 70 -2.91 1.50 1.73
N PHE A 71 -2.63 0.27 1.30
CA PHE A 71 -3.70 -0.69 1.03
C PHE A 71 -4.48 -1.04 2.30
N ARG A 72 -3.79 -1.42 3.38
CA ARG A 72 -4.42 -1.72 4.67
C ARG A 72 -5.44 -0.64 5.01
N LEU A 73 -5.02 0.62 4.99
CA LEU A 73 -5.78 1.79 5.38
C LEU A 73 -6.92 2.05 4.41
N MET A 74 -6.68 2.17 3.11
CA MET A 74 -7.72 2.46 2.13
C MET A 74 -8.84 1.42 2.19
N HIS A 75 -8.52 0.17 2.52
CA HIS A 75 -9.53 -0.87 2.60
C HIS A 75 -10.12 -0.98 4.02
N SER A 76 -9.44 -0.48 5.06
CA SER A 76 -9.86 -0.63 6.44
C SER A 76 -11.32 -0.28 6.53
N THR A 77 -12.10 -1.28 6.90
CA THR A 77 -13.54 -1.18 7.04
C THR A 77 -13.92 0.07 7.81
N ASP A 78 -13.13 0.39 8.84
CA ASP A 78 -13.23 1.68 9.49
C ASP A 78 -13.02 2.84 8.51
N HIS A 79 -14.13 3.48 8.16
CA HIS A 79 -14.17 4.70 7.37
C HIS A 79 -13.16 5.74 7.87
N ALA A 80 -12.97 5.88 9.19
CA ALA A 80 -12.09 6.90 9.70
C ALA A 80 -10.68 6.67 9.17
N GLU A 81 -10.09 5.50 9.45
CA GLU A 81 -8.76 5.14 8.99
C GLU A 81 -8.57 5.41 7.51
N ARG A 82 -9.60 5.13 6.72
CA ARG A 82 -9.54 5.37 5.29
C ARG A 82 -9.41 6.86 5.01
N LEU A 83 -10.33 7.66 5.55
CA LEU A 83 -10.31 9.10 5.41
C LEU A 83 -9.06 9.71 6.03
N LYS A 84 -8.38 9.06 6.99
CA LYS A 84 -7.10 9.59 7.43
C LYS A 84 -6.13 9.51 6.27
N VAL A 85 -6.11 8.42 5.50
CA VAL A 85 -5.31 8.38 4.29
C VAL A 85 -5.77 9.45 3.32
N GLN A 86 -7.01 9.39 2.80
CA GLN A 86 -7.44 10.33 1.76
C GLN A 86 -7.12 11.78 2.12
N LYS A 87 -7.44 12.18 3.35
CA LYS A 87 -7.20 13.51 3.87
C LYS A 87 -5.70 13.82 3.94
N ASN A 88 -4.91 12.93 4.54
CA ASN A 88 -3.49 13.16 4.77
C ASN A 88 -2.66 12.72 3.56
N ALA A 89 -3.32 12.32 2.46
CA ALA A 89 -2.71 11.82 1.25
C ALA A 89 -3.72 11.88 0.10
N PRO A 90 -4.05 13.10 -0.36
CA PRO A 90 -5.10 13.33 -1.36
C PRO A 90 -4.58 13.03 -2.77
N LYS A 91 -4.14 11.79 -3.00
CA LYS A 91 -3.47 11.30 -4.19
C LYS A 91 -3.06 9.84 -4.00
N THR A 92 -2.43 9.48 -2.88
CA THR A 92 -2.02 8.11 -2.61
C THR A 92 -3.19 7.15 -2.65
N PHE A 93 -4.30 7.53 -2.04
CA PHE A 93 -5.50 6.70 -2.11
C PHE A 93 -5.84 6.40 -3.56
N GLN A 94 -5.85 7.46 -4.36
CA GLN A 94 -6.16 7.33 -5.76
C GLN A 94 -5.15 6.43 -6.47
N PHE A 95 -3.90 6.36 -6.00
CA PHE A 95 -2.82 5.58 -6.61
C PHE A 95 -3.19 4.10 -6.56
N ILE A 96 -3.34 3.57 -5.34
CA ILE A 96 -3.75 2.19 -5.14
C ILE A 96 -5.03 1.94 -5.93
N ASN A 97 -6.00 2.86 -5.84
CA ASN A 97 -7.27 2.72 -6.55
C ASN A 97 -7.08 2.56 -8.06
N ASP A 98 -6.08 3.24 -8.63
CA ASP A 98 -5.74 3.20 -10.05
C ASP A 98 -5.27 1.79 -10.40
N GLN A 99 -4.44 1.20 -9.52
CA GLN A 99 -3.91 -0.14 -9.72
C GLN A 99 -4.96 -1.20 -9.33
N ILE A 100 -6.02 -1.30 -10.13
CA ILE A 100 -7.10 -2.26 -9.93
C ILE A 100 -6.54 -3.68 -10.06
N LYS A 101 -6.16 -4.07 -11.29
CA LYS A 101 -5.77 -5.43 -11.64
C LYS A 101 -6.82 -6.44 -11.16
N PHE A 102 -6.43 -7.71 -11.06
CA PHE A 102 -7.10 -8.74 -10.28
C PHE A 102 -6.03 -9.78 -10.01
N ILE A 103 -5.73 -10.07 -8.74
CA ILE A 103 -4.82 -11.14 -8.39
C ILE A 103 -5.21 -11.68 -7.02
N ILE A 104 -5.38 -13.00 -6.92
CA ILE A 104 -5.89 -13.72 -5.76
C ILE A 104 -7.36 -13.32 -5.53
N ASN A 105 -8.24 -14.29 -5.31
CA ASN A 105 -9.66 -14.02 -5.11
C ASN A 105 -10.08 -14.65 -3.80
N SER A 106 -11.23 -14.21 -3.27
CA SER A 106 -11.89 -14.90 -2.18
C SER A 106 -12.52 -16.18 -2.70
N GLY A 1 0.11 -12.15 9.32
CA GLY A 1 1.38 -11.75 8.70
C GLY A 1 2.24 -12.97 8.44
N SER A 2 3.13 -13.34 9.37
CA SER A 2 3.99 -14.50 9.19
C SER A 2 3.30 -15.79 9.64
N LYS A 3 3.05 -15.94 10.94
CA LYS A 3 2.47 -17.16 11.50
C LYS A 3 1.82 -16.81 12.83
N GLY A 4 0.65 -17.37 13.13
CA GLY A 4 -0.05 -17.10 14.37
C GLY A 4 -1.52 -17.41 14.18
N VAL A 5 -2.31 -17.18 15.23
CA VAL A 5 -3.72 -16.93 15.07
C VAL A 5 -3.90 -15.43 14.94
N GLU A 6 -5.13 -14.92 15.10
CA GLU A 6 -5.35 -13.49 15.06
C GLU A 6 -5.06 -12.85 16.40
N LEU A 7 -4.17 -11.84 16.39
CA LEU A 7 -3.69 -11.18 17.59
C LEU A 7 -3.90 -9.68 17.44
N ARG A 8 -4.88 -9.28 16.63
CA ARG A 8 -5.00 -7.94 16.06
C ARG A 8 -3.85 -7.66 15.10
N ASN A 9 -2.63 -7.53 15.61
CA ASN A 9 -1.43 -7.32 14.81
C ASN A 9 -1.30 -8.32 13.69
N ASP A 10 -1.65 -9.59 13.90
CA ASP A 10 -1.46 -10.52 12.81
C ASP A 10 -2.45 -10.27 11.67
N SER A 11 -3.68 -9.87 11.98
CA SER A 11 -4.72 -9.55 11.00
C SER A 11 -4.37 -8.28 10.22
N GLU A 12 -4.13 -7.19 10.94
CA GLU A 12 -3.80 -5.90 10.32
C GLU A 12 -2.42 -5.96 9.67
N GLY A 13 -1.56 -6.85 10.16
CA GLY A 13 -0.36 -7.27 9.46
C GLY A 13 -0.75 -7.96 8.15
N PHE A 14 -1.62 -8.97 8.19
CA PHE A 14 -1.91 -9.84 7.06
C PHE A 14 -2.24 -9.01 5.82
N ILE A 15 -3.14 -8.05 5.96
CA ILE A 15 -3.53 -7.17 4.87
C ILE A 15 -2.42 -6.20 4.46
N HIS A 16 -1.57 -5.75 5.40
CA HIS A 16 -0.44 -4.90 5.07
C HIS A 16 0.46 -5.69 4.12
N GLU A 17 0.92 -6.86 4.55
CA GLU A 17 1.72 -7.78 3.75
C GLU A 17 1.05 -8.04 2.41
N PHE A 18 -0.26 -8.29 2.40
CA PHE A 18 -1.02 -8.57 1.19
C PHE A 18 -0.80 -7.45 0.19
N GLY A 19 -1.01 -6.19 0.59
CA GLY A 19 -0.71 -5.04 -0.25
C GLY A 19 0.65 -5.18 -0.90
N HIS A 20 1.68 -5.51 -0.11
CA HIS A 20 3.02 -5.69 -0.63
C HIS A 20 3.06 -6.78 -1.69
N ALA A 21 2.45 -7.94 -1.45
CA ALA A 21 2.43 -9.02 -2.42
C ALA A 21 1.71 -8.56 -3.69
N VAL A 22 0.71 -7.68 -3.58
CA VAL A 22 0.04 -7.19 -4.78
C VAL A 22 0.97 -6.33 -5.61
N ASP A 23 1.84 -5.57 -4.95
CA ASP A 23 2.84 -4.77 -5.62
C ASP A 23 3.77 -5.64 -6.48
N ASP A 24 3.96 -6.89 -6.07
CA ASP A 24 4.86 -7.82 -6.73
C ASP A 24 4.22 -8.28 -8.03
N TYR A 25 2.95 -8.67 -7.95
CA TYR A 25 2.13 -8.95 -9.12
C TYR A 25 2.24 -7.80 -10.11
N ALA A 26 2.07 -6.58 -9.62
CA ALA A 26 2.13 -5.41 -10.46
C ALA A 26 3.48 -5.28 -11.17
N GLY A 27 4.59 -5.63 -10.53
CA GLY A 27 5.93 -5.52 -11.09
C GLY A 27 6.23 -6.63 -12.10
N TYR A 28 5.47 -7.72 -12.04
CA TYR A 28 5.59 -8.80 -12.99
C TYR A 28 4.81 -8.45 -14.26
N LEU A 29 3.55 -8.04 -14.11
CA LEU A 29 2.64 -7.74 -15.19
C LEU A 29 3.00 -6.46 -15.92
N LEU A 30 3.32 -5.43 -15.15
CA LEU A 30 3.64 -4.12 -15.65
C LEU A 30 5.13 -3.97 -15.40
N ASP A 31 5.86 -3.30 -16.30
CA ASP A 31 7.30 -3.12 -16.20
C ASP A 31 8.06 -4.43 -16.47
N LYS A 32 7.88 -5.44 -15.62
CA LYS A 32 8.42 -6.79 -15.74
C LYS A 32 9.91 -6.75 -15.45
N ASN A 33 10.25 -6.38 -14.21
CA ASN A 33 11.62 -6.39 -13.75
C ASN A 33 11.66 -6.53 -12.23
N GLN A 34 12.77 -7.02 -11.67
CA GLN A 34 12.84 -7.34 -10.25
C GLN A 34 13.07 -6.10 -9.37
N SER A 35 12.89 -4.89 -9.90
CA SER A 35 13.07 -3.66 -9.12
C SER A 35 12.06 -2.59 -9.51
N ASP A 36 10.91 -2.99 -10.06
CA ASP A 36 9.96 -2.05 -10.65
C ASP A 36 8.59 -2.55 -10.21
N LEU A 37 7.78 -1.68 -9.58
CA LEU A 37 6.56 -2.05 -8.88
C LEU A 37 5.56 -0.91 -9.03
N VAL A 38 4.28 -1.10 -8.69
CA VAL A 38 3.26 -0.08 -8.95
C VAL A 38 3.06 0.81 -7.73
N THR A 39 4.17 1.18 -7.10
CA THR A 39 4.22 2.12 -6.00
C THR A 39 4.98 3.34 -6.44
N ASN A 40 6.14 3.12 -7.06
CA ASN A 40 7.16 4.13 -7.24
C ASN A 40 7.21 4.46 -8.72
N SER A 41 6.33 5.35 -9.15
CA SER A 41 6.29 5.82 -10.53
C SER A 41 7.04 7.15 -10.64
N LYS A 42 7.00 7.78 -11.84
CA LYS A 42 7.65 9.03 -12.25
C LYS A 42 8.89 9.38 -11.43
N LYS A 43 10.06 9.00 -11.95
CA LYS A 43 11.36 9.10 -11.30
C LYS A 43 11.48 8.09 -10.14
N PHE A 44 10.53 7.16 -10.04
CA PHE A 44 10.45 6.17 -8.98
C PHE A 44 10.43 6.80 -7.60
N ILE A 45 9.92 8.04 -7.48
CA ILE A 45 9.91 8.76 -6.21
C ILE A 45 9.09 10.05 -6.38
N ASP A 46 7.88 10.13 -5.80
CA ASP A 46 7.08 11.35 -5.84
C ASP A 46 6.05 11.32 -4.72
N ILE A 47 5.08 10.43 -4.86
CA ILE A 47 4.00 10.20 -3.89
C ILE A 47 4.64 9.90 -2.52
N PHE A 48 5.61 8.99 -2.49
CA PHE A 48 6.32 8.65 -1.28
C PHE A 48 7.07 9.83 -0.65
N LYS A 49 7.46 10.84 -1.42
CA LYS A 49 8.17 11.96 -0.81
C LYS A 49 7.23 12.77 0.07
N GLU A 50 6.07 13.12 -0.45
CA GLU A 50 5.18 14.02 0.27
C GLU A 50 4.29 13.19 1.22
N GLU A 51 3.55 12.23 0.67
CA GLU A 51 2.61 11.44 1.46
C GLU A 51 3.33 10.39 2.30
N GLY A 52 4.45 9.85 1.82
CA GLY A 52 5.35 8.97 2.57
C GLY A 52 6.12 9.67 3.68
N SER A 53 5.49 10.60 4.40
CA SER A 53 5.84 10.94 5.76
C SER A 53 4.58 11.49 6.43
N ASN A 54 3.45 10.78 6.30
CA ASN A 54 2.19 11.25 6.86
C ASN A 54 1.32 10.12 7.37
N LEU A 55 1.13 9.07 6.55
CA LEU A 55 0.19 8.00 6.89
C LEU A 55 0.59 7.31 8.20
N THR A 56 1.90 7.19 8.41
CA THR A 56 2.51 6.55 9.57
C THR A 56 4.03 6.61 9.38
N SER A 57 4.80 6.27 10.42
CA SER A 57 6.24 6.07 10.28
C SER A 57 6.54 4.97 9.28
N TYR A 58 5.68 3.94 9.19
CA TYR A 58 5.81 2.92 8.15
C TYR A 58 5.73 3.56 6.77
N GLY A 59 4.92 4.61 6.63
CA GLY A 59 4.79 5.32 5.37
C GLY A 59 6.06 6.06 5.01
N ARG A 60 7.04 6.16 5.92
CA ARG A 60 8.31 6.82 5.65
C ARG A 60 9.46 5.82 5.52
N THR A 61 9.24 4.55 5.83
CA THR A 61 10.28 3.51 5.73
C THR A 61 10.63 3.22 4.26
N ASN A 62 10.58 1.96 3.82
CA ASN A 62 10.82 1.68 2.42
C ASN A 62 9.59 2.11 1.63
N GLU A 63 9.74 2.56 0.39
CA GLU A 63 8.61 2.97 -0.42
C GLU A 63 7.63 1.81 -0.62
N ALA A 64 8.16 0.58 -0.67
CA ALA A 64 7.37 -0.64 -0.71
C ALA A 64 6.47 -0.82 0.51
N GLU A 65 6.92 -0.39 1.68
CA GLU A 65 6.13 -0.50 2.89
C GLU A 65 5.06 0.57 2.92
N PHE A 66 5.41 1.79 2.49
CA PHE A 66 4.48 2.89 2.26
C PHE A 66 3.29 2.43 1.40
N PHE A 67 3.55 1.70 0.31
CA PHE A 67 2.48 1.14 -0.51
C PHE A 67 1.68 0.09 0.26
N ALA A 68 2.36 -0.80 0.97
CA ALA A 68 1.74 -1.93 1.65
C ALA A 68 0.75 -1.47 2.74
N GLU A 69 1.21 -0.64 3.67
CA GLU A 69 0.33 0.04 4.63
C GLU A 69 -0.76 0.84 3.92
N ALA A 70 -0.45 1.53 2.82
CA ALA A 70 -1.48 2.26 2.09
C ALA A 70 -2.61 1.32 1.68
N PHE A 71 -2.33 0.09 1.24
CA PHE A 71 -3.35 -0.92 0.94
C PHE A 71 -4.23 -1.20 2.16
N ARG A 72 -3.63 -1.47 3.32
CA ARG A 72 -4.37 -1.70 4.55
C ARG A 72 -5.39 -0.58 4.75
N LEU A 73 -4.91 0.65 4.72
CA LEU A 73 -5.71 1.84 4.96
C LEU A 73 -6.77 2.02 3.88
N MET A 74 -6.46 1.63 2.64
CA MET A 74 -7.35 1.82 1.49
C MET A 74 -8.66 1.07 1.71
N HIS A 75 -8.58 -0.15 2.24
CA HIS A 75 -9.76 -0.98 2.45
C HIS A 75 -10.31 -0.88 3.87
N SER A 76 -9.66 -0.16 4.78
CA SER A 76 -9.95 -0.19 6.21
C SER A 76 -11.45 -0.22 6.46
N THR A 77 -11.81 -1.22 7.24
CA THR A 77 -13.17 -1.50 7.65
C THR A 77 -13.77 -0.24 8.26
N ASP A 78 -12.97 0.46 9.07
CA ASP A 78 -13.38 1.80 9.50
C ASP A 78 -13.23 2.75 8.31
N HIS A 79 -14.38 3.22 7.80
CA HIS A 79 -14.43 4.19 6.72
C HIS A 79 -13.58 5.41 7.09
N ALA A 80 -13.53 5.77 8.38
CA ALA A 80 -12.71 6.88 8.83
C ALA A 80 -11.25 6.67 8.45
N GLU A 81 -10.68 5.50 8.78
CA GLU A 81 -9.27 5.20 8.51
C GLU A 81 -8.94 5.44 7.05
N ARG A 82 -9.86 5.09 6.18
CA ARG A 82 -9.66 5.35 4.76
C ARG A 82 -9.55 6.85 4.53
N LEU A 83 -10.52 7.62 5.00
CA LEU A 83 -10.48 9.06 4.87
C LEU A 83 -9.28 9.69 5.58
N LYS A 84 -8.69 9.08 6.60
CA LYS A 84 -7.47 9.67 7.15
C LYS A 84 -6.40 9.63 6.07
N VAL A 85 -6.28 8.52 5.34
CA VAL A 85 -5.38 8.49 4.20
C VAL A 85 -5.85 9.46 3.14
N GLN A 86 -7.03 9.29 2.54
CA GLN A 86 -7.45 10.11 1.41
C GLN A 86 -7.27 11.61 1.67
N LYS A 87 -7.54 12.05 2.89
CA LYS A 87 -7.31 13.39 3.37
C LYS A 87 -5.82 13.72 3.37
N ASN A 88 -5.02 12.95 4.12
CA ASN A 88 -3.59 13.22 4.32
C ASN A 88 -2.75 12.74 3.14
N ALA A 89 -3.39 12.21 2.10
CA ALA A 89 -2.78 11.62 0.92
C ALA A 89 -3.80 11.69 -0.21
N PRO A 90 -4.01 12.89 -0.77
CA PRO A 90 -4.95 13.13 -1.86
C PRO A 90 -4.29 12.74 -3.19
N LYS A 91 -3.93 11.46 -3.32
CA LYS A 91 -3.12 10.89 -4.39
C LYS A 91 -2.74 9.45 -4.08
N THR A 92 -2.08 9.17 -2.95
CA THR A 92 -1.68 7.80 -2.59
C THR A 92 -2.88 6.86 -2.64
N PHE A 93 -4.00 7.28 -2.04
CA PHE A 93 -5.21 6.47 -2.05
C PHE A 93 -5.66 6.24 -3.47
N GLN A 94 -5.68 7.32 -4.24
CA GLN A 94 -6.11 7.31 -5.61
C GLN A 94 -5.26 6.33 -6.43
N PHE A 95 -4.00 6.15 -6.04
CA PHE A 95 -3.04 5.30 -6.73
C PHE A 95 -3.53 3.84 -6.65
N ILE A 96 -3.51 3.27 -5.45
CA ILE A 96 -4.01 1.92 -5.20
C ILE A 96 -5.41 1.76 -5.80
N ASN A 97 -6.28 2.77 -5.61
CA ASN A 97 -7.66 2.70 -6.10
C ASN A 97 -7.73 2.56 -7.62
N ASP A 98 -6.80 3.18 -8.35
CA ASP A 98 -6.67 3.02 -9.80
C ASP A 98 -6.38 1.56 -10.13
N GLN A 99 -5.47 0.97 -9.36
CA GLN A 99 -5.14 -0.42 -9.57
C GLN A 99 -6.18 -1.31 -8.88
N ILE A 100 -7.34 -1.44 -9.53
CA ILE A 100 -8.47 -2.22 -9.07
C ILE A 100 -7.99 -3.61 -8.62
N LYS A 101 -8.44 -4.08 -7.45
CA LYS A 101 -7.93 -5.32 -6.86
C LYS A 101 -8.29 -6.49 -7.77
N PHE A 102 -7.34 -6.88 -8.63
CA PHE A 102 -7.53 -7.92 -9.64
C PHE A 102 -6.89 -9.24 -9.21
N ILE A 103 -5.81 -9.16 -8.41
CA ILE A 103 -5.09 -10.33 -7.93
C ILE A 103 -6.00 -11.15 -7.01
N ILE A 104 -5.92 -12.48 -7.11
CA ILE A 104 -6.76 -13.41 -6.37
C ILE A 104 -5.93 -13.98 -5.23
N ASN A 105 -5.16 -15.06 -5.50
CA ASN A 105 -4.33 -15.81 -4.56
C ASN A 105 -5.18 -16.65 -3.61
N SER A 106 -5.27 -17.96 -3.88
CA SER A 106 -6.09 -18.90 -3.14
C SER A 106 -5.47 -20.27 -3.30
N GLY A 1 6.89 -5.26 6.80
CA GLY A 1 8.35 -5.26 6.65
C GLY A 1 8.90 -6.64 6.86
N SER A 2 9.63 -6.84 7.96
CA SER A 2 10.26 -8.12 8.25
C SER A 2 10.46 -8.34 9.74
N LYS A 3 10.78 -7.27 10.48
CA LYS A 3 10.86 -7.31 11.93
C LYS A 3 10.21 -6.03 12.45
N GLY A 4 9.94 -5.95 13.75
CA GLY A 4 9.33 -4.79 14.37
C GLY A 4 8.81 -5.16 15.75
N VAL A 5 8.10 -4.23 16.37
CA VAL A 5 7.27 -4.52 17.53
C VAL A 5 5.96 -5.15 17.04
N GLU A 6 4.95 -5.24 17.89
CA GLU A 6 3.71 -5.94 17.57
C GLU A 6 2.56 -4.98 17.44
N LEU A 7 2.21 -4.67 16.18
CA LEU A 7 1.14 -3.75 15.85
C LEU A 7 0.07 -4.55 15.15
N ARG A 8 -0.37 -5.63 15.82
CA ARG A 8 -1.32 -6.59 15.30
C ARG A 8 -0.89 -7.11 13.93
N ASN A 9 0.31 -7.68 13.81
CA ASN A 9 0.75 -8.24 12.54
C ASN A 9 -0.27 -9.21 11.95
N ASP A 10 -1.01 -9.91 12.79
CA ASP A 10 -2.02 -10.82 12.28
C ASP A 10 -3.14 -10.11 11.57
N SER A 11 -3.72 -9.09 12.19
CA SER A 11 -4.90 -8.46 11.65
C SER A 11 -4.49 -7.43 10.60
N GLU A 12 -3.60 -6.54 11.01
CA GLU A 12 -3.16 -5.40 10.22
C GLU A 12 -1.96 -5.79 9.37
N GLY A 13 -1.17 -6.78 9.80
CA GLY A 13 -0.03 -7.21 9.00
C GLY A 13 -0.50 -8.10 7.87
N PHE A 14 -1.51 -8.96 8.07
CA PHE A 14 -2.13 -9.73 7.00
C PHE A 14 -2.55 -8.82 5.84
N ILE A 15 -3.45 -7.87 6.11
CA ILE A 15 -3.92 -6.99 5.05
C ILE A 15 -2.79 -6.11 4.48
N HIS A 16 -1.80 -5.73 5.29
CA HIS A 16 -0.64 -5.00 4.81
C HIS A 16 0.04 -5.86 3.75
N GLU A 17 0.28 -7.13 4.06
CA GLU A 17 0.95 -8.09 3.19
C GLU A 17 0.16 -8.26 1.91
N PHE A 18 -1.18 -8.23 1.96
CA PHE A 18 -2.02 -8.21 0.76
C PHE A 18 -1.63 -7.04 -0.13
N GLY A 19 -1.54 -5.84 0.44
CA GLY A 19 -1.03 -4.68 -0.30
C GLY A 19 0.28 -5.01 -1.01
N HIS A 20 1.23 -5.58 -0.28
CA HIS A 20 2.52 -5.88 -0.85
C HIS A 20 2.41 -6.91 -1.97
N ALA A 21 1.66 -7.97 -1.78
CA ALA A 21 1.50 -9.04 -2.76
C ALA A 21 1.01 -8.43 -4.07
N VAL A 22 0.19 -7.38 -4.00
CA VAL A 22 -0.20 -6.69 -5.21
C VAL A 22 0.96 -5.94 -5.85
N ASP A 23 1.80 -5.26 -5.08
CA ASP A 23 3.02 -4.65 -5.60
C ASP A 23 3.94 -5.68 -6.24
N ASP A 24 3.87 -6.91 -5.73
CA ASP A 24 4.77 -7.97 -6.14
C ASP A 24 4.33 -8.45 -7.51
N TYR A 25 3.02 -8.71 -7.65
CA TYR A 25 2.44 -9.19 -8.90
C TYR A 25 2.62 -8.14 -9.99
N ALA A 26 2.13 -6.93 -9.77
CA ALA A 26 2.25 -5.88 -10.76
C ALA A 26 3.71 -5.66 -11.15
N GLY A 27 4.67 -5.83 -10.22
CA GLY A 27 6.07 -5.75 -10.56
C GLY A 27 6.44 -6.86 -11.54
N TYR A 28 6.18 -8.10 -11.15
CA TYR A 28 6.57 -9.30 -11.88
C TYR A 28 6.10 -9.22 -13.34
N LEU A 29 4.88 -8.75 -13.55
CA LEU A 29 4.27 -8.63 -14.86
C LEU A 29 4.73 -7.38 -15.60
N LEU A 30 5.03 -6.28 -14.90
CA LEU A 30 5.21 -4.99 -15.54
C LEU A 30 6.60 -4.45 -15.20
N ASP A 31 7.65 -5.24 -15.49
CA ASP A 31 9.04 -4.89 -15.27
C ASP A 31 9.85 -5.39 -16.47
N LYS A 32 11.07 -4.88 -16.66
CA LYS A 32 11.98 -5.29 -17.71
C LYS A 32 13.36 -5.49 -17.09
N ASN A 33 13.43 -6.16 -15.94
CA ASN A 33 14.64 -6.41 -15.18
C ASN A 33 14.50 -7.78 -14.51
N GLN A 34 15.38 -8.09 -13.54
CA GLN A 34 15.27 -9.22 -12.62
C GLN A 34 15.52 -8.68 -11.20
N SER A 35 15.32 -7.38 -10.99
CA SER A 35 15.55 -6.79 -9.68
C SER A 35 14.78 -5.46 -9.57
N ASP A 36 13.49 -5.47 -9.89
CA ASP A 36 12.65 -4.30 -9.67
C ASP A 36 11.20 -4.77 -9.48
N LEU A 37 10.32 -3.91 -8.95
CA LEU A 37 8.90 -4.19 -8.73
C LEU A 37 8.10 -3.00 -9.25
N VAL A 38 6.76 -3.05 -9.21
CA VAL A 38 5.99 -1.90 -9.68
C VAL A 38 6.27 -0.70 -8.78
N THR A 39 6.31 -0.86 -7.45
CA THR A 39 6.46 0.22 -6.49
C THR A 39 5.46 1.35 -6.77
N ASN A 40 5.75 2.57 -6.33
CA ASN A 40 4.95 3.72 -6.73
C ASN A 40 5.10 4.06 -8.23
N SER A 41 6.20 3.63 -8.88
CA SER A 41 6.59 3.99 -10.24
C SER A 41 5.95 5.28 -10.78
N LYS A 42 6.25 6.43 -10.17
CA LYS A 42 5.63 7.69 -10.58
C LYS A 42 6.63 8.80 -10.31
N LYS A 43 6.86 9.67 -11.32
CA LYS A 43 7.72 10.84 -11.33
C LYS A 43 8.88 10.72 -10.33
N PHE A 44 9.73 9.71 -10.55
CA PHE A 44 10.93 9.45 -9.77
C PHE A 44 10.69 9.66 -8.26
N ILE A 45 9.93 8.74 -7.66
CA ILE A 45 9.45 8.78 -6.28
C ILE A 45 8.82 10.15 -5.94
N ASP A 46 7.50 10.21 -6.10
CA ASP A 46 6.73 11.46 -6.00
C ASP A 46 5.71 11.31 -4.88
N ILE A 47 4.75 10.41 -5.07
CA ILE A 47 3.73 10.03 -4.09
C ILE A 47 4.43 9.70 -2.76
N PHE A 48 5.39 8.79 -2.78
CA PHE A 48 6.12 8.39 -1.59
C PHE A 48 6.91 9.55 -0.95
N LYS A 49 7.32 10.58 -1.69
CA LYS A 49 8.14 11.60 -1.04
C LYS A 49 7.33 12.46 -0.10
N GLU A 50 6.15 12.88 -0.54
CA GLU A 50 5.31 13.75 0.26
C GLU A 50 4.45 12.85 1.17
N GLU A 51 3.60 12.04 0.53
CA GLU A 51 2.60 11.26 1.23
C GLU A 51 3.26 10.22 2.11
N GLY A 52 4.38 9.65 1.63
CA GLY A 52 5.26 8.77 2.38
C GLY A 52 6.03 9.45 3.50
N SER A 53 5.41 10.38 4.22
CA SER A 53 5.82 10.71 5.58
C SER A 53 4.61 11.15 6.40
N ASN A 54 3.38 10.75 6.03
CA ASN A 54 2.16 11.38 6.54
C ASN A 54 1.09 10.39 6.98
N LEU A 55 1.13 9.16 6.45
CA LEU A 55 0.19 8.12 6.89
C LEU A 55 0.61 7.55 8.23
N THR A 56 1.91 7.42 8.44
CA THR A 56 2.53 6.82 9.63
C THR A 56 4.05 6.85 9.40
N SER A 57 4.84 6.55 10.43
CA SER A 57 6.27 6.31 10.28
C SER A 57 6.53 5.13 9.34
N TYR A 58 5.65 4.12 9.33
CA TYR A 58 5.74 3.00 8.38
C TYR A 58 5.44 3.43 6.94
N GLY A 59 4.99 4.67 6.74
CA GLY A 59 4.81 5.23 5.42
C GLY A 59 6.09 5.91 4.94
N ARG A 60 7.14 5.97 5.76
CA ARG A 60 8.39 6.64 5.42
C ARG A 60 9.58 5.68 5.40
N THR A 61 9.38 4.44 5.84
CA THR A 61 10.34 3.35 5.75
C THR A 61 10.52 2.97 4.27
N ASN A 62 10.79 1.70 3.93
CA ASN A 62 10.88 1.34 2.53
C ASN A 62 9.58 1.71 1.82
N GLU A 63 9.68 2.16 0.57
CA GLU A 63 8.50 2.51 -0.22
C GLU A 63 7.55 1.31 -0.31
N ALA A 64 8.11 0.10 -0.33
CA ALA A 64 7.32 -1.11 -0.33
C ALA A 64 6.37 -1.21 0.86
N GLU A 65 6.78 -0.70 2.02
CA GLU A 65 5.91 -0.65 3.18
C GLU A 65 4.89 0.46 3.03
N PHE A 66 5.30 1.63 2.55
CA PHE A 66 4.42 2.75 2.26
C PHE A 66 3.22 2.29 1.43
N PHE A 67 3.47 1.68 0.27
CA PHE A 67 2.42 1.20 -0.61
C PHE A 67 1.59 0.12 0.09
N ALA A 68 2.24 -0.88 0.70
CA ALA A 68 1.53 -1.97 1.35
C ALA A 68 0.57 -1.47 2.45
N GLU A 69 1.00 -0.47 3.24
CA GLU A 69 0.16 0.22 4.23
C GLU A 69 -0.97 0.95 3.52
N ALA A 70 -0.68 1.62 2.40
CA ALA A 70 -1.72 2.32 1.66
C ALA A 70 -2.87 1.36 1.36
N PHE A 71 -2.59 0.12 0.94
CA PHE A 71 -3.63 -0.91 0.78
C PHE A 71 -4.39 -1.17 2.07
N ARG A 72 -3.68 -1.40 3.18
CA ARG A 72 -4.33 -1.65 4.47
C ARG A 72 -5.37 -0.57 4.77
N LEU A 73 -4.93 0.68 4.75
CA LEU A 73 -5.73 1.87 4.99
C LEU A 73 -6.81 2.02 3.94
N MET A 74 -6.55 1.56 2.73
CA MET A 74 -7.45 1.70 1.60
C MET A 74 -8.78 0.97 1.85
N HIS A 75 -8.72 -0.22 2.45
CA HIS A 75 -9.94 -0.97 2.72
C HIS A 75 -10.49 -0.60 4.09
N SER A 76 -9.62 -0.55 5.12
CA SER A 76 -9.88 -0.33 6.55
C SER A 76 -11.35 -0.27 6.92
N THR A 77 -11.81 -1.28 7.64
CA THR A 77 -13.17 -1.44 8.13
C THR A 77 -13.67 -0.13 8.75
N ASP A 78 -12.82 0.48 9.56
CA ASP A 78 -13.06 1.84 10.00
C ASP A 78 -12.96 2.77 8.79
N HIS A 79 -14.13 3.22 8.30
CA HIS A 79 -14.16 4.16 7.19
C HIS A 79 -13.35 5.42 7.51
N ALA A 80 -13.27 5.82 8.77
CA ALA A 80 -12.45 6.96 9.13
C ALA A 80 -11.01 6.71 8.70
N GLU A 81 -10.41 5.58 9.05
CA GLU A 81 -9.04 5.24 8.68
C GLU A 81 -8.79 5.49 7.20
N ARG A 82 -9.77 5.15 6.38
CA ARG A 82 -9.64 5.36 4.95
C ARG A 82 -9.53 6.85 4.68
N LEU A 83 -10.46 7.64 5.21
CA LEU A 83 -10.43 9.08 5.08
C LEU A 83 -9.25 9.73 5.80
N LYS A 84 -8.59 9.07 6.76
CA LYS A 84 -7.34 9.60 7.28
C LYS A 84 -6.34 9.54 6.14
N VAL A 85 -6.24 8.41 5.46
CA VAL A 85 -5.33 8.32 4.33
C VAL A 85 -5.73 9.27 3.19
N GLN A 86 -6.99 9.36 2.77
CA GLN A 86 -7.30 10.29 1.68
C GLN A 86 -6.99 11.72 2.08
N LYS A 87 -7.49 12.18 3.23
CA LYS A 87 -7.34 13.59 3.58
C LYS A 87 -5.87 13.94 3.79
N ASN A 88 -5.11 13.05 4.44
CA ASN A 88 -3.68 13.24 4.67
C ASN A 88 -2.89 13.01 3.39
N ALA A 89 -3.44 12.26 2.43
CA ALA A 89 -2.75 11.84 1.23
C ALA A 89 -3.70 11.85 0.04
N PRO A 90 -4.00 13.03 -0.51
CA PRO A 90 -4.98 13.23 -1.55
C PRO A 90 -4.40 12.83 -2.90
N LYS A 91 -4.12 11.54 -3.08
CA LYS A 91 -3.41 10.95 -4.21
C LYS A 91 -3.03 9.50 -3.92
N THR A 92 -2.36 9.19 -2.80
CA THR A 92 -1.93 7.81 -2.52
C THR A 92 -3.12 6.87 -2.54
N PHE A 93 -4.21 7.26 -1.89
CA PHE A 93 -5.41 6.42 -1.90
C PHE A 93 -5.90 6.24 -3.32
N GLN A 94 -5.98 7.36 -4.03
CA GLN A 94 -6.47 7.39 -5.38
C GLN A 94 -5.64 6.45 -6.26
N PHE A 95 -4.36 6.27 -5.95
CA PHE A 95 -3.43 5.47 -6.74
C PHE A 95 -3.86 4.00 -6.70
N ILE A 96 -3.99 3.44 -5.50
CA ILE A 96 -4.45 2.07 -5.34
C ILE A 96 -5.83 1.94 -5.97
N ASN A 97 -6.71 2.91 -5.73
CA ASN A 97 -8.07 2.89 -6.23
C ASN A 97 -8.10 2.84 -7.76
N ASP A 98 -7.11 3.48 -8.42
CA ASP A 98 -6.94 3.48 -9.86
C ASP A 98 -6.68 2.06 -10.33
N GLN A 99 -5.77 1.36 -9.63
CA GLN A 99 -5.43 -0.02 -9.94
C GLN A 99 -6.45 -0.97 -9.29
N ILE A 100 -7.70 -0.86 -9.73
CA ILE A 100 -8.82 -1.63 -9.21
C ILE A 100 -8.71 -3.10 -9.64
N LYS A 101 -7.94 -3.89 -8.90
CA LYS A 101 -7.90 -5.34 -9.05
C LYS A 101 -7.84 -5.98 -7.66
N PHE A 102 -7.98 -7.30 -7.62
CA PHE A 102 -7.79 -8.11 -6.43
C PHE A 102 -6.82 -9.23 -6.80
N ILE A 103 -6.29 -9.95 -5.81
CA ILE A 103 -5.42 -11.08 -6.04
C ILE A 103 -5.85 -12.18 -5.06
N ILE A 104 -6.43 -13.26 -5.57
CA ILE A 104 -7.00 -14.36 -4.79
C ILE A 104 -8.16 -13.85 -3.91
N ASN A 105 -8.98 -14.77 -3.41
CA ASN A 105 -10.05 -14.44 -2.47
C ASN A 105 -10.24 -15.67 -1.59
N SER A 106 -10.05 -15.55 -0.28
CA SER A 106 -10.03 -16.68 0.63
C SER A 106 -10.17 -16.13 2.04
#